data_2DBA
#
_entry.id   2DBA
#
_entity_poly.entity_id   1
_entity_poly.type   'polypeptide(L)'
_entity_poly.pdbx_seq_one_letter_code
;GSSGSSGMTVSGPGTPEPRPATPGASSVEQLRKEGNELFKCGDYGGALAAYTQALGLDATPQDQAVLHRNRAACHLKLED
YDKAETEASKAIEKDGGDVKALYRRSQALEKLGRLDQAVLDLQRCVSLEPKNKVFQEALRNISGPSSG
;
_entity_poly.pdbx_strand_id   A
#
# COMPACT_ATOMS: atom_id res chain seq x y z
N GLY A 1 -23.15 16.48 9.14
CA GLY A 1 -22.22 15.85 10.06
C GLY A 1 -20.87 15.58 9.41
N SER A 2 -19.82 15.55 10.22
CA SER A 2 -18.48 15.30 9.73
C SER A 2 -17.52 14.99 10.87
N SER A 3 -16.33 14.50 10.53
CA SER A 3 -15.34 14.14 11.53
C SER A 3 -13.93 14.39 11.00
N GLY A 4 -12.94 14.32 11.89
CA GLY A 4 -11.57 14.54 11.49
C GLY A 4 -10.60 14.44 12.66
N SER A 5 -9.37 14.88 12.44
CA SER A 5 -8.34 14.83 13.49
C SER A 5 -7.12 15.65 13.08
N SER A 6 -6.45 16.22 14.08
CA SER A 6 -5.25 17.03 13.82
C SER A 6 -4.27 16.92 14.98
N GLY A 7 -2.98 16.91 14.66
CA GLY A 7 -1.96 16.82 15.68
C GLY A 7 -0.59 16.55 15.10
N MET A 8 -0.25 15.27 14.94
CA MET A 8 1.04 14.88 14.40
C MET A 8 2.15 15.79 14.92
N THR A 9 2.04 16.18 16.19
CA THR A 9 3.03 17.05 16.82
C THR A 9 4.06 16.23 17.58
N VAL A 10 4.24 14.98 17.18
CA VAL A 10 5.21 14.09 17.83
C VAL A 10 6.43 13.87 16.96
N SER A 11 7.58 13.67 17.60
CA SER A 11 8.83 13.45 16.86
C SER A 11 9.53 12.19 17.37
N GLY A 12 9.90 11.32 16.44
CA GLY A 12 10.59 10.09 16.81
C GLY A 12 10.65 9.09 15.67
N PRO A 13 11.74 8.32 15.62
CA PRO A 13 11.94 7.31 14.57
C PRO A 13 10.99 6.12 14.71
N GLY A 14 10.87 5.61 15.93
CA GLY A 14 10.00 4.49 16.18
C GLY A 14 10.71 3.34 16.85
N THR A 15 10.06 2.17 16.88
CA THR A 15 10.65 0.98 17.51
C THR A 15 9.79 -0.25 17.25
N PRO A 16 10.44 -1.39 17.02
CA PRO A 16 9.76 -2.66 16.75
C PRO A 16 9.06 -3.21 18.00
N GLU A 17 8.31 -4.29 17.82
CA GLU A 17 7.59 -4.91 18.93
C GLU A 17 7.17 -6.33 18.58
N PRO A 18 7.16 -7.21 19.59
CA PRO A 18 6.78 -8.61 19.42
C PRO A 18 5.29 -8.78 19.13
N ARG A 19 4.90 -9.98 18.70
CA ARG A 19 3.51 -10.26 18.39
C ARG A 19 3.16 -11.71 18.70
N PRO A 20 1.93 -11.94 19.18
CA PRO A 20 1.45 -13.29 19.52
C PRO A 20 1.26 -14.17 18.29
N ALA A 21 1.24 -15.48 18.50
CA ALA A 21 1.06 -16.42 17.41
C ALA A 21 -0.20 -17.27 17.62
N THR A 22 -1.34 -16.75 17.16
CA THR A 22 -2.61 -17.45 17.29
C THR A 22 -3.70 -16.77 16.47
N PRO A 23 -4.57 -17.60 15.86
CA PRO A 23 -5.68 -17.11 15.03
C PRO A 23 -6.75 -16.41 15.85
N GLY A 24 -7.54 -15.58 15.19
CA GLY A 24 -8.61 -14.87 15.87
C GLY A 24 -8.18 -13.47 16.29
N ALA A 25 -6.97 -13.36 16.84
CA ALA A 25 -6.46 -12.08 17.29
C ALA A 25 -6.56 -11.03 16.20
N SER A 26 -7.65 -10.25 16.24
CA SER A 26 -7.87 -9.20 15.25
C SER A 26 -7.10 -7.95 15.60
N SER A 27 -5.80 -8.12 15.87
CA SER A 27 -4.95 -6.98 16.22
C SER A 27 -4.15 -6.51 15.00
N VAL A 28 -4.29 -5.23 14.69
CA VAL A 28 -3.57 -4.65 13.55
C VAL A 28 -2.19 -5.27 13.40
N GLU A 29 -1.52 -5.50 14.52
CA GLU A 29 -0.19 -6.09 14.51
C GLU A 29 -0.20 -7.45 13.82
N GLN A 30 -1.18 -8.28 14.20
CA GLN A 30 -1.29 -9.62 13.62
C GLN A 30 -2.19 -9.60 12.39
N LEU A 31 -3.48 -9.35 12.60
CA LEU A 31 -4.44 -9.31 11.51
C LEU A 31 -3.81 -8.74 10.25
N ARG A 32 -3.02 -7.68 10.41
CA ARG A 32 -2.35 -7.04 9.28
C ARG A 32 -1.90 -8.08 8.26
N LYS A 33 -1.24 -9.13 8.73
CA LYS A 33 -0.76 -10.20 7.86
C LYS A 33 -1.86 -10.63 6.89
N GLU A 34 -3.07 -10.81 7.41
CA GLU A 34 -4.19 -11.23 6.59
C GLU A 34 -4.21 -10.48 5.27
N GLY A 35 -3.98 -9.16 5.32
CA GLY A 35 -3.98 -8.36 4.12
C GLY A 35 -2.96 -8.83 3.11
N ASN A 36 -1.68 -8.77 3.47
CA ASN A 36 -0.61 -9.20 2.57
C ASN A 36 -0.83 -10.63 2.11
N GLU A 37 -1.17 -11.51 3.05
CA GLU A 37 -1.41 -12.92 2.73
C GLU A 37 -2.40 -13.04 1.57
N LEU A 38 -3.44 -12.22 1.60
CA LEU A 38 -4.46 -12.24 0.56
C LEU A 38 -3.94 -11.63 -0.73
N PHE A 39 -3.03 -10.67 -0.59
CA PHE A 39 -2.45 -10.00 -1.75
C PHE A 39 -1.55 -10.94 -2.53
N LYS A 40 -0.65 -11.61 -1.82
CA LYS A 40 0.27 -12.56 -2.45
C LYS A 40 -0.48 -13.69 -3.13
N CYS A 41 -1.79 -13.75 -2.89
CA CYS A 41 -2.63 -14.79 -3.49
C CYS A 41 -3.46 -14.23 -4.64
N GLY A 42 -3.66 -12.91 -4.63
CA GLY A 42 -4.44 -12.26 -5.67
C GLY A 42 -5.72 -11.66 -5.13
N ASP A 43 -6.26 -12.25 -4.08
CA ASP A 43 -7.49 -11.76 -3.47
C ASP A 43 -7.35 -10.31 -3.05
N TYR A 44 -7.75 -9.39 -3.91
CA TYR A 44 -7.67 -7.96 -3.63
C TYR A 44 -8.82 -7.52 -2.74
N GLY A 45 -10.03 -7.96 -3.08
CA GLY A 45 -11.20 -7.58 -2.30
C GLY A 45 -11.00 -7.82 -0.82
N GLY A 46 -10.33 -8.93 -0.48
CA GLY A 46 -10.09 -9.24 0.91
C GLY A 46 -8.89 -8.50 1.49
N ALA A 47 -7.75 -8.62 0.81
CA ALA A 47 -6.54 -7.95 1.25
C ALA A 47 -6.85 -6.58 1.86
N LEU A 48 -7.61 -5.79 1.12
CA LEU A 48 -7.99 -4.44 1.57
C LEU A 48 -8.73 -4.51 2.91
N ALA A 49 -9.79 -5.31 2.95
CA ALA A 49 -10.58 -5.46 4.16
C ALA A 49 -9.69 -5.56 5.39
N ALA A 50 -8.71 -6.46 5.34
CA ALA A 50 -7.79 -6.65 6.45
C ALA A 50 -7.10 -5.34 6.82
N TYR A 51 -6.48 -4.71 5.84
CA TYR A 51 -5.78 -3.44 6.06
C TYR A 51 -6.70 -2.43 6.73
N THR A 52 -7.97 -2.46 6.37
CA THR A 52 -8.96 -1.54 6.92
C THR A 52 -9.03 -1.67 8.44
N GLN A 53 -9.35 -2.88 8.91
CA GLN A 53 -9.45 -3.14 10.34
C GLN A 53 -8.20 -2.67 11.07
N ALA A 54 -7.05 -3.10 10.60
CA ALA A 54 -5.77 -2.73 11.21
C ALA A 54 -5.71 -1.22 11.46
N LEU A 55 -6.08 -0.44 10.45
CA LEU A 55 -6.07 1.02 10.55
C LEU A 55 -7.14 1.50 11.53
N GLY A 56 -8.21 0.71 11.66
CA GLY A 56 -9.28 1.07 12.56
C GLY A 56 -9.01 0.65 13.99
N LEU A 57 -7.75 0.66 14.38
CA LEU A 57 -7.36 0.27 15.73
C LEU A 57 -6.33 1.24 16.31
N ASP A 58 -5.89 0.97 17.53
CA ASP A 58 -4.89 1.81 18.19
C ASP A 58 -3.48 1.34 17.86
N ALA A 59 -3.15 1.35 16.57
CA ALA A 59 -1.83 0.92 16.13
C ALA A 59 -0.82 2.07 16.20
N THR A 60 0.46 1.74 16.09
CA THR A 60 1.51 2.74 16.16
C THR A 60 1.49 3.64 14.92
N PRO A 61 2.11 4.83 15.05
CA PRO A 61 2.17 5.80 13.95
C PRO A 61 3.08 5.34 12.81
N GLN A 62 3.95 4.39 13.11
CA GLN A 62 4.87 3.86 12.11
C GLN A 62 4.21 2.74 11.30
N ASP A 63 3.20 2.12 11.90
CA ASP A 63 2.48 1.03 11.23
C ASP A 63 1.29 1.56 10.45
N GLN A 64 0.68 2.62 10.96
CA GLN A 64 -0.48 3.22 10.31
C GLN A 64 -0.14 3.64 8.88
N ALA A 65 1.10 4.10 8.68
CA ALA A 65 1.55 4.53 7.37
C ALA A 65 1.66 3.35 6.41
N VAL A 66 2.36 2.31 6.84
CA VAL A 66 2.54 1.11 6.02
C VAL A 66 1.22 0.60 5.49
N LEU A 67 0.16 0.78 6.28
CA LEU A 67 -1.17 0.33 5.89
C LEU A 67 -1.76 1.25 4.82
N HIS A 68 -1.56 2.55 4.97
CA HIS A 68 -2.06 3.52 4.01
C HIS A 68 -1.54 3.22 2.62
N ARG A 69 -0.23 3.07 2.49
CA ARG A 69 0.40 2.78 1.21
C ARG A 69 -0.06 1.43 0.67
N ASN A 70 -0.49 0.56 1.57
CA ASN A 70 -0.95 -0.77 1.19
C ASN A 70 -2.36 -0.71 0.60
N ARG A 71 -3.22 0.11 1.20
CA ARG A 71 -4.58 0.27 0.74
C ARG A 71 -4.62 0.63 -0.76
N ALA A 72 -3.74 1.54 -1.15
CA ALA A 72 -3.67 1.98 -2.54
C ALA A 72 -3.45 0.79 -3.48
N ALA A 73 -2.45 -0.02 -3.17
CA ALA A 73 -2.13 -1.19 -3.97
C ALA A 73 -3.39 -1.96 -4.35
N CYS A 74 -4.23 -2.24 -3.36
CA CYS A 74 -5.47 -2.96 -3.59
C CYS A 74 -6.38 -2.21 -4.55
N HIS A 75 -6.56 -0.91 -4.29
CA HIS A 75 -7.41 -0.08 -5.14
C HIS A 75 -6.94 -0.15 -6.59
N LEU A 76 -5.69 0.23 -6.84
CA LEU A 76 -5.13 0.21 -8.19
C LEU A 76 -5.60 -1.03 -8.95
N LYS A 77 -5.48 -2.18 -8.32
CA LYS A 77 -5.89 -3.45 -8.94
C LYS A 77 -7.41 -3.47 -9.14
N LEU A 78 -8.14 -2.83 -8.24
CA LEU A 78 -9.59 -2.79 -8.33
C LEU A 78 -10.06 -1.50 -9.00
N GLU A 79 -9.43 -1.16 -10.11
CA GLU A 79 -9.78 0.05 -10.85
C GLU A 79 -10.16 1.17 -9.90
N ASP A 80 -9.34 1.39 -8.88
CA ASP A 80 -9.60 2.44 -7.91
C ASP A 80 -8.45 3.43 -7.85
N TYR A 81 -7.94 3.81 -9.02
CA TYR A 81 -6.83 4.75 -9.11
C TYR A 81 -7.16 6.05 -8.38
N ASP A 82 -8.32 6.62 -8.67
CA ASP A 82 -8.75 7.85 -8.05
C ASP A 82 -8.40 7.86 -6.56
N LYS A 83 -8.87 6.84 -5.85
CA LYS A 83 -8.62 6.72 -4.42
C LYS A 83 -7.17 6.35 -4.16
N ALA A 84 -6.71 5.28 -4.81
CA ALA A 84 -5.34 4.83 -4.66
C ALA A 84 -4.37 6.00 -4.49
N GLU A 85 -4.48 6.97 -5.39
CA GLU A 85 -3.62 8.15 -5.34
C GLU A 85 -3.65 8.80 -3.96
N THR A 86 -4.85 9.16 -3.52
CA THR A 86 -5.02 9.79 -2.21
C THR A 86 -4.39 8.96 -1.12
N GLU A 87 -4.81 7.70 -0.99
CA GLU A 87 -4.28 6.81 0.03
C GLU A 87 -2.76 6.94 0.12
N ALA A 88 -2.09 6.80 -1.02
CA ALA A 88 -0.64 6.90 -1.06
C ALA A 88 -0.14 8.12 -0.29
N SER A 89 -0.69 9.28 -0.62
CA SER A 89 -0.31 10.53 0.03
C SER A 89 -0.35 10.37 1.55
N LYS A 90 -1.43 9.78 2.05
CA LYS A 90 -1.59 9.57 3.48
C LYS A 90 -0.38 8.83 4.06
N ALA A 91 0.18 7.93 3.27
CA ALA A 91 1.35 7.15 3.70
C ALA A 91 2.63 7.94 3.51
N ILE A 92 2.58 8.95 2.65
CA ILE A 92 3.74 9.79 2.38
C ILE A 92 3.88 10.89 3.42
N GLU A 93 2.76 11.43 3.86
CA GLU A 93 2.75 12.50 4.86
C GLU A 93 3.23 11.97 6.20
N LYS A 94 2.75 10.79 6.58
CA LYS A 94 3.12 10.18 7.84
C LYS A 94 4.63 10.28 8.07
N ASP A 95 5.41 9.74 7.13
CA ASP A 95 6.86 9.77 7.22
C ASP A 95 7.46 10.71 6.17
N GLY A 96 7.39 10.29 4.91
CA GLY A 96 7.93 11.09 3.83
C GLY A 96 8.86 10.31 2.93
N GLY A 97 9.61 9.39 3.52
CA GLY A 97 10.54 8.59 2.74
C GLY A 97 9.92 7.28 2.27
N ASP A 98 8.59 7.25 2.18
CA ASP A 98 7.89 6.06 1.74
C ASP A 98 7.75 6.04 0.22
N VAL A 99 8.81 5.63 -0.46
CA VAL A 99 8.81 5.56 -1.92
C VAL A 99 7.77 4.56 -2.41
N LYS A 100 7.35 3.66 -1.54
CA LYS A 100 6.35 2.65 -1.89
C LYS A 100 5.08 3.31 -2.42
N ALA A 101 4.50 4.19 -1.62
CA ALA A 101 3.27 4.89 -2.01
C ALA A 101 3.52 5.79 -3.22
N LEU A 102 4.77 6.23 -3.38
CA LEU A 102 5.14 7.10 -4.49
C LEU A 102 5.06 6.35 -5.82
N TYR A 103 5.71 5.19 -5.86
CA TYR A 103 5.72 4.38 -7.07
C TYR A 103 4.30 3.96 -7.46
N ARG A 104 3.43 3.84 -6.47
CA ARG A 104 2.05 3.46 -6.70
C ARG A 104 1.20 4.67 -7.07
N ARG A 105 1.45 5.78 -6.39
CA ARG A 105 0.71 7.01 -6.65
C ARG A 105 0.78 7.40 -8.12
N SER A 106 2.00 7.43 -8.66
CA SER A 106 2.21 7.79 -10.05
C SER A 106 1.31 6.96 -10.97
N GLN A 107 1.33 5.64 -10.77
CA GLN A 107 0.52 4.73 -11.57
C GLN A 107 -0.92 5.22 -11.66
N ALA A 108 -1.47 5.66 -10.52
CA ALA A 108 -2.83 6.16 -10.49
C ALA A 108 -2.97 7.46 -11.26
N LEU A 109 -2.11 8.42 -10.97
CA LEU A 109 -2.13 9.72 -11.64
C LEU A 109 -2.16 9.53 -13.16
N GLU A 110 -1.18 8.80 -13.68
CA GLU A 110 -1.10 8.55 -15.11
C GLU A 110 -2.47 8.29 -15.70
N LYS A 111 -3.32 7.59 -14.94
CA LYS A 111 -4.67 7.28 -15.39
C LYS A 111 -5.59 8.49 -15.26
N LEU A 112 -5.43 9.23 -14.16
CA LEU A 112 -6.24 10.41 -13.92
C LEU A 112 -5.97 11.49 -14.97
N GLY A 113 -4.79 11.42 -15.58
CA GLY A 113 -4.44 12.39 -16.61
C GLY A 113 -3.31 13.31 -16.16
N ARG A 114 -2.93 13.20 -14.89
CA ARG A 114 -1.87 14.03 -14.34
C ARG A 114 -0.51 13.36 -14.52
N LEU A 115 0.16 13.65 -15.63
CA LEU A 115 1.46 13.08 -15.91
C LEU A 115 2.56 13.81 -15.16
N ASP A 116 2.68 15.10 -15.39
CA ASP A 116 3.69 15.91 -14.72
C ASP A 116 3.88 15.47 -13.28
N GLN A 117 2.77 15.27 -12.57
CA GLN A 117 2.82 14.84 -11.19
C GLN A 117 3.45 13.46 -11.06
N ALA A 118 2.93 12.51 -11.84
CA ALA A 118 3.44 11.15 -11.81
C ALA A 118 4.96 11.14 -11.85
N VAL A 119 5.54 12.07 -12.59
CA VAL A 119 6.99 12.17 -12.71
C VAL A 119 7.62 12.69 -11.42
N LEU A 120 7.02 13.73 -10.86
CA LEU A 120 7.52 14.32 -9.62
C LEU A 120 7.69 13.26 -8.54
N ASP A 121 6.62 12.51 -8.27
CA ASP A 121 6.65 11.46 -7.26
C ASP A 121 7.80 10.49 -7.52
N LEU A 122 7.87 10.00 -8.76
CA LEU A 122 8.92 9.06 -9.14
C LEU A 122 10.30 9.63 -8.85
N GLN A 123 10.55 10.84 -9.34
CA GLN A 123 11.83 11.51 -9.13
C GLN A 123 12.33 11.29 -7.71
N ARG A 124 11.40 11.21 -6.77
CA ARG A 124 11.74 11.01 -5.36
C ARG A 124 12.18 9.57 -5.12
N CYS A 125 11.50 8.63 -5.76
CA CYS A 125 11.81 7.21 -5.62
C CYS A 125 13.27 6.95 -5.91
N VAL A 126 13.83 7.70 -6.86
CA VAL A 126 15.22 7.55 -7.24
C VAL A 126 16.16 7.95 -6.11
N SER A 127 15.78 9.00 -5.38
CA SER A 127 16.58 9.49 -4.27
C SER A 127 16.72 8.42 -3.19
N LEU A 128 15.59 8.02 -2.62
CA LEU A 128 15.58 7.00 -1.57
C LEU A 128 16.39 5.78 -2.00
N GLU A 129 16.03 5.21 -3.15
CA GLU A 129 16.72 4.03 -3.66
C GLU A 129 17.52 4.38 -4.91
N PRO A 130 18.77 4.79 -4.72
CA PRO A 130 19.67 5.17 -5.81
C PRO A 130 20.10 3.96 -6.64
N LYS A 131 19.65 2.78 -6.23
CA LYS A 131 19.99 1.55 -6.93
C LYS A 131 18.78 1.02 -7.72
N ASN A 132 17.62 1.05 -7.08
CA ASN A 132 16.39 0.57 -7.72
C ASN A 132 16.20 1.23 -9.08
N LYS A 133 16.49 0.48 -10.13
CA LYS A 133 16.35 0.98 -11.50
C LYS A 133 14.88 1.12 -11.87
N VAL A 134 14.05 0.21 -11.36
CA VAL A 134 12.62 0.24 -11.65
C VAL A 134 12.10 1.66 -11.75
N PHE A 135 12.72 2.56 -10.99
CA PHE A 135 12.33 3.97 -10.99
C PHE A 135 12.95 4.71 -12.16
N GLN A 136 14.27 4.58 -12.30
CA GLN A 136 14.99 5.24 -13.37
C GLN A 136 14.29 5.02 -14.71
N GLU A 137 13.53 3.94 -14.81
CA GLU A 137 12.80 3.62 -16.04
C GLU A 137 11.37 4.12 -15.97
N ALA A 138 10.66 3.75 -14.90
CA ALA A 138 9.28 4.16 -14.71
C ALA A 138 9.10 5.64 -15.04
N LEU A 139 10.16 6.41 -14.87
CA LEU A 139 10.13 7.84 -15.15
C LEU A 139 9.99 8.10 -16.65
N ARG A 140 10.95 7.62 -17.42
CA ARG A 140 10.94 7.79 -18.87
C ARG A 140 9.73 7.10 -19.48
N ASN A 141 9.14 6.18 -18.74
CA ASN A 141 7.98 5.43 -19.21
C ASN A 141 6.75 6.35 -19.32
N ILE A 142 6.68 7.33 -18.43
CA ILE A 142 5.57 8.27 -18.42
C ILE A 142 5.99 9.63 -18.95
N SER A 143 7.30 9.90 -18.89
CA SER A 143 7.83 11.17 -19.37
C SER A 143 7.77 11.24 -20.89
N GLY A 144 7.87 10.08 -21.54
CA GLY A 144 7.83 10.04 -22.99
C GLY A 144 8.76 11.05 -23.63
N PRO A 145 8.48 11.40 -24.90
CA PRO A 145 9.29 12.36 -25.65
C PRO A 145 9.15 13.78 -25.12
N SER A 146 10.07 14.66 -25.52
CA SER A 146 10.04 16.05 -25.08
C SER A 146 9.45 16.95 -26.16
N SER A 147 8.55 17.83 -25.75
CA SER A 147 7.90 18.75 -26.67
C SER A 147 7.93 20.18 -26.15
N GLY A 148 7.62 21.14 -27.02
CA GLY A 148 7.62 22.53 -26.61
C GLY A 148 8.98 23.18 -26.77
N GLY A 1 9.74 -68.12 1.36
CA GLY A 1 9.14 -67.29 2.39
C GLY A 1 8.01 -66.43 1.85
N SER A 2 7.13 -65.99 2.75
CA SER A 2 5.99 -65.16 2.36
C SER A 2 5.41 -64.43 3.56
N SER A 3 5.12 -63.14 3.38
CA SER A 3 4.57 -62.32 4.45
C SER A 3 3.80 -61.14 3.89
N GLY A 4 3.08 -60.44 4.76
CA GLY A 4 2.29 -59.30 4.33
C GLY A 4 1.55 -58.64 5.47
N SER A 5 0.97 -59.46 6.34
CA SER A 5 0.22 -58.95 7.49
C SER A 5 0.85 -57.67 8.02
N SER A 6 0.02 -56.77 8.53
CA SER A 6 0.49 -55.51 9.07
C SER A 6 -0.57 -54.84 9.95
N GLY A 7 -0.17 -53.82 10.68
CA GLY A 7 -1.11 -53.11 11.54
C GLY A 7 -0.51 -52.74 12.88
N MET A 8 -0.91 -51.60 13.41
CA MET A 8 -0.40 -51.14 14.70
C MET A 8 -1.17 -49.91 15.18
N THR A 9 -1.50 -49.89 16.46
CA THR A 9 -2.24 -48.77 17.05
C THR A 9 -1.61 -48.34 18.38
N VAL A 10 -1.90 -47.10 18.78
CA VAL A 10 -1.36 -46.57 20.03
C VAL A 10 -2.50 -46.29 21.02
N SER A 11 -2.23 -46.57 22.30
CA SER A 11 -3.22 -46.35 23.34
C SER A 11 -2.57 -46.42 24.73
N GLY A 12 -3.00 -45.53 25.62
CA GLY A 12 -2.46 -45.50 26.96
C GLY A 12 -3.14 -44.49 27.85
N PRO A 13 -3.11 -44.73 29.17
CA PRO A 13 -3.74 -43.83 30.15
C PRO A 13 -3.01 -42.52 30.28
N GLY A 14 -3.76 -41.43 30.46
CA GLY A 14 -3.17 -40.12 30.60
C GLY A 14 -2.84 -39.49 29.26
N THR A 15 -3.87 -39.03 28.55
CA THR A 15 -3.69 -38.41 27.25
C THR A 15 -4.32 -37.03 27.20
N PRO A 16 -3.61 -36.07 26.58
CA PRO A 16 -4.10 -34.69 26.45
C PRO A 16 -5.27 -34.57 25.49
N GLU A 17 -6.05 -33.50 25.64
CA GLU A 17 -7.20 -33.28 24.79
C GLU A 17 -6.95 -32.12 23.82
N PRO A 18 -7.49 -32.24 22.60
CA PRO A 18 -7.33 -31.21 21.56
C PRO A 18 -8.12 -29.95 21.88
N ARG A 19 -7.56 -28.80 21.51
CA ARG A 19 -8.21 -27.51 21.75
C ARG A 19 -8.86 -26.98 20.49
N PRO A 20 -10.01 -26.32 20.66
CA PRO A 20 -10.77 -25.75 19.53
C PRO A 20 -10.05 -24.55 18.91
N ALA A 21 -10.74 -23.87 18.00
CA ALA A 21 -10.17 -22.70 17.33
C ALA A 21 -11.10 -21.50 17.44
N THR A 22 -10.69 -20.38 16.87
CA THR A 22 -11.49 -19.16 16.89
C THR A 22 -10.90 -18.09 15.99
N PRO A 23 -11.78 -17.34 15.31
CA PRO A 23 -11.36 -16.26 14.40
C PRO A 23 -10.77 -15.07 15.14
N GLY A 24 -9.44 -14.96 15.11
CA GLY A 24 -8.77 -13.86 15.78
C GLY A 24 -8.03 -12.96 14.82
N ALA A 25 -8.77 -12.07 14.16
CA ALA A 25 -8.17 -11.14 13.20
C ALA A 25 -8.48 -9.70 13.58
N SER A 26 -8.31 -9.37 14.86
CA SER A 26 -8.58 -8.03 15.34
C SER A 26 -7.28 -7.27 15.60
N SER A 27 -6.25 -7.99 16.04
CA SER A 27 -4.96 -7.39 16.31
C SER A 27 -4.32 -6.86 15.04
N VAL A 28 -4.12 -5.54 14.99
CA VAL A 28 -3.51 -4.92 13.82
C VAL A 28 -2.16 -5.55 13.49
N GLU A 29 -1.53 -6.15 14.50
CA GLU A 29 -0.24 -6.79 14.30
C GLU A 29 -0.40 -8.15 13.64
N GLN A 30 -1.35 -8.94 14.13
CA GLN A 30 -1.61 -10.27 13.58
C GLN A 30 -2.50 -10.19 12.34
N LEU A 31 -3.74 -9.77 12.55
CA LEU A 31 -4.69 -9.64 11.45
C LEU A 31 -3.99 -9.18 10.17
N ARG A 32 -3.05 -8.25 10.32
CA ARG A 32 -2.31 -7.74 9.18
C ARG A 32 -2.08 -8.83 8.14
N LYS A 33 -1.50 -9.94 8.57
CA LYS A 33 -1.22 -11.06 7.68
C LYS A 33 -2.38 -11.29 6.71
N GLU A 34 -3.59 -11.33 7.25
CA GLU A 34 -4.79 -11.54 6.43
C GLU A 34 -4.75 -10.65 5.18
N GLY A 35 -4.36 -9.39 5.37
CA GLY A 35 -4.29 -8.46 4.26
C GLY A 35 -3.33 -8.92 3.18
N ASN A 36 -2.06 -9.04 3.54
CA ASN A 36 -1.03 -9.47 2.60
C ASN A 36 -1.35 -10.85 2.03
N GLU A 37 -1.49 -11.82 2.93
CA GLU A 37 -1.80 -13.19 2.52
C GLU A 37 -2.81 -13.20 1.38
N LEU A 38 -3.81 -12.34 1.47
CA LEU A 38 -4.84 -12.25 0.44
C LEU A 38 -4.29 -11.60 -0.83
N PHE A 39 -3.40 -10.63 -0.66
CA PHE A 39 -2.79 -9.94 -1.79
C PHE A 39 -1.87 -10.87 -2.57
N LYS A 40 -0.94 -11.50 -1.87
CA LYS A 40 0.00 -12.42 -2.49
C LYS A 40 -0.74 -13.52 -3.25
N CYS A 41 -2.03 -13.63 -3.01
CA CYS A 41 -2.85 -14.65 -3.66
C CYS A 41 -3.71 -14.01 -4.76
N GLY A 42 -3.98 -12.72 -4.61
CA GLY A 42 -4.81 -12.03 -5.59
C GLY A 42 -6.07 -11.44 -4.98
N ASP A 43 -6.57 -12.09 -3.94
CA ASP A 43 -7.77 -11.63 -3.26
C ASP A 43 -7.63 -10.18 -2.80
N TYR A 44 -8.00 -9.26 -3.68
CA TYR A 44 -7.90 -7.83 -3.36
C TYR A 44 -9.09 -7.38 -2.52
N GLY A 45 -10.29 -7.77 -2.93
CA GLY A 45 -11.49 -7.40 -2.20
C GLY A 45 -11.36 -7.67 -0.71
N GLY A 46 -10.67 -8.75 -0.36
CA GLY A 46 -10.49 -9.10 1.04
C GLY A 46 -9.28 -8.44 1.65
N ALA A 47 -8.13 -8.58 0.99
CA ALA A 47 -6.89 -7.99 1.48
C ALA A 47 -7.13 -6.59 2.03
N LEU A 48 -7.91 -5.80 1.30
CA LEU A 48 -8.23 -4.43 1.72
C LEU A 48 -8.97 -4.42 3.05
N ALA A 49 -10.03 -5.21 3.14
CA ALA A 49 -10.82 -5.29 4.36
C ALA A 49 -9.93 -5.43 5.59
N ALA A 50 -8.99 -6.37 5.53
CA ALA A 50 -8.07 -6.61 6.63
C ALA A 50 -7.36 -5.32 7.03
N TYR A 51 -6.76 -4.65 6.04
CA TYR A 51 -6.04 -3.41 6.29
C TYR A 51 -6.91 -2.41 7.05
N THR A 52 -8.17 -2.31 6.64
CA THR A 52 -9.10 -1.39 7.28
C THR A 52 -9.05 -1.53 8.80
N GLN A 53 -9.33 -2.73 9.29
CA GLN A 53 -9.32 -2.98 10.73
C GLN A 53 -8.02 -2.50 11.36
N ALA A 54 -6.90 -3.10 10.94
CA ALA A 54 -5.59 -2.72 11.46
C ALA A 54 -5.49 -1.22 11.66
N LEU A 55 -5.94 -0.46 10.67
CA LEU A 55 -5.90 0.99 10.74
C LEU A 55 -6.85 1.52 11.81
N GLY A 56 -8.04 0.94 11.87
CA GLY A 56 -9.03 1.36 12.85
C GLY A 56 -8.45 1.45 14.25
N LEU A 57 -7.70 0.42 14.64
CA LEU A 57 -7.09 0.39 15.96
C LEU A 57 -6.04 1.49 16.11
N ASP A 58 -5.73 1.84 17.35
CA ASP A 58 -4.75 2.89 17.63
C ASP A 58 -3.33 2.34 17.51
N ALA A 59 -3.07 1.58 16.44
CA ALA A 59 -1.76 1.00 16.21
C ALA A 59 -0.68 2.08 16.13
N THR A 60 0.57 1.69 16.33
CA THR A 60 1.68 2.62 16.28
C THR A 60 1.64 3.48 15.03
N PRO A 61 2.29 4.65 15.07
CA PRO A 61 2.34 5.58 13.94
C PRO A 61 3.16 5.05 12.78
N GLN A 62 4.01 4.06 13.07
CA GLN A 62 4.87 3.47 12.05
C GLN A 62 4.13 2.37 11.30
N ASP A 63 3.22 1.70 11.99
CA ASP A 63 2.44 0.62 11.37
C ASP A 63 1.37 1.18 10.45
N GLN A 64 0.76 2.30 10.86
CA GLN A 64 -0.27 2.93 10.06
C GLN A 64 0.24 3.29 8.67
N ALA A 65 1.33 4.05 8.63
CA ALA A 65 1.93 4.45 7.36
C ALA A 65 2.01 3.29 6.39
N VAL A 66 2.39 2.12 6.92
CA VAL A 66 2.52 0.92 6.10
C VAL A 66 1.18 0.51 5.50
N LEU A 67 0.18 0.33 6.37
CA LEU A 67 -1.15 -0.07 5.93
C LEU A 67 -1.68 0.91 4.88
N HIS A 68 -1.27 2.16 4.99
CA HIS A 68 -1.71 3.18 4.04
C HIS A 68 -1.19 2.89 2.63
N ARG A 69 0.14 2.80 2.50
CA ARG A 69 0.76 2.52 1.22
C ARG A 69 0.33 1.16 0.68
N ASN A 70 -0.12 0.29 1.60
CA ASN A 70 -0.56 -1.05 1.22
C ASN A 70 -1.96 -1.01 0.62
N ARG A 71 -2.91 -0.45 1.38
CA ARG A 71 -4.29 -0.35 0.93
C ARG A 71 -4.36 0.11 -0.53
N ALA A 72 -3.73 1.24 -0.81
CA ALA A 72 -3.72 1.79 -2.17
C ALA A 72 -3.65 0.67 -3.21
N ALA A 73 -2.79 -0.32 -2.94
CA ALA A 73 -2.63 -1.45 -3.86
C ALA A 73 -3.98 -2.04 -4.24
N CYS A 74 -4.69 -2.58 -3.25
CA CYS A 74 -5.99 -3.19 -3.50
C CYS A 74 -6.83 -2.32 -4.44
N HIS A 75 -6.87 -1.02 -4.17
CA HIS A 75 -7.63 -0.10 -5.00
C HIS A 75 -7.15 -0.13 -6.44
N LEU A 76 -5.88 0.22 -6.65
CA LEU A 76 -5.30 0.23 -7.98
C LEU A 76 -5.77 -0.98 -8.79
N LYS A 77 -5.76 -2.15 -8.15
CA LYS A 77 -6.19 -3.37 -8.81
C LYS A 77 -7.70 -3.36 -9.05
N LEU A 78 -8.44 -2.77 -8.13
CA LEU A 78 -9.90 -2.69 -8.25
C LEU A 78 -10.31 -1.39 -8.93
N GLU A 79 -9.62 -1.05 -10.02
CA GLU A 79 -9.93 0.16 -10.76
C GLU A 79 -10.33 1.29 -9.82
N ASP A 80 -9.56 1.46 -8.75
CA ASP A 80 -9.85 2.51 -7.78
C ASP A 80 -8.66 3.46 -7.64
N TYR A 81 -8.12 3.88 -8.78
CA TYR A 81 -6.98 4.79 -8.79
C TYR A 81 -7.30 6.06 -8.02
N ASP A 82 -8.47 6.64 -8.30
CA ASP A 82 -8.89 7.87 -7.64
C ASP A 82 -8.48 7.87 -6.17
N LYS A 83 -8.92 6.85 -5.44
CA LYS A 83 -8.60 6.73 -4.03
C LYS A 83 -7.12 6.41 -3.83
N ALA A 84 -6.60 5.49 -4.63
CA ALA A 84 -5.20 5.10 -4.54
C ALA A 84 -4.31 6.29 -4.23
N GLU A 85 -4.38 7.32 -5.09
CA GLU A 85 -3.59 8.52 -4.90
C GLU A 85 -3.78 9.09 -3.49
N THR A 86 -5.04 9.24 -3.09
CA THR A 86 -5.36 9.77 -1.77
C THR A 86 -4.67 8.98 -0.68
N GLU A 87 -4.86 7.67 -0.67
CA GLU A 87 -4.25 6.80 0.32
C GLU A 87 -2.74 6.96 0.33
N ALA A 88 -2.15 6.97 -0.87
CA ALA A 88 -0.71 7.11 -1.01
C ALA A 88 -0.21 8.37 -0.31
N SER A 89 -0.83 9.51 -0.64
CA SER A 89 -0.45 10.78 -0.05
C SER A 89 -0.38 10.68 1.46
N LYS A 90 -1.41 10.08 2.06
CA LYS A 90 -1.47 9.92 3.51
C LYS A 90 -0.31 9.05 4.01
N ALA A 91 -0.02 7.99 3.27
CA ALA A 91 1.06 7.08 3.63
C ALA A 91 2.41 7.80 3.63
N ILE A 92 2.62 8.66 2.63
CA ILE A 92 3.85 9.40 2.51
C ILE A 92 4.00 10.42 3.64
N GLU A 93 3.11 11.40 3.67
CA GLU A 93 3.14 12.43 4.70
C GLU A 93 3.40 11.81 6.07
N LYS A 94 2.80 10.66 6.32
CA LYS A 94 2.96 9.97 7.60
C LYS A 94 4.44 9.83 7.95
N ASP A 95 5.21 9.24 7.05
CA ASP A 95 6.64 9.04 7.26
C ASP A 95 7.44 10.17 6.62
N GLY A 96 7.42 10.23 5.30
CA GLY A 96 8.15 11.27 4.59
C GLY A 96 9.15 10.70 3.60
N GLY A 97 9.86 9.65 4.01
CA GLY A 97 10.85 9.04 3.14
C GLY A 97 10.44 7.65 2.70
N ASP A 98 9.26 7.53 2.11
CA ASP A 98 8.75 6.25 1.64
C ASP A 98 8.50 6.28 0.14
N VAL A 99 9.53 5.95 -0.64
CA VAL A 99 9.41 5.93 -2.09
C VAL A 99 8.50 4.81 -2.56
N LYS A 100 8.45 3.73 -1.79
CA LYS A 100 7.63 2.58 -2.12
C LYS A 100 6.22 3.02 -2.52
N ALA A 101 5.67 3.97 -1.76
CA ALA A 101 4.33 4.49 -2.04
C ALA A 101 4.34 5.41 -3.24
N LEU A 102 5.36 6.25 -3.34
CA LEU A 102 5.48 7.19 -4.44
C LEU A 102 5.38 6.46 -5.78
N TYR A 103 6.04 5.32 -5.88
CA TYR A 103 6.02 4.53 -7.11
C TYR A 103 4.59 4.13 -7.48
N ARG A 104 3.73 4.01 -6.48
CA ARG A 104 2.34 3.63 -6.70
C ARG A 104 1.49 4.86 -7.00
N ARG A 105 1.79 5.96 -6.31
CA ARG A 105 1.05 7.20 -6.50
C ARG A 105 1.07 7.62 -7.96
N SER A 106 2.18 7.37 -8.64
CA SER A 106 2.32 7.71 -10.05
C SER A 106 1.43 6.85 -10.92
N GLN A 107 1.12 5.65 -10.43
CA GLN A 107 0.27 4.72 -11.18
C GLN A 107 -1.13 5.28 -11.34
N ALA A 108 -1.65 5.90 -10.29
CA ALA A 108 -2.98 6.49 -10.32
C ALA A 108 -3.01 7.76 -11.16
N LEU A 109 -2.05 8.65 -10.90
CA LEU A 109 -1.96 9.92 -11.63
C LEU A 109 -2.10 9.68 -13.14
N GLU A 110 -1.30 8.75 -13.66
CA GLU A 110 -1.33 8.44 -15.08
C GLU A 110 -2.77 8.18 -15.55
N LYS A 111 -3.47 7.32 -14.82
CA LYS A 111 -4.86 6.99 -15.18
C LYS A 111 -5.74 8.23 -15.08
N LEU A 112 -5.42 9.12 -14.14
CA LEU A 112 -6.20 10.34 -13.96
C LEU A 112 -5.72 11.43 -14.91
N GLY A 113 -5.13 11.01 -16.03
CA GLY A 113 -4.64 11.97 -17.01
C GLY A 113 -3.67 12.97 -16.42
N ARG A 114 -2.98 12.57 -15.35
CA ARG A 114 -2.02 13.44 -14.68
C ARG A 114 -0.59 12.99 -14.99
N LEU A 115 -0.25 12.94 -16.27
CA LEU A 115 1.08 12.53 -16.68
C LEU A 115 2.13 13.54 -16.23
N ASP A 116 1.74 14.81 -16.18
CA ASP A 116 2.64 15.87 -15.77
C ASP A 116 3.08 15.67 -14.33
N GLN A 117 2.20 15.11 -13.51
CA GLN A 117 2.50 14.87 -12.11
C GLN A 117 3.24 13.55 -11.93
N ALA A 118 2.83 12.55 -12.71
CA ALA A 118 3.46 11.23 -12.65
C ALA A 118 4.98 11.34 -12.64
N VAL A 119 5.49 12.27 -13.44
CA VAL A 119 6.94 12.48 -13.53
C VAL A 119 7.50 13.00 -12.22
N LEU A 120 6.88 14.04 -11.69
CA LEU A 120 7.33 14.64 -10.43
C LEU A 120 7.36 13.59 -9.31
N ASP A 121 6.20 13.03 -9.01
CA ASP A 121 6.09 12.02 -7.96
C ASP A 121 7.24 11.02 -8.06
N LEU A 122 7.60 10.66 -9.29
CA LEU A 122 8.69 9.70 -9.53
C LEU A 122 10.04 10.36 -9.30
N GLN A 123 10.18 11.61 -9.76
CA GLN A 123 11.43 12.34 -9.61
C GLN A 123 11.95 12.25 -8.18
N ARG A 124 11.05 11.93 -7.26
CA ARG A 124 11.42 11.81 -5.85
C ARG A 124 11.92 10.40 -5.53
N CYS A 125 11.12 9.40 -5.88
CA CYS A 125 11.48 8.01 -5.64
C CYS A 125 12.85 7.70 -6.22
N VAL A 126 13.26 8.49 -7.20
CA VAL A 126 14.55 8.28 -7.85
C VAL A 126 15.69 8.86 -7.01
N SER A 127 15.36 9.85 -6.18
CA SER A 127 16.34 10.49 -5.31
C SER A 127 16.54 9.69 -4.03
N LEU A 128 15.46 9.48 -3.30
CA LEU A 128 15.52 8.73 -2.05
C LEU A 128 16.16 7.37 -2.26
N GLU A 129 15.97 6.80 -3.45
CA GLU A 129 16.54 5.50 -3.78
C GLU A 129 17.28 5.56 -5.12
N PRO A 130 18.57 5.90 -5.06
CA PRO A 130 19.42 5.99 -6.26
C PRO A 130 19.72 4.63 -6.87
N LYS A 131 19.63 3.59 -6.05
CA LYS A 131 19.89 2.23 -6.51
C LYS A 131 18.64 1.63 -7.15
N ASN A 132 17.49 1.91 -6.56
CA ASN A 132 16.22 1.40 -7.07
C ASN A 132 16.06 1.73 -8.55
N LYS A 133 16.42 0.78 -9.41
CA LYS A 133 16.33 0.96 -10.85
C LYS A 133 14.87 0.94 -11.30
N VAL A 134 14.06 0.13 -10.63
CA VAL A 134 12.64 0.03 -10.96
C VAL A 134 12.02 1.40 -11.14
N PHE A 135 12.55 2.39 -10.42
CA PHE A 135 12.04 3.75 -10.50
C PHE A 135 12.56 4.45 -11.75
N GLN A 136 13.88 4.54 -11.87
CA GLN A 136 14.49 5.19 -13.02
C GLN A 136 13.94 4.63 -14.33
N GLU A 137 13.72 3.32 -14.35
CA GLU A 137 13.19 2.66 -15.54
C GLU A 137 11.74 3.09 -15.79
N ALA A 138 11.00 3.34 -14.72
CA ALA A 138 9.61 3.76 -14.83
C ALA A 138 9.51 5.21 -15.26
N LEU A 139 10.37 6.05 -14.71
CA LEU A 139 10.36 7.48 -15.03
C LEU A 139 10.80 7.71 -16.47
N ARG A 140 12.01 7.25 -16.80
CA ARG A 140 12.54 7.41 -18.15
C ARG A 140 11.48 7.06 -19.19
N ASN A 141 10.50 6.27 -18.79
CA ASN A 141 9.42 5.86 -19.69
C ASN A 141 8.51 7.04 -20.01
N ILE A 142 7.83 7.55 -18.99
CA ILE A 142 6.91 8.67 -19.16
C ILE A 142 7.68 9.97 -19.34
N SER A 143 8.68 10.19 -18.49
CA SER A 143 9.50 11.40 -18.56
C SER A 143 10.09 11.58 -19.95
N GLY A 144 10.64 10.50 -20.50
CA GLY A 144 11.23 10.56 -21.82
C GLY A 144 10.26 11.06 -22.87
N PRO A 145 10.78 11.79 -23.87
CA PRO A 145 9.96 12.34 -24.95
C PRO A 145 9.44 11.26 -25.89
N SER A 146 8.30 10.67 -25.53
CA SER A 146 7.69 9.61 -26.35
C SER A 146 8.77 8.76 -27.00
N SER A 147 9.77 8.37 -26.22
CA SER A 147 10.86 7.55 -26.73
C SER A 147 10.71 6.10 -26.26
N GLY A 148 9.99 5.30 -27.03
CA GLY A 148 9.78 3.91 -26.69
C GLY A 148 8.61 3.29 -27.44
N GLY A 1 -44.45 -32.05 10.69
CA GLY A 1 -44.47 -31.05 11.75
C GLY A 1 -43.09 -30.80 12.32
N SER A 2 -43.01 -29.85 13.26
CA SER A 2 -41.74 -29.50 13.89
C SER A 2 -41.95 -28.48 15.01
N SER A 3 -40.97 -28.37 15.88
CA SER A 3 -41.04 -27.44 17.00
C SER A 3 -39.72 -26.69 17.18
N GLY A 4 -39.73 -25.69 18.06
CA GLY A 4 -38.53 -24.90 18.30
C GLY A 4 -38.60 -24.12 19.59
N SER A 5 -37.58 -23.32 19.86
CA SER A 5 -37.52 -22.52 21.07
C SER A 5 -36.94 -21.14 20.78
N SER A 6 -36.85 -20.32 21.83
CA SER A 6 -36.32 -18.96 21.69
C SER A 6 -34.80 -19.00 21.52
N GLY A 7 -34.10 -19.41 22.57
CA GLY A 7 -32.65 -19.48 22.53
C GLY A 7 -32.00 -18.68 23.64
N MET A 8 -30.73 -18.35 23.45
CA MET A 8 -29.98 -17.60 24.46
C MET A 8 -28.78 -16.89 23.83
N THR A 9 -28.51 -15.67 24.27
CA THR A 9 -27.38 -14.90 23.75
C THR A 9 -26.38 -14.60 24.85
N VAL A 10 -25.10 -14.48 24.46
CA VAL A 10 -24.04 -14.20 25.42
C VAL A 10 -22.86 -13.52 24.73
N SER A 11 -22.37 -12.44 25.33
CA SER A 11 -21.24 -11.71 24.78
C SER A 11 -20.03 -11.78 25.70
N GLY A 12 -18.89 -11.28 25.23
CA GLY A 12 -17.68 -11.30 26.02
C GLY A 12 -16.60 -10.40 25.45
N PRO A 13 -16.67 -9.10 25.79
CA PRO A 13 -15.70 -8.11 25.31
C PRO A 13 -14.33 -8.29 25.96
N GLY A 14 -13.36 -7.49 25.50
CA GLY A 14 -12.01 -7.59 26.04
C GLY A 14 -11.02 -8.14 25.03
N THR A 15 -9.88 -7.48 24.91
CA THR A 15 -8.84 -7.91 23.97
C THR A 15 -7.51 -8.12 24.69
N PRO A 16 -7.47 -9.15 25.55
CA PRO A 16 -6.27 -9.50 26.32
C PRO A 16 -5.17 -10.08 25.44
N GLU A 17 -4.14 -10.63 26.06
CA GLU A 17 -3.03 -11.23 25.33
C GLU A 17 -3.51 -11.93 24.07
N PRO A 18 -2.71 -11.85 23.01
CA PRO A 18 -3.04 -12.47 21.72
C PRO A 18 -2.98 -13.99 21.78
N ARG A 19 -4.07 -14.60 22.22
CA ARG A 19 -4.13 -16.06 22.32
C ARG A 19 -5.06 -16.64 21.26
N PRO A 20 -4.65 -17.78 20.68
CA PRO A 20 -5.42 -18.45 19.64
C PRO A 20 -6.71 -19.08 20.18
N ALA A 21 -7.45 -19.73 19.29
CA ALA A 21 -8.70 -20.37 19.68
C ALA A 21 -9.68 -19.37 20.27
N THR A 22 -9.72 -18.17 19.66
CA THR A 22 -10.61 -17.12 20.12
C THR A 22 -11.10 -16.26 18.96
N PRO A 23 -12.38 -15.88 19.01
CA PRO A 23 -13.01 -15.06 17.96
C PRO A 23 -12.48 -13.62 17.96
N GLY A 24 -11.63 -13.32 18.94
CA GLY A 24 -11.07 -11.98 19.02
C GLY A 24 -9.70 -11.88 18.37
N ALA A 25 -9.66 -12.15 17.07
CA ALA A 25 -8.41 -12.09 16.31
C ALA A 25 -8.30 -10.79 15.53
N SER A 26 -8.53 -9.67 16.21
CA SER A 26 -8.46 -8.36 15.58
C SER A 26 -7.25 -7.57 16.08
N SER A 27 -6.08 -7.94 15.58
CA SER A 27 -4.84 -7.28 15.98
C SER A 27 -4.10 -6.75 14.76
N VAL A 28 -3.86 -5.44 14.75
CA VAL A 28 -3.17 -4.80 13.64
C VAL A 28 -1.79 -5.43 13.41
N GLU A 29 -1.26 -6.06 14.46
CA GLU A 29 0.04 -6.71 14.37
C GLU A 29 -0.07 -8.08 13.72
N GLN A 30 -1.11 -8.82 14.09
CA GLN A 30 -1.34 -10.16 13.54
C GLN A 30 -2.22 -10.09 12.29
N LEU A 31 -3.47 -9.68 12.47
CA LEU A 31 -4.42 -9.57 11.37
C LEU A 31 -3.73 -9.03 10.12
N ARG A 32 -2.77 -8.12 10.33
CA ARG A 32 -2.05 -7.51 9.23
C ARG A 32 -1.74 -8.55 8.14
N LYS A 33 -1.33 -9.74 8.57
CA LYS A 33 -1.01 -10.82 7.64
C LYS A 33 -2.25 -11.24 6.85
N GLU A 34 -3.38 -11.34 7.53
CA GLU A 34 -4.63 -11.74 6.90
C GLU A 34 -4.81 -11.01 5.57
N GLY A 35 -4.38 -9.76 5.52
CA GLY A 35 -4.51 -8.98 4.30
C GLY A 35 -3.45 -9.33 3.27
N ASN A 36 -2.19 -9.26 3.67
CA ASN A 36 -1.08 -9.57 2.77
C ASN A 36 -1.27 -10.95 2.14
N GLU A 37 -1.61 -11.93 2.97
CA GLU A 37 -1.83 -13.29 2.49
C GLU A 37 -2.94 -13.33 1.44
N LEU A 38 -3.88 -12.41 1.55
CA LEU A 38 -5.00 -12.33 0.62
C LEU A 38 -4.56 -11.73 -0.71
N PHE A 39 -3.56 -10.86 -0.66
CA PHE A 39 -3.04 -10.22 -1.87
C PHE A 39 -2.21 -11.20 -2.69
N LYS A 40 -1.29 -11.88 -2.03
CA LYS A 40 -0.43 -12.86 -2.69
C LYS A 40 -1.26 -13.84 -3.51
N CYS A 41 -2.55 -13.90 -3.25
CA CYS A 41 -3.45 -14.80 -3.96
C CYS A 41 -4.28 -14.03 -4.98
N GLY A 42 -4.46 -12.74 -4.74
CA GLY A 42 -5.24 -11.92 -5.65
C GLY A 42 -6.47 -11.31 -4.99
N ASP A 43 -7.00 -12.02 -3.99
CA ASP A 43 -8.17 -11.55 -3.28
C ASP A 43 -8.01 -10.10 -2.82
N TYR A 44 -8.48 -9.18 -3.65
CA TYR A 44 -8.38 -7.75 -3.34
C TYR A 44 -9.47 -7.33 -2.36
N GLY A 45 -10.70 -7.70 -2.66
CA GLY A 45 -11.82 -7.34 -1.80
C GLY A 45 -11.54 -7.66 -0.35
N GLY A 46 -10.69 -8.64 -0.10
CA GLY A 46 -10.36 -9.02 1.26
C GLY A 46 -9.14 -8.29 1.78
N ALA A 47 -8.02 -8.42 1.08
CA ALA A 47 -6.78 -7.77 1.47
C ALA A 47 -7.05 -6.39 2.04
N LEU A 48 -7.98 -5.66 1.43
CA LEU A 48 -8.34 -4.32 1.88
C LEU A 48 -9.05 -4.37 3.23
N ALA A 49 -9.96 -5.33 3.38
CA ALA A 49 -10.71 -5.48 4.63
C ALA A 49 -9.76 -5.61 5.82
N ALA A 50 -8.72 -6.43 5.67
CA ALA A 50 -7.75 -6.62 6.73
C ALA A 50 -7.02 -5.33 7.06
N TYR A 51 -6.45 -4.70 6.03
CA TYR A 51 -5.72 -3.46 6.20
C TYR A 51 -6.56 -2.42 6.92
N THR A 52 -7.88 -2.48 6.71
CA THR A 52 -8.81 -1.55 7.33
C THR A 52 -8.80 -1.70 8.85
N GLN A 53 -9.13 -2.90 9.32
CA GLN A 53 -9.16 -3.17 10.75
C GLN A 53 -7.87 -2.70 11.43
N ALA A 54 -6.74 -3.15 10.90
CA ALA A 54 -5.44 -2.77 11.44
C ALA A 54 -5.37 -1.27 11.73
N LEU A 55 -5.92 -0.48 10.81
CA LEU A 55 -5.92 0.97 10.96
C LEU A 55 -6.83 1.40 12.11
N GLY A 56 -7.92 0.65 12.30
CA GLY A 56 -8.85 0.98 13.36
C GLY A 56 -8.43 0.39 14.70
N LEU A 57 -7.12 0.39 14.96
CA LEU A 57 -6.59 -0.14 16.20
C LEU A 57 -5.41 0.69 16.69
N ASP A 58 -5.16 0.66 17.99
CA ASP A 58 -4.06 1.40 18.59
C ASP A 58 -2.72 0.95 18.01
N ALA A 59 -2.34 1.52 16.88
CA ALA A 59 -1.08 1.17 16.23
C ALA A 59 -0.16 2.38 16.13
N THR A 60 1.14 2.16 16.34
CA THR A 60 2.12 3.22 16.27
C THR A 60 1.96 4.05 14.99
N PRO A 61 2.49 5.28 14.99
CA PRO A 61 2.41 6.18 13.85
C PRO A 61 3.28 5.71 12.68
N GLN A 62 4.12 4.71 12.94
CA GLN A 62 5.00 4.17 11.91
C GLN A 62 4.36 2.97 11.24
N ASP A 63 3.44 2.32 11.94
CA ASP A 63 2.76 1.14 11.40
C ASP A 63 1.64 1.55 10.45
N GLN A 64 0.94 2.63 10.80
CA GLN A 64 -0.16 3.13 9.98
C GLN A 64 0.31 3.43 8.56
N ALA A 65 1.29 4.32 8.45
CA ALA A 65 1.83 4.69 7.14
C ALA A 65 1.97 3.47 6.24
N VAL A 66 2.40 2.35 6.82
CA VAL A 66 2.59 1.12 6.07
C VAL A 66 1.25 0.59 5.55
N LEU A 67 0.31 0.40 6.46
CA LEU A 67 -1.01 -0.11 6.09
C LEU A 67 -1.67 0.79 5.05
N HIS A 68 -1.27 2.06 5.04
CA HIS A 68 -1.81 3.02 4.08
C HIS A 68 -1.31 2.74 2.68
N ARG A 69 0.01 2.64 2.53
CA ARG A 69 0.61 2.38 1.23
C ARG A 69 0.09 1.06 0.65
N ASN A 70 -0.32 0.15 1.53
CA ASN A 70 -0.83 -1.14 1.11
C ASN A 70 -2.22 -1.00 0.47
N ARG A 71 -3.13 -0.38 1.21
CA ARG A 71 -4.49 -0.17 0.73
C ARG A 71 -4.49 0.28 -0.73
N ALA A 72 -3.70 1.32 -1.02
CA ALA A 72 -3.61 1.84 -2.37
C ALA A 72 -3.62 0.73 -3.41
N ALA A 73 -2.81 -0.30 -3.17
CA ALA A 73 -2.72 -1.44 -4.08
C ALA A 73 -4.11 -2.03 -4.34
N CYS A 74 -4.80 -2.40 -3.27
CA CYS A 74 -6.13 -2.98 -3.39
C CYS A 74 -7.00 -2.18 -4.36
N HIS A 75 -7.12 -0.88 -4.07
CA HIS A 75 -7.92 0.00 -4.92
C HIS A 75 -7.46 -0.07 -6.37
N LEU A 76 -6.16 0.08 -6.59
CA LEU A 76 -5.60 0.03 -7.93
C LEU A 76 -6.10 -1.19 -8.69
N LYS A 77 -5.96 -2.36 -8.08
CA LYS A 77 -6.40 -3.60 -8.70
C LYS A 77 -7.91 -3.60 -8.93
N LEU A 78 -8.63 -2.94 -8.02
CA LEU A 78 -10.09 -2.87 -8.11
C LEU A 78 -10.50 -1.62 -8.90
N GLU A 79 -9.85 -1.39 -10.02
CA GLU A 79 -10.16 -0.24 -10.87
C GLU A 79 -10.60 0.95 -10.02
N ASP A 80 -9.80 1.27 -9.00
CA ASP A 80 -10.11 2.38 -8.12
C ASP A 80 -8.91 3.30 -7.96
N TYR A 81 -8.31 3.69 -9.08
CA TYR A 81 -7.15 4.57 -9.07
C TYR A 81 -7.47 5.91 -8.42
N ASP A 82 -8.69 6.39 -8.67
CA ASP A 82 -9.12 7.66 -8.11
C ASP A 82 -8.84 7.73 -6.61
N LYS A 83 -9.31 6.72 -5.88
CA LYS A 83 -9.10 6.67 -4.44
C LYS A 83 -7.64 6.39 -4.11
N ALA A 84 -7.10 5.32 -4.69
CA ALA A 84 -5.71 4.94 -4.46
C ALA A 84 -4.82 6.17 -4.37
N GLU A 85 -5.01 7.12 -5.27
CA GLU A 85 -4.23 8.34 -5.29
C GLU A 85 -4.19 8.99 -3.90
N THR A 86 -5.37 9.12 -3.28
CA THR A 86 -5.46 9.71 -1.96
C THR A 86 -4.60 8.96 -0.96
N GLU A 87 -4.83 7.66 -0.84
CA GLU A 87 -4.07 6.82 0.08
C GLU A 87 -2.57 7.06 -0.07
N ALA A 88 -2.04 6.75 -1.26
CA ALA A 88 -0.63 6.93 -1.54
C ALA A 88 -0.08 8.16 -0.83
N SER A 89 -0.66 9.31 -1.12
CA SER A 89 -0.23 10.57 -0.51
C SER A 89 -0.23 10.46 1.01
N LYS A 90 -1.36 10.02 1.56
CA LYS A 90 -1.49 9.87 3.00
C LYS A 90 -0.32 9.10 3.59
N ALA A 91 0.01 7.97 2.97
CA ALA A 91 1.12 7.14 3.42
C ALA A 91 2.44 7.90 3.35
N ILE A 92 2.46 8.96 2.54
CA ILE A 92 3.67 9.77 2.39
C ILE A 92 3.75 10.85 3.46
N GLU A 93 2.74 11.72 3.50
CA GLU A 93 2.70 12.78 4.48
C GLU A 93 2.82 12.23 5.90
N LYS A 94 2.61 10.93 6.04
CA LYS A 94 2.69 10.27 7.33
C LYS A 94 4.14 10.23 7.83
N ASP A 95 5.01 9.59 7.05
CA ASP A 95 6.41 9.48 7.41
C ASP A 95 7.27 10.38 6.53
N GLY A 96 6.91 10.47 5.25
CA GLY A 96 7.65 11.30 4.33
C GLY A 96 8.62 10.50 3.47
N GLY A 97 9.47 9.72 4.12
CA GLY A 97 10.44 8.91 3.41
C GLY A 97 9.89 7.55 3.03
N ASP A 98 8.81 7.54 2.26
CA ASP A 98 8.17 6.31 1.82
C ASP A 98 8.11 6.24 0.29
N VAL A 99 9.23 5.93 -0.33
CA VAL A 99 9.30 5.84 -1.79
C VAL A 99 8.31 4.80 -2.31
N LYS A 100 7.96 3.84 -1.46
CA LYS A 100 7.02 2.79 -1.83
C LYS A 100 5.71 3.39 -2.34
N ALA A 101 5.08 4.21 -1.51
CA ALA A 101 3.82 4.85 -1.87
C ALA A 101 4.01 5.78 -3.06
N LEU A 102 5.19 6.38 -3.17
CA LEU A 102 5.49 7.30 -4.26
C LEU A 102 5.34 6.60 -5.61
N TYR A 103 5.96 5.45 -5.76
CA TYR A 103 5.90 4.68 -7.00
C TYR A 103 4.46 4.31 -7.33
N ARG A 104 3.68 4.00 -6.29
CA ARG A 104 2.28 3.62 -6.47
C ARG A 104 1.45 4.82 -6.93
N ARG A 105 1.62 5.95 -6.23
CA ARG A 105 0.88 7.16 -6.55
C ARG A 105 0.97 7.47 -8.05
N SER A 106 2.17 7.29 -8.61
CA SER A 106 2.39 7.55 -10.02
C SER A 106 1.39 6.79 -10.89
N GLN A 107 1.15 5.53 -10.54
CA GLN A 107 0.22 4.68 -11.28
C GLN A 107 -1.15 5.34 -11.36
N ALA A 108 -1.63 5.85 -10.24
CA ALA A 108 -2.93 6.51 -10.19
C ALA A 108 -2.93 7.79 -11.01
N LEU A 109 -1.82 8.52 -10.97
CA LEU A 109 -1.69 9.76 -11.71
C LEU A 109 -1.71 9.51 -13.21
N GLU A 110 -0.75 8.70 -13.68
CA GLU A 110 -0.65 8.37 -15.10
C GLU A 110 -1.98 7.86 -15.62
N LYS A 111 -2.77 7.24 -14.75
CA LYS A 111 -4.08 6.72 -15.12
C LYS A 111 -5.11 7.83 -15.24
N LEU A 112 -5.21 8.65 -14.20
CA LEU A 112 -6.15 9.76 -14.19
C LEU A 112 -5.85 10.75 -15.32
N GLY A 113 -4.61 10.74 -15.79
CA GLY A 113 -4.21 11.64 -16.85
C GLY A 113 -3.36 12.79 -16.36
N ARG A 114 -2.52 12.52 -15.36
CA ARG A 114 -1.65 13.53 -14.79
C ARG A 114 -0.19 13.15 -14.97
N LEU A 115 0.23 12.99 -16.22
CA LEU A 115 1.61 12.62 -16.52
C LEU A 115 2.58 13.68 -16.01
N ASP A 116 2.09 14.91 -15.87
CA ASP A 116 2.92 16.01 -15.39
C ASP A 116 3.35 15.77 -13.95
N GLN A 117 2.44 15.23 -13.15
CA GLN A 117 2.73 14.95 -11.75
C GLN A 117 3.50 13.64 -11.60
N ALA A 118 3.06 12.62 -12.32
CA ALA A 118 3.71 11.31 -12.27
C ALA A 118 5.23 11.45 -12.27
N VAL A 119 5.73 12.44 -13.03
CA VAL A 119 7.16 12.68 -13.13
C VAL A 119 7.73 13.15 -11.79
N LEU A 120 7.16 14.23 -11.27
CA LEU A 120 7.60 14.79 -10.00
C LEU A 120 7.63 13.72 -8.91
N ASP A 121 6.51 13.01 -8.75
CA ASP A 121 6.41 11.96 -7.75
C ASP A 121 7.48 10.89 -7.98
N LEU A 122 7.66 10.49 -9.23
CA LEU A 122 8.65 9.48 -9.58
C LEU A 122 10.06 10.00 -9.36
N GLN A 123 10.23 11.32 -9.51
CA GLN A 123 11.54 11.93 -9.34
C GLN A 123 12.04 11.77 -7.90
N ARG A 124 11.11 11.45 -6.99
CA ARG A 124 11.44 11.27 -5.59
C ARG A 124 11.89 9.83 -5.32
N CYS A 125 11.04 8.88 -5.68
CA CYS A 125 11.35 7.47 -5.48
C CYS A 125 12.75 7.14 -6.00
N VAL A 126 13.25 7.97 -6.91
CA VAL A 126 14.56 7.77 -7.49
C VAL A 126 15.65 8.39 -6.62
N SER A 127 15.30 9.44 -5.90
CA SER A 127 16.24 10.13 -5.03
C SER A 127 16.54 9.29 -3.79
N LEU A 128 15.50 8.95 -3.04
CA LEU A 128 15.64 8.15 -1.83
C LEU A 128 16.22 6.77 -2.15
N GLU A 129 16.14 6.38 -3.42
CA GLU A 129 16.65 5.09 -3.86
C GLU A 129 17.43 5.23 -5.17
N PRO A 130 18.76 5.37 -5.05
CA PRO A 130 19.65 5.50 -6.20
C PRO A 130 19.75 4.22 -7.02
N LYS A 131 19.88 3.10 -6.33
CA LYS A 131 19.98 1.80 -6.99
C LYS A 131 18.64 1.39 -7.59
N ASN A 132 17.56 1.69 -6.88
CA ASN A 132 16.22 1.34 -7.34
C ASN A 132 16.03 1.74 -8.80
N LYS A 133 16.32 0.81 -9.71
CA LYS A 133 16.17 1.08 -11.13
C LYS A 133 14.70 1.09 -11.55
N VAL A 134 13.92 0.20 -10.93
CA VAL A 134 12.49 0.12 -11.22
C VAL A 134 11.88 1.51 -11.40
N PHE A 135 12.45 2.49 -10.72
CA PHE A 135 11.97 3.86 -10.80
C PHE A 135 12.47 4.55 -12.08
N GLN A 136 13.78 4.56 -12.26
CA GLN A 136 14.38 5.17 -13.44
C GLN A 136 13.73 4.67 -14.71
N GLU A 137 13.54 3.35 -14.80
CA GLU A 137 12.91 2.75 -15.97
C GLU A 137 11.49 3.27 -16.16
N ALA A 138 10.81 3.54 -15.05
CA ALA A 138 9.44 4.04 -15.09
C ALA A 138 9.42 5.53 -15.41
N LEU A 139 10.42 6.26 -14.93
CA LEU A 139 10.52 7.69 -15.16
C LEU A 139 10.92 7.99 -16.60
N ARG A 140 12.10 7.50 -16.99
CA ARG A 140 12.60 7.72 -18.34
C ARG A 140 11.52 7.43 -19.37
N ASN A 141 10.51 6.66 -18.97
CA ASN A 141 9.42 6.31 -19.87
C ASN A 141 8.55 7.54 -20.17
N ILE A 142 7.97 8.11 -19.13
CA ILE A 142 7.12 9.29 -19.29
C ILE A 142 7.96 10.56 -19.41
N SER A 143 8.95 10.68 -18.53
CA SER A 143 9.83 11.85 -18.54
C SER A 143 10.54 11.99 -19.88
N GLY A 144 10.90 10.85 -20.47
CA GLY A 144 11.59 10.87 -21.75
C GLY A 144 10.67 11.26 -22.89
N PRO A 145 11.24 11.90 -23.92
CA PRO A 145 10.49 12.34 -25.10
C PRO A 145 10.03 11.17 -25.96
N SER A 146 8.80 10.73 -25.73
CA SER A 146 8.23 9.61 -26.47
C SER A 146 9.29 8.54 -26.74
N SER A 147 10.08 8.24 -25.71
CA SER A 147 11.14 7.23 -25.84
C SER A 147 10.92 6.10 -24.84
N GLY A 148 10.28 5.02 -25.29
CA GLY A 148 10.04 3.90 -24.41
C GLY A 148 10.72 2.63 -24.89
N GLY A 1 -37.10 -35.55 -26.41
CA GLY A 1 -37.14 -35.69 -24.96
C GLY A 1 -35.78 -35.55 -24.32
N SER A 2 -35.77 -35.26 -23.01
CA SER A 2 -34.52 -35.10 -22.29
C SER A 2 -34.77 -35.17 -20.78
N SER A 3 -33.70 -35.43 -20.03
CA SER A 3 -33.79 -35.54 -18.57
C SER A 3 -32.51 -35.04 -17.92
N GLY A 4 -32.51 -35.01 -16.58
CA GLY A 4 -31.34 -34.56 -15.85
C GLY A 4 -31.65 -33.45 -14.87
N SER A 5 -30.74 -32.50 -14.75
CA SER A 5 -30.93 -31.37 -13.84
C SER A 5 -30.98 -31.84 -12.39
N SER A 6 -30.08 -32.75 -12.03
CA SER A 6 -30.03 -33.29 -10.68
C SER A 6 -29.38 -32.29 -9.72
N GLY A 7 -29.45 -32.59 -8.43
CA GLY A 7 -28.87 -31.71 -7.43
C GLY A 7 -28.58 -32.43 -6.13
N MET A 8 -27.67 -31.86 -5.33
CA MET A 8 -27.32 -32.45 -4.05
C MET A 8 -27.05 -31.38 -3.01
N THR A 9 -27.90 -31.32 -1.98
CA THR A 9 -27.76 -30.34 -0.92
C THR A 9 -27.68 -31.01 0.44
N VAL A 10 -27.06 -30.33 1.40
CA VAL A 10 -26.92 -30.86 2.75
C VAL A 10 -27.33 -29.83 3.79
N SER A 11 -28.45 -30.10 4.46
CA SER A 11 -28.97 -29.19 5.49
C SER A 11 -29.14 -29.91 6.81
N GLY A 12 -29.32 -29.14 7.88
CA GLY A 12 -29.49 -29.73 9.20
C GLY A 12 -30.88 -29.51 9.75
N PRO A 13 -31.38 -30.49 10.52
CA PRO A 13 -32.73 -30.43 11.11
C PRO A 13 -32.82 -29.38 12.22
N GLY A 14 -33.98 -29.30 12.86
CA GLY A 14 -34.17 -28.34 13.93
C GLY A 14 -34.02 -28.97 15.29
N THR A 15 -32.77 -29.16 15.72
CA THR A 15 -32.49 -29.77 17.02
C THR A 15 -31.87 -28.74 17.97
N PRO A 16 -32.27 -28.82 19.26
CA PRO A 16 -31.76 -27.91 20.28
C PRO A 16 -30.30 -28.15 20.61
N GLU A 17 -29.44 -27.20 20.24
CA GLU A 17 -28.01 -27.31 20.48
C GLU A 17 -27.29 -26.04 20.08
N PRO A 18 -26.17 -25.74 20.76
CA PRO A 18 -25.36 -24.56 20.48
C PRO A 18 -24.63 -24.65 19.14
N ARG A 19 -24.42 -23.50 18.51
CA ARG A 19 -23.73 -23.46 17.21
C ARG A 19 -22.30 -22.96 17.38
N PRO A 20 -21.39 -23.53 16.57
CA PRO A 20 -19.97 -23.16 16.61
C PRO A 20 -19.72 -21.76 16.07
N ALA A 21 -18.61 -21.16 16.48
CA ALA A 21 -18.25 -19.82 16.04
C ALA A 21 -16.82 -19.76 15.52
N THR A 22 -16.40 -18.60 15.05
CA THR A 22 -15.06 -18.42 14.52
C THR A 22 -14.25 -17.47 15.39
N PRO A 23 -12.95 -17.79 15.59
CA PRO A 23 -12.05 -16.97 16.40
C PRO A 23 -11.72 -15.64 15.74
N GLY A 24 -11.67 -14.58 16.54
CA GLY A 24 -11.36 -13.27 16.02
C GLY A 24 -9.90 -13.11 15.67
N ALA A 25 -9.05 -13.05 16.70
CA ALA A 25 -7.62 -12.90 16.51
C ALA A 25 -7.31 -11.93 15.37
N SER A 26 -7.95 -10.76 15.41
CA SER A 26 -7.76 -9.75 14.39
C SER A 26 -7.05 -8.54 14.96
N SER A 27 -5.72 -8.59 15.00
CA SER A 27 -4.92 -7.49 15.53
C SER A 27 -4.14 -6.81 14.41
N VAL A 28 -4.13 -5.47 14.44
CA VAL A 28 -3.43 -4.70 13.43
C VAL A 28 -2.06 -5.30 13.13
N GLU A 29 -1.43 -5.86 14.16
CA GLU A 29 -0.11 -6.47 14.02
C GLU A 29 -0.23 -7.88 13.45
N GLN A 30 -1.21 -8.63 13.93
CA GLN A 30 -1.42 -10.00 13.47
C GLN A 30 -2.23 -10.02 12.18
N LEU A 31 -3.48 -9.57 12.28
CA LEU A 31 -4.37 -9.53 11.11
C LEU A 31 -3.63 -9.03 9.88
N ARG A 32 -2.61 -8.20 10.10
CA ARG A 32 -1.83 -7.64 9.00
C ARG A 32 -1.60 -8.69 7.91
N LYS A 33 -1.23 -9.89 8.33
CA LYS A 33 -0.98 -10.98 7.39
C LYS A 33 -2.20 -11.22 6.50
N GLU A 34 -3.38 -11.17 7.10
CA GLU A 34 -4.62 -11.38 6.36
C GLU A 34 -4.63 -10.56 5.07
N GLY A 35 -4.10 -9.34 5.15
CA GLY A 35 -4.07 -8.48 3.98
C GLY A 35 -3.12 -8.99 2.91
N ASN A 36 -1.83 -9.04 3.24
CA ASN A 36 -0.82 -9.51 2.30
C ASN A 36 -1.17 -10.90 1.77
N GLU A 37 -1.42 -11.84 2.70
CA GLU A 37 -1.77 -13.20 2.32
C GLU A 37 -2.81 -13.21 1.21
N LEU A 38 -3.78 -12.30 1.32
CA LEU A 38 -4.85 -12.21 0.33
C LEU A 38 -4.33 -11.59 -0.96
N PHE A 39 -3.38 -10.66 -0.84
CA PHE A 39 -2.81 -9.99 -2.00
C PHE A 39 -1.98 -10.96 -2.83
N LYS A 40 -1.08 -11.67 -2.17
CA LYS A 40 -0.21 -12.63 -2.85
C LYS A 40 -1.03 -13.73 -3.50
N CYS A 41 -2.33 -13.75 -3.20
CA CYS A 41 -3.23 -14.75 -3.77
C CYS A 41 -4.09 -14.15 -4.87
N GLY A 42 -4.26 -12.83 -4.83
CA GLY A 42 -5.07 -12.14 -5.82
C GLY A 42 -6.31 -11.52 -5.24
N ASP A 43 -6.82 -12.12 -4.16
CA ASP A 43 -8.02 -11.61 -3.50
C ASP A 43 -7.82 -10.17 -3.05
N TYR A 44 -8.22 -9.24 -3.90
CA TYR A 44 -8.07 -7.81 -3.58
C TYR A 44 -9.19 -7.35 -2.65
N GLY A 45 -10.43 -7.72 -2.99
CA GLY A 45 -11.57 -7.33 -2.18
C GLY A 45 -11.34 -7.59 -0.71
N GLY A 46 -10.61 -8.65 -0.39
CA GLY A 46 -10.34 -8.99 0.99
C GLY A 46 -9.09 -8.31 1.52
N ALA A 47 -7.97 -8.48 0.81
CA ALA A 47 -6.71 -7.87 1.21
C ALA A 47 -6.93 -6.47 1.76
N LEU A 48 -7.69 -5.66 1.04
CA LEU A 48 -7.98 -4.29 1.47
C LEU A 48 -8.74 -4.29 2.79
N ALA A 49 -9.81 -5.08 2.86
CA ALA A 49 -10.63 -5.16 4.06
C ALA A 49 -9.75 -5.32 5.30
N ALA A 50 -8.72 -6.15 5.18
CA ALA A 50 -7.81 -6.40 6.29
C ALA A 50 -7.08 -5.12 6.70
N TYR A 51 -6.50 -4.43 5.73
CA TYR A 51 -5.78 -3.20 5.98
C TYR A 51 -6.66 -2.19 6.71
N THR A 52 -7.94 -2.15 6.34
CA THR A 52 -8.89 -1.23 6.95
C THR A 52 -8.89 -1.38 8.46
N GLN A 53 -9.11 -2.60 8.94
CA GLN A 53 -9.14 -2.86 10.37
C GLN A 53 -7.84 -2.43 11.03
N ALA A 54 -6.73 -3.00 10.57
CA ALA A 54 -5.41 -2.67 11.12
C ALA A 54 -5.30 -1.18 11.40
N LEU A 55 -5.78 -0.36 10.46
CA LEU A 55 -5.73 1.09 10.62
C LEU A 55 -6.76 1.57 11.63
N GLY A 56 -7.94 0.95 11.62
CA GLY A 56 -8.99 1.33 12.55
C GLY A 56 -8.51 1.33 13.99
N LEU A 57 -7.77 0.30 14.36
CA LEU A 57 -7.26 0.18 15.72
C LEU A 57 -6.22 1.25 16.00
N ASP A 58 -5.97 1.51 17.29
CA ASP A 58 -5.00 2.52 17.69
C ASP A 58 -3.59 1.94 17.68
N ALA A 59 -2.97 1.91 16.51
CA ALA A 59 -1.62 1.38 16.37
C ALA A 59 -0.60 2.51 16.26
N THR A 60 0.68 2.16 16.33
CA THR A 60 1.75 3.14 16.24
C THR A 60 1.65 3.96 14.96
N PRO A 61 2.27 5.14 14.96
CA PRO A 61 2.26 6.04 13.80
C PRO A 61 3.09 5.49 12.64
N GLN A 62 3.90 4.49 12.92
CA GLN A 62 4.75 3.88 11.90
C GLN A 62 4.00 2.76 11.18
N ASP A 63 3.16 2.04 11.91
CA ASP A 63 2.39 0.95 11.34
C ASP A 63 1.34 1.47 10.38
N GLN A 64 0.63 2.52 10.78
CA GLN A 64 -0.41 3.11 9.96
C GLN A 64 0.12 3.42 8.56
N ALA A 65 1.20 4.19 8.50
CA ALA A 65 1.80 4.55 7.23
C ALA A 65 2.04 3.33 6.35
N VAL A 66 2.58 2.28 6.95
CA VAL A 66 2.86 1.05 6.24
C VAL A 66 1.59 0.46 5.64
N LEU A 67 0.48 0.58 6.38
CA LEU A 67 -0.80 0.06 5.93
C LEU A 67 -1.39 0.94 4.83
N HIS A 68 -1.11 2.24 4.90
CA HIS A 68 -1.60 3.18 3.91
C HIS A 68 -1.01 2.88 2.53
N ARG A 69 0.30 2.74 2.47
CA ARG A 69 0.99 2.45 1.22
C ARG A 69 0.49 1.13 0.62
N ASN A 70 -0.09 0.28 1.46
CA ASN A 70 -0.61 -1.00 1.01
C ASN A 70 -2.01 -0.86 0.44
N ARG A 71 -2.92 -0.30 1.24
CA ARG A 71 -4.30 -0.10 0.82
C ARG A 71 -4.36 0.28 -0.66
N ALA A 72 -3.63 1.33 -1.03
CA ALA A 72 -3.60 1.80 -2.41
C ALA A 72 -3.54 0.63 -3.38
N ALA A 73 -2.50 -0.19 -3.26
CA ALA A 73 -2.34 -1.34 -4.13
C ALA A 73 -3.67 -1.99 -4.46
N CYS A 74 -4.46 -2.26 -3.42
CA CYS A 74 -5.78 -2.88 -3.59
C CYS A 74 -6.65 -2.04 -4.52
N HIS A 75 -6.75 -0.75 -4.23
CA HIS A 75 -7.55 0.16 -5.04
C HIS A 75 -7.11 0.12 -6.50
N LEU A 76 -5.82 0.31 -6.73
CA LEU A 76 -5.27 0.29 -8.09
C LEU A 76 -5.77 -0.92 -8.86
N LYS A 77 -5.65 -2.09 -8.25
CA LYS A 77 -6.09 -3.33 -8.88
C LYS A 77 -7.60 -3.33 -9.09
N LEU A 78 -8.32 -2.76 -8.13
CA LEU A 78 -9.78 -2.69 -8.21
C LEU A 78 -10.22 -1.46 -8.99
N GLU A 79 -9.50 -1.14 -10.06
CA GLU A 79 -9.82 0.00 -10.89
C GLU A 79 -10.30 1.17 -10.04
N ASP A 80 -9.62 1.40 -8.91
CA ASP A 80 -9.97 2.49 -8.01
C ASP A 80 -8.81 3.46 -7.83
N TYR A 81 -8.15 3.79 -8.95
CA TYR A 81 -7.02 4.71 -8.92
C TYR A 81 -7.42 6.03 -8.26
N ASP A 82 -8.67 6.41 -8.41
CA ASP A 82 -9.17 7.66 -7.83
C ASP A 82 -8.85 7.72 -6.34
N LYS A 83 -9.43 6.81 -5.57
CA LYS A 83 -9.21 6.77 -4.14
C LYS A 83 -7.78 6.34 -3.81
N ALA A 84 -7.25 5.43 -4.63
CA ALA A 84 -5.89 4.94 -4.44
C ALA A 84 -4.91 6.09 -4.17
N GLU A 85 -4.82 7.01 -5.12
CA GLU A 85 -3.93 8.16 -4.99
C GLU A 85 -4.04 8.78 -3.59
N THR A 86 -5.28 8.97 -3.14
CA THR A 86 -5.53 9.56 -1.83
C THR A 86 -4.73 8.84 -0.75
N GLU A 87 -4.89 7.52 -0.66
CA GLU A 87 -4.19 6.72 0.32
C GLU A 87 -2.69 6.97 0.25
N ALA A 88 -2.13 6.82 -0.96
CA ALA A 88 -0.70 7.02 -1.16
C ALA A 88 -0.21 8.29 -0.45
N SER A 89 -0.88 9.41 -0.73
CA SER A 89 -0.52 10.69 -0.13
C SER A 89 -0.46 10.57 1.40
N LYS A 90 -1.45 9.90 1.97
CA LYS A 90 -1.52 9.71 3.41
C LYS A 90 -0.24 9.05 3.93
N ALA A 91 0.26 8.07 3.18
CA ALA A 91 1.47 7.36 3.58
C ALA A 91 2.69 8.27 3.46
N ILE A 92 2.71 9.10 2.43
CA ILE A 92 3.83 10.01 2.20
C ILE A 92 3.86 11.10 3.27
N GLU A 93 2.77 11.86 3.36
CA GLU A 93 2.67 12.94 4.34
C GLU A 93 2.98 12.43 5.74
N LYS A 94 2.37 11.30 6.10
CA LYS A 94 2.58 10.70 7.42
C LYS A 94 4.04 10.78 7.83
N ASP A 95 4.92 10.21 6.99
CA ASP A 95 6.35 10.22 7.27
C ASP A 95 7.06 11.24 6.38
N GLY A 96 7.11 10.95 5.09
CA GLY A 96 7.77 11.85 4.15
C GLY A 96 8.76 11.13 3.26
N GLY A 97 9.61 10.30 3.86
CA GLY A 97 10.60 9.57 3.10
C GLY A 97 10.14 8.17 2.76
N ASP A 98 8.92 8.04 2.27
CA ASP A 98 8.36 6.74 1.92
C ASP A 98 8.25 6.59 0.40
N VAL A 99 9.30 6.07 -0.22
CA VAL A 99 9.32 5.86 -1.66
C VAL A 99 8.43 4.71 -2.07
N LYS A 100 8.05 3.89 -1.10
CA LYS A 100 7.19 2.73 -1.35
C LYS A 100 5.84 3.17 -1.90
N ALA A 101 5.15 4.02 -1.15
CA ALA A 101 3.84 4.52 -1.55
C ALA A 101 3.95 5.39 -2.80
N LEU A 102 5.09 6.05 -2.96
CA LEU A 102 5.33 6.92 -4.11
C LEU A 102 5.21 6.14 -5.41
N TYR A 103 6.11 5.17 -5.59
CA TYR A 103 6.10 4.35 -6.80
C TYR A 103 4.69 3.93 -7.18
N ARG A 104 3.85 3.73 -6.17
CA ARG A 104 2.46 3.33 -6.40
C ARG A 104 1.62 4.53 -6.82
N ARG A 105 1.69 5.59 -6.03
CA ARG A 105 0.92 6.81 -6.31
C ARG A 105 0.90 7.09 -7.81
N SER A 106 2.08 7.27 -8.39
CA SER A 106 2.20 7.55 -9.81
C SER A 106 1.22 6.71 -10.62
N GLN A 107 1.19 5.41 -10.34
CA GLN A 107 0.29 4.50 -11.03
C GLN A 107 -1.09 5.11 -11.21
N ALA A 108 -1.60 5.72 -10.14
CA ALA A 108 -2.92 6.36 -10.17
C ALA A 108 -2.88 7.63 -11.00
N LEU A 109 -2.04 8.58 -10.60
CA LEU A 109 -1.91 9.84 -11.30
C LEU A 109 -2.02 9.64 -12.81
N GLU A 110 -1.19 8.76 -13.36
CA GLU A 110 -1.20 8.48 -14.79
C GLU A 110 -2.60 8.11 -15.26
N LYS A 111 -3.32 7.35 -14.43
CA LYS A 111 -4.67 6.93 -14.76
C LYS A 111 -5.66 8.08 -14.60
N LEU A 112 -5.30 9.04 -13.75
CA LEU A 112 -6.15 10.20 -13.51
C LEU A 112 -5.85 11.32 -14.51
N GLY A 113 -5.00 11.03 -15.47
CA GLY A 113 -4.64 12.02 -16.48
C GLY A 113 -3.57 12.97 -16.00
N ARG A 114 -2.85 12.58 -14.95
CA ARG A 114 -1.79 13.41 -14.39
C ARG A 114 -0.41 12.87 -14.78
N LEU A 115 0.03 13.22 -15.98
CA LEU A 115 1.33 12.76 -16.47
C LEU A 115 2.45 13.68 -15.96
N ASP A 116 2.12 14.94 -15.76
CA ASP A 116 3.09 15.92 -15.28
C ASP A 116 3.51 15.60 -13.85
N GLN A 117 2.52 15.42 -12.97
CA GLN A 117 2.78 15.11 -11.58
C GLN A 117 3.40 13.73 -11.43
N ALA A 118 2.80 12.74 -12.07
CA ALA A 118 3.29 11.38 -12.01
C ALA A 118 4.82 11.34 -12.07
N VAL A 119 5.39 12.21 -12.89
CA VAL A 119 6.84 12.28 -13.04
C VAL A 119 7.49 12.77 -11.75
N LEU A 120 6.99 13.87 -11.22
CA LEU A 120 7.53 14.46 -9.99
C LEU A 120 7.53 13.42 -8.86
N ASP A 121 6.39 12.78 -8.66
CA ASP A 121 6.26 11.76 -7.61
C ASP A 121 7.37 10.71 -7.73
N LEU A 122 7.51 10.14 -8.92
CA LEU A 122 8.52 9.12 -9.16
C LEU A 122 9.92 9.70 -8.94
N GLN A 123 10.20 10.81 -9.59
CA GLN A 123 11.51 11.46 -9.46
C GLN A 123 12.06 11.30 -8.05
N ARG A 124 11.18 11.38 -7.06
CA ARG A 124 11.58 11.24 -5.67
C ARG A 124 12.15 9.86 -5.40
N CYS A 125 11.40 8.83 -5.79
CA CYS A 125 11.83 7.45 -5.59
C CYS A 125 13.28 7.26 -6.01
N VAL A 126 13.73 8.09 -6.95
CA VAL A 126 15.10 8.02 -7.45
C VAL A 126 16.07 8.61 -6.44
N SER A 127 15.68 9.71 -5.80
CA SER A 127 16.52 10.37 -4.82
C SER A 127 16.77 9.46 -3.62
N LEU A 128 15.69 9.12 -2.92
CA LEU A 128 15.78 8.26 -1.75
C LEU A 128 16.54 6.97 -2.07
N GLU A 129 16.19 6.36 -3.19
CA GLU A 129 16.85 5.13 -3.61
C GLU A 129 17.51 5.30 -4.99
N PRO A 130 18.79 5.68 -4.99
CA PRO A 130 19.56 5.90 -6.22
C PRO A 130 19.85 4.59 -6.95
N LYS A 131 20.03 3.52 -6.18
CA LYS A 131 20.32 2.21 -6.75
C LYS A 131 19.06 1.61 -7.38
N ASN A 132 17.93 1.83 -6.74
CA ASN A 132 16.65 1.30 -7.24
C ASN A 132 16.44 1.69 -8.70
N LYS A 133 16.56 0.70 -9.59
CA LYS A 133 16.39 0.94 -11.01
C LYS A 133 14.90 0.93 -11.38
N VAL A 134 14.11 0.15 -10.65
CA VAL A 134 12.68 0.05 -10.90
C VAL A 134 12.05 1.44 -11.01
N PHE A 135 12.66 2.42 -10.34
CA PHE A 135 12.16 3.79 -10.36
C PHE A 135 12.63 4.52 -11.61
N GLN A 136 13.89 4.32 -11.97
CA GLN A 136 14.46 4.96 -13.15
C GLN A 136 13.82 4.43 -14.43
N GLU A 137 13.55 3.12 -14.44
CA GLU A 137 12.93 2.49 -15.61
C GLU A 137 11.52 3.01 -15.84
N ALA A 138 10.77 3.19 -14.75
CA ALA A 138 9.41 3.69 -14.83
C ALA A 138 9.39 5.12 -15.38
N LEU A 139 9.90 6.06 -14.59
CA LEU A 139 9.93 7.46 -14.98
C LEU A 139 10.12 7.59 -16.50
N ARG A 140 11.29 7.19 -16.98
CA ARG A 140 11.58 7.26 -18.41
C ARG A 140 10.34 6.97 -19.24
N ASN A 141 9.58 5.97 -18.82
CA ASN A 141 8.36 5.59 -19.53
C ASN A 141 7.51 6.81 -19.85
N ILE A 142 7.00 7.46 -18.81
CA ILE A 142 6.17 8.65 -18.97
C ILE A 142 7.02 9.87 -19.30
N SER A 143 8.08 10.06 -18.53
CA SER A 143 8.98 11.20 -18.74
C SER A 143 9.31 11.36 -20.23
N GLY A 144 9.65 10.25 -20.88
CA GLY A 144 9.98 10.30 -22.29
C GLY A 144 11.48 10.22 -22.54
N PRO A 145 11.87 10.18 -23.83
CA PRO A 145 13.27 10.10 -24.22
C PRO A 145 14.02 11.40 -23.94
N SER A 146 13.29 12.44 -23.54
CA SER A 146 13.88 13.73 -23.24
C SER A 146 15.20 13.56 -22.48
N SER A 147 16.30 13.79 -23.18
CA SER A 147 17.63 13.66 -22.57
C SER A 147 18.64 14.56 -23.28
N GLY A 148 19.23 15.49 -22.53
CA GLY A 148 20.21 16.39 -23.12
C GLY A 148 19.76 17.84 -23.05
N GLY A 1 -19.70 -8.50 -15.02
CA GLY A 1 -20.47 -9.53 -14.35
C GLY A 1 -21.93 -9.17 -14.20
N SER A 2 -22.38 -9.04 -12.96
CA SER A 2 -23.77 -8.69 -12.68
C SER A 2 -23.85 -7.54 -11.67
N SER A 3 -24.43 -6.43 -12.11
CA SER A 3 -24.58 -5.26 -11.25
C SER A 3 -25.90 -5.30 -10.48
N GLY A 4 -25.85 -5.87 -9.28
CA GLY A 4 -27.06 -5.97 -8.47
C GLY A 4 -26.76 -5.91 -6.99
N SER A 5 -27.77 -6.17 -6.17
CA SER A 5 -27.61 -6.14 -4.72
C SER A 5 -26.71 -7.27 -4.25
N SER A 6 -26.26 -7.19 -3.01
CA SER A 6 -25.39 -8.22 -2.43
C SER A 6 -25.48 -8.21 -0.91
N GLY A 7 -25.05 -9.31 -0.30
CA GLY A 7 -25.09 -9.42 1.14
C GLY A 7 -24.54 -8.18 1.83
N MET A 8 -25.43 -7.40 2.43
CA MET A 8 -25.03 -6.18 3.12
C MET A 8 -24.51 -6.50 4.52
N THR A 9 -25.32 -7.20 5.31
CA THR A 9 -24.94 -7.56 6.66
C THR A 9 -25.64 -8.84 7.10
N VAL A 10 -25.23 -9.37 8.26
CA VAL A 10 -25.82 -10.59 8.80
C VAL A 10 -26.95 -10.27 9.76
N SER A 11 -27.97 -11.13 9.78
CA SER A 11 -29.12 -10.94 10.65
C SER A 11 -29.18 -12.03 11.71
N GLY A 12 -29.97 -11.80 12.75
CA GLY A 12 -30.11 -12.78 13.82
C GLY A 12 -29.30 -12.42 15.05
N PRO A 13 -29.47 -13.20 16.13
CA PRO A 13 -28.76 -12.98 17.39
C PRO A 13 -27.28 -13.29 17.28
N GLY A 14 -26.94 -14.31 16.51
CA GLY A 14 -25.55 -14.69 16.33
C GLY A 14 -25.06 -15.62 17.43
N THR A 15 -25.59 -16.84 17.44
CA THR A 15 -25.20 -17.83 18.44
C THR A 15 -24.82 -19.15 17.80
N PRO A 16 -23.58 -19.23 17.29
CA PRO A 16 -23.06 -20.43 16.63
C PRO A 16 -22.83 -21.57 17.62
N GLU A 17 -22.34 -22.70 17.12
CA GLU A 17 -22.07 -23.85 17.95
C GLU A 17 -21.02 -23.52 19.02
N PRO A 18 -21.10 -24.22 20.16
CA PRO A 18 -20.17 -24.03 21.27
C PRO A 18 -18.76 -24.52 20.95
N ARG A 19 -17.87 -23.58 20.67
CA ARG A 19 -16.49 -23.91 20.34
C ARG A 19 -15.55 -23.51 21.47
N PRO A 20 -14.40 -24.19 21.57
CA PRO A 20 -13.39 -23.92 22.59
C PRO A 20 -12.69 -22.58 22.38
N ALA A 21 -11.76 -22.26 23.27
CA ALA A 21 -11.01 -21.02 23.17
C ALA A 21 -10.15 -20.98 21.91
N THR A 22 -9.75 -19.78 21.51
CA THR A 22 -8.93 -19.61 20.32
C THR A 22 -8.49 -18.16 20.16
N PRO A 23 -7.23 -17.97 19.71
CA PRO A 23 -6.65 -16.64 19.51
C PRO A 23 -7.29 -15.91 18.34
N GLY A 24 -8.11 -14.90 18.64
CA GLY A 24 -8.77 -14.14 17.59
C GLY A 24 -7.80 -13.36 16.75
N ALA A 25 -8.24 -12.94 15.57
CA ALA A 25 -7.39 -12.17 14.66
C ALA A 25 -7.83 -10.71 14.60
N SER A 26 -7.99 -10.10 15.77
CA SER A 26 -8.41 -8.70 15.86
C SER A 26 -7.20 -7.77 15.86
N SER A 27 -6.26 -8.04 16.76
CA SER A 27 -5.05 -7.23 16.86
C SER A 27 -4.49 -6.91 15.49
N VAL A 28 -4.39 -5.61 15.18
CA VAL A 28 -3.87 -5.18 13.89
C VAL A 28 -2.55 -5.87 13.57
N GLU A 29 -1.67 -5.96 14.56
CA GLU A 29 -0.37 -6.61 14.38
C GLU A 29 -0.54 -8.04 13.90
N GLN A 30 -1.69 -8.64 14.21
CA GLN A 30 -1.98 -10.00 13.80
C GLN A 30 -2.68 -10.04 12.46
N LEU A 31 -3.91 -9.53 12.43
CA LEU A 31 -4.69 -9.51 11.20
C LEU A 31 -3.85 -9.02 10.02
N ARG A 32 -2.83 -8.23 10.32
CA ARG A 32 -1.94 -7.69 9.30
C ARG A 32 -1.65 -8.75 8.22
N LYS A 33 -1.47 -9.98 8.66
CA LYS A 33 -1.19 -11.09 7.75
C LYS A 33 -2.40 -11.39 6.87
N GLU A 34 -3.59 -11.32 7.46
CA GLU A 34 -4.82 -11.58 6.72
C GLU A 34 -4.84 -10.83 5.39
N GLY A 35 -4.51 -9.55 5.43
CA GLY A 35 -4.48 -8.74 4.23
C GLY A 35 -3.42 -9.19 3.25
N ASN A 36 -2.16 -9.18 3.70
CA ASN A 36 -1.04 -9.60 2.86
C ASN A 36 -1.34 -10.93 2.18
N GLU A 37 -1.52 -11.97 2.97
CA GLU A 37 -1.82 -13.30 2.43
C GLU A 37 -2.78 -13.21 1.25
N LEU A 38 -3.75 -12.31 1.36
CA LEU A 38 -4.73 -12.13 0.30
C LEU A 38 -4.13 -11.41 -0.90
N PHE A 39 -3.26 -10.45 -0.63
CA PHE A 39 -2.59 -9.68 -1.67
C PHE A 39 -1.61 -10.57 -2.45
N LYS A 40 -0.72 -11.22 -1.73
CA LYS A 40 0.27 -12.10 -2.34
C LYS A 40 -0.39 -13.32 -2.96
N CYS A 41 -1.70 -13.43 -2.78
CA CYS A 41 -2.46 -14.56 -3.32
C CYS A 41 -3.34 -14.11 -4.48
N GLY A 42 -3.47 -12.79 -4.64
CA GLY A 42 -4.30 -12.26 -5.71
C GLY A 42 -5.60 -11.69 -5.20
N ASP A 43 -6.12 -12.27 -4.12
CA ASP A 43 -7.37 -11.83 -3.53
C ASP A 43 -7.29 -10.36 -3.12
N TYR A 44 -7.79 -9.48 -3.99
CA TYR A 44 -7.77 -8.05 -3.73
C TYR A 44 -8.98 -7.62 -2.91
N GLY A 45 -10.16 -8.06 -3.35
CA GLY A 45 -11.39 -7.72 -2.65
C GLY A 45 -11.28 -7.92 -1.15
N GLY A 46 -10.54 -8.95 -0.75
CA GLY A 46 -10.38 -9.23 0.66
C GLY A 46 -9.22 -8.45 1.28
N ALA A 47 -8.04 -8.60 0.69
CA ALA A 47 -6.85 -7.92 1.19
C ALA A 47 -7.20 -6.51 1.67
N LEU A 48 -7.89 -5.75 0.83
CA LEU A 48 -8.28 -4.38 1.18
C LEU A 48 -9.09 -4.36 2.47
N ALA A 49 -10.12 -5.20 2.54
CA ALA A 49 -10.97 -5.26 3.72
C ALA A 49 -10.14 -5.46 4.98
N ALA A 50 -9.26 -6.46 4.95
CA ALA A 50 -8.40 -6.75 6.10
C ALA A 50 -7.59 -5.53 6.50
N TYR A 51 -6.97 -4.88 5.51
CA TYR A 51 -6.16 -3.69 5.77
C TYR A 51 -6.97 -2.63 6.49
N THR A 52 -8.21 -2.43 6.04
CA THR A 52 -9.10 -1.44 6.65
C THR A 52 -9.21 -1.65 8.16
N GLN A 53 -9.37 -2.91 8.56
CA GLN A 53 -9.50 -3.25 9.98
C GLN A 53 -8.32 -2.69 10.77
N ALA A 54 -7.10 -2.99 10.31
CA ALA A 54 -5.90 -2.53 10.98
C ALA A 54 -5.97 -1.03 11.28
N LEU A 55 -6.05 -0.22 10.24
CA LEU A 55 -6.14 1.22 10.40
C LEU A 55 -7.23 1.60 11.39
N GLY A 56 -8.35 0.89 11.32
CA GLY A 56 -9.46 1.18 12.23
C GLY A 56 -9.04 1.13 13.69
N LEU A 57 -8.21 0.14 14.03
CA LEU A 57 -7.74 0.00 15.40
C LEU A 57 -6.63 0.99 15.71
N ASP A 58 -6.67 1.57 16.90
CA ASP A 58 -5.67 2.55 17.31
C ASP A 58 -4.29 1.90 17.37
N ALA A 59 -3.65 1.78 16.21
CA ALA A 59 -2.32 1.17 16.13
C ALA A 59 -1.24 2.24 16.19
N THR A 60 0.01 1.81 16.17
CA THR A 60 1.14 2.73 16.23
C THR A 60 1.25 3.55 14.93
N PRO A 61 1.90 4.72 15.04
CA PRO A 61 2.08 5.61 13.88
C PRO A 61 3.05 5.03 12.85
N GLN A 62 3.79 4.02 13.25
CA GLN A 62 4.76 3.38 12.35
C GLN A 62 4.09 2.29 11.52
N ASP A 63 3.10 1.63 12.12
CA ASP A 63 2.38 0.57 11.43
C ASP A 63 1.38 1.14 10.43
N GLN A 64 0.72 2.22 10.82
CA GLN A 64 -0.27 2.87 9.96
C GLN A 64 0.36 3.26 8.62
N ALA A 65 1.46 4.00 8.68
CA ALA A 65 2.15 4.44 7.47
C ALA A 65 2.29 3.29 6.48
N VAL A 66 2.74 2.14 6.96
CA VAL A 66 2.91 0.97 6.10
C VAL A 66 1.59 0.53 5.50
N LEU A 67 0.52 0.69 6.27
CA LEU A 67 -0.82 0.31 5.80
C LEU A 67 -1.34 1.30 4.76
N HIS A 68 -0.98 2.57 4.93
CA HIS A 68 -1.41 3.61 4.02
C HIS A 68 -0.90 3.34 2.61
N ARG A 69 0.33 2.82 2.51
CA ARG A 69 0.94 2.52 1.22
C ARG A 69 0.44 1.18 0.69
N ASN A 70 -0.01 0.32 1.60
CA ASN A 70 -0.51 -1.00 1.22
C ASN A 70 -1.92 -0.90 0.66
N ARG A 71 -2.80 -0.21 1.38
CA ARG A 71 -4.19 -0.04 0.97
C ARG A 71 -4.25 0.42 -0.48
N ALA A 72 -3.61 1.54 -0.78
CA ALA A 72 -3.60 2.09 -2.12
C ALA A 72 -3.47 0.99 -3.17
N ALA A 73 -2.51 0.10 -2.97
CA ALA A 73 -2.28 -1.01 -3.88
C ALA A 73 -3.60 -1.66 -4.29
N CYS A 74 -4.25 -2.29 -3.32
CA CYS A 74 -5.52 -2.96 -3.57
C CYS A 74 -6.39 -2.15 -4.52
N HIS A 75 -6.57 -0.88 -4.20
CA HIS A 75 -7.38 0.01 -5.03
C HIS A 75 -6.90 0.00 -6.48
N LEU A 76 -5.61 0.25 -6.66
CA LEU A 76 -5.02 0.26 -8.00
C LEU A 76 -5.43 -0.97 -8.80
N LYS A 77 -5.36 -2.13 -8.15
CA LYS A 77 -5.73 -3.39 -8.80
C LYS A 77 -7.23 -3.44 -9.07
N LEU A 78 -8.01 -2.88 -8.14
CA LEU A 78 -9.46 -2.87 -8.28
C LEU A 78 -9.92 -1.61 -9.00
N GLU A 79 -9.18 -1.21 -10.02
CA GLU A 79 -9.52 -0.01 -10.79
C GLU A 79 -10.04 1.10 -9.88
N ASP A 80 -9.31 1.37 -8.80
CA ASP A 80 -9.69 2.41 -7.86
C ASP A 80 -8.59 3.45 -7.71
N TYR A 81 -7.78 3.60 -8.75
CA TYR A 81 -6.69 4.57 -8.73
C TYR A 81 -7.12 5.87 -8.08
N ASP A 82 -8.29 6.38 -8.49
CA ASP A 82 -8.82 7.62 -7.95
C ASP A 82 -8.50 7.74 -6.46
N LYS A 83 -8.97 6.77 -5.68
CA LYS A 83 -8.74 6.77 -4.24
C LYS A 83 -7.27 6.52 -3.93
N ALA A 84 -6.68 5.54 -4.61
CA ALA A 84 -5.28 5.20 -4.40
C ALA A 84 -4.44 6.46 -4.18
N GLU A 85 -4.50 7.39 -5.13
CA GLU A 85 -3.74 8.63 -5.03
C GLU A 85 -3.80 9.18 -3.61
N THR A 86 -5.00 9.57 -3.18
CA THR A 86 -5.19 10.12 -1.84
C THR A 86 -4.45 9.29 -0.80
N GLU A 87 -4.79 8.01 -0.71
CA GLU A 87 -4.16 7.11 0.24
C GLU A 87 -2.64 7.23 0.18
N ALA A 88 -2.08 6.91 -0.98
CA ALA A 88 -0.64 6.98 -1.17
C ALA A 88 -0.02 8.13 -0.37
N SER A 89 -0.50 9.34 -0.63
CA SER A 89 0.01 10.52 0.06
C SER A 89 0.01 10.30 1.57
N LYS A 90 -1.11 9.81 2.09
CA LYS A 90 -1.24 9.55 3.53
C LYS A 90 -0.06 8.72 4.04
N ALA A 91 0.32 7.70 3.27
CA ALA A 91 1.43 6.84 3.66
C ALA A 91 2.75 7.59 3.57
N ILE A 92 2.75 8.72 2.86
CA ILE A 92 3.95 9.52 2.71
C ILE A 92 4.07 10.55 3.84
N GLU A 93 3.15 11.50 3.87
CA GLU A 93 3.15 12.54 4.89
C GLU A 93 3.49 11.95 6.26
N LYS A 94 2.82 10.85 6.61
CA LYS A 94 3.05 10.18 7.89
C LYS A 94 4.53 10.25 8.27
N ASP A 95 5.39 9.83 7.36
CA ASP A 95 6.83 9.84 7.60
C ASP A 95 7.52 10.91 6.77
N GLY A 96 7.46 10.76 5.45
CA GLY A 96 8.08 11.73 4.57
C GLY A 96 9.07 11.10 3.61
N GLY A 97 9.99 10.30 4.16
CA GLY A 97 10.97 9.64 3.33
C GLY A 97 10.57 8.23 2.93
N ASP A 98 9.32 8.09 2.47
CA ASP A 98 8.81 6.79 2.05
C ASP A 98 8.56 6.76 0.55
N VAL A 99 9.57 6.35 -0.21
CA VAL A 99 9.45 6.28 -1.66
C VAL A 99 8.46 5.20 -2.08
N LYS A 100 8.49 4.07 -1.37
CA LYS A 100 7.60 2.95 -1.67
C LYS A 100 6.19 3.46 -2.00
N ALA A 101 5.73 4.43 -1.22
CA ALA A 101 4.39 5.00 -1.43
C ALA A 101 4.38 5.94 -2.63
N LEU A 102 5.49 6.65 -2.83
CA LEU A 102 5.59 7.58 -3.95
C LEU A 102 5.35 6.87 -5.28
N TYR A 103 6.09 5.79 -5.52
CA TYR A 103 5.95 5.03 -6.75
C TYR A 103 4.52 4.54 -6.92
N ARG A 104 3.92 4.05 -5.85
CA ARG A 104 2.56 3.55 -5.88
C ARG A 104 1.58 4.66 -6.27
N ARG A 105 1.93 5.90 -5.92
CA ARG A 105 1.09 7.05 -6.25
C ARG A 105 1.12 7.36 -7.74
N SER A 106 2.33 7.43 -8.29
CA SER A 106 2.51 7.72 -9.71
C SER A 106 1.64 6.79 -10.57
N GLN A 107 1.41 5.57 -10.06
CA GLN A 107 0.61 4.60 -10.79
C GLN A 107 -0.85 5.06 -10.89
N ALA A 108 -1.29 5.80 -9.89
CA ALA A 108 -2.67 6.31 -9.86
C ALA A 108 -2.78 7.60 -10.68
N LEU A 109 -1.79 8.47 -10.55
CA LEU A 109 -1.80 9.73 -11.27
C LEU A 109 -1.88 9.50 -12.77
N GLU A 110 -1.16 8.51 -13.26
CA GLU A 110 -1.15 8.17 -14.68
C GLU A 110 -2.57 7.86 -15.16
N LYS A 111 -3.30 7.09 -14.37
CA LYS A 111 -4.67 6.71 -14.71
C LYS A 111 -5.63 7.88 -14.49
N LEU A 112 -5.18 8.87 -13.72
CA LEU A 112 -6.00 10.03 -13.44
C LEU A 112 -5.74 11.14 -14.46
N GLY A 113 -4.95 10.83 -15.47
CA GLY A 113 -4.63 11.81 -16.49
C GLY A 113 -3.70 12.89 -16.00
N ARG A 114 -3.02 12.62 -14.89
CA ARG A 114 -2.09 13.58 -14.30
C ARG A 114 -0.65 13.15 -14.52
N LEU A 115 -0.29 12.88 -15.77
CA LEU A 115 1.05 12.46 -16.12
C LEU A 115 2.10 13.46 -15.61
N ASP A 116 1.97 14.70 -16.06
CA ASP A 116 2.90 15.75 -15.64
C ASP A 116 3.33 15.55 -14.19
N GLN A 117 2.38 15.24 -13.33
CA GLN A 117 2.66 15.02 -11.92
C GLN A 117 3.37 13.69 -11.71
N ALA A 118 2.85 12.63 -12.31
CA ALA A 118 3.44 11.31 -12.18
C ALA A 118 4.96 11.38 -12.24
N VAL A 119 5.47 12.21 -13.15
CA VAL A 119 6.91 12.37 -13.30
C VAL A 119 7.53 13.03 -12.08
N LEU A 120 6.87 14.08 -11.58
CA LEU A 120 7.36 14.79 -10.40
C LEU A 120 7.40 13.88 -9.18
N ASP A 121 6.37 13.05 -9.04
CA ASP A 121 6.30 12.13 -7.91
C ASP A 121 7.37 11.05 -8.03
N LEU A 122 7.75 10.73 -9.26
CA LEU A 122 8.76 9.71 -9.50
C LEU A 122 10.17 10.29 -9.33
N GLN A 123 10.34 11.54 -9.75
CA GLN A 123 11.63 12.21 -9.64
C GLN A 123 12.15 12.18 -8.20
N ARG A 124 11.27 11.84 -7.27
CA ARG A 124 11.62 11.78 -5.87
C ARG A 124 12.12 10.38 -5.49
N CYS A 125 11.30 9.38 -5.75
CA CYS A 125 11.64 8.00 -5.43
C CYS A 125 13.02 7.65 -6.00
N VAL A 126 13.39 8.33 -7.09
CA VAL A 126 14.68 8.08 -7.71
C VAL A 126 15.82 8.69 -6.91
N SER A 127 15.51 9.76 -6.18
CA SER A 127 16.52 10.43 -5.36
C SER A 127 16.75 9.68 -4.05
N LEU A 128 15.67 9.42 -3.32
CA LEU A 128 15.75 8.72 -2.05
C LEU A 128 16.38 7.34 -2.24
N GLU A 129 16.20 6.76 -3.43
CA GLU A 129 16.75 5.45 -3.73
C GLU A 129 17.54 5.48 -5.03
N PRO A 130 18.82 5.86 -4.94
CA PRO A 130 19.71 5.94 -6.11
C PRO A 130 20.06 4.57 -6.67
N LYS A 131 19.51 3.53 -6.05
CA LYS A 131 19.76 2.16 -6.50
C LYS A 131 18.52 1.57 -7.15
N ASN A 132 17.36 1.86 -6.58
CA ASN A 132 16.09 1.36 -7.11
C ASN A 132 15.94 1.72 -8.59
N LYS A 133 16.46 0.86 -9.46
CA LYS A 133 16.37 1.10 -10.89
C LYS A 133 14.93 1.04 -11.38
N VAL A 134 14.16 0.13 -10.79
CA VAL A 134 12.76 -0.03 -11.16
C VAL A 134 12.09 1.32 -11.37
N PHE A 135 12.49 2.32 -10.59
CA PHE A 135 11.93 3.66 -10.69
C PHE A 135 12.35 4.31 -12.00
N GLN A 136 13.65 4.43 -12.22
CA GLN A 136 14.18 5.03 -13.43
C GLN A 136 13.37 4.60 -14.66
N GLU A 137 13.02 3.33 -14.70
CA GLU A 137 12.25 2.77 -15.81
C GLU A 137 10.85 3.39 -15.85
N ALA A 138 10.22 3.49 -14.68
CA ALA A 138 8.88 4.06 -14.59
C ALA A 138 8.82 5.43 -15.22
N LEU A 139 9.65 6.35 -14.73
CA LEU A 139 9.70 7.71 -15.24
C LEU A 139 10.14 7.73 -16.71
N ARG A 140 11.00 6.79 -17.07
CA ARG A 140 11.50 6.69 -18.43
C ARG A 140 10.43 6.12 -19.36
N ASN A 141 9.35 5.62 -18.77
CA ASN A 141 8.25 5.05 -19.54
C ASN A 141 7.12 6.05 -19.73
N ILE A 142 7.04 7.00 -18.80
CA ILE A 142 6.01 8.02 -18.86
C ILE A 142 6.55 9.33 -19.44
N SER A 143 7.87 9.50 -19.37
CA SER A 143 8.52 10.70 -19.88
C SER A 143 8.96 10.50 -21.32
N GLY A 144 9.26 9.26 -21.68
CA GLY A 144 9.69 8.96 -23.04
C GLY A 144 8.63 9.30 -24.08
N PRO A 145 9.09 9.72 -25.26
CA PRO A 145 8.19 10.09 -26.37
C PRO A 145 7.47 8.89 -26.95
N SER A 146 6.14 8.90 -26.87
CA SER A 146 5.34 7.81 -27.40
C SER A 146 5.42 7.75 -28.92
N SER A 147 5.22 8.90 -29.56
CA SER A 147 5.26 8.99 -31.02
C SER A 147 6.70 9.08 -31.51
N GLY A 148 6.95 8.47 -32.67
CA GLY A 148 8.29 8.48 -33.23
C GLY A 148 9.05 7.20 -32.96
N GLY A 1 -7.85 -57.27 -34.33
CA GLY A 1 -7.88 -56.04 -33.56
C GLY A 1 -8.23 -56.26 -32.10
N SER A 2 -7.22 -56.20 -31.23
CA SER A 2 -7.43 -56.41 -29.81
C SER A 2 -8.32 -55.31 -29.22
N SER A 3 -7.81 -54.08 -29.26
CA SER A 3 -8.54 -52.94 -28.73
C SER A 3 -8.90 -53.15 -27.27
N GLY A 4 -7.94 -53.64 -26.50
CA GLY A 4 -8.17 -53.89 -25.08
C GLY A 4 -8.08 -52.62 -24.25
N SER A 5 -8.27 -52.76 -22.95
CA SER A 5 -8.21 -51.63 -22.04
C SER A 5 -7.23 -51.88 -20.90
N SER A 6 -7.10 -50.90 -20.00
CA SER A 6 -6.19 -51.02 -18.88
C SER A 6 -6.87 -50.58 -17.58
N GLY A 7 -7.19 -49.29 -17.50
CA GLY A 7 -7.84 -48.77 -16.32
C GLY A 7 -6.97 -47.76 -15.57
N MET A 8 -7.57 -46.65 -15.18
CA MET A 8 -6.84 -45.60 -14.46
C MET A 8 -7.46 -45.37 -13.09
N THR A 9 -6.89 -44.42 -12.33
CA THR A 9 -7.38 -44.10 -11.01
C THR A 9 -7.90 -42.66 -10.95
N VAL A 10 -9.11 -42.50 -10.44
CA VAL A 10 -9.72 -41.18 -10.34
C VAL A 10 -9.70 -40.68 -8.88
N SER A 11 -9.87 -41.60 -7.95
CA SER A 11 -9.87 -41.27 -6.53
C SER A 11 -8.83 -40.19 -6.23
N GLY A 12 -9.17 -39.28 -5.32
CA GLY A 12 -8.26 -38.22 -4.96
C GLY A 12 -8.39 -37.80 -3.51
N PRO A 13 -7.59 -36.81 -3.08
CA PRO A 13 -7.62 -36.30 -1.71
C PRO A 13 -8.90 -35.53 -1.40
N GLY A 14 -8.94 -34.91 -0.23
CA GLY A 14 -10.10 -34.14 0.17
C GLY A 14 -9.83 -32.66 0.24
N THR A 15 -10.18 -32.04 1.37
CA THR A 15 -9.97 -30.62 1.56
C THR A 15 -9.76 -30.28 3.03
N PRO A 16 -8.81 -29.37 3.30
CA PRO A 16 -8.49 -28.94 4.67
C PRO A 16 -9.60 -28.11 5.29
N GLU A 17 -9.46 -27.81 6.57
CA GLU A 17 -10.46 -27.01 7.29
C GLU A 17 -9.85 -26.38 8.53
N PRO A 18 -10.49 -25.29 9.01
CA PRO A 18 -10.03 -24.57 10.20
C PRO A 18 -10.23 -25.37 11.48
N ARG A 19 -9.89 -24.76 12.61
CA ARG A 19 -10.02 -25.42 13.90
C ARG A 19 -10.52 -24.45 14.96
N PRO A 20 -11.29 -24.96 15.93
CA PRO A 20 -11.85 -24.15 17.02
C PRO A 20 -10.78 -23.67 17.99
N ALA A 21 -11.20 -22.87 18.97
CA ALA A 21 -10.27 -22.35 19.97
C ALA A 21 -9.12 -21.59 19.31
N THR A 22 -9.47 -20.65 18.45
CA THR A 22 -8.46 -19.85 17.75
C THR A 22 -8.78 -18.37 17.85
N PRO A 23 -7.72 -17.55 18.02
CA PRO A 23 -7.86 -16.09 18.14
C PRO A 23 -8.27 -15.44 16.83
N GLY A 24 -7.57 -15.77 15.75
CA GLY A 24 -7.89 -15.21 14.45
C GLY A 24 -6.94 -14.10 14.05
N ALA A 25 -7.46 -13.12 13.30
CA ALA A 25 -6.64 -12.00 12.85
C ALA A 25 -7.26 -10.67 13.28
N SER A 26 -6.73 -10.12 14.37
CA SER A 26 -7.24 -8.85 14.89
C SER A 26 -6.10 -7.86 15.11
N SER A 27 -4.96 -8.37 15.56
CA SER A 27 -3.79 -7.54 15.82
C SER A 27 -3.30 -6.88 14.53
N VAL A 28 -3.15 -5.56 14.56
CA VAL A 28 -2.68 -4.81 13.41
C VAL A 28 -1.32 -5.32 12.93
N GLU A 29 -0.48 -5.72 13.89
CA GLU A 29 0.85 -6.22 13.56
C GLU A 29 0.77 -7.64 12.99
N GLN A 30 -0.11 -8.44 13.55
CA GLN A 30 -0.28 -9.82 13.10
C GLN A 30 -1.28 -9.89 11.94
N LEU A 31 -2.54 -9.57 12.23
CA LEU A 31 -3.58 -9.60 11.22
C LEU A 31 -3.04 -9.18 9.85
N ARG A 32 -2.06 -8.28 9.87
CA ARG A 32 -1.45 -7.79 8.64
C ARG A 32 -1.38 -8.91 7.59
N LYS A 33 -0.74 -10.02 7.96
CA LYS A 33 -0.60 -11.15 7.06
C LYS A 33 -1.92 -11.48 6.38
N GLU A 34 -3.01 -11.44 7.16
CA GLU A 34 -4.33 -11.73 6.63
C GLU A 34 -4.56 -11.03 5.29
N GLY A 35 -4.22 -9.74 5.24
CA GLY A 35 -4.39 -8.97 4.03
C GLY A 35 -3.37 -9.33 2.96
N ASN A 36 -2.09 -9.35 3.35
CA ASN A 36 -1.03 -9.68 2.42
C ASN A 36 -1.34 -10.96 1.65
N GLU A 37 -1.60 -12.04 2.38
CA GLU A 37 -1.91 -13.32 1.76
C GLU A 37 -2.95 -13.15 0.66
N LEU A 38 -3.99 -12.36 0.95
CA LEU A 38 -5.04 -12.11 -0.02
C LEU A 38 -4.50 -11.38 -1.25
N PHE A 39 -3.47 -10.59 -1.05
CA PHE A 39 -2.86 -9.84 -2.14
C PHE A 39 -2.01 -10.75 -3.03
N LYS A 40 -1.08 -11.46 -2.41
CA LYS A 40 -0.21 -12.38 -3.14
C LYS A 40 -1.02 -13.44 -3.88
N CYS A 41 -2.31 -13.51 -3.55
CA CYS A 41 -3.20 -14.48 -4.19
C CYS A 41 -4.08 -13.82 -5.24
N GLY A 42 -4.28 -12.51 -5.09
CA GLY A 42 -5.11 -11.77 -6.03
C GLY A 42 -6.33 -11.17 -5.38
N ASP A 43 -6.82 -11.81 -4.33
CA ASP A 43 -8.00 -11.34 -3.62
C ASP A 43 -7.80 -9.89 -3.15
N TYR A 44 -8.30 -8.95 -3.95
CA TYR A 44 -8.17 -7.53 -3.62
C TYR A 44 -9.25 -7.11 -2.63
N GLY A 45 -10.50 -7.41 -2.94
CA GLY A 45 -11.60 -7.06 -2.07
C GLY A 45 -11.33 -7.42 -0.62
N GLY A 46 -10.63 -8.54 -0.40
CA GLY A 46 -10.33 -8.98 0.94
C GLY A 46 -9.10 -8.29 1.50
N ALA A 47 -7.98 -8.42 0.79
CA ALA A 47 -6.73 -7.80 1.22
C ALA A 47 -6.98 -6.43 1.86
N LEU A 48 -7.81 -5.63 1.21
CA LEU A 48 -8.14 -4.31 1.70
C LEU A 48 -8.79 -4.38 3.09
N ALA A 49 -9.78 -5.25 3.22
CA ALA A 49 -10.48 -5.42 4.48
C ALA A 49 -9.50 -5.56 5.64
N ALA A 50 -8.59 -6.53 5.52
CA ALA A 50 -7.59 -6.77 6.55
C ALA A 50 -6.85 -5.48 6.92
N TYR A 51 -6.36 -4.79 5.89
CA TYR A 51 -5.62 -3.54 6.11
C TYR A 51 -6.46 -2.56 6.93
N THR A 52 -7.74 -2.48 6.63
CA THR A 52 -8.65 -1.59 7.34
C THR A 52 -8.57 -1.80 8.85
N GLN A 53 -8.77 -3.04 9.28
CA GLN A 53 -8.72 -3.39 10.69
C GLN A 53 -7.45 -2.84 11.34
N ALA A 54 -6.31 -3.34 10.88
CA ALA A 54 -5.02 -2.89 11.41
C ALA A 54 -5.04 -1.40 11.74
N LEU A 55 -5.47 -0.60 10.76
CA LEU A 55 -5.52 0.84 10.94
C LEU A 55 -6.48 1.21 12.08
N GLY A 56 -7.63 0.54 12.11
CA GLY A 56 -8.62 0.80 13.14
C GLY A 56 -8.00 0.85 14.52
N LEU A 57 -7.13 -0.10 14.82
CA LEU A 57 -6.46 -0.17 16.12
C LEU A 57 -5.44 0.95 16.27
N ASP A 58 -5.14 1.31 17.51
CA ASP A 58 -4.18 2.37 17.79
C ASP A 58 -2.75 1.85 17.66
N ALA A 59 -2.24 1.81 16.43
CA ALA A 59 -0.89 1.34 16.17
C ALA A 59 0.08 2.49 15.98
N THR A 60 1.36 2.23 16.13
CA THR A 60 2.39 3.25 15.98
C THR A 60 2.12 4.11 14.75
N PRO A 61 2.63 5.35 14.77
CA PRO A 61 2.46 6.29 13.65
C PRO A 61 3.25 5.88 12.42
N GLN A 62 4.21 4.99 12.60
CA GLN A 62 5.04 4.51 11.50
C GLN A 62 4.38 3.32 10.82
N ASP A 63 3.68 2.49 11.60
CA ASP A 63 3.00 1.32 11.07
C ASP A 63 1.88 1.72 10.12
N GLN A 64 1.07 2.69 10.55
CA GLN A 64 -0.05 3.16 9.75
C GLN A 64 0.37 3.38 8.30
N ALA A 65 1.30 4.32 8.10
CA ALA A 65 1.79 4.63 6.76
C ALA A 65 1.90 3.38 5.91
N VAL A 66 2.49 2.33 6.48
CA VAL A 66 2.66 1.07 5.78
C VAL A 66 1.32 0.52 5.29
N LEU A 67 0.30 0.64 6.14
CA LEU A 67 -1.04 0.16 5.80
C LEU A 67 -1.68 1.05 4.74
N HIS A 68 -1.49 2.36 4.88
CA HIS A 68 -2.05 3.32 3.94
C HIS A 68 -1.60 3.02 2.52
N ARG A 69 -0.28 3.02 2.32
CA ARG A 69 0.30 2.75 1.00
C ARG A 69 -0.28 1.45 0.42
N ASN A 70 -0.53 0.49 1.28
CA ASN A 70 -1.08 -0.79 0.84
C ASN A 70 -2.48 -0.61 0.24
N ARG A 71 -3.39 -0.05 1.03
CA ARG A 71 -4.75 0.17 0.57
C ARG A 71 -4.78 0.59 -0.91
N ALA A 72 -4.00 1.61 -1.23
CA ALA A 72 -3.93 2.10 -2.61
C ALA A 72 -3.86 0.94 -3.59
N ALA A 73 -2.90 0.05 -3.39
CA ALA A 73 -2.72 -1.11 -4.26
C ALA A 73 -4.05 -1.78 -4.55
N CYS A 74 -4.84 -2.02 -3.51
CA CYS A 74 -6.13 -2.66 -3.65
C CYS A 74 -7.01 -1.91 -4.65
N HIS A 75 -7.16 -0.61 -4.43
CA HIS A 75 -7.97 0.23 -5.31
C HIS A 75 -7.43 0.20 -6.73
N LEU A 76 -6.14 0.50 -6.88
CA LEU A 76 -5.50 0.51 -8.19
C LEU A 76 -5.92 -0.70 -9.01
N LYS A 77 -5.87 -1.88 -8.38
CA LYS A 77 -6.26 -3.11 -9.05
C LYS A 77 -7.76 -3.15 -9.32
N LEU A 78 -8.53 -2.56 -8.42
CA LEU A 78 -9.98 -2.51 -8.56
C LEU A 78 -10.42 -1.32 -9.40
N GLU A 79 -9.70 -1.07 -10.49
CA GLU A 79 -10.01 0.04 -11.37
C GLU A 79 -10.48 1.26 -10.58
N ASP A 80 -9.89 1.46 -9.41
CA ASP A 80 -10.25 2.59 -8.55
C ASP A 80 -9.04 3.48 -8.29
N TYR A 81 -8.29 3.78 -9.35
CA TYR A 81 -7.11 4.62 -9.23
C TYR A 81 -7.44 5.94 -8.54
N ASP A 82 -8.56 6.53 -8.92
CA ASP A 82 -9.00 7.80 -8.33
C ASP A 82 -8.68 7.85 -6.85
N LYS A 83 -9.34 6.99 -6.07
CA LYS A 83 -9.13 6.94 -4.63
C LYS A 83 -7.69 6.57 -4.31
N ALA A 84 -7.20 5.49 -4.92
CA ALA A 84 -5.83 5.03 -4.70
C ALA A 84 -4.89 6.21 -4.48
N GLU A 85 -4.91 7.16 -5.42
CA GLU A 85 -4.06 8.34 -5.32
C GLU A 85 -4.06 8.91 -3.91
N THR A 86 -5.24 9.32 -3.45
CA THR A 86 -5.39 9.88 -2.12
C THR A 86 -4.77 8.97 -1.06
N GLU A 87 -5.12 7.68 -1.12
CA GLU A 87 -4.60 6.71 -0.17
C GLU A 87 -3.07 6.80 -0.07
N ALA A 88 -2.42 6.77 -1.23
CA ALA A 88 -0.96 6.85 -1.28
C ALA A 88 -0.46 8.08 -0.53
N SER A 89 -1.02 9.23 -0.86
CA SER A 89 -0.62 10.49 -0.23
C SER A 89 -0.63 10.35 1.29
N LYS A 90 -1.69 9.76 1.82
CA LYS A 90 -1.82 9.57 3.26
C LYS A 90 -0.56 8.92 3.84
N ALA A 91 -0.06 7.91 3.14
CA ALA A 91 1.15 7.21 3.58
C ALA A 91 2.37 8.11 3.51
N ILE A 92 2.37 9.02 2.54
CA ILE A 92 3.49 9.95 2.37
C ILE A 92 3.52 10.99 3.48
N GLU A 93 2.38 11.64 3.71
CA GLU A 93 2.28 12.66 4.76
C GLU A 93 2.63 12.07 6.12
N LYS A 94 2.24 10.82 6.34
CA LYS A 94 2.51 10.14 7.61
C LYS A 94 3.94 10.39 8.07
N ASP A 95 4.90 9.96 7.24
CA ASP A 95 6.31 10.14 7.56
C ASP A 95 6.94 11.19 6.65
N GLY A 96 6.92 10.93 5.36
CA GLY A 96 7.50 11.86 4.40
C GLY A 96 8.56 11.23 3.54
N GLY A 97 9.43 10.43 4.15
CA GLY A 97 10.48 9.77 3.41
C GLY A 97 10.17 8.32 3.11
N ASP A 98 9.08 8.08 2.40
CA ASP A 98 8.66 6.73 2.05
C ASP A 98 8.31 6.63 0.56
N VAL A 99 9.30 6.27 -0.25
CA VAL A 99 9.10 6.13 -1.68
C VAL A 99 8.04 5.08 -1.99
N LYS A 100 8.06 3.99 -1.24
CA LYS A 100 7.10 2.90 -1.44
C LYS A 100 5.72 3.46 -1.81
N ALA A 101 5.34 4.54 -1.15
CA ALA A 101 4.04 5.17 -1.41
C ALA A 101 4.10 6.03 -2.68
N LEU A 102 5.15 6.83 -2.80
CA LEU A 102 5.31 7.69 -3.96
C LEU A 102 5.17 6.90 -5.26
N TYR A 103 5.82 5.74 -5.32
CA TYR A 103 5.76 4.88 -6.49
C TYR A 103 4.32 4.50 -6.82
N ARG A 104 3.51 4.34 -5.79
CA ARG A 104 2.11 3.99 -5.96
C ARG A 104 1.30 5.18 -6.46
N ARG A 105 1.45 6.32 -5.79
CA ARG A 105 0.73 7.53 -6.16
C ARG A 105 0.82 7.77 -7.66
N SER A 106 2.04 7.87 -8.17
CA SER A 106 2.26 8.11 -9.59
C SER A 106 1.35 7.21 -10.44
N GLN A 107 1.34 5.91 -10.12
CA GLN A 107 0.53 4.96 -10.85
C GLN A 107 -0.88 5.51 -11.08
N ALA A 108 -1.50 6.01 -10.01
CA ALA A 108 -2.85 6.57 -10.10
C ALA A 108 -2.87 7.82 -10.98
N LEU A 109 -2.00 8.77 -10.64
CA LEU A 109 -1.92 10.02 -11.41
C LEU A 109 -1.96 9.75 -12.90
N GLU A 110 -1.05 8.91 -13.38
CA GLU A 110 -0.99 8.56 -14.80
C GLU A 110 -2.36 8.13 -15.31
N LYS A 111 -3.04 7.29 -14.54
CA LYS A 111 -4.36 6.81 -14.91
C LYS A 111 -5.36 7.96 -14.99
N LEU A 112 -5.36 8.81 -13.97
CA LEU A 112 -6.27 9.95 -13.92
C LEU A 112 -6.00 10.91 -15.08
N GLY A 113 -4.75 10.93 -15.54
CA GLY A 113 -4.40 11.81 -16.65
C GLY A 113 -3.22 12.71 -16.30
N ARG A 114 -2.99 12.92 -15.01
CA ARG A 114 -1.89 13.76 -14.56
C ARG A 114 -0.55 13.07 -14.77
N LEU A 115 0.04 13.27 -15.94
CA LEU A 115 1.32 12.66 -16.27
C LEU A 115 2.47 13.43 -15.63
N ASP A 116 2.66 14.67 -16.05
CA ASP A 116 3.72 15.52 -15.52
C ASP A 116 3.84 15.34 -14.01
N GLN A 117 2.71 15.13 -13.34
CA GLN A 117 2.69 14.95 -11.90
C GLN A 117 3.42 13.66 -11.51
N ALA A 118 3.06 12.57 -12.17
CA ALA A 118 3.67 11.28 -11.89
C ALA A 118 5.19 11.36 -11.98
N VAL A 119 5.68 12.13 -12.94
CA VAL A 119 7.12 12.29 -13.14
C VAL A 119 7.76 12.99 -11.95
N LEU A 120 7.21 14.15 -11.59
CA LEU A 120 7.73 14.92 -10.47
C LEU A 120 7.73 14.09 -9.19
N ASP A 121 6.67 13.32 -8.99
CA ASP A 121 6.55 12.48 -7.81
C ASP A 121 7.53 11.31 -7.87
N LEU A 122 7.55 10.62 -9.02
CA LEU A 122 8.43 9.49 -9.21
C LEU A 122 9.89 9.89 -9.01
N GLN A 123 10.30 10.97 -9.67
CA GLN A 123 11.67 11.45 -9.56
C GLN A 123 12.18 11.34 -8.13
N ARG A 124 11.30 11.64 -7.17
CA ARG A 124 11.67 11.58 -5.76
C ARG A 124 12.06 10.15 -5.37
N CYS A 125 11.24 9.19 -5.75
CA CYS A 125 11.50 7.79 -5.44
C CYS A 125 12.98 7.46 -5.64
N VAL A 126 13.57 7.99 -6.72
CA VAL A 126 14.97 7.75 -7.01
C VAL A 126 15.88 8.43 -6.00
N SER A 127 15.47 9.61 -5.55
CA SER A 127 16.24 10.36 -4.57
C SER A 127 16.44 9.55 -3.29
N LEU A 128 15.34 9.15 -2.67
CA LEU A 128 15.39 8.37 -1.44
C LEU A 128 16.11 7.04 -1.67
N GLU A 129 15.93 6.47 -2.86
CA GLU A 129 16.56 5.20 -3.21
C GLU A 129 17.38 5.34 -4.49
N PRO A 130 18.66 5.70 -4.33
CA PRO A 130 19.59 5.87 -5.46
C PRO A 130 19.94 4.55 -6.13
N LYS A 131 19.34 3.46 -5.65
CA LYS A 131 19.59 2.13 -6.19
C LYS A 131 18.33 1.57 -6.83
N ASN A 132 17.20 1.72 -6.16
CA ASN A 132 15.93 1.22 -6.67
C ASN A 132 15.85 1.37 -8.18
N LYS A 133 15.79 0.26 -8.89
CA LYS A 133 15.71 0.27 -10.35
C LYS A 133 14.26 0.36 -10.81
N VAL A 134 13.35 -0.15 -9.99
CA VAL A 134 11.93 -0.12 -10.31
C VAL A 134 11.45 1.30 -10.60
N PHE A 135 12.05 2.27 -9.92
CA PHE A 135 11.70 3.67 -10.10
C PHE A 135 12.26 4.21 -11.41
N GLN A 136 13.51 3.88 -11.68
CA GLN A 136 14.18 4.34 -12.91
C GLN A 136 13.46 3.81 -14.14
N GLU A 137 13.09 2.54 -14.11
CA GLU A 137 12.39 1.91 -15.23
C GLU A 137 11.01 2.52 -15.41
N ALA A 138 10.34 2.81 -14.29
CA ALA A 138 9.01 3.39 -14.33
C ALA A 138 9.04 4.80 -14.90
N LEU A 139 10.04 5.59 -14.50
CA LEU A 139 10.18 6.95 -14.97
C LEU A 139 10.53 6.99 -16.44
N ARG A 140 11.69 6.45 -16.79
CA ARG A 140 12.14 6.41 -18.18
C ARG A 140 10.98 6.11 -19.12
N ASN A 141 9.97 5.42 -18.59
CA ASN A 141 8.80 5.05 -19.38
C ASN A 141 7.99 6.30 -19.75
N ILE A 142 7.48 6.98 -18.73
CA ILE A 142 6.68 8.19 -18.96
C ILE A 142 7.57 9.37 -19.33
N SER A 143 8.66 9.55 -18.57
CA SER A 143 9.59 10.64 -18.82
C SER A 143 9.98 10.70 -20.30
N GLY A 144 10.25 9.53 -20.88
CA GLY A 144 10.63 9.48 -22.28
C GLY A 144 11.99 8.83 -22.47
N PRO A 145 12.39 8.68 -23.74
CA PRO A 145 13.69 8.07 -24.09
C PRO A 145 14.86 8.97 -23.73
N SER A 146 16.04 8.36 -23.57
CA SER A 146 17.24 9.10 -23.21
C SER A 146 18.43 8.66 -24.07
N SER A 147 19.12 9.63 -24.67
CA SER A 147 20.27 9.34 -25.51
C SER A 147 19.95 8.22 -26.49
N GLY A 148 18.74 8.26 -27.07
CA GLY A 148 18.34 7.25 -28.02
C GLY A 148 18.04 5.92 -27.36
N GLY A 1 36.70 34.13 -7.20
CA GLY A 1 36.88 32.80 -6.65
C GLY A 1 35.63 31.94 -6.78
N SER A 2 35.52 30.93 -5.93
CA SER A 2 34.37 30.03 -5.96
C SER A 2 33.41 30.35 -4.82
N SER A 3 33.94 30.44 -3.60
CA SER A 3 33.13 30.73 -2.43
C SER A 3 32.22 29.56 -2.09
N GLY A 4 32.78 28.35 -2.13
CA GLY A 4 32.01 27.16 -1.83
C GLY A 4 31.23 27.29 -0.53
N SER A 5 30.40 26.29 -0.24
CA SER A 5 29.59 26.30 0.97
C SER A 5 29.87 25.06 1.83
N SER A 6 29.49 23.90 1.31
CA SER A 6 29.70 22.64 2.03
C SER A 6 29.41 21.45 1.13
N GLY A 7 29.50 20.25 1.69
CA GLY A 7 29.25 19.05 0.93
C GLY A 7 27.93 18.39 1.31
N MET A 8 27.82 17.10 1.05
CA MET A 8 26.61 16.34 1.36
C MET A 8 26.94 14.88 1.64
N THR A 9 26.48 14.38 2.79
CA THR A 9 26.71 12.99 3.15
C THR A 9 25.42 12.19 3.16
N VAL A 10 25.43 11.05 2.47
CA VAL A 10 24.26 10.19 2.40
C VAL A 10 24.51 8.85 3.07
N SER A 11 23.63 8.48 4.00
CA SER A 11 23.76 7.23 4.72
C SER A 11 22.43 6.48 4.76
N GLY A 12 22.47 5.24 5.23
CA GLY A 12 21.26 4.43 5.31
C GLY A 12 21.46 3.15 6.08
N PRO A 13 21.43 3.24 7.41
CA PRO A 13 21.61 2.08 8.29
C PRO A 13 20.44 1.11 8.23
N GLY A 14 20.40 0.18 9.19
CA GLY A 14 19.32 -0.79 9.22
C GLY A 14 19.40 -1.70 10.43
N THR A 15 18.36 -2.51 10.62
CA THR A 15 18.33 -3.44 11.75
C THR A 15 17.19 -4.45 11.59
N PRO A 16 17.44 -5.69 12.04
CA PRO A 16 16.45 -6.77 11.96
C PRO A 16 15.27 -6.55 12.90
N GLU A 17 14.38 -7.53 12.97
CA GLU A 17 13.21 -7.45 13.82
C GLU A 17 13.00 -8.75 14.60
N PRO A 18 12.49 -8.64 15.83
CA PRO A 18 12.24 -9.79 16.69
C PRO A 18 11.08 -10.63 16.20
N ARG A 19 10.95 -11.84 16.76
CA ARG A 19 9.88 -12.75 16.37
C ARG A 19 8.69 -12.63 17.32
N PRO A 20 7.48 -12.59 16.75
CA PRO A 20 6.23 -12.47 17.53
C PRO A 20 5.93 -13.73 18.32
N ALA A 21 4.86 -13.69 19.11
CA ALA A 21 4.46 -14.83 19.92
C ALA A 21 3.04 -14.66 20.44
N THR A 22 2.10 -15.40 19.86
CA THR A 22 0.70 -15.34 20.26
C THR A 22 -0.11 -16.43 19.60
N PRO A 23 -1.05 -17.02 20.35
CA PRO A 23 -1.93 -18.09 19.84
C PRO A 23 -2.93 -17.58 18.82
N GLY A 24 -3.63 -16.50 19.17
CA GLY A 24 -4.61 -15.93 18.26
C GLY A 24 -5.09 -14.56 18.71
N ALA A 25 -4.31 -13.53 18.40
CA ALA A 25 -4.65 -12.17 18.77
C ALA A 25 -5.05 -11.34 17.55
N SER A 26 -6.31 -10.90 17.52
CA SER A 26 -6.81 -10.11 16.41
C SER A 26 -6.00 -8.83 16.24
N SER A 27 -5.17 -8.52 17.22
CA SER A 27 -4.33 -7.33 17.19
C SER A 27 -3.88 -7.03 15.76
N VAL A 28 -3.86 -5.75 15.42
CA VAL A 28 -3.44 -5.33 14.08
C VAL A 28 -2.13 -5.98 13.68
N GLU A 29 -1.19 -6.02 14.61
CA GLU A 29 0.12 -6.62 14.36
C GLU A 29 -0.04 -8.02 13.77
N GLN A 30 -1.11 -8.70 14.15
CA GLN A 30 -1.37 -10.05 13.67
C GLN A 30 -2.20 -10.02 12.39
N LEU A 31 -3.47 -9.62 12.52
CA LEU A 31 -4.36 -9.55 11.37
C LEU A 31 -3.64 -9.01 10.15
N ARG A 32 -2.59 -8.23 10.38
CA ARG A 32 -1.81 -7.66 9.29
C ARG A 32 -1.54 -8.68 8.21
N LYS A 33 -1.16 -9.89 8.62
CA LYS A 33 -0.86 -10.98 7.69
C LYS A 33 -2.06 -11.26 6.80
N GLU A 34 -3.25 -11.29 7.40
CA GLU A 34 -4.47 -11.55 6.66
C GLU A 34 -4.52 -10.73 5.37
N GLY A 35 -4.15 -9.46 5.48
CA GLY A 35 -4.15 -8.59 4.32
C GLY A 35 -3.14 -9.01 3.27
N ASN A 36 -1.86 -9.02 3.64
CA ASN A 36 -0.80 -9.41 2.72
C ASN A 36 -1.09 -10.76 2.09
N GLU A 37 -1.25 -11.78 2.94
CA GLU A 37 -1.53 -13.12 2.46
C GLU A 37 -2.52 -13.09 1.30
N LEU A 38 -3.56 -12.29 1.44
CA LEU A 38 -4.59 -12.18 0.40
C LEU A 38 -4.03 -11.46 -0.82
N PHE A 39 -3.10 -10.53 -0.59
CA PHE A 39 -2.49 -9.77 -1.68
C PHE A 39 -1.57 -10.67 -2.51
N LYS A 40 -0.67 -11.38 -1.84
CA LYS A 40 0.26 -12.27 -2.52
C LYS A 40 -0.48 -13.37 -3.27
N CYS A 41 -1.79 -13.45 -3.05
CA CYS A 41 -2.61 -14.46 -3.72
C CYS A 41 -3.45 -13.83 -4.83
N GLY A 42 -3.64 -12.51 -4.75
CA GLY A 42 -4.42 -11.81 -5.76
C GLY A 42 -5.69 -11.23 -5.19
N ASP A 43 -6.30 -11.95 -4.26
CA ASP A 43 -7.55 -11.50 -3.64
C ASP A 43 -7.41 -10.07 -3.12
N TYR A 44 -7.80 -9.10 -3.94
CA TYR A 44 -7.71 -7.70 -3.55
C TYR A 44 -8.88 -7.30 -2.66
N GLY A 45 -10.08 -7.72 -3.05
CA GLY A 45 -11.26 -7.40 -2.27
C GLY A 45 -11.10 -7.71 -0.80
N GLY A 46 -10.29 -8.73 -0.49
CA GLY A 46 -10.06 -9.11 0.88
C GLY A 46 -8.85 -8.41 1.49
N ALA A 47 -7.71 -8.54 0.82
CA ALA A 47 -6.48 -7.92 1.29
C ALA A 47 -6.75 -6.51 1.82
N LEU A 48 -7.59 -5.77 1.12
CA LEU A 48 -7.92 -4.41 1.52
C LEU A 48 -8.73 -4.40 2.81
N ALA A 49 -9.69 -5.32 2.91
CA ALA A 49 -10.53 -5.42 4.10
C ALA A 49 -9.69 -5.56 5.35
N ALA A 50 -8.69 -6.43 5.30
CA ALA A 50 -7.80 -6.65 6.43
C ALA A 50 -7.03 -5.39 6.79
N TYR A 51 -6.41 -4.78 5.78
CA TYR A 51 -5.63 -3.57 5.98
C TYR A 51 -6.47 -2.49 6.66
N THR A 52 -7.75 -2.45 6.31
CA THR A 52 -8.66 -1.47 6.89
C THR A 52 -8.69 -1.56 8.42
N GLN A 53 -9.01 -2.75 8.91
CA GLN A 53 -9.07 -2.98 10.35
C GLN A 53 -7.77 -2.59 11.03
N ALA A 54 -6.65 -3.07 10.46
CA ALA A 54 -5.33 -2.77 11.01
C ALA A 54 -5.22 -1.29 11.39
N LEU A 55 -5.56 -0.41 10.44
CA LEU A 55 -5.49 1.02 10.68
C LEU A 55 -6.49 1.44 11.75
N GLY A 56 -7.69 0.87 11.69
CA GLY A 56 -8.72 1.20 12.67
C GLY A 56 -8.22 1.09 14.09
N LEU A 57 -7.45 0.05 14.37
CA LEU A 57 -6.90 -0.17 15.71
C LEU A 57 -5.72 0.75 15.98
N ASP A 58 -5.62 1.22 17.22
CA ASP A 58 -4.53 2.11 17.61
C ASP A 58 -3.20 1.37 17.57
N ALA A 59 -2.55 1.39 16.41
CA ALA A 59 -1.26 0.73 16.26
C ALA A 59 -0.12 1.75 16.17
N THR A 60 1.11 1.26 16.20
CA THR A 60 2.29 2.12 16.14
C THR A 60 2.22 3.03 14.91
N PRO A 61 2.97 4.15 14.97
CA PRO A 61 3.02 5.11 13.87
C PRO A 61 3.75 4.57 12.64
N GLN A 62 4.44 3.46 12.82
CA GLN A 62 5.18 2.82 11.73
C GLN A 62 4.30 1.86 10.96
N ASP A 63 3.29 1.32 11.63
CA ASP A 63 2.36 0.38 11.01
C ASP A 63 1.26 1.11 10.25
N GLN A 64 0.90 2.29 10.75
CA GLN A 64 -0.15 3.09 10.12
C GLN A 64 0.24 3.47 8.69
N ALA A 65 1.54 3.65 8.46
CA ALA A 65 2.05 4.01 7.14
C ALA A 65 2.06 2.80 6.22
N VAL A 66 2.92 1.83 6.53
CA VAL A 66 3.03 0.63 5.72
C VAL A 66 1.67 0.18 5.20
N LEU A 67 0.62 0.48 5.97
CA LEU A 67 -0.73 0.11 5.58
C LEU A 67 -1.32 1.13 4.60
N HIS A 68 -1.16 2.40 4.92
CA HIS A 68 -1.68 3.48 4.07
C HIS A 68 -1.17 3.31 2.64
N ARG A 69 0.14 3.11 2.50
CA ARG A 69 0.75 2.95 1.18
C ARG A 69 0.25 1.67 0.52
N ASN A 70 -0.20 0.72 1.33
CA ASN A 70 -0.70 -0.55 0.82
C ASN A 70 -2.12 -0.42 0.29
N ARG A 71 -2.98 0.18 1.10
CA ARG A 71 -4.38 0.38 0.72
C ARG A 71 -4.48 0.81 -0.74
N ALA A 72 -3.72 1.83 -1.11
CA ALA A 72 -3.73 2.33 -2.48
C ALA A 72 -3.64 1.19 -3.48
N ALA A 73 -2.70 0.28 -3.25
CA ALA A 73 -2.52 -0.86 -4.15
C ALA A 73 -3.86 -1.54 -4.46
N CYS A 74 -4.47 -2.13 -3.44
CA CYS A 74 -5.75 -2.80 -3.60
C CYS A 74 -6.66 -2.03 -4.54
N HIS A 75 -6.78 -0.73 -4.30
CA HIS A 75 -7.63 0.13 -5.13
C HIS A 75 -7.17 0.11 -6.58
N LEU A 76 -5.88 0.39 -6.79
CA LEU A 76 -5.32 0.40 -8.14
C LEU A 76 -5.78 -0.82 -8.94
N LYS A 77 -5.67 -1.99 -8.33
CA LYS A 77 -6.07 -3.23 -8.98
C LYS A 77 -7.58 -3.24 -9.23
N LEU A 78 -8.32 -2.60 -8.34
CA LEU A 78 -9.77 -2.53 -8.47
C LEU A 78 -10.20 -1.25 -9.19
N GLU A 79 -9.50 -0.92 -10.27
CA GLU A 79 -9.81 0.27 -11.05
C GLU A 79 -10.25 1.41 -10.13
N ASP A 80 -9.54 1.58 -9.02
CA ASP A 80 -9.85 2.64 -8.08
C ASP A 80 -8.67 3.60 -7.92
N TYR A 81 -8.05 3.95 -9.04
CA TYR A 81 -6.91 4.85 -9.03
C TYR A 81 -7.27 6.17 -8.36
N ASP A 82 -8.48 6.66 -8.62
CA ASP A 82 -8.95 7.91 -8.04
C ASP A 82 -8.66 7.96 -6.54
N LYS A 83 -9.15 6.96 -5.82
CA LYS A 83 -8.95 6.89 -4.37
C LYS A 83 -7.51 6.52 -4.05
N ALA A 84 -6.89 5.72 -4.92
CA ALA A 84 -5.52 5.29 -4.73
C ALA A 84 -4.59 6.49 -4.50
N GLU A 85 -4.59 7.41 -5.46
CA GLU A 85 -3.76 8.61 -5.36
C GLU A 85 -3.74 9.15 -3.93
N THR A 86 -4.93 9.38 -3.39
CA THR A 86 -5.05 9.89 -2.02
C THR A 86 -4.29 9.03 -1.03
N GLU A 87 -4.77 7.80 -0.83
CA GLU A 87 -4.13 6.87 0.09
C GLU A 87 -2.62 7.02 0.05
N ALA A 88 -2.08 7.21 -1.15
CA ALA A 88 -0.64 7.36 -1.33
C ALA A 88 -0.10 8.53 -0.50
N SER A 89 -0.75 9.69 -0.63
CA SER A 89 -0.34 10.87 0.10
C SER A 89 -0.53 10.68 1.60
N LYS A 90 -1.54 9.91 1.96
CA LYS A 90 -1.83 9.64 3.37
C LYS A 90 -0.68 8.88 4.03
N ALA A 91 -0.03 8.01 3.25
CA ALA A 91 1.08 7.23 3.76
C ALA A 91 2.36 8.05 3.80
N ILE A 92 2.62 8.78 2.72
CA ILE A 92 3.81 9.63 2.63
C ILE A 92 3.84 10.66 3.75
N GLU A 93 2.71 11.31 3.98
CA GLU A 93 2.61 12.33 5.03
C GLU A 93 2.81 11.70 6.40
N LYS A 94 2.29 10.50 6.58
CA LYS A 94 2.42 9.79 7.85
C LYS A 94 3.88 9.58 8.23
N ASP A 95 4.61 8.88 7.37
CA ASP A 95 6.02 8.62 7.62
C ASP A 95 6.87 9.81 7.21
N GLY A 96 6.75 10.22 5.95
CA GLY A 96 7.52 11.35 5.45
C GLY A 96 8.89 10.94 4.94
N GLY A 97 9.01 9.67 4.53
CA GLY A 97 10.28 9.18 4.02
C GLY A 97 10.15 7.83 3.37
N ASP A 98 8.96 7.52 2.87
CA ASP A 98 8.70 6.24 2.22
C ASP A 98 8.46 6.44 0.72
N VAL A 99 9.13 5.63 -0.09
CA VAL A 99 8.98 5.72 -1.54
C VAL A 99 7.88 4.79 -2.04
N LYS A 100 7.63 3.72 -1.30
CA LYS A 100 6.60 2.76 -1.66
C LYS A 100 5.33 3.47 -2.13
N ALA A 101 4.90 4.46 -1.36
CA ALA A 101 3.70 5.23 -1.69
C ALA A 101 3.92 6.08 -2.93
N LEU A 102 5.02 6.83 -2.93
CA LEU A 102 5.36 7.69 -4.06
C LEU A 102 5.14 6.98 -5.39
N TYR A 103 5.79 5.83 -5.54
CA TYR A 103 5.67 5.04 -6.76
C TYR A 103 4.21 4.68 -7.04
N ARG A 104 3.47 4.36 -5.98
CA ARG A 104 2.07 4.01 -6.12
C ARG A 104 1.25 5.19 -6.65
N ARG A 105 1.49 6.37 -6.08
CA ARG A 105 0.78 7.57 -6.50
C ARG A 105 0.87 7.75 -8.01
N SER A 106 2.09 7.76 -8.54
CA SER A 106 2.30 7.93 -9.97
C SER A 106 1.39 7.01 -10.77
N GLN A 107 1.35 5.74 -10.40
CA GLN A 107 0.52 4.76 -11.07
C GLN A 107 -0.92 5.25 -11.19
N ALA A 108 -1.36 6.03 -10.20
CA ALA A 108 -2.71 6.58 -10.20
C ALA A 108 -2.78 7.89 -10.98
N LEU A 109 -1.77 8.75 -10.77
CA LEU A 109 -1.72 10.03 -11.44
C LEU A 109 -1.83 9.86 -12.96
N GLU A 110 -1.06 8.93 -13.50
CA GLU A 110 -1.07 8.66 -14.93
C GLU A 110 -2.48 8.32 -15.41
N LYS A 111 -3.05 7.28 -14.81
CA LYS A 111 -4.40 6.85 -15.18
C LYS A 111 -5.39 8.00 -15.10
N LEU A 112 -5.28 8.79 -14.02
CA LEU A 112 -6.17 9.93 -13.82
C LEU A 112 -6.00 10.95 -14.94
N GLY A 113 -4.84 10.93 -15.59
CA GLY A 113 -4.57 11.86 -16.67
C GLY A 113 -3.42 12.80 -16.37
N ARG A 114 -2.92 12.72 -15.15
CA ARG A 114 -1.80 13.57 -14.73
C ARG A 114 -0.46 12.91 -15.04
N LEU A 115 -0.01 13.04 -16.28
CA LEU A 115 1.25 12.46 -16.69
C LEU A 115 2.43 13.28 -16.17
N ASP A 116 2.42 14.57 -16.44
CA ASP A 116 3.49 15.46 -15.99
C ASP A 116 3.80 15.22 -14.52
N GLN A 117 2.76 15.11 -13.70
CA GLN A 117 2.93 14.88 -12.27
C GLN A 117 3.61 13.55 -12.01
N ALA A 118 3.04 12.48 -12.58
CA ALA A 118 3.59 11.14 -12.40
C ALA A 118 5.12 11.18 -12.35
N VAL A 119 5.72 11.90 -13.28
CA VAL A 119 7.18 12.02 -13.34
C VAL A 119 7.72 12.68 -12.07
N LEU A 120 7.04 13.74 -11.63
CA LEU A 120 7.46 14.46 -10.43
C LEU A 120 7.47 13.54 -9.21
N ASP A 121 6.29 13.06 -8.83
CA ASP A 121 6.17 12.17 -7.68
C ASP A 121 7.22 11.07 -7.73
N LEU A 122 7.56 10.62 -8.94
CA LEU A 122 8.56 9.58 -9.12
C LEU A 122 9.96 10.10 -8.85
N GLN A 123 10.25 11.30 -9.37
CA GLN A 123 11.56 11.92 -9.18
C GLN A 123 12.02 11.77 -7.73
N ARG A 124 11.07 11.58 -6.82
CA ARG A 124 11.39 11.42 -5.41
C ARG A 124 11.76 9.98 -5.09
N CYS A 125 10.86 9.06 -5.41
CA CYS A 125 11.08 7.65 -5.15
C CYS A 125 12.43 7.21 -5.71
N VAL A 126 12.94 7.97 -6.67
CA VAL A 126 14.22 7.66 -7.30
C VAL A 126 15.39 8.20 -6.47
N SER A 127 15.14 9.31 -5.78
CA SER A 127 16.18 9.93 -4.95
C SER A 127 16.36 9.17 -3.64
N LEU A 128 15.24 8.72 -3.06
CA LEU A 128 15.27 7.98 -1.81
C LEU A 128 15.91 6.61 -2.01
N GLU A 129 15.79 6.08 -3.22
CA GLU A 129 16.34 4.77 -3.54
C GLU A 129 17.11 4.81 -4.86
N PRO A 130 18.43 4.98 -4.77
CA PRO A 130 19.30 5.04 -5.95
C PRO A 130 19.42 3.70 -6.66
N LYS A 131 19.36 2.61 -5.88
CA LYS A 131 19.46 1.26 -6.43
C LYS A 131 18.15 0.86 -7.10
N ASN A 132 17.04 1.17 -6.44
CA ASN A 132 15.72 0.84 -6.98
C ASN A 132 15.58 1.32 -8.42
N LYS A 133 15.69 0.39 -9.37
CA LYS A 133 15.57 0.71 -10.78
C LYS A 133 14.11 0.88 -11.18
N VAL A 134 13.26 0.02 -10.63
CA VAL A 134 11.83 0.06 -10.92
C VAL A 134 11.32 1.49 -10.95
N PHE A 135 11.98 2.37 -10.20
CA PHE A 135 11.59 3.78 -10.14
C PHE A 135 12.19 4.55 -11.30
N GLN A 136 13.40 4.18 -11.70
CA GLN A 136 14.09 4.86 -12.80
C GLN A 136 13.50 4.43 -14.14
N GLU A 137 13.06 3.18 -14.22
CA GLU A 137 12.48 2.65 -15.44
C GLU A 137 11.10 3.26 -15.70
N ALA A 138 10.36 3.52 -14.62
CA ALA A 138 9.03 4.11 -14.73
C ALA A 138 9.11 5.59 -15.10
N LEU A 139 10.22 6.22 -14.75
CA LEU A 139 10.42 7.64 -15.04
C LEU A 139 10.62 7.86 -16.53
N ARG A 140 11.62 7.18 -17.09
CA ARG A 140 11.92 7.30 -18.52
C ARG A 140 10.83 6.65 -19.36
N ASN A 141 10.13 5.69 -18.77
CA ASN A 141 9.06 4.98 -19.47
C ASN A 141 7.91 5.94 -19.80
N ILE A 142 7.60 6.84 -18.88
CA ILE A 142 6.53 7.80 -19.07
C ILE A 142 7.07 9.14 -19.59
N SER A 143 8.31 9.46 -19.20
CA SER A 143 8.94 10.70 -19.62
C SER A 143 9.02 10.78 -21.14
N GLY A 144 9.34 9.66 -21.77
CA GLY A 144 9.44 9.63 -23.22
C GLY A 144 8.30 8.86 -23.87
N PRO A 145 8.33 8.77 -25.20
CA PRO A 145 7.30 8.06 -25.96
C PRO A 145 7.36 6.55 -25.76
N SER A 146 6.66 6.07 -24.75
CA SER A 146 6.64 4.64 -24.44
C SER A 146 6.25 3.83 -25.66
N SER A 147 5.11 4.17 -26.26
CA SER A 147 4.61 3.48 -27.43
C SER A 147 4.80 1.96 -27.29
N GLY A 148 4.49 1.45 -26.11
CA GLY A 148 4.64 0.03 -25.86
C GLY A 148 4.10 -0.81 -26.99
N GLY A 1 59.11 12.39 11.75
CA GLY A 1 57.70 12.64 11.50
C GLY A 1 56.80 11.65 12.22
N SER A 2 55.50 11.73 11.96
CA SER A 2 54.53 10.84 12.58
C SER A 2 53.51 10.34 11.57
N SER A 3 52.62 9.47 12.01
CA SER A 3 51.59 8.91 11.14
C SER A 3 50.53 8.17 11.96
N GLY A 4 49.44 7.81 11.30
CA GLY A 4 48.36 7.10 11.98
C GLY A 4 48.03 5.78 11.31
N SER A 5 46.82 5.28 11.56
CA SER A 5 46.38 4.02 10.97
C SER A 5 44.87 3.86 11.10
N SER A 6 44.35 2.77 10.55
CA SER A 6 42.92 2.49 10.60
C SER A 6 42.65 1.00 10.74
N GLY A 7 41.38 0.64 10.89
CA GLY A 7 41.01 -0.76 11.02
C GLY A 7 39.86 -1.15 10.12
N MET A 8 39.22 -2.27 10.43
CA MET A 8 38.09 -2.75 9.65
C MET A 8 37.14 -3.59 10.50
N THR A 9 35.94 -3.83 9.98
CA THR A 9 34.95 -4.62 10.70
C THR A 9 34.10 -5.45 9.73
N VAL A 10 33.49 -6.51 10.27
CA VAL A 10 32.66 -7.38 9.45
C VAL A 10 31.35 -7.71 10.16
N SER A 11 30.24 -7.59 9.44
CA SER A 11 28.93 -7.87 10.01
C SER A 11 28.15 -8.85 9.12
N GLY A 12 26.96 -9.23 9.58
CA GLY A 12 26.14 -10.15 8.81
C GLY A 12 24.68 -10.13 9.24
N PRO A 13 23.78 -10.33 8.29
CA PRO A 13 22.33 -10.33 8.55
C PRO A 13 21.89 -11.55 9.35
N GLY A 14 20.59 -11.76 9.44
CA GLY A 14 20.06 -12.89 10.17
C GLY A 14 18.90 -13.56 9.46
N THR A 15 17.95 -14.07 10.24
CA THR A 15 16.78 -14.75 9.67
C THR A 15 15.60 -14.69 10.62
N PRO A 16 14.49 -14.11 10.17
CA PRO A 16 13.27 -13.98 10.96
C PRO A 16 12.58 -15.32 11.19
N GLU A 17 11.47 -15.30 11.92
CA GLU A 17 10.73 -16.52 12.22
C GLU A 17 9.22 -16.29 12.07
N PRO A 18 8.50 -17.31 11.58
CA PRO A 18 7.06 -17.24 11.39
C PRO A 18 6.29 -17.22 12.71
N ARG A 19 5.02 -16.85 12.64
CA ARG A 19 4.18 -16.79 13.83
C ARG A 19 3.18 -17.95 13.86
N PRO A 20 2.82 -18.38 15.08
CA PRO A 20 1.87 -19.48 15.27
C PRO A 20 0.45 -19.11 14.86
N ALA A 21 -0.47 -20.07 14.96
CA ALA A 21 -1.86 -19.83 14.60
C ALA A 21 -2.70 -19.57 15.85
N THR A 22 -3.77 -18.81 15.69
CA THR A 22 -4.66 -18.49 16.79
C THR A 22 -5.90 -17.74 16.32
N PRO A 23 -7.06 -18.06 16.91
CA PRO A 23 -8.33 -17.43 16.56
C PRO A 23 -8.40 -15.97 16.99
N GLY A 24 -8.07 -15.07 16.07
CA GLY A 24 -8.09 -13.65 16.37
C GLY A 24 -8.51 -12.81 15.17
N ALA A 25 -7.53 -12.40 14.37
CA ALA A 25 -7.80 -11.59 13.20
C ALA A 25 -8.45 -10.26 13.58
N SER A 26 -7.98 -9.67 14.67
CA SER A 26 -8.53 -8.40 15.15
C SER A 26 -7.42 -7.39 15.40
N SER A 27 -6.32 -7.85 15.98
CA SER A 27 -5.19 -6.99 16.27
C SER A 27 -4.50 -6.53 14.99
N VAL A 28 -4.44 -5.23 14.79
CA VAL A 28 -3.82 -4.66 13.60
C VAL A 28 -2.51 -5.37 13.29
N GLU A 29 -1.77 -5.75 14.32
CA GLU A 29 -0.49 -6.43 14.16
C GLU A 29 -0.71 -7.86 13.67
N GLN A 30 -1.75 -8.50 14.18
CA GLN A 30 -2.06 -9.88 13.80
C GLN A 30 -2.82 -9.91 12.47
N LEU A 31 -4.05 -9.42 12.48
CA LEU A 31 -4.89 -9.39 11.29
C LEU A 31 -4.06 -8.99 10.07
N ARG A 32 -3.02 -8.19 10.29
CA ARG A 32 -2.16 -7.74 9.21
C ARG A 32 -1.94 -8.86 8.19
N LYS A 33 -1.54 -10.03 8.68
CA LYS A 33 -1.29 -11.17 7.81
C LYS A 33 -2.47 -11.42 6.88
N GLU A 34 -3.68 -11.31 7.42
CA GLU A 34 -4.89 -11.52 6.63
C GLU A 34 -4.81 -10.77 5.31
N GLY A 35 -4.45 -9.49 5.38
CA GLY A 35 -4.34 -8.69 4.18
C GLY A 35 -3.35 -9.25 3.18
N ASN A 36 -2.09 -9.36 3.60
CA ASN A 36 -1.04 -9.88 2.73
C ASN A 36 -1.43 -11.26 2.18
N GLU A 37 -1.65 -12.21 3.08
CA GLU A 37 -2.02 -13.56 2.68
C GLU A 37 -2.98 -13.52 1.49
N LEU A 38 -3.82 -12.49 1.43
CA LEU A 38 -4.78 -12.35 0.34
C LEU A 38 -4.13 -11.67 -0.87
N PHE A 39 -3.27 -10.70 -0.61
CA PHE A 39 -2.58 -9.98 -1.67
C PHE A 39 -1.63 -10.90 -2.42
N LYS A 40 -0.75 -11.57 -1.69
CA LYS A 40 0.21 -12.49 -2.28
C LYS A 40 -0.50 -13.58 -3.07
N CYS A 41 -1.81 -13.69 -2.89
CA CYS A 41 -2.60 -14.69 -3.59
C CYS A 41 -3.42 -14.06 -4.71
N GLY A 42 -3.65 -12.75 -4.61
CA GLY A 42 -4.41 -12.05 -5.61
C GLY A 42 -5.69 -11.45 -5.07
N ASP A 43 -6.33 -12.17 -4.16
CA ASP A 43 -7.58 -11.69 -3.55
C ASP A 43 -7.44 -10.25 -3.10
N TYR A 44 -7.86 -9.32 -3.95
CA TYR A 44 -7.79 -7.91 -3.64
C TYR A 44 -8.98 -7.47 -2.78
N GLY A 45 -10.17 -7.89 -3.18
CA GLY A 45 -11.37 -7.54 -2.44
C GLY A 45 -11.22 -7.77 -0.95
N GLY A 46 -10.51 -8.85 -0.59
CA GLY A 46 -10.31 -9.16 0.81
C GLY A 46 -9.08 -8.48 1.39
N ALA A 47 -7.95 -8.63 0.71
CA ALA A 47 -6.70 -8.03 1.18
C ALA A 47 -6.94 -6.62 1.70
N LEU A 48 -7.64 -5.80 0.91
CA LEU A 48 -7.93 -4.43 1.31
C LEU A 48 -8.69 -4.39 2.63
N ALA A 49 -9.78 -5.14 2.71
CA ALA A 49 -10.59 -5.20 3.92
C ALA A 49 -9.71 -5.30 5.17
N ALA A 50 -8.83 -6.29 5.17
CA ALA A 50 -7.93 -6.50 6.30
C ALA A 50 -7.20 -5.21 6.67
N TYR A 51 -6.60 -4.57 5.68
CA TYR A 51 -5.87 -3.32 5.91
C TYR A 51 -6.76 -2.29 6.59
N THR A 52 -8.02 -2.22 6.16
CA THR A 52 -8.97 -1.28 6.72
C THR A 52 -9.11 -1.47 8.23
N GLN A 53 -9.18 -2.72 8.66
CA GLN A 53 -9.31 -3.04 10.08
C GLN A 53 -8.10 -2.54 10.86
N ALA A 54 -6.92 -3.02 10.48
CA ALA A 54 -5.69 -2.61 11.14
C ALA A 54 -5.66 -1.10 11.38
N LEU A 55 -5.91 -0.33 10.32
CA LEU A 55 -5.91 1.12 10.41
C LEU A 55 -6.97 1.60 11.40
N GLY A 56 -8.05 0.82 11.52
CA GLY A 56 -9.12 1.18 12.43
C GLY A 56 -8.85 0.75 13.85
N LEU A 57 -7.58 0.78 14.25
CA LEU A 57 -7.19 0.37 15.60
C LEU A 57 -6.02 1.21 16.10
N ASP A 58 -6.02 1.51 17.39
CA ASP A 58 -4.95 2.30 17.98
C ASP A 58 -3.60 1.63 17.77
N ALA A 59 -3.01 1.86 16.60
CA ALA A 59 -1.71 1.29 16.26
C ALA A 59 -0.63 2.36 16.25
N THR A 60 0.63 1.93 16.27
CA THR A 60 1.76 2.85 16.25
C THR A 60 1.74 3.72 15.00
N PRO A 61 2.43 4.87 15.07
CA PRO A 61 2.51 5.81 13.95
C PRO A 61 3.34 5.27 12.79
N GLN A 62 4.16 4.26 13.09
CA GLN A 62 5.01 3.65 12.07
C GLN A 62 4.28 2.55 11.32
N ASP A 63 3.22 2.03 11.95
CA ASP A 63 2.42 0.96 11.35
C ASP A 63 1.24 1.54 10.56
N GLN A 64 0.72 2.67 11.03
CA GLN A 64 -0.40 3.32 10.38
C GLN A 64 -0.05 3.73 8.96
N ALA A 65 1.24 4.01 8.73
CA ALA A 65 1.72 4.41 7.42
C ALA A 65 1.89 3.20 6.50
N VAL A 66 2.84 2.34 6.84
CA VAL A 66 3.12 1.15 6.06
C VAL A 66 1.83 0.54 5.51
N LEU A 67 0.75 0.69 6.28
CA LEU A 67 -0.55 0.16 5.87
C LEU A 67 -1.13 0.98 4.71
N HIS A 68 -1.06 2.29 4.83
CA HIS A 68 -1.58 3.19 3.81
C HIS A 68 -0.95 2.89 2.45
N ARG A 69 0.38 2.97 2.40
CA ARG A 69 1.12 2.71 1.17
C ARG A 69 0.71 1.38 0.56
N ASN A 70 0.20 0.48 1.41
CA ASN A 70 -0.24 -0.83 0.95
C ASN A 70 -1.63 -0.77 0.33
N ARG A 71 -2.57 -0.17 1.05
CA ARG A 71 -3.93 -0.04 0.57
C ARG A 71 -3.96 0.42 -0.88
N ALA A 72 -3.25 1.51 -1.16
CA ALA A 72 -3.19 2.05 -2.52
C ALA A 72 -3.12 0.93 -3.55
N ALA A 73 -2.23 -0.03 -3.32
CA ALA A 73 -2.07 -1.15 -4.22
C ALA A 73 -3.42 -1.77 -4.60
N CYS A 74 -4.11 -2.29 -3.60
CA CYS A 74 -5.42 -2.91 -3.81
C CYS A 74 -6.29 -2.03 -4.70
N HIS A 75 -6.47 -0.78 -4.29
CA HIS A 75 -7.28 0.17 -5.04
C HIS A 75 -6.87 0.20 -6.51
N LEU A 76 -5.60 0.53 -6.75
CA LEU A 76 -5.07 0.60 -8.10
C LEU A 76 -5.51 -0.62 -8.92
N LYS A 77 -5.43 -1.79 -8.29
CA LYS A 77 -5.82 -3.03 -8.96
C LYS A 77 -7.32 -3.08 -9.20
N LEU A 78 -8.09 -2.70 -8.18
CA LEU A 78 -9.54 -2.70 -8.28
C LEU A 78 -10.04 -1.46 -9.02
N GLU A 79 -9.38 -1.13 -10.12
CA GLU A 79 -9.75 0.03 -10.91
C GLU A 79 -10.22 1.18 -10.01
N ASP A 80 -9.59 1.32 -8.86
CA ASP A 80 -9.94 2.37 -7.91
C ASP A 80 -8.77 3.33 -7.71
N TYR A 81 -8.16 3.75 -8.81
CA TYR A 81 -7.03 4.66 -8.76
C TYR A 81 -7.44 5.99 -8.12
N ASP A 82 -8.67 6.41 -8.37
CA ASP A 82 -9.19 7.65 -7.82
C ASP A 82 -8.80 7.80 -6.36
N LYS A 83 -9.30 6.89 -5.52
CA LYS A 83 -9.00 6.92 -4.09
C LYS A 83 -7.57 6.49 -3.83
N ALA A 84 -7.12 5.47 -4.54
CA ALA A 84 -5.76 4.96 -4.38
C ALA A 84 -4.76 6.10 -4.26
N GLU A 85 -4.81 7.03 -5.22
CA GLU A 85 -3.91 8.17 -5.21
C GLU A 85 -3.86 8.83 -3.85
N THR A 86 -5.01 9.31 -3.38
CA THR A 86 -5.11 9.96 -2.08
C THR A 86 -4.35 9.18 -1.01
N GLU A 87 -4.66 7.89 -0.91
CA GLU A 87 -4.01 7.03 0.08
C GLU A 87 -2.50 7.29 0.11
N ALA A 88 -1.83 6.98 -1.00
CA ALA A 88 -0.39 7.18 -1.09
C ALA A 88 0.02 8.51 -0.46
N SER A 89 -0.50 9.61 -1.01
CA SER A 89 -0.17 10.94 -0.51
C SER A 89 -0.05 10.93 1.02
N LYS A 90 -1.07 10.39 1.68
CA LYS A 90 -1.06 10.32 3.13
C LYS A 90 0.17 9.58 3.65
N ALA A 91 0.39 8.38 3.11
CA ALA A 91 1.54 7.58 3.51
C ALA A 91 2.84 8.39 3.43
N ILE A 92 3.10 8.96 2.26
CA ILE A 92 4.31 9.76 2.06
C ILE A 92 4.38 10.91 3.07
N GLU A 93 3.22 11.31 3.58
CA GLU A 93 3.16 12.40 4.56
C GLU A 93 3.33 11.87 5.97
N LYS A 94 2.85 10.65 6.21
CA LYS A 94 2.94 10.02 7.52
C LYS A 94 4.39 10.03 8.02
N ASP A 95 5.31 9.67 7.14
CA ASP A 95 6.72 9.64 7.50
C ASP A 95 7.50 10.72 6.73
N GLY A 96 7.52 10.60 5.41
CA GLY A 96 8.22 11.56 4.59
C GLY A 96 9.18 10.90 3.62
N GLY A 97 9.87 9.86 4.08
CA GLY A 97 10.82 9.16 3.23
C GLY A 97 10.29 7.81 2.78
N ASP A 98 9.03 7.76 2.40
CA ASP A 98 8.41 6.52 1.94
C ASP A 98 8.34 6.47 0.42
N VAL A 99 9.37 5.89 -0.19
CA VAL A 99 9.42 5.78 -1.65
C VAL A 99 8.49 4.68 -2.15
N LYS A 100 8.06 3.81 -1.24
CA LYS A 100 7.17 2.71 -1.58
C LYS A 100 5.83 3.24 -2.11
N ALA A 101 5.26 4.20 -1.39
CA ALA A 101 3.98 4.78 -1.77
C ALA A 101 4.14 5.68 -3.01
N LEU A 102 5.32 6.28 -3.14
CA LEU A 102 5.60 7.16 -4.28
C LEU A 102 5.45 6.41 -5.59
N TYR A 103 6.12 5.27 -5.69
CA TYR A 103 6.06 4.45 -6.90
C TYR A 103 4.63 4.07 -7.24
N ARG A 104 3.85 3.73 -6.21
CA ARG A 104 2.46 3.35 -6.40
C ARG A 104 1.60 4.57 -6.69
N ARG A 105 1.98 5.71 -6.13
CA ARG A 105 1.23 6.95 -6.33
C ARG A 105 1.14 7.30 -7.82
N SER A 106 2.29 7.26 -8.49
CA SER A 106 2.34 7.57 -9.92
C SER A 106 1.33 6.74 -10.70
N GLN A 107 1.28 5.44 -10.41
CA GLN A 107 0.38 4.54 -11.08
C GLN A 107 -1.04 5.10 -11.09
N ALA A 108 -1.50 5.57 -9.94
CA ALA A 108 -2.83 6.15 -9.81
C ALA A 108 -2.93 7.46 -10.58
N LEU A 109 -2.02 8.38 -10.30
CA LEU A 109 -2.01 9.68 -10.96
C LEU A 109 -2.17 9.52 -12.47
N GLU A 110 -1.43 8.59 -13.05
CA GLU A 110 -1.49 8.35 -14.48
C GLU A 110 -2.93 8.14 -14.94
N LYS A 111 -3.61 7.19 -14.31
CA LYS A 111 -5.00 6.91 -14.65
C LYS A 111 -5.84 8.18 -14.65
N LEU A 112 -5.42 9.16 -13.86
CA LEU A 112 -6.13 10.43 -13.77
C LEU A 112 -5.53 11.46 -14.73
N GLY A 113 -4.97 10.97 -15.83
CA GLY A 113 -4.37 11.87 -16.81
C GLY A 113 -3.36 12.82 -16.19
N ARG A 114 -2.95 12.53 -14.97
CA ARG A 114 -1.98 13.37 -14.26
C ARG A 114 -0.57 12.90 -14.52
N LEU A 115 -0.24 12.67 -15.79
CA LEU A 115 1.10 12.22 -16.17
C LEU A 115 2.15 13.24 -15.75
N ASP A 116 1.80 14.52 -15.81
CA ASP A 116 2.71 15.59 -15.43
C ASP A 116 3.13 15.47 -13.97
N GLN A 117 2.23 14.95 -13.15
CA GLN A 117 2.50 14.78 -11.73
C GLN A 117 3.25 13.46 -11.47
N ALA A 118 2.79 12.40 -12.11
CA ALA A 118 3.43 11.09 -11.96
C ALA A 118 4.95 11.21 -11.94
N VAL A 119 5.48 12.05 -12.82
CA VAL A 119 6.92 12.26 -12.90
C VAL A 119 7.45 12.94 -11.65
N LEU A 120 6.73 13.95 -11.19
CA LEU A 120 7.12 14.69 -9.99
C LEU A 120 7.09 13.80 -8.76
N ASP A 121 6.12 12.90 -8.72
CA ASP A 121 5.98 11.98 -7.60
C ASP A 121 6.99 10.84 -7.70
N LEU A 122 7.49 10.61 -8.90
CA LEU A 122 8.46 9.54 -9.14
C LEU A 122 9.88 10.03 -8.83
N GLN A 123 10.26 11.15 -9.42
CA GLN A 123 11.59 11.71 -9.21
C GLN A 123 12.02 11.55 -7.76
N ARG A 124 11.03 11.48 -6.86
CA ARG A 124 11.31 11.33 -5.44
C ARG A 124 11.80 9.91 -5.12
N CYS A 125 11.00 8.92 -5.49
CA CYS A 125 11.35 7.53 -5.24
C CYS A 125 12.74 7.21 -5.82
N VAL A 126 13.19 8.03 -6.75
CA VAL A 126 14.49 7.84 -7.38
C VAL A 126 15.61 8.39 -6.50
N SER A 127 15.34 9.52 -5.87
CA SER A 127 16.33 10.16 -4.99
C SER A 127 16.70 9.25 -3.83
N LEU A 128 15.71 8.90 -3.03
CA LEU A 128 15.92 8.02 -1.87
C LEU A 128 16.71 6.78 -2.27
N GLU A 129 16.32 6.17 -3.38
CA GLU A 129 16.99 4.97 -3.86
C GLU A 129 17.73 5.25 -5.17
N PRO A 130 19.03 5.57 -5.06
CA PRO A 130 19.88 5.88 -6.21
C PRO A 130 20.16 4.65 -7.06
N LYS A 131 20.01 3.46 -6.46
CA LYS A 131 20.24 2.21 -7.17
C LYS A 131 18.96 1.70 -7.80
N ASN A 132 17.88 1.71 -7.03
CA ASN A 132 16.59 1.25 -7.53
C ASN A 132 16.36 1.69 -8.97
N LYS A 133 16.67 0.81 -9.91
CA LYS A 133 16.50 1.11 -11.33
C LYS A 133 15.02 1.05 -11.72
N VAL A 134 14.23 0.34 -10.93
CA VAL A 134 12.80 0.21 -11.20
C VAL A 134 12.14 1.58 -11.31
N PHE A 135 12.68 2.56 -10.61
CA PHE A 135 12.14 3.91 -10.63
C PHE A 135 12.63 4.67 -11.86
N GLN A 136 13.95 4.74 -12.02
CA GLN A 136 14.55 5.43 -13.15
C GLN A 136 13.92 4.98 -14.46
N GLU A 137 13.56 3.71 -14.54
CA GLU A 137 12.95 3.15 -15.74
C GLU A 137 11.48 3.55 -15.83
N ALA A 138 10.84 3.72 -14.68
CA ALA A 138 9.44 4.09 -14.63
C ALA A 138 9.26 5.56 -15.00
N LEU A 139 10.29 6.36 -14.75
CA LEU A 139 10.24 7.78 -15.05
C LEU A 139 10.29 8.02 -16.55
N ARG A 140 11.26 7.39 -17.21
CA ARG A 140 11.41 7.53 -18.66
C ARG A 140 10.27 6.86 -19.40
N ASN A 141 9.55 5.98 -18.70
CA ASN A 141 8.42 5.27 -19.29
C ASN A 141 7.22 6.18 -19.44
N ILE A 142 7.02 7.06 -18.45
CA ILE A 142 5.89 7.98 -18.48
C ILE A 142 6.32 9.35 -19.02
N SER A 143 7.62 9.61 -19.00
CA SER A 143 8.15 10.87 -19.50
C SER A 143 8.17 10.89 -21.02
N GLY A 144 8.38 9.73 -21.62
CA GLY A 144 8.41 9.63 -23.07
C GLY A 144 7.20 8.92 -23.63
N PRO A 145 6.86 9.22 -24.89
CA PRO A 145 5.71 8.61 -25.57
C PRO A 145 5.95 7.14 -25.89
N SER A 146 5.19 6.27 -25.24
CA SER A 146 5.31 4.83 -25.44
C SER A 146 3.98 4.22 -25.87
N SER A 147 4.05 3.07 -26.54
CA SER A 147 2.85 2.38 -27.01
C SER A 147 2.30 1.45 -25.95
N GLY A 148 1.22 1.87 -25.28
CA GLY A 148 0.62 1.04 -24.25
C GLY A 148 -0.74 0.51 -24.65
N GLY A 1 -36.41 14.00 -28.34
CA GLY A 1 -36.79 12.88 -27.51
C GLY A 1 -36.14 12.94 -26.14
N SER A 2 -36.74 12.26 -25.16
CA SER A 2 -36.21 12.23 -23.81
C SER A 2 -35.01 11.31 -23.71
N SER A 3 -34.20 11.52 -22.68
CA SER A 3 -33.00 10.70 -22.47
C SER A 3 -32.60 10.71 -21.00
N GLY A 4 -31.59 9.90 -20.66
CA GLY A 4 -31.12 9.82 -19.29
C GLY A 4 -31.66 8.61 -18.56
N SER A 5 -32.96 8.60 -18.28
CA SER A 5 -33.59 7.49 -17.58
C SER A 5 -32.66 6.94 -16.50
N SER A 6 -32.02 7.84 -15.76
CA SER A 6 -31.11 7.45 -14.70
C SER A 6 -31.83 7.36 -13.36
N GLY A 7 -31.43 6.39 -12.54
CA GLY A 7 -32.06 6.21 -11.25
C GLY A 7 -31.15 5.51 -10.25
N MET A 8 -31.26 5.90 -8.98
CA MET A 8 -30.44 5.30 -7.93
C MET A 8 -31.16 4.11 -7.30
N THR A 9 -30.37 3.16 -6.80
CA THR A 9 -30.93 1.97 -6.16
C THR A 9 -30.32 1.75 -4.78
N VAL A 10 -31.13 1.96 -3.75
CA VAL A 10 -30.67 1.78 -2.38
C VAL A 10 -30.93 0.36 -1.89
N SER A 11 -29.87 -0.31 -1.45
CA SER A 11 -29.97 -1.68 -0.96
C SER A 11 -31.06 -1.80 0.10
N GLY A 12 -31.75 -2.93 0.11
CA GLY A 12 -32.81 -3.14 1.08
C GLY A 12 -32.44 -4.17 2.12
N PRO A 13 -31.82 -3.72 3.23
CA PRO A 13 -31.40 -4.60 4.32
C PRO A 13 -32.59 -5.17 5.09
N GLY A 14 -32.56 -6.48 5.34
CA GLY A 14 -33.63 -7.11 6.08
C GLY A 14 -33.29 -8.53 6.49
N THR A 15 -32.22 -8.68 7.25
CA THR A 15 -31.78 -9.99 7.71
C THR A 15 -31.31 -9.94 9.17
N PRO A 16 -31.50 -11.05 9.88
CA PRO A 16 -31.11 -11.16 11.29
C PRO A 16 -29.59 -11.18 11.47
N GLU A 17 -29.14 -10.89 12.69
CA GLU A 17 -27.71 -10.88 12.98
C GLU A 17 -27.20 -12.29 13.29
N PRO A 18 -25.96 -12.57 12.86
CA PRO A 18 -25.34 -13.88 13.08
C PRO A 18 -25.00 -14.13 14.54
N ARG A 19 -24.95 -15.41 14.92
CA ARG A 19 -24.64 -15.78 16.30
C ARG A 19 -23.51 -14.92 16.86
N PRO A 20 -23.48 -14.77 18.19
CA PRO A 20 -22.46 -13.97 18.87
C PRO A 20 -21.08 -14.62 18.81
N ALA A 21 -20.09 -13.85 18.40
CA ALA A 21 -18.72 -14.34 18.30
C ALA A 21 -17.71 -13.22 18.52
N THR A 22 -16.43 -13.55 18.39
CA THR A 22 -15.37 -12.57 18.57
C THR A 22 -14.06 -13.05 17.96
N PRO A 23 -13.31 -12.13 17.34
CA PRO A 23 -12.03 -12.44 16.70
C PRO A 23 -10.95 -12.77 17.72
N GLY A 24 -9.80 -13.26 17.22
CA GLY A 24 -8.71 -13.61 18.10
C GLY A 24 -7.37 -13.13 17.57
N ALA A 25 -7.10 -13.41 16.30
CA ALA A 25 -5.85 -13.01 15.68
C ALA A 25 -6.03 -11.74 14.85
N SER A 26 -7.02 -10.93 15.22
CA SER A 26 -7.30 -9.69 14.50
C SER A 26 -6.44 -8.55 15.02
N SER A 27 -5.14 -8.82 15.17
CA SER A 27 -4.21 -7.81 15.67
C SER A 27 -3.50 -7.11 14.51
N VAL A 28 -3.65 -5.80 14.44
CA VAL A 28 -3.03 -5.01 13.38
C VAL A 28 -1.63 -5.53 13.06
N GLU A 29 -0.94 -6.02 14.09
CA GLU A 29 0.41 -6.54 13.93
C GLU A 29 0.38 -7.90 13.24
N GLN A 30 -0.57 -8.75 13.65
CA GLN A 30 -0.70 -10.09 13.08
C GLN A 30 -1.61 -10.06 11.85
N LEU A 31 -2.87 -9.71 12.06
CA LEU A 31 -3.84 -9.65 10.98
C LEU A 31 -3.20 -9.07 9.71
N ARG A 32 -2.30 -8.11 9.90
CA ARG A 32 -1.62 -7.47 8.77
C ARG A 32 -1.38 -8.47 7.65
N LYS A 33 -0.84 -9.64 8.00
CA LYS A 33 -0.55 -10.68 7.03
C LYS A 33 -1.79 -10.98 6.18
N GLU A 34 -2.92 -11.17 6.86
CA GLU A 34 -4.17 -11.47 6.16
C GLU A 34 -4.30 -10.63 4.89
N GLY A 35 -3.90 -9.37 4.98
CA GLY A 35 -3.98 -8.48 3.83
C GLY A 35 -3.05 -8.90 2.71
N ASN A 36 -1.75 -8.90 2.99
CA ASN A 36 -0.75 -9.27 2.00
C ASN A 36 -1.03 -10.67 1.44
N GLU A 37 -1.12 -11.65 2.33
CA GLU A 37 -1.38 -13.02 1.93
C GLU A 37 -2.42 -13.07 0.80
N LEU A 38 -3.47 -12.29 0.95
CA LEU A 38 -4.53 -12.23 -0.05
C LEU A 38 -4.04 -11.54 -1.33
N PHE A 39 -3.17 -10.55 -1.17
CA PHE A 39 -2.62 -9.82 -2.30
C PHE A 39 -1.73 -10.71 -3.15
N LYS A 40 -0.75 -11.35 -2.50
CA LYS A 40 0.18 -12.23 -3.19
C LYS A 40 -0.56 -13.35 -3.89
N CYS A 41 -1.84 -13.50 -3.58
CA CYS A 41 -2.67 -14.54 -4.19
C CYS A 41 -3.60 -13.95 -5.24
N GLY A 42 -3.94 -12.68 -5.08
CA GLY A 42 -4.83 -12.02 -6.02
C GLY A 42 -6.05 -11.43 -5.35
N ASP A 43 -6.58 -12.14 -4.36
CA ASP A 43 -7.76 -11.69 -3.64
C ASP A 43 -7.61 -10.23 -3.21
N TYR A 44 -8.15 -9.32 -4.02
CA TYR A 44 -8.07 -7.89 -3.73
C TYR A 44 -9.17 -7.48 -2.76
N GLY A 45 -10.41 -7.81 -3.10
CA GLY A 45 -11.54 -7.46 -2.25
C GLY A 45 -11.27 -7.78 -0.78
N GLY A 46 -10.53 -8.85 -0.54
CA GLY A 46 -10.22 -9.24 0.82
C GLY A 46 -9.01 -8.51 1.38
N ALA A 47 -7.89 -8.62 0.68
CA ALA A 47 -6.66 -7.96 1.11
C ALA A 47 -6.95 -6.60 1.73
N LEU A 48 -7.74 -5.79 1.02
CA LEU A 48 -8.10 -4.46 1.51
C LEU A 48 -8.75 -4.54 2.89
N ALA A 49 -9.86 -5.29 2.97
CA ALA A 49 -10.58 -5.45 4.23
C ALA A 49 -9.61 -5.59 5.39
N ALA A 50 -8.68 -6.53 5.28
CA ALA A 50 -7.69 -6.77 6.33
C ALA A 50 -7.01 -5.48 6.75
N TYR A 51 -6.51 -4.73 5.76
CA TYR A 51 -5.82 -3.48 6.04
C TYR A 51 -6.71 -2.55 6.87
N THR A 52 -7.98 -2.48 6.50
CA THR A 52 -8.93 -1.63 7.21
C THR A 52 -8.85 -1.86 8.72
N GLN A 53 -9.02 -3.11 9.13
CA GLN A 53 -8.97 -3.46 10.54
C GLN A 53 -7.71 -2.92 11.20
N ALA A 54 -6.56 -3.34 10.69
CA ALA A 54 -5.27 -2.91 11.22
C ALA A 54 -5.25 -1.39 11.41
N LEU A 55 -5.63 -0.66 10.37
CA LEU A 55 -5.66 0.79 10.42
C LEU A 55 -6.64 1.28 11.48
N GLY A 56 -7.79 0.62 11.56
CA GLY A 56 -8.80 1.01 12.54
C GLY A 56 -8.25 1.06 13.95
N LEU A 57 -7.49 0.03 14.33
CA LEU A 57 -6.90 -0.03 15.66
C LEU A 57 -5.93 1.12 15.89
N ASP A 58 -5.59 1.36 17.14
CA ASP A 58 -4.66 2.44 17.50
C ASP A 58 -3.22 1.96 17.36
N ALA A 59 -2.94 1.23 16.29
CA ALA A 59 -1.60 0.72 16.04
C ALA A 59 -0.57 1.84 16.06
N THR A 60 0.71 1.47 16.12
CA THR A 60 1.79 2.45 16.15
C THR A 60 1.67 3.44 14.99
N PRO A 61 2.28 4.63 15.17
CA PRO A 61 2.25 5.68 14.15
C PRO A 61 3.08 5.32 12.92
N GLN A 62 3.89 4.27 13.04
CA GLN A 62 4.73 3.83 11.95
C GLN A 62 4.02 2.76 11.11
N ASP A 63 3.20 1.95 11.76
CA ASP A 63 2.47 0.89 11.09
C ASP A 63 1.22 1.45 10.40
N GLN A 64 0.71 2.57 10.92
CA GLN A 64 -0.47 3.20 10.36
C GLN A 64 -0.20 3.70 8.94
N ALA A 65 1.04 4.10 8.69
CA ALA A 65 1.42 4.60 7.38
C ALA A 65 1.57 3.46 6.37
N VAL A 66 2.50 2.54 6.65
CA VAL A 66 2.75 1.41 5.78
C VAL A 66 1.44 0.80 5.29
N LEU A 67 0.48 0.64 6.21
CA LEU A 67 -0.81 0.07 5.87
C LEU A 67 -1.55 0.96 4.87
N HIS A 68 -1.45 2.27 5.07
CA HIS A 68 -2.10 3.22 4.18
C HIS A 68 -1.59 3.08 2.75
N ARG A 69 -0.30 3.30 2.56
CA ARG A 69 0.31 3.21 1.24
C ARG A 69 0.02 1.85 0.62
N ASN A 70 -0.12 0.83 1.45
CA ASN A 70 -0.40 -0.52 0.97
C ASN A 70 -1.81 -0.61 0.41
N ARG A 71 -2.78 -0.09 1.17
CA ARG A 71 -4.17 -0.12 0.74
C ARG A 71 -4.32 0.38 -0.69
N ALA A 72 -3.70 1.52 -0.99
CA ALA A 72 -3.77 2.09 -2.32
C ALA A 72 -3.78 1.00 -3.39
N ALA A 73 -2.91 0.00 -3.22
CA ALA A 73 -2.83 -1.11 -4.17
C ALA A 73 -4.21 -1.70 -4.45
N CYS A 74 -4.88 -2.13 -3.39
CA CYS A 74 -6.20 -2.73 -3.52
C CYS A 74 -7.06 -1.93 -4.50
N HIS A 75 -7.09 -0.61 -4.31
CA HIS A 75 -7.87 0.27 -5.17
C HIS A 75 -7.31 0.28 -6.59
N LEU A 76 -6.02 0.53 -6.70
CA LEU A 76 -5.35 0.57 -8.01
C LEU A 76 -5.75 -0.63 -8.86
N LYS A 77 -5.82 -1.80 -8.23
CA LYS A 77 -6.19 -3.02 -8.92
C LYS A 77 -7.69 -3.04 -9.22
N LEU A 78 -8.48 -2.56 -8.27
CA LEU A 78 -9.93 -2.53 -8.44
C LEU A 78 -10.36 -1.28 -9.19
N GLU A 79 -9.64 -0.95 -10.25
CA GLU A 79 -9.95 0.22 -11.07
C GLU A 79 -10.45 1.36 -10.18
N ASP A 80 -9.76 1.60 -9.08
CA ASP A 80 -10.12 2.67 -8.15
C ASP A 80 -8.93 3.57 -7.87
N TYR A 81 -8.12 3.83 -8.89
CA TYR A 81 -6.95 4.67 -8.74
C TYR A 81 -7.28 5.94 -7.95
N ASP A 82 -8.37 6.59 -8.33
CA ASP A 82 -8.81 7.81 -7.66
C ASP A 82 -8.50 7.75 -6.17
N LYS A 83 -9.12 6.79 -5.48
CA LYS A 83 -8.91 6.63 -4.04
C LYS A 83 -7.43 6.39 -3.73
N ALA A 84 -6.79 5.54 -4.52
CA ALA A 84 -5.37 5.23 -4.33
C ALA A 84 -4.56 6.51 -4.14
N GLU A 85 -4.63 7.40 -5.12
CA GLU A 85 -3.90 8.66 -5.04
C GLU A 85 -3.92 9.23 -3.63
N THR A 86 -5.10 9.31 -3.04
CA THR A 86 -5.25 9.83 -1.69
C THR A 86 -4.47 8.98 -0.68
N GLU A 87 -4.88 7.73 -0.54
CA GLU A 87 -4.22 6.81 0.39
C GLU A 87 -2.70 6.94 0.30
N ALA A 88 -2.23 7.39 -0.86
CA ALA A 88 -0.79 7.57 -1.08
C ALA A 88 -0.31 8.90 -0.52
N SER A 89 -1.04 9.96 -0.83
CA SER A 89 -0.70 11.30 -0.36
C SER A 89 -0.79 11.39 1.16
N LYS A 90 -1.55 10.48 1.75
CA LYS A 90 -1.72 10.45 3.20
C LYS A 90 -0.65 9.60 3.86
N ALA A 91 -0.34 8.46 3.23
CA ALA A 91 0.68 7.55 3.75
C ALA A 91 2.05 8.22 3.77
N ILE A 92 2.29 9.10 2.81
CA ILE A 92 3.56 9.80 2.71
C ILE A 92 3.76 10.75 3.89
N GLU A 93 2.82 11.68 4.05
CA GLU A 93 2.90 12.65 5.13
C GLU A 93 3.07 11.95 6.48
N LYS A 94 2.46 10.78 6.61
CA LYS A 94 2.55 10.00 7.85
C LYS A 94 3.99 9.71 8.20
N ASP A 95 4.79 9.39 7.19
CA ASP A 95 6.21 9.09 7.39
C ASP A 95 7.08 10.27 6.98
N GLY A 96 7.06 10.59 5.69
CA GLY A 96 7.85 11.70 5.20
C GLY A 96 8.76 11.29 4.06
N GLY A 97 9.59 10.27 4.30
CA GLY A 97 10.51 9.80 3.27
C GLY A 97 10.24 8.37 2.89
N ASP A 98 9.01 8.08 2.48
CA ASP A 98 8.63 6.73 2.06
C ASP A 98 8.30 6.69 0.58
N VAL A 99 9.30 6.40 -0.24
CA VAL A 99 9.12 6.32 -1.69
C VAL A 99 8.07 5.27 -2.05
N LYS A 100 8.12 4.14 -1.37
CA LYS A 100 7.17 3.05 -1.62
C LYS A 100 5.80 3.60 -2.00
N ALA A 101 5.31 4.56 -1.21
CA ALA A 101 4.02 5.18 -1.46
C ALA A 101 4.05 6.01 -2.74
N LEU A 102 5.09 6.79 -2.91
CA LEU A 102 5.24 7.64 -4.10
C LEU A 102 5.02 6.83 -5.36
N TYR A 103 5.79 5.76 -5.52
CA TYR A 103 5.69 4.90 -6.69
C TYR A 103 4.24 4.50 -6.94
N ARG A 104 3.53 4.13 -5.88
CA ARG A 104 2.14 3.72 -5.98
C ARG A 104 1.26 4.88 -6.45
N ARG A 105 1.43 6.03 -5.79
CA ARG A 105 0.66 7.22 -6.13
C ARG A 105 0.74 7.51 -7.62
N SER A 106 1.96 7.58 -8.14
CA SER A 106 2.18 7.85 -9.56
C SER A 106 1.27 6.99 -10.43
N GLN A 107 1.24 5.70 -10.15
CA GLN A 107 0.41 4.76 -10.90
C GLN A 107 -0.99 5.32 -11.09
N ALA A 108 -1.52 5.95 -10.05
CA ALA A 108 -2.86 6.52 -10.09
C ALA A 108 -2.88 7.79 -10.95
N LEU A 109 -1.88 8.64 -10.77
CA LEU A 109 -1.79 9.88 -11.53
C LEU A 109 -1.85 9.61 -13.03
N GLU A 110 -0.92 8.79 -13.52
CA GLU A 110 -0.87 8.44 -14.93
C GLU A 110 -2.26 8.11 -15.46
N LYS A 111 -3.05 7.42 -14.64
CA LYS A 111 -4.41 7.04 -15.02
C LYS A 111 -5.34 8.26 -15.04
N LEU A 112 -5.30 9.03 -13.96
CA LEU A 112 -6.14 10.22 -13.85
C LEU A 112 -5.83 11.21 -14.97
N GLY A 113 -4.59 11.16 -15.47
CA GLY A 113 -4.20 12.05 -16.55
C GLY A 113 -3.28 13.16 -16.07
N ARG A 114 -2.38 12.82 -15.15
CA ARG A 114 -1.44 13.79 -14.61
C ARG A 114 0.00 13.37 -14.90
N LEU A 115 0.24 12.89 -16.11
CA LEU A 115 1.58 12.46 -16.51
C LEU A 115 2.64 13.43 -16.02
N ASP A 116 2.37 14.72 -16.20
CA ASP A 116 3.31 15.76 -15.78
C ASP A 116 3.70 15.57 -14.32
N GLN A 117 2.72 15.23 -13.49
CA GLN A 117 2.97 15.02 -12.07
C GLN A 117 3.61 13.67 -11.82
N ALA A 118 3.12 12.65 -12.50
CA ALA A 118 3.64 11.30 -12.36
C ALA A 118 5.17 11.30 -12.38
N VAL A 119 5.74 12.18 -13.19
CA VAL A 119 7.19 12.28 -13.31
C VAL A 119 7.79 12.92 -12.06
N LEU A 120 7.11 13.92 -11.53
CA LEU A 120 7.57 14.62 -10.33
C LEU A 120 7.53 13.70 -9.12
N ASP A 121 6.46 12.93 -9.00
CA ASP A 121 6.30 12.00 -7.88
C ASP A 121 7.31 10.86 -7.97
N LEU A 122 7.54 10.36 -9.18
CA LEU A 122 8.48 9.27 -9.39
C LEU A 122 9.92 9.76 -9.24
N GLN A 123 10.21 10.89 -9.88
CA GLN A 123 11.55 11.47 -9.81
C GLN A 123 12.12 11.38 -8.40
N ARG A 124 11.26 11.63 -7.40
CA ARG A 124 11.67 11.58 -6.01
C ARG A 124 12.08 10.16 -5.61
N CYS A 125 11.21 9.20 -5.90
CA CYS A 125 11.47 7.81 -5.57
C CYS A 125 12.93 7.46 -5.83
N VAL A 126 13.46 7.96 -6.94
CA VAL A 126 14.86 7.70 -7.31
C VAL A 126 15.82 8.40 -6.35
N SER A 127 15.47 9.62 -5.96
CA SER A 127 16.31 10.40 -5.06
C SER A 127 16.44 9.70 -3.71
N LEU A 128 15.30 9.43 -3.08
CA LEU A 128 15.28 8.77 -1.77
C LEU A 128 15.87 7.37 -1.87
N GLU A 129 15.57 6.68 -2.97
CA GLU A 129 16.07 5.33 -3.18
C GLU A 129 16.89 5.25 -4.47
N PRO A 130 18.20 5.44 -4.34
CA PRO A 130 19.13 5.39 -5.47
C PRO A 130 19.29 3.99 -6.03
N LYS A 131 19.13 2.99 -5.17
CA LYS A 131 19.25 1.60 -5.58
C LYS A 131 17.98 1.11 -6.29
N ASN A 132 16.83 1.45 -5.71
CA ASN A 132 15.55 1.06 -6.28
C ASN A 132 15.51 1.36 -7.78
N LYS A 133 15.65 0.32 -8.59
CA LYS A 133 15.62 0.47 -10.04
C LYS A 133 14.19 0.51 -10.56
N VAL A 134 13.31 -0.28 -9.93
CA VAL A 134 11.92 -0.32 -10.32
C VAL A 134 11.35 1.07 -10.53
N PHE A 135 11.97 2.06 -9.90
CA PHE A 135 11.53 3.45 -10.03
C PHE A 135 12.09 4.09 -11.29
N GLN A 136 13.35 3.80 -11.59
CA GLN A 136 14.01 4.35 -12.77
C GLN A 136 13.41 3.76 -14.05
N GLU A 137 12.99 2.50 -13.97
CA GLU A 137 12.39 1.83 -15.11
C GLU A 137 10.99 2.35 -15.40
N ALA A 138 10.27 2.67 -14.33
CA ALA A 138 8.91 3.19 -14.46
C ALA A 138 8.90 4.62 -14.97
N LEU A 139 9.94 5.38 -14.62
CA LEU A 139 10.07 6.76 -15.05
C LEU A 139 10.30 6.85 -16.55
N ARG A 140 11.46 6.37 -17.00
CA ARG A 140 11.81 6.39 -18.41
C ARG A 140 10.58 6.17 -19.27
N ASN A 141 9.68 5.32 -18.81
CA ASN A 141 8.46 5.01 -19.54
C ASN A 141 7.65 6.29 -19.82
N ILE A 142 7.39 7.04 -18.76
CA ILE A 142 6.63 8.28 -18.88
C ILE A 142 7.54 9.45 -19.26
N SER A 143 8.64 9.58 -18.52
CA SER A 143 9.60 10.66 -18.77
C SER A 143 10.18 10.55 -20.19
N GLY A 144 10.65 9.36 -20.55
CA GLY A 144 11.21 9.15 -21.86
C GLY A 144 12.72 9.10 -21.84
N PRO A 145 13.35 9.36 -23.00
CA PRO A 145 14.80 9.34 -23.14
C PRO A 145 15.47 10.50 -22.41
N SER A 146 16.25 10.19 -21.38
CA SER A 146 16.94 11.21 -20.60
C SER A 146 18.45 11.05 -20.71
N SER A 147 19.12 12.11 -21.15
CA SER A 147 20.57 12.08 -21.30
C SER A 147 21.21 13.31 -20.66
N GLY A 148 20.59 14.48 -20.88
CA GLY A 148 21.12 15.71 -20.32
C GLY A 148 20.06 16.79 -20.23
N GLY A 1 37.04 40.41 29.15
CA GLY A 1 36.22 39.22 29.26
C GLY A 1 35.44 38.92 28.00
N SER A 2 35.76 37.80 27.36
CA SER A 2 35.08 37.40 26.14
C SER A 2 35.21 35.89 25.90
N SER A 3 34.08 35.23 25.73
CA SER A 3 34.07 33.79 25.50
C SER A 3 32.67 33.32 25.12
N GLY A 4 32.61 32.25 24.32
CA GLY A 4 31.33 31.72 23.89
C GLY A 4 31.48 30.49 23.02
N SER A 5 31.10 29.33 23.56
CA SER A 5 31.21 28.08 22.82
C SER A 5 30.00 27.18 23.12
N SER A 6 29.60 26.39 22.12
CA SER A 6 28.47 25.49 22.27
C SER A 6 28.35 24.56 21.06
N GLY A 7 28.19 23.27 21.33
CA GLY A 7 28.06 22.30 20.26
C GLY A 7 27.85 20.89 20.78
N MET A 8 26.59 20.51 20.94
CA MET A 8 26.25 19.17 21.43
C MET A 8 24.90 18.72 20.89
N THR A 9 24.60 17.44 21.06
CA THR A 9 23.35 16.87 20.58
C THR A 9 23.08 15.51 21.21
N VAL A 10 21.81 15.21 21.46
CA VAL A 10 21.43 13.94 22.06
C VAL A 10 20.33 13.26 21.24
N SER A 11 20.56 12.01 20.88
CA SER A 11 19.59 11.25 20.10
C SER A 11 19.50 9.81 20.59
N GLY A 12 18.47 9.09 20.14
CA GLY A 12 18.29 7.71 20.55
C GLY A 12 16.85 7.24 20.36
N PRO A 13 16.53 6.82 19.13
CA PRO A 13 15.20 6.33 18.79
C PRO A 13 14.88 4.98 19.44
N GLY A 14 13.64 4.54 19.30
CA GLY A 14 13.24 3.27 19.88
C GLY A 14 11.89 2.79 19.36
N THR A 15 11.72 1.47 19.30
CA THR A 15 10.47 0.89 18.81
C THR A 15 10.33 -0.55 19.26
N PRO A 16 9.15 -0.89 19.81
CA PRO A 16 8.87 -2.25 20.28
C PRO A 16 8.74 -3.26 19.14
N GLU A 17 8.49 -4.51 19.50
CA GLU A 17 8.35 -5.57 18.49
C GLU A 17 7.14 -6.44 18.80
N PRO A 18 6.46 -6.90 17.74
CA PRO A 18 5.27 -7.75 17.87
C PRO A 18 5.62 -9.15 18.37
N ARG A 19 4.59 -9.92 18.73
CA ARG A 19 4.79 -11.27 19.23
C ARG A 19 3.59 -12.16 18.87
N PRO A 20 3.88 -13.44 18.57
CA PRO A 20 2.85 -14.42 18.21
C PRO A 20 1.95 -14.78 19.39
N ALA A 21 0.66 -14.92 19.14
CA ALA A 21 -0.29 -15.27 20.18
C ALA A 21 -1.41 -16.14 19.63
N THR A 22 -2.29 -16.60 20.51
CA THR A 22 -3.41 -17.45 20.11
C THR A 22 -3.98 -17.01 18.76
N PRO A 23 -4.37 -17.99 17.94
CA PRO A 23 -4.94 -17.72 16.62
C PRO A 23 -6.32 -17.09 16.68
N GLY A 24 -6.80 -16.59 15.55
CA GLY A 24 -8.11 -15.97 15.52
C GLY A 24 -8.13 -14.61 16.18
N ALA A 25 -7.09 -13.82 15.93
CA ALA A 25 -6.99 -12.48 16.51
C ALA A 25 -6.99 -11.41 15.43
N SER A 26 -8.07 -10.64 15.38
CA SER A 26 -8.21 -9.58 14.38
C SER A 26 -7.48 -8.32 14.83
N SER A 27 -6.24 -8.50 15.31
CA SER A 27 -5.43 -7.38 15.77
C SER A 27 -4.62 -6.78 14.63
N VAL A 28 -4.70 -5.47 14.47
CA VAL A 28 -3.96 -4.77 13.42
C VAL A 28 -2.59 -5.38 13.22
N GLU A 29 -1.96 -5.79 14.31
CA GLU A 29 -0.63 -6.39 14.26
C GLU A 29 -0.69 -7.78 13.63
N GLN A 30 -1.64 -8.58 14.09
CA GLN A 30 -1.81 -9.94 13.57
C GLN A 30 -2.61 -9.94 12.27
N LEU A 31 -3.86 -9.49 12.37
CA LEU A 31 -4.74 -9.44 11.19
C LEU A 31 -3.95 -9.06 9.94
N ARG A 32 -2.94 -8.22 10.11
CA ARG A 32 -2.11 -7.78 8.99
C ARG A 32 -1.95 -8.91 7.98
N LYS A 33 -1.50 -10.06 8.44
CA LYS A 33 -1.29 -11.22 7.58
C LYS A 33 -2.51 -11.46 6.70
N GLU A 34 -3.70 -11.39 7.31
CA GLU A 34 -4.94 -11.60 6.58
C GLU A 34 -4.90 -10.91 5.22
N GLY A 35 -4.37 -9.69 5.19
CA GLY A 35 -4.29 -8.94 3.96
C GLY A 35 -3.26 -9.52 3.00
N ASN A 36 -2.01 -9.56 3.43
CA ASN A 36 -0.93 -10.09 2.61
C ASN A 36 -1.27 -11.49 2.10
N GLU A 37 -1.56 -12.39 3.03
CA GLU A 37 -1.91 -13.76 2.67
C GLU A 37 -2.82 -13.81 1.45
N LEU A 38 -3.87 -12.99 1.48
CA LEU A 38 -4.81 -12.93 0.38
C LEU A 38 -4.18 -12.30 -0.86
N PHE A 39 -3.36 -11.27 -0.64
CA PHE A 39 -2.68 -10.59 -1.73
C PHE A 39 -1.82 -11.56 -2.53
N LYS A 40 -0.90 -12.23 -1.85
CA LYS A 40 -0.01 -13.19 -2.49
C LYS A 40 -0.79 -14.37 -3.04
N CYS A 41 -2.09 -14.40 -2.76
CA CYS A 41 -2.96 -15.48 -3.23
C CYS A 41 -3.82 -15.01 -4.39
N GLY A 42 -3.85 -13.70 -4.62
CA GLY A 42 -4.64 -13.15 -5.70
C GLY A 42 -5.95 -12.55 -5.20
N ASP A 43 -6.35 -12.91 -3.99
CA ASP A 43 -7.58 -12.40 -3.41
C ASP A 43 -7.42 -10.96 -2.98
N TYR A 44 -7.68 -10.04 -3.90
CA TYR A 44 -7.56 -8.61 -3.61
C TYR A 44 -8.79 -8.10 -2.87
N GLY A 45 -9.97 -8.46 -3.37
CA GLY A 45 -11.21 -8.03 -2.74
C GLY A 45 -11.19 -8.24 -1.24
N GLY A 46 -10.50 -9.29 -0.79
CA GLY A 46 -10.42 -9.59 0.63
C GLY A 46 -9.19 -8.99 1.28
N ALA A 47 -8.07 -9.02 0.56
CA ALA A 47 -6.82 -8.47 1.08
C ALA A 47 -6.99 -7.02 1.51
N LEU A 48 -7.77 -6.27 0.73
CA LEU A 48 -8.01 -4.86 1.01
C LEU A 48 -8.82 -4.70 2.30
N ALA A 49 -9.80 -5.57 2.49
CA ALA A 49 -10.65 -5.54 3.68
C ALA A 49 -9.80 -5.60 4.95
N ALA A 50 -8.86 -6.54 4.99
CA ALA A 50 -7.99 -6.71 6.14
C ALA A 50 -7.22 -5.43 6.44
N TYR A 51 -6.61 -4.85 5.41
CA TYR A 51 -5.85 -3.61 5.56
C TYR A 51 -6.69 -2.53 6.21
N THR A 52 -7.95 -2.45 5.80
CA THR A 52 -8.87 -1.44 6.33
C THR A 52 -8.97 -1.55 7.85
N GLN A 53 -9.22 -2.76 8.34
CA GLN A 53 -9.35 -2.99 9.78
C GLN A 53 -8.11 -2.46 10.52
N ALA A 54 -6.95 -3.00 10.16
CA ALA A 54 -5.69 -2.58 10.80
C ALA A 54 -5.70 -1.09 11.09
N LEU A 55 -5.96 -0.28 10.06
CA LEU A 55 -5.99 1.17 10.21
C LEU A 55 -7.11 1.60 11.15
N GLY A 56 -8.24 0.90 11.07
CA GLY A 56 -9.37 1.21 11.92
C GLY A 56 -9.01 1.19 13.39
N LEU A 57 -8.15 0.27 13.78
CA LEU A 57 -7.72 0.14 15.17
C LEU A 57 -6.67 1.19 15.52
N ASP A 58 -6.69 1.65 16.75
CA ASP A 58 -5.74 2.65 17.22
C ASP A 58 -4.32 2.08 17.28
N ALA A 59 -3.68 2.00 16.11
CA ALA A 59 -2.32 1.47 16.04
C ALA A 59 -1.29 2.58 16.08
N THR A 60 -0.06 2.23 16.41
CA THR A 60 1.03 3.20 16.49
C THR A 60 1.02 4.14 15.28
N PRO A 61 1.63 5.32 15.45
CA PRO A 61 1.71 6.32 14.39
C PRO A 61 2.63 5.90 13.25
N GLN A 62 3.39 4.83 13.49
CA GLN A 62 4.32 4.33 12.48
C GLN A 62 3.67 3.21 11.66
N ASP A 63 2.73 2.51 12.27
CA ASP A 63 2.03 1.42 11.60
C ASP A 63 0.95 1.96 10.68
N GLN A 64 0.29 3.03 11.10
CA GLN A 64 -0.78 3.63 10.32
C GLN A 64 -0.29 3.97 8.91
N ALA A 65 0.99 4.29 8.80
CA ALA A 65 1.59 4.63 7.51
C ALA A 65 1.81 3.39 6.66
N VAL A 66 2.77 2.56 7.07
CA VAL A 66 3.08 1.33 6.34
C VAL A 66 1.82 0.68 5.79
N LEU A 67 0.70 0.88 6.49
CA LEU A 67 -0.57 0.32 6.07
C LEU A 67 -1.17 1.12 4.92
N HIS A 68 -1.13 2.44 5.03
CA HIS A 68 -1.67 3.31 3.99
C HIS A 68 -1.07 2.98 2.64
N ARG A 69 0.26 3.05 2.56
CA ARG A 69 0.97 2.75 1.31
C ARG A 69 0.54 1.39 0.76
N ASN A 70 0.13 0.49 1.64
CA ASN A 70 -0.30 -0.84 1.25
C ASN A 70 -1.72 -0.81 0.69
N ARG A 71 -2.62 -0.18 1.43
CA ARG A 71 -4.02 -0.07 1.01
C ARG A 71 -4.12 0.40 -0.44
N ALA A 72 -3.37 1.45 -0.76
CA ALA A 72 -3.37 1.99 -2.11
C ALA A 72 -3.21 0.90 -3.16
N ALA A 73 -2.21 0.04 -2.96
CA ALA A 73 -1.96 -1.06 -3.88
C ALA A 73 -3.26 -1.71 -4.34
N CYS A 74 -3.95 -2.36 -3.41
CA CYS A 74 -5.21 -3.03 -3.72
C CYS A 74 -6.07 -2.17 -4.62
N HIS A 75 -6.29 -0.92 -4.22
CA HIS A 75 -7.10 0.02 -4.99
C HIS A 75 -6.59 0.11 -6.43
N LEU A 76 -5.39 0.64 -6.59
CA LEU A 76 -4.78 0.79 -7.91
C LEU A 76 -5.06 -0.44 -8.78
N LYS A 77 -5.12 -1.60 -8.14
CA LYS A 77 -5.39 -2.85 -8.85
C LYS A 77 -6.88 -3.02 -9.11
N LEU A 78 -7.70 -2.65 -8.12
CA LEU A 78 -9.15 -2.76 -8.25
C LEU A 78 -9.75 -1.49 -8.85
N GLU A 79 -9.13 -1.01 -9.93
CA GLU A 79 -9.60 0.19 -10.61
C GLU A 79 -10.10 1.21 -9.60
N ASP A 80 -9.27 1.55 -8.63
CA ASP A 80 -9.62 2.52 -7.61
C ASP A 80 -8.52 3.56 -7.41
N TYR A 81 -7.83 3.89 -8.50
CA TYR A 81 -6.74 4.84 -8.46
C TYR A 81 -7.16 6.10 -7.69
N ASP A 82 -8.34 6.61 -8.00
CA ASP A 82 -8.85 7.81 -7.34
C ASP A 82 -8.48 7.81 -5.86
N LYS A 83 -8.97 6.82 -5.13
CA LYS A 83 -8.68 6.71 -3.70
C LYS A 83 -7.20 6.49 -3.46
N ALA A 84 -6.62 5.53 -4.18
CA ALA A 84 -5.21 5.23 -4.04
C ALA A 84 -4.37 6.49 -3.95
N GLU A 85 -4.56 7.39 -4.91
CA GLU A 85 -3.83 8.66 -4.94
C GLU A 85 -3.77 9.27 -3.54
N THR A 86 -4.92 9.33 -2.87
CA THR A 86 -5.00 9.90 -1.53
C THR A 86 -4.35 8.98 -0.50
N GLU A 87 -4.48 7.67 -0.72
CA GLU A 87 -3.91 6.69 0.18
C GLU A 87 -2.38 6.77 0.20
N ALA A 88 -1.81 7.24 -0.91
CA ALA A 88 -0.37 7.38 -1.02
C ALA A 88 0.12 8.69 -0.43
N SER A 89 -0.58 9.78 -0.77
CA SER A 89 -0.22 11.10 -0.27
C SER A 89 -0.40 11.18 1.25
N LYS A 90 -1.14 10.22 1.80
CA LYS A 90 -1.38 10.18 3.24
C LYS A 90 -0.34 9.31 3.94
N ALA A 91 0.14 8.28 3.23
CA ALA A 91 1.14 7.38 3.78
C ALA A 91 2.52 8.04 3.79
N ILE A 92 2.73 8.98 2.89
CA ILE A 92 4.00 9.67 2.78
C ILE A 92 4.16 10.70 3.90
N GLU A 93 3.20 11.63 3.99
CA GLU A 93 3.24 12.66 5.02
C GLU A 93 3.46 12.05 6.40
N LYS A 94 2.90 10.86 6.62
CA LYS A 94 3.05 10.18 7.90
C LYS A 94 4.49 9.74 8.12
N ASP A 95 5.02 8.96 7.18
CA ASP A 95 6.39 8.47 7.28
C ASP A 95 7.39 9.61 6.99
N GLY A 96 7.39 10.09 5.76
CA GLY A 96 8.30 11.16 5.39
C GLY A 96 9.63 10.65 4.89
N GLY A 97 9.63 9.43 4.34
CA GLY A 97 10.85 8.85 3.83
C GLY A 97 10.64 7.45 3.26
N ASP A 98 9.46 7.22 2.71
CA ASP A 98 9.12 5.93 2.13
C ASP A 98 8.79 6.06 0.65
N VAL A 99 9.81 5.97 -0.20
CA VAL A 99 9.63 6.09 -1.64
C VAL A 99 8.62 5.06 -2.15
N LYS A 100 8.62 3.89 -1.53
CA LYS A 100 7.69 2.83 -1.93
C LYS A 100 6.32 3.40 -2.26
N ALA A 101 5.90 4.40 -1.50
CA ALA A 101 4.60 5.03 -1.70
C ALA A 101 4.63 5.93 -2.93
N LEU A 102 5.62 6.82 -2.99
CA LEU A 102 5.76 7.74 -4.10
C LEU A 102 5.45 7.05 -5.43
N TYR A 103 6.07 5.90 -5.66
CA TYR A 103 5.86 5.14 -6.88
C TYR A 103 4.39 4.74 -7.03
N ARG A 104 3.79 4.28 -5.93
CA ARG A 104 2.40 3.86 -5.94
C ARG A 104 1.49 5.03 -6.30
N ARG A 105 1.83 6.22 -5.80
CA ARG A 105 1.04 7.42 -6.07
C ARG A 105 1.01 7.71 -7.57
N SER A 106 2.18 7.86 -8.17
CA SER A 106 2.27 8.14 -9.60
C SER A 106 1.32 7.27 -10.40
N GLN A 107 1.34 5.97 -10.10
CA GLN A 107 0.48 5.02 -10.80
C GLN A 107 -0.94 5.58 -10.96
N ALA A 108 -1.43 6.22 -9.90
CA ALA A 108 -2.77 6.80 -9.92
C ALA A 108 -2.80 8.07 -10.77
N LEU A 109 -1.96 9.03 -10.41
CA LEU A 109 -1.89 10.30 -11.13
C LEU A 109 -2.07 10.08 -12.63
N GLU A 110 -1.31 9.15 -13.19
CA GLU A 110 -1.39 8.84 -14.61
C GLU A 110 -2.82 8.49 -15.01
N LYS A 111 -3.45 7.62 -14.23
CA LYS A 111 -4.82 7.20 -14.50
C LYS A 111 -5.80 8.36 -14.30
N LEU A 112 -5.41 9.33 -13.47
CA LEU A 112 -6.24 10.49 -13.20
C LEU A 112 -6.02 11.58 -14.25
N GLY A 113 -5.25 11.24 -15.27
CA GLY A 113 -4.97 12.21 -16.33
C GLY A 113 -3.77 13.08 -16.03
N ARG A 114 -3.18 12.87 -14.86
CA ARG A 114 -2.01 13.65 -14.45
C ARG A 114 -0.72 12.93 -14.83
N LEU A 115 -0.29 13.09 -16.08
CA LEU A 115 0.93 12.46 -16.56
C LEU A 115 2.16 13.28 -16.18
N ASP A 116 2.03 14.60 -16.26
CA ASP A 116 3.13 15.50 -15.94
C ASP A 116 3.52 15.35 -14.47
N GLN A 117 2.54 15.16 -13.61
CA GLN A 117 2.79 15.01 -12.18
C GLN A 117 3.48 13.68 -11.89
N ALA A 118 2.90 12.59 -12.40
CA ALA A 118 3.47 11.27 -12.19
C ALA A 118 5.00 11.30 -12.29
N VAL A 119 5.50 12.03 -13.27
CA VAL A 119 6.95 12.15 -13.47
C VAL A 119 7.61 12.87 -12.30
N LEU A 120 7.07 14.03 -11.95
CA LEU A 120 7.60 14.81 -10.83
C LEU A 120 7.63 13.99 -9.55
N ASP A 121 6.46 13.56 -9.10
CA ASP A 121 6.35 12.77 -7.88
C ASP A 121 7.33 11.60 -7.91
N LEU A 122 7.60 11.09 -9.10
CA LEU A 122 8.52 9.97 -9.27
C LEU A 122 9.97 10.43 -9.10
N GLN A 123 10.33 11.49 -9.79
CA GLN A 123 11.69 12.02 -9.72
C GLN A 123 12.22 11.95 -8.29
N ARG A 124 11.31 11.97 -7.32
CA ARG A 124 11.70 11.90 -5.92
C ARG A 124 12.07 10.48 -5.52
N CYS A 125 11.15 9.55 -5.76
CA CYS A 125 11.39 8.14 -5.43
C CYS A 125 12.75 7.69 -5.92
N VAL A 126 13.29 8.39 -6.92
CA VAL A 126 14.59 8.05 -7.47
C VAL A 126 15.71 8.61 -6.61
N SER A 127 15.53 9.84 -6.12
CA SER A 127 16.53 10.47 -5.28
C SER A 127 16.80 9.66 -4.02
N LEU A 128 15.74 9.40 -3.26
CA LEU A 128 15.86 8.63 -2.03
C LEU A 128 16.46 7.25 -2.30
N GLU A 129 16.03 6.64 -3.41
CA GLU A 129 16.52 5.32 -3.79
C GLU A 129 17.26 5.38 -5.12
N PRO A 130 18.56 5.70 -5.07
CA PRO A 130 19.40 5.78 -6.26
C PRO A 130 19.67 4.42 -6.89
N LYS A 131 19.51 3.37 -6.10
CA LYS A 131 19.73 2.01 -6.58
C LYS A 131 18.49 1.48 -7.29
N ASN A 132 17.38 1.43 -6.57
CA ASN A 132 16.13 0.94 -7.13
C ASN A 132 16.00 1.31 -8.60
N LYS A 133 15.88 0.30 -9.45
CA LYS A 133 15.76 0.52 -10.89
C LYS A 133 14.30 0.62 -11.30
N VAL A 134 13.42 0.00 -10.51
CA VAL A 134 11.99 0.01 -10.79
C VAL A 134 11.48 1.44 -10.93
N PHE A 135 12.15 2.37 -10.26
CA PHE A 135 11.76 3.78 -10.31
C PHE A 135 12.21 4.43 -11.61
N GLN A 136 13.49 4.25 -11.93
CA GLN A 136 14.06 4.82 -13.16
C GLN A 136 13.35 4.27 -14.39
N GLU A 137 13.06 2.97 -14.37
CA GLU A 137 12.40 2.33 -15.49
C GLU A 137 10.97 2.85 -15.65
N ALA A 138 10.32 3.15 -14.54
CA ALA A 138 8.96 3.67 -14.55
C ALA A 138 8.92 5.09 -15.08
N LEU A 139 9.88 5.91 -14.66
CA LEU A 139 9.96 7.30 -15.09
C LEU A 139 10.03 7.39 -16.61
N ARG A 140 10.96 6.65 -17.19
CA ARG A 140 11.14 6.65 -18.64
C ARG A 140 9.96 5.97 -19.33
N ASN A 141 9.21 5.18 -18.58
CA ASN A 141 8.06 4.47 -19.12
C ASN A 141 6.90 5.44 -19.36
N ILE A 142 6.95 6.59 -18.70
CA ILE A 142 5.90 7.60 -18.84
C ILE A 142 6.45 8.87 -19.47
N SER A 143 7.74 9.10 -19.30
CA SER A 143 8.39 10.28 -19.84
C SER A 143 8.51 10.18 -21.36
N GLY A 144 8.76 8.97 -21.85
CA GLY A 144 8.89 8.75 -23.28
C GLY A 144 10.30 8.36 -23.68
N PRO A 145 10.56 8.31 -24.99
CA PRO A 145 11.87 7.94 -25.53
C PRO A 145 12.92 9.03 -25.27
N SER A 146 14.17 8.60 -25.13
CA SER A 146 15.26 9.53 -24.88
C SER A 146 15.08 10.82 -25.68
N SER A 147 15.09 11.96 -24.98
CA SER A 147 14.91 13.25 -25.62
C SER A 147 16.08 13.56 -26.55
N GLY A 148 17.28 13.20 -26.11
CA GLY A 148 18.47 13.44 -26.91
C GLY A 148 19.38 12.24 -26.99
N GLY A 1 -46.72 -18.54 39.84
CA GLY A 1 -46.46 -17.78 41.06
C GLY A 1 -45.21 -18.23 41.78
N SER A 2 -44.08 -17.61 41.45
CA SER A 2 -42.81 -17.95 42.07
C SER A 2 -41.87 -16.74 42.12
N SER A 3 -41.05 -16.68 43.16
CA SER A 3 -40.12 -15.57 43.33
C SER A 3 -38.70 -16.01 42.99
N GLY A 4 -37.92 -15.09 42.42
CA GLY A 4 -36.55 -15.39 42.06
C GLY A 4 -35.83 -14.20 41.47
N SER A 5 -34.52 -14.32 41.29
CA SER A 5 -33.71 -13.24 40.74
C SER A 5 -32.43 -13.78 40.10
N SER A 6 -31.68 -12.90 39.46
CA SER A 6 -30.44 -13.29 38.80
C SER A 6 -29.46 -12.12 38.74
N GLY A 7 -28.27 -12.37 38.19
CA GLY A 7 -27.27 -11.33 38.08
C GLY A 7 -26.53 -11.38 36.77
N MET A 8 -25.33 -10.79 36.74
CA MET A 8 -24.51 -10.77 35.54
C MET A 8 -23.12 -10.22 35.84
N THR A 9 -22.17 -10.55 34.97
CA THR A 9 -20.79 -10.09 35.14
C THR A 9 -20.11 -9.87 33.79
N VAL A 10 -19.19 -8.91 33.74
CA VAL A 10 -18.47 -8.61 32.52
C VAL A 10 -17.05 -8.15 32.82
N SER A 11 -16.13 -8.45 31.90
CA SER A 11 -14.73 -8.08 32.07
C SER A 11 -13.93 -8.39 30.81
N GLY A 12 -12.66 -7.98 30.81
CA GLY A 12 -11.81 -8.23 29.66
C GLY A 12 -10.57 -7.35 29.66
N PRO A 13 -9.69 -7.56 30.64
CA PRO A 13 -8.45 -6.78 30.77
C PRO A 13 -7.45 -7.11 29.67
N GLY A 14 -6.28 -6.48 29.74
CA GLY A 14 -5.25 -6.73 28.74
C GLY A 14 -4.02 -7.38 29.33
N THR A 15 -3.50 -8.39 28.63
CA THR A 15 -2.31 -9.11 29.09
C THR A 15 -1.52 -9.68 27.91
N PRO A 16 -0.20 -9.43 27.91
CA PRO A 16 0.69 -9.90 26.84
C PRO A 16 0.87 -11.41 26.87
N GLU A 17 0.20 -12.11 25.97
CA GLU A 17 0.28 -13.56 25.90
C GLU A 17 0.46 -14.02 24.45
N PRO A 18 1.10 -15.19 24.28
CA PRO A 18 1.36 -15.76 22.96
C PRO A 18 0.08 -16.25 22.27
N ARG A 19 0.24 -16.96 21.17
CA ARG A 19 -0.89 -17.48 20.42
C ARG A 19 -1.18 -18.93 20.81
N PRO A 20 -2.41 -19.19 21.28
CA PRO A 20 -2.85 -20.52 21.69
C PRO A 20 -2.98 -21.48 20.50
N ALA A 21 -3.67 -22.60 20.72
CA ALA A 21 -3.88 -23.59 19.67
C ALA A 21 -5.19 -23.33 18.94
N THR A 22 -5.45 -22.07 18.61
CA THR A 22 -6.66 -21.69 17.91
C THR A 22 -6.59 -20.26 17.41
N PRO A 23 -6.90 -20.06 16.13
CA PRO A 23 -6.87 -18.73 15.50
C PRO A 23 -7.99 -17.82 16.00
N GLY A 24 -7.62 -16.81 16.79
CA GLY A 24 -8.60 -15.90 17.34
C GLY A 24 -7.98 -14.57 17.74
N ALA A 25 -7.05 -14.09 16.94
CA ALA A 25 -6.38 -12.82 17.22
C ALA A 25 -6.37 -11.91 15.98
N SER A 26 -7.29 -10.95 15.96
CA SER A 26 -7.39 -10.02 14.84
C SER A 26 -6.64 -8.72 15.14
N SER A 27 -5.44 -8.85 15.69
CA SER A 27 -4.62 -7.70 16.03
C SER A 27 -4.02 -7.07 14.77
N VAL A 28 -4.06 -5.74 14.71
CA VAL A 28 -3.52 -5.02 13.56
C VAL A 28 -2.24 -5.66 13.06
N GLU A 29 -1.40 -6.13 13.98
CA GLU A 29 -0.14 -6.76 13.63
C GLU A 29 -0.39 -8.15 13.03
N GLN A 30 -1.15 -8.97 13.76
CA GLN A 30 -1.46 -10.31 13.31
C GLN A 30 -2.32 -10.29 12.04
N LEU A 31 -3.58 -9.88 12.19
CA LEU A 31 -4.49 -9.81 11.06
C LEU A 31 -3.78 -9.30 9.81
N ARG A 32 -2.84 -8.39 10.00
CA ARG A 32 -2.08 -7.83 8.89
C ARG A 32 -1.85 -8.88 7.81
N LYS A 33 -1.34 -10.03 8.22
CA LYS A 33 -1.07 -11.13 7.28
C LYS A 33 -2.26 -11.36 6.37
N GLU A 34 -3.45 -11.46 6.95
CA GLU A 34 -4.66 -11.69 6.18
C GLU A 34 -4.70 -10.81 4.94
N GLY A 35 -4.35 -9.54 5.11
CA GLY A 35 -4.34 -8.61 4.00
C GLY A 35 -3.41 -9.05 2.88
N ASN A 36 -2.12 -9.12 3.18
CA ASN A 36 -1.13 -9.52 2.19
C ASN A 36 -1.45 -10.91 1.63
N GLU A 37 -1.55 -11.89 2.52
CA GLU A 37 -1.85 -13.26 2.12
C GLU A 37 -2.98 -13.28 1.10
N LEU A 38 -3.95 -12.39 1.26
CA LEU A 38 -5.09 -12.30 0.36
C LEU A 38 -4.68 -11.68 -0.97
N PHE A 39 -3.71 -10.77 -0.93
CA PHE A 39 -3.23 -10.10 -2.12
C PHE A 39 -2.41 -11.06 -2.99
N LYS A 40 -1.46 -11.74 -2.37
CA LYS A 40 -0.61 -12.69 -3.07
C LYS A 40 -1.43 -13.84 -3.66
N CYS A 41 -2.72 -13.88 -3.30
CA CYS A 41 -3.61 -14.92 -3.78
C CYS A 41 -4.59 -14.36 -4.81
N GLY A 42 -4.73 -13.04 -4.84
CA GLY A 42 -5.63 -12.40 -5.78
C GLY A 42 -6.80 -11.73 -5.09
N ASP A 43 -7.28 -12.33 -4.02
CA ASP A 43 -8.41 -11.78 -3.28
C ASP A 43 -8.15 -10.33 -2.90
N TYR A 44 -8.60 -9.41 -3.75
CA TYR A 44 -8.42 -7.99 -3.52
C TYR A 44 -9.48 -7.45 -2.57
N GLY A 45 -10.74 -7.69 -2.91
CA GLY A 45 -11.83 -7.23 -2.08
C GLY A 45 -11.62 -7.56 -0.61
N GLY A 46 -10.87 -8.62 -0.35
CA GLY A 46 -10.62 -9.01 1.03
C GLY A 46 -9.32 -8.44 1.57
N ALA A 47 -8.23 -8.70 0.86
CA ALA A 47 -6.91 -8.20 1.27
C ALA A 47 -7.02 -6.78 1.83
N LEU A 48 -7.87 -5.97 1.21
CA LEU A 48 -8.05 -4.59 1.65
C LEU A 48 -8.75 -4.53 3.01
N ALA A 49 -9.84 -5.28 3.13
CA ALA A 49 -10.60 -5.33 4.38
C ALA A 49 -9.66 -5.44 5.58
N ALA A 50 -8.71 -6.38 5.50
CA ALA A 50 -7.75 -6.59 6.57
C ALA A 50 -7.05 -5.29 6.96
N TYR A 51 -6.52 -4.60 5.94
CA TYR A 51 -5.81 -3.35 6.17
C TYR A 51 -6.69 -2.36 6.94
N THR A 52 -7.99 -2.38 6.65
CA THR A 52 -8.94 -1.49 7.31
C THR A 52 -8.90 -1.66 8.82
N GLN A 53 -9.22 -2.87 9.27
CA GLN A 53 -9.22 -3.17 10.70
C GLN A 53 -7.92 -2.72 11.35
N ALA A 54 -6.80 -3.22 10.84
CA ALA A 54 -5.49 -2.87 11.37
C ALA A 54 -5.39 -1.36 11.61
N LEU A 55 -5.64 -0.57 10.57
CA LEU A 55 -5.57 0.88 10.68
C LEU A 55 -6.51 1.38 11.78
N GLY A 56 -7.67 0.75 11.89
CA GLY A 56 -8.63 1.15 12.90
C GLY A 56 -8.05 1.15 14.30
N LEU A 57 -7.33 0.08 14.64
CA LEU A 57 -6.72 -0.06 15.96
C LEU A 57 -5.60 0.98 16.14
N ASP A 58 -5.36 1.36 17.39
CA ASP A 58 -4.32 2.33 17.70
C ASP A 58 -2.93 1.71 17.57
N ALA A 59 -2.48 1.52 16.34
CA ALA A 59 -1.17 0.93 16.08
C ALA A 59 -0.09 2.01 16.04
N THR A 60 1.17 1.57 16.13
CA THR A 60 2.30 2.51 16.11
C THR A 60 2.21 3.44 14.91
N PRO A 61 2.92 4.57 15.00
CA PRO A 61 2.94 5.58 13.93
C PRO A 61 3.70 5.09 12.70
N GLN A 62 4.42 3.99 12.85
CA GLN A 62 5.20 3.42 11.75
C GLN A 62 4.40 2.35 11.02
N ASP A 63 3.45 1.73 11.73
CA ASP A 63 2.61 0.69 11.14
C ASP A 63 1.42 1.30 10.42
N GLN A 64 0.99 2.47 10.87
CA GLN A 64 -0.15 3.15 10.26
C GLN A 64 0.16 3.54 8.81
N ALA A 65 1.43 3.83 8.55
CA ALA A 65 1.86 4.20 7.20
C ALA A 65 1.93 2.99 6.28
N VAL A 66 2.83 2.06 6.61
CA VAL A 66 2.99 0.85 5.81
C VAL A 66 1.64 0.32 5.33
N LEU A 67 0.62 0.46 6.18
CA LEU A 67 -0.71 -0.01 5.84
C LEU A 67 -1.38 0.91 4.82
N HIS A 68 -1.13 2.21 4.95
CA HIS A 68 -1.70 3.19 4.04
C HIS A 68 -1.23 2.94 2.61
N ARG A 69 0.08 2.95 2.42
CA ARG A 69 0.65 2.72 1.10
C ARG A 69 0.18 1.38 0.52
N ASN A 70 -0.20 0.47 1.40
CA ASN A 70 -0.67 -0.85 0.99
C ASN A 70 -2.08 -0.77 0.41
N ARG A 71 -2.97 -0.10 1.14
CA ARG A 71 -4.35 0.04 0.70
C ARG A 71 -4.42 0.38 -0.79
N ALA A 72 -3.74 1.46 -1.17
CA ALA A 72 -3.72 1.89 -2.56
C ALA A 72 -3.54 0.70 -3.50
N ALA A 73 -2.68 -0.23 -3.12
CA ALA A 73 -2.42 -1.42 -3.92
C ALA A 73 -3.73 -2.07 -4.37
N CYS A 74 -4.56 -2.44 -3.40
CA CYS A 74 -5.84 -3.07 -3.69
C CYS A 74 -6.66 -2.23 -4.66
N HIS A 75 -6.79 -0.95 -4.35
CA HIS A 75 -7.54 -0.03 -5.20
C HIS A 75 -7.05 -0.08 -6.64
N LEU A 76 -5.74 0.10 -6.82
CA LEU A 76 -5.14 0.08 -8.15
C LEU A 76 -5.63 -1.12 -8.95
N LYS A 77 -5.64 -2.29 -8.32
CA LYS A 77 -6.08 -3.51 -8.97
C LYS A 77 -7.59 -3.48 -9.22
N LEU A 78 -8.31 -2.79 -8.33
CA LEU A 78 -9.76 -2.67 -8.46
C LEU A 78 -10.14 -1.38 -9.16
N GLU A 79 -9.39 -1.02 -10.20
CA GLU A 79 -9.66 0.20 -10.95
C GLU A 79 -10.14 1.31 -10.03
N ASP A 80 -9.50 1.43 -8.87
CA ASP A 80 -9.87 2.46 -7.90
C ASP A 80 -8.74 3.47 -7.72
N TYR A 81 -7.98 3.69 -8.78
CA TYR A 81 -6.86 4.62 -8.74
C TYR A 81 -7.23 5.89 -7.98
N ASP A 82 -8.35 6.49 -8.36
CA ASP A 82 -8.82 7.72 -7.72
C ASP A 82 -8.50 7.70 -6.22
N LYS A 83 -8.99 6.67 -5.53
CA LYS A 83 -8.74 6.53 -4.10
C LYS A 83 -7.26 6.30 -3.82
N ALA A 84 -6.68 5.35 -4.52
CA ALA A 84 -5.26 5.02 -4.34
C ALA A 84 -4.43 6.29 -4.16
N GLU A 85 -4.61 7.24 -5.07
CA GLU A 85 -3.88 8.51 -5.01
C GLU A 85 -3.99 9.13 -3.62
N THR A 86 -5.21 9.35 -3.17
CA THR A 86 -5.45 9.94 -1.86
C THR A 86 -4.78 9.13 -0.76
N GLU A 87 -4.92 7.81 -0.82
CA GLU A 87 -4.33 6.93 0.17
C GLU A 87 -2.82 7.11 0.23
N ALA A 88 -2.16 6.93 -0.91
CA ALA A 88 -0.72 7.07 -1.00
C ALA A 88 -0.25 8.33 -0.27
N SER A 89 -0.77 9.48 -0.69
CA SER A 89 -0.42 10.75 -0.08
C SER A 89 -0.37 10.63 1.44
N LYS A 90 -1.41 10.05 2.01
CA LYS A 90 -1.49 9.87 3.46
C LYS A 90 -0.32 9.05 3.97
N ALA A 91 0.14 8.10 3.15
CA ALA A 91 1.26 7.24 3.53
C ALA A 91 2.58 8.01 3.48
N ILE A 92 2.57 9.14 2.78
CA ILE A 92 3.77 9.96 2.65
C ILE A 92 3.88 10.95 3.80
N GLU A 93 2.83 11.74 4.01
CA GLU A 93 2.80 12.73 5.07
C GLU A 93 3.02 12.06 6.43
N LYS A 94 2.68 10.78 6.52
CA LYS A 94 2.84 10.03 7.75
C LYS A 94 4.28 10.10 8.25
N ASP A 95 5.21 9.62 7.43
CA ASP A 95 6.62 9.63 7.79
C ASP A 95 7.34 10.81 7.15
N GLY A 96 7.19 10.94 5.83
CA GLY A 96 7.83 12.04 5.12
C GLY A 96 8.80 11.55 4.06
N GLY A 97 9.67 10.62 4.45
CA GLY A 97 10.64 10.08 3.51
C GLY A 97 10.34 8.66 3.10
N ASP A 98 9.14 8.44 2.58
CA ASP A 98 8.71 7.11 2.15
C ASP A 98 8.34 7.12 0.67
N VAL A 99 9.25 6.61 -0.17
CA VAL A 99 9.02 6.55 -1.60
C VAL A 99 7.95 5.52 -1.94
N LYS A 100 7.97 4.40 -1.22
CA LYS A 100 7.01 3.33 -1.46
C LYS A 100 5.65 3.89 -1.87
N ALA A 101 5.25 4.97 -1.22
CA ALA A 101 3.97 5.61 -1.54
C ALA A 101 4.06 6.44 -2.81
N LEU A 102 5.16 7.18 -2.94
CA LEU A 102 5.38 8.03 -4.12
C LEU A 102 5.25 7.22 -5.40
N TYR A 103 5.89 6.04 -5.42
CA TYR A 103 5.84 5.18 -6.59
C TYR A 103 4.42 4.70 -6.86
N ARG A 104 3.71 4.33 -5.80
CA ARG A 104 2.35 3.86 -5.91
C ARG A 104 1.41 4.98 -6.36
N ARG A 105 1.74 6.21 -5.96
CA ARG A 105 0.93 7.37 -6.32
C ARG A 105 1.04 7.67 -7.82
N SER A 106 2.27 7.81 -8.30
CA SER A 106 2.51 8.11 -9.71
C SER A 106 1.70 7.17 -10.59
N GLN A 107 1.30 6.02 -10.05
CA GLN A 107 0.52 5.05 -10.80
C GLN A 107 -0.91 5.54 -11.00
N ALA A 108 -1.53 5.99 -9.92
CA ALA A 108 -2.90 6.49 -9.99
C ALA A 108 -2.97 7.81 -10.74
N LEU A 109 -1.90 8.59 -10.64
CA LEU A 109 -1.83 9.89 -11.31
C LEU A 109 -2.02 9.73 -12.82
N GLU A 110 -1.18 8.92 -13.44
CA GLU A 110 -1.26 8.68 -14.87
C GLU A 110 -2.66 8.22 -15.27
N LYS A 111 -3.26 7.39 -14.44
CA LYS A 111 -4.60 6.88 -14.71
C LYS A 111 -5.59 8.04 -14.90
N LEU A 112 -5.49 9.04 -14.04
CA LEU A 112 -6.37 10.20 -14.12
C LEU A 112 -5.91 11.16 -15.22
N GLY A 113 -4.94 10.72 -16.01
CA GLY A 113 -4.44 11.55 -17.09
C GLY A 113 -3.22 12.37 -16.68
N ARG A 114 -3.08 12.60 -15.38
CA ARG A 114 -1.95 13.36 -14.86
C ARG A 114 -0.64 12.63 -15.12
N LEU A 115 -0.15 12.73 -16.34
CA LEU A 115 1.11 12.09 -16.73
C LEU A 115 2.31 12.93 -16.30
N ASP A 116 2.20 14.24 -16.48
CA ASP A 116 3.28 15.15 -16.12
C ASP A 116 3.59 15.04 -14.63
N GLN A 117 2.55 15.00 -13.81
CA GLN A 117 2.72 14.89 -12.36
C GLN A 117 3.45 13.61 -12.00
N ALA A 118 2.93 12.47 -12.46
CA ALA A 118 3.54 11.18 -12.18
C ALA A 118 5.06 11.25 -12.28
N VAL A 119 5.55 11.91 -13.32
CA VAL A 119 6.98 12.06 -13.52
C VAL A 119 7.65 12.74 -12.33
N LEU A 120 7.15 13.93 -11.99
CA LEU A 120 7.69 14.69 -10.87
C LEU A 120 7.77 13.84 -9.62
N ASP A 121 6.62 13.33 -9.18
CA ASP A 121 6.55 12.50 -7.99
C ASP A 121 7.61 11.40 -8.04
N LEU A 122 7.73 10.77 -9.20
CA LEU A 122 8.70 9.69 -9.39
C LEU A 122 10.12 10.20 -9.17
N GLN A 123 10.46 11.32 -9.80
CA GLN A 123 11.78 11.91 -9.67
C GLN A 123 12.28 11.82 -8.23
N ARG A 124 11.37 11.95 -7.29
CA ARG A 124 11.72 11.88 -5.87
C ARG A 124 12.19 10.48 -5.49
N CYS A 125 11.41 9.47 -5.87
CA CYS A 125 11.75 8.08 -5.57
C CYS A 125 13.21 7.80 -5.89
N VAL A 126 13.64 8.19 -7.09
CA VAL A 126 15.01 7.98 -7.52
C VAL A 126 15.99 8.73 -6.63
N SER A 127 15.50 9.78 -5.99
CA SER A 127 16.34 10.58 -5.10
C SER A 127 16.46 9.93 -3.73
N LEU A 128 15.33 9.46 -3.21
CA LEU A 128 15.31 8.81 -1.90
C LEU A 128 15.84 7.38 -2.00
N GLU A 129 15.73 6.78 -3.17
CA GLU A 129 16.20 5.42 -3.40
C GLU A 129 17.08 5.34 -4.64
N PRO A 130 18.39 5.59 -4.44
CA PRO A 130 19.38 5.55 -5.53
C PRO A 130 19.60 4.14 -6.06
N LYS A 131 19.13 3.15 -5.31
CA LYS A 131 19.28 1.75 -5.70
C LYS A 131 18.06 1.26 -6.47
N ASN A 132 16.88 1.57 -5.95
CA ASN A 132 15.63 1.16 -6.59
C ASN A 132 15.63 1.54 -8.07
N LYS A 133 15.95 0.57 -8.92
CA LYS A 133 15.99 0.79 -10.36
C LYS A 133 14.57 0.91 -10.93
N VAL A 134 13.64 0.17 -10.34
CA VAL A 134 12.25 0.19 -10.79
C VAL A 134 11.75 1.62 -10.97
N PHE A 135 12.34 2.54 -10.22
CA PHE A 135 11.97 3.96 -10.30
C PHE A 135 12.58 4.61 -11.52
N GLN A 136 13.88 4.40 -11.71
CA GLN A 136 14.59 4.98 -12.85
C GLN A 136 14.00 4.50 -14.17
N GLU A 137 13.51 3.26 -14.17
CA GLU A 137 12.91 2.67 -15.36
C GLU A 137 11.48 3.17 -15.57
N ALA A 138 10.76 3.32 -14.46
CA ALA A 138 9.38 3.79 -14.52
C ALA A 138 9.31 5.27 -14.91
N LEU A 139 10.40 5.99 -14.66
CA LEU A 139 10.46 7.40 -14.98
C LEU A 139 10.55 7.62 -16.50
N ARG A 140 11.53 6.96 -17.11
CA ARG A 140 11.73 7.07 -18.55
C ARG A 140 10.61 6.38 -19.31
N ASN A 141 9.94 5.45 -18.65
CA ASN A 141 8.84 4.71 -19.26
C ASN A 141 7.71 5.64 -19.65
N ILE A 142 7.45 6.63 -18.79
CA ILE A 142 6.39 7.60 -19.04
C ILE A 142 6.95 8.90 -19.60
N SER A 143 8.20 9.19 -19.26
CA SER A 143 8.85 10.41 -19.73
C SER A 143 9.07 10.37 -21.23
N GLY A 144 9.37 9.17 -21.75
CA GLY A 144 9.59 9.02 -23.17
C GLY A 144 8.53 9.70 -24.01
N PRO A 145 8.92 10.17 -25.21
CA PRO A 145 8.01 10.86 -26.13
C PRO A 145 6.98 9.92 -26.73
N SER A 146 7.27 8.62 -26.69
CA SER A 146 6.37 7.62 -27.24
C SER A 146 4.95 7.81 -26.70
N SER A 147 3.96 7.45 -27.53
CA SER A 147 2.57 7.60 -27.14
C SER A 147 2.09 6.37 -26.38
N GLY A 148 1.09 6.58 -25.51
CA GLY A 148 0.56 5.48 -24.71
C GLY A 148 1.45 5.11 -23.56
N GLY A 1 -45.79 -13.57 39.18
CA GLY A 1 -44.74 -13.89 38.23
C GLY A 1 -44.33 -12.69 37.39
N SER A 2 -43.10 -12.70 36.91
CA SER A 2 -42.59 -11.60 36.08
C SER A 2 -41.41 -12.06 35.23
N SER A 3 -40.92 -11.16 34.38
CA SER A 3 -39.80 -11.48 33.51
C SER A 3 -38.96 -10.24 33.25
N GLY A 4 -37.82 -10.43 32.60
CA GLY A 4 -36.93 -9.32 32.30
C GLY A 4 -36.06 -9.58 31.08
N SER A 5 -34.94 -8.88 30.99
CA SER A 5 -34.02 -9.04 29.87
C SER A 5 -32.58 -9.20 30.35
N SER A 6 -31.69 -9.53 29.43
CA SER A 6 -30.28 -9.72 29.77
C SER A 6 -29.38 -9.09 28.72
N GLY A 7 -28.07 -9.13 28.96
CA GLY A 7 -27.12 -8.57 28.02
C GLY A 7 -25.74 -8.40 28.62
N MET A 8 -24.77 -8.06 27.77
CA MET A 8 -23.40 -7.87 28.23
C MET A 8 -22.52 -7.33 27.10
N THR A 9 -21.80 -6.25 27.39
CA THR A 9 -20.92 -5.63 26.41
C THR A 9 -19.84 -4.80 27.09
N VAL A 10 -18.58 -5.09 26.75
CA VAL A 10 -17.46 -4.37 27.33
C VAL A 10 -16.35 -4.16 26.29
N SER A 11 -15.67 -3.02 26.38
CA SER A 11 -14.60 -2.69 25.45
C SER A 11 -13.79 -1.51 25.95
N GLY A 12 -12.55 -1.40 25.48
CA GLY A 12 -11.68 -0.31 25.89
C GLY A 12 -10.53 -0.09 24.94
N PRO A 13 -10.10 1.18 24.80
CA PRO A 13 -9.00 1.54 23.92
C PRO A 13 -7.65 1.05 24.42
N GLY A 14 -6.59 1.41 23.71
CA GLY A 14 -5.26 0.98 24.11
C GLY A 14 -4.33 0.83 22.92
N THR A 15 -3.18 1.50 22.97
CA THR A 15 -2.21 1.44 21.90
C THR A 15 -0.86 0.91 22.40
N PRO A 16 -0.79 -0.41 22.61
CA PRO A 16 0.42 -1.06 23.09
C PRO A 16 1.53 -1.08 22.05
N GLU A 17 2.71 -1.53 22.45
CA GLU A 17 3.85 -1.60 21.54
C GLU A 17 3.87 -2.93 20.79
N PRO A 18 4.45 -2.91 19.58
CA PRO A 18 4.55 -4.11 18.73
C PRO A 18 5.52 -5.13 19.29
N ARG A 19 5.00 -6.08 20.07
CA ARG A 19 5.82 -7.12 20.67
C ARG A 19 5.28 -8.50 20.34
N PRO A 20 6.13 -9.52 20.49
CA PRO A 20 5.76 -10.92 20.21
C PRO A 20 4.77 -11.47 21.23
N ALA A 21 3.55 -11.73 20.79
CA ALA A 21 2.52 -12.27 21.66
C ALA A 21 1.53 -13.13 20.88
N THR A 22 0.49 -13.59 21.57
CA THR A 22 -0.53 -14.43 20.94
C THR A 22 -1.91 -13.81 21.09
N PRO A 23 -2.03 -12.52 20.73
CA PRO A 23 -3.29 -11.79 20.82
C PRO A 23 -4.31 -12.26 19.77
N GLY A 24 -5.58 -12.02 20.03
CA GLY A 24 -6.62 -12.42 19.11
C GLY A 24 -6.39 -11.87 17.71
N ALA A 25 -7.37 -12.09 16.83
CA ALA A 25 -7.27 -11.61 15.45
C ALA A 25 -7.79 -10.19 15.32
N SER A 26 -7.73 -9.44 16.43
CA SER A 26 -8.19 -8.06 16.44
C SER A 26 -7.02 -7.09 16.31
N SER A 27 -5.93 -7.39 17.01
CA SER A 27 -4.74 -6.55 16.97
C SER A 27 -4.29 -6.31 15.54
N VAL A 28 -4.18 -5.03 15.17
CA VAL A 28 -3.75 -4.67 13.82
C VAL A 28 -2.48 -5.42 13.42
N GLU A 29 -1.49 -5.38 14.30
CA GLU A 29 -0.22 -6.07 14.02
C GLU A 29 -0.47 -7.48 13.49
N GLN A 30 -1.38 -8.20 14.15
CA GLN A 30 -1.70 -9.56 13.74
C GLN A 30 -2.52 -9.57 12.46
N LEU A 31 -3.78 -9.16 12.56
CA LEU A 31 -4.66 -9.12 11.40
C LEU A 31 -3.91 -8.68 10.15
N ARG A 32 -2.98 -7.75 10.32
CA ARG A 32 -2.19 -7.24 9.22
C ARG A 32 -1.88 -8.35 8.22
N LYS A 33 -1.50 -9.52 8.74
CA LYS A 33 -1.18 -10.66 7.89
C LYS A 33 -2.36 -11.03 7.00
N GLU A 34 -3.55 -11.09 7.59
CA GLU A 34 -4.76 -11.44 6.85
C GLU A 34 -4.79 -10.70 5.50
N GLY A 35 -4.47 -9.42 5.52
CA GLY A 35 -4.47 -8.63 4.31
C GLY A 35 -3.49 -9.16 3.27
N ASN A 36 -2.21 -9.15 3.62
CA ASN A 36 -1.17 -9.63 2.72
C ASN A 36 -1.46 -11.06 2.26
N GLU A 37 -1.64 -11.96 3.23
CA GLU A 37 -1.92 -13.35 2.92
C GLU A 37 -2.89 -13.47 1.75
N LEU A 38 -3.87 -12.58 1.71
CA LEU A 38 -4.87 -12.57 0.64
C LEU A 38 -4.31 -11.91 -0.62
N PHE A 39 -3.42 -10.94 -0.43
CA PHE A 39 -2.81 -10.23 -1.55
C PHE A 39 -1.94 -11.17 -2.37
N LYS A 40 -1.06 -11.89 -1.70
CA LYS A 40 -0.16 -12.83 -2.37
C LYS A 40 -0.96 -13.88 -3.13
N CYS A 41 -2.25 -13.93 -2.90
CA CYS A 41 -3.13 -14.89 -3.56
C CYS A 41 -3.92 -14.23 -4.68
N GLY A 42 -4.14 -12.92 -4.55
CA GLY A 42 -4.89 -12.19 -5.56
C GLY A 42 -6.17 -11.60 -5.00
N ASP A 43 -6.79 -12.31 -4.06
CA ASP A 43 -8.03 -11.83 -3.45
C ASP A 43 -7.90 -10.38 -3.00
N TYR A 44 -8.32 -9.46 -3.85
CA TYR A 44 -8.24 -8.04 -3.54
C TYR A 44 -9.39 -7.62 -2.61
N GLY A 45 -10.59 -8.08 -2.93
CA GLY A 45 -11.75 -7.76 -2.12
C GLY A 45 -11.53 -8.03 -0.65
N GLY A 46 -10.82 -9.11 -0.34
CA GLY A 46 -10.54 -9.45 1.04
C GLY A 46 -9.34 -8.71 1.59
N ALA A 47 -8.19 -8.89 0.97
CA ALA A 47 -6.96 -8.24 1.40
C ALA A 47 -7.25 -6.82 1.89
N LEU A 48 -7.98 -6.06 1.10
CA LEU A 48 -8.32 -4.69 1.46
C LEU A 48 -9.06 -4.64 2.79
N ALA A 49 -10.15 -5.39 2.88
CA ALA A 49 -10.94 -5.44 4.11
C ALA A 49 -10.04 -5.48 5.34
N ALA A 50 -9.15 -6.47 5.38
CA ALA A 50 -8.23 -6.63 6.51
C ALA A 50 -7.55 -5.31 6.84
N TYR A 51 -6.98 -4.67 5.82
CA TYR A 51 -6.28 -3.40 6.01
C TYR A 51 -7.20 -2.38 6.68
N THR A 52 -8.45 -2.32 6.23
CA THR A 52 -9.42 -1.39 6.78
C THR A 52 -9.42 -1.43 8.31
N GLN A 53 -9.65 -2.62 8.86
CA GLN A 53 -9.67 -2.79 10.31
C GLN A 53 -8.39 -2.26 10.94
N ALA A 54 -7.25 -2.75 10.46
CA ALA A 54 -5.96 -2.32 10.97
C ALA A 54 -5.94 -0.80 11.21
N LEU A 55 -6.19 -0.04 10.16
CA LEU A 55 -6.20 1.41 10.26
C LEU A 55 -7.20 1.88 11.30
N GLY A 56 -8.37 1.27 11.32
CA GLY A 56 -9.40 1.64 12.28
C GLY A 56 -8.88 1.65 13.70
N LEU A 57 -8.17 0.59 14.08
CA LEU A 57 -7.62 0.49 15.43
C LEU A 57 -6.54 1.55 15.66
N ASP A 58 -6.37 1.95 16.91
CA ASP A 58 -5.38 2.95 17.27
C ASP A 58 -3.97 2.43 17.01
N ALA A 59 -3.55 2.44 15.74
CA ALA A 59 -2.23 1.98 15.37
C ALA A 59 -1.22 3.12 15.36
N THR A 60 0.03 2.79 15.67
CA THR A 60 1.09 3.80 15.70
C THR A 60 1.24 4.48 14.35
N PRO A 61 1.87 5.67 14.35
CA PRO A 61 2.09 6.44 13.13
C PRO A 61 3.12 5.79 12.21
N GLN A 62 3.72 4.70 12.67
CA GLN A 62 4.71 3.99 11.89
C GLN A 62 4.09 2.84 11.11
N ASP A 63 3.14 2.16 11.75
CA ASP A 63 2.46 1.04 11.12
C ASP A 63 1.40 1.52 10.14
N GLN A 64 0.77 2.65 10.46
CA GLN A 64 -0.26 3.22 9.61
C GLN A 64 0.20 3.30 8.16
N ALA A 65 1.35 3.94 7.95
CA ALA A 65 1.92 4.08 6.61
C ALA A 65 1.95 2.73 5.89
N VAL A 66 2.62 1.77 6.48
CA VAL A 66 2.73 0.43 5.90
C VAL A 66 1.37 -0.08 5.45
N LEU A 67 0.36 0.11 6.29
CA LEU A 67 -1.00 -0.34 5.99
C LEU A 67 -1.57 0.44 4.82
N HIS A 68 -1.50 1.76 4.90
CA HIS A 68 -2.01 2.62 3.83
C HIS A 68 -1.37 2.26 2.49
N ARG A 69 -0.05 2.38 2.42
CA ARG A 69 0.68 2.07 1.19
C ARG A 69 0.19 0.74 0.59
N ASN A 70 -0.18 -0.19 1.46
CA ASN A 70 -0.67 -1.49 1.02
C ASN A 70 -2.10 -1.40 0.50
N ARG A 71 -2.94 -0.67 1.20
CA ARG A 71 -4.33 -0.50 0.82
C ARG A 71 -4.43 -0.05 -0.64
N ALA A 72 -3.85 1.11 -0.93
CA ALA A 72 -3.87 1.66 -2.28
C ALA A 72 -3.72 0.55 -3.32
N ALA A 73 -2.85 -0.41 -3.04
CA ALA A 73 -2.62 -1.52 -3.95
C ALA A 73 -3.94 -2.17 -4.37
N CYS A 74 -4.69 -2.65 -3.40
CA CYS A 74 -5.97 -3.29 -3.66
C CYS A 74 -6.83 -2.43 -4.60
N HIS A 75 -6.90 -1.14 -4.30
CA HIS A 75 -7.69 -0.22 -5.11
C HIS A 75 -7.19 -0.21 -6.56
N LEU A 76 -5.92 0.14 -6.74
CA LEU A 76 -5.32 0.19 -8.07
C LEU A 76 -5.79 -0.99 -8.91
N LYS A 77 -5.81 -2.18 -8.31
CA LYS A 77 -6.23 -3.38 -9.01
C LYS A 77 -7.72 -3.33 -9.34
N LEU A 78 -8.52 -2.90 -8.36
CA LEU A 78 -9.96 -2.80 -8.56
C LEU A 78 -10.34 -1.50 -9.25
N GLU A 79 -9.52 -1.11 -10.24
CA GLU A 79 -9.76 0.11 -10.99
C GLU A 79 -10.17 1.25 -10.06
N ASP A 80 -9.47 1.36 -8.94
CA ASP A 80 -9.75 2.41 -7.96
C ASP A 80 -8.54 3.31 -7.75
N TYR A 81 -7.85 3.62 -8.85
CA TYR A 81 -6.66 4.46 -8.80
C TYR A 81 -6.98 5.79 -8.11
N ASP A 82 -8.11 6.38 -8.47
CA ASP A 82 -8.53 7.66 -7.88
C ASP A 82 -8.14 7.73 -6.41
N LYS A 83 -8.65 6.80 -5.61
CA LYS A 83 -8.37 6.76 -4.18
C LYS A 83 -6.89 6.48 -3.95
N ALA A 84 -6.37 5.43 -4.57
CA ALA A 84 -4.97 5.07 -4.42
C ALA A 84 -4.09 6.31 -4.27
N GLU A 85 -4.08 7.15 -5.29
CA GLU A 85 -3.27 8.37 -5.27
C GLU A 85 -3.31 9.01 -3.88
N THR A 86 -4.50 9.39 -3.44
CA THR A 86 -4.66 10.01 -2.13
C THR A 86 -4.17 9.10 -1.02
N GLU A 87 -4.64 7.86 -1.01
CA GLU A 87 -4.23 6.89 -0.01
C GLU A 87 -2.74 6.97 0.27
N ALA A 88 -1.94 6.80 -0.79
CA ALA A 88 -0.49 6.86 -0.67
C ALA A 88 -0.05 8.16 -0.01
N SER A 89 -0.53 9.28 -0.53
CA SER A 89 -0.17 10.59 0.01
C SER A 89 -0.17 10.56 1.53
N LYS A 90 -1.12 9.83 2.10
CA LYS A 90 -1.24 9.72 3.55
C LYS A 90 -0.05 8.96 4.14
N ALA A 91 0.05 7.67 3.79
CA ALA A 91 1.14 6.84 4.28
C ALA A 91 2.47 7.58 4.21
N ILE A 92 2.54 8.59 3.35
CA ILE A 92 3.76 9.37 3.19
C ILE A 92 3.95 10.34 4.35
N GLU A 93 2.94 11.19 4.58
CA GLU A 93 3.00 12.16 5.66
C GLU A 93 3.59 11.54 6.93
N LYS A 94 3.07 10.36 7.30
CA LYS A 94 3.54 9.66 8.48
C LYS A 94 5.07 9.68 8.55
N ASP A 95 5.71 8.90 7.70
CA ASP A 95 7.17 8.84 7.66
C ASP A 95 7.76 10.12 7.09
N GLY A 96 7.54 10.35 5.81
CA GLY A 96 8.06 11.54 5.15
C GLY A 96 8.99 11.21 4.00
N GLY A 97 9.78 10.16 4.17
CA GLY A 97 10.71 9.77 3.13
C GLY A 97 10.53 8.32 2.70
N ASP A 98 9.31 7.96 2.35
CA ASP A 98 9.01 6.60 1.93
C ASP A 98 8.70 6.55 0.43
N VAL A 99 9.73 6.25 -0.36
CA VAL A 99 9.58 6.17 -1.82
C VAL A 99 8.58 5.08 -2.20
N LYS A 100 8.53 4.03 -1.40
CA LYS A 100 7.62 2.91 -1.67
C LYS A 100 6.25 3.42 -2.08
N ALA A 101 5.66 4.27 -1.23
CA ALA A 101 4.34 4.83 -1.52
C ALA A 101 4.36 5.69 -2.77
N LEU A 102 5.38 6.54 -2.88
CA LEU A 102 5.53 7.43 -4.03
C LEU A 102 5.36 6.65 -5.34
N TYR A 103 6.23 5.67 -5.54
CA TYR A 103 6.18 4.84 -6.75
C TYR A 103 4.74 4.46 -7.09
N ARG A 104 3.99 4.09 -6.07
CA ARG A 104 2.59 3.68 -6.25
C ARG A 104 1.72 4.88 -6.62
N ARG A 105 1.94 6.00 -5.92
CA ARG A 105 1.18 7.22 -6.17
C ARG A 105 1.14 7.53 -7.66
N SER A 106 2.31 7.73 -8.25
CA SER A 106 2.41 8.04 -9.67
C SER A 106 1.50 7.13 -10.50
N GLN A 107 1.60 5.83 -10.25
CA GLN A 107 0.78 4.85 -10.97
C GLN A 107 -0.67 5.31 -11.05
N ALA A 108 -1.18 5.85 -9.95
CA ALA A 108 -2.55 6.33 -9.90
C ALA A 108 -2.73 7.59 -10.74
N LEU A 109 -1.85 8.55 -10.54
CA LEU A 109 -1.90 9.80 -11.29
C LEU A 109 -1.99 9.54 -12.79
N GLU A 110 -1.02 8.79 -13.31
CA GLU A 110 -0.98 8.46 -14.72
C GLU A 110 -2.37 8.03 -15.22
N LYS A 111 -3.04 7.19 -14.44
CA LYS A 111 -4.37 6.71 -14.79
C LYS A 111 -5.37 7.85 -14.83
N LEU A 112 -5.19 8.83 -13.95
CA LEU A 112 -6.08 9.98 -13.88
C LEU A 112 -5.62 11.08 -14.84
N GLY A 113 -4.94 10.68 -15.91
CA GLY A 113 -4.46 11.64 -16.88
C GLY A 113 -3.59 12.71 -16.25
N ARG A 114 -2.85 12.33 -15.21
CA ARG A 114 -1.97 13.28 -14.53
C ARG A 114 -0.51 12.89 -14.71
N LEU A 115 -0.13 12.61 -15.95
CA LEU A 115 1.24 12.23 -16.27
C LEU A 115 2.22 13.33 -15.86
N ASP A 116 1.83 14.57 -16.09
CA ASP A 116 2.66 15.71 -15.74
C ASP A 116 3.10 15.64 -14.27
N GLN A 117 2.18 15.22 -13.41
CA GLN A 117 2.46 15.10 -11.98
C GLN A 117 3.20 13.80 -11.68
N ALA A 118 2.76 12.72 -12.32
CA ALA A 118 3.37 11.41 -12.11
C ALA A 118 4.89 11.51 -12.14
N VAL A 119 5.43 12.20 -13.15
CA VAL A 119 6.86 12.37 -13.29
C VAL A 119 7.47 12.98 -12.03
N LEU A 120 6.93 14.11 -11.61
CA LEU A 120 7.41 14.81 -10.42
C LEU A 120 7.46 13.87 -9.23
N ASP A 121 6.38 13.13 -9.02
CA ASP A 121 6.30 12.19 -7.91
C ASP A 121 7.40 11.14 -8.01
N LEU A 122 7.59 10.59 -9.21
CA LEU A 122 8.61 9.58 -9.43
C LEU A 122 10.01 10.15 -9.17
N GLN A 123 10.27 11.32 -9.72
CA GLN A 123 11.56 11.98 -9.55
C GLN A 123 12.12 11.72 -8.15
N ARG A 124 11.29 11.93 -7.14
CA ARG A 124 11.70 11.72 -5.75
C ARG A 124 12.22 10.30 -5.55
N CYS A 125 11.47 9.33 -6.04
CA CYS A 125 11.86 7.93 -5.90
C CYS A 125 13.34 7.75 -6.18
N VAL A 126 13.80 8.27 -7.31
CA VAL A 126 15.20 8.17 -7.69
C VAL A 126 16.09 8.93 -6.72
N SER A 127 15.58 10.04 -6.19
CA SER A 127 16.32 10.87 -5.26
C SER A 127 16.57 10.11 -3.95
N LEU A 128 15.49 9.72 -3.29
CA LEU A 128 15.59 8.98 -2.02
C LEU A 128 16.22 7.61 -2.24
N GLU A 129 15.95 7.02 -3.41
CA GLU A 129 16.49 5.71 -3.73
C GLU A 129 17.28 5.76 -5.04
N PRO A 130 18.60 5.96 -4.91
CA PRO A 130 19.51 6.02 -6.07
C PRO A 130 19.67 4.67 -6.76
N LYS A 131 19.87 3.63 -5.96
CA LYS A 131 20.04 2.29 -6.50
C LYS A 131 18.81 1.86 -7.31
N ASN A 132 17.66 1.83 -6.64
CA ASN A 132 16.42 1.45 -7.30
C ASN A 132 16.41 1.88 -8.76
N LYS A 133 16.37 0.91 -9.67
CA LYS A 133 16.36 1.19 -11.10
C LYS A 133 14.93 1.30 -11.62
N VAL A 134 14.10 0.33 -11.25
CA VAL A 134 12.70 0.32 -11.68
C VAL A 134 12.14 1.74 -11.77
N PHE A 135 12.64 2.62 -10.92
CA PHE A 135 12.19 4.01 -10.91
C PHE A 135 12.72 4.76 -12.12
N GLN A 136 14.02 4.68 -12.35
CA GLN A 136 14.66 5.35 -13.48
C GLN A 136 13.95 4.99 -14.78
N GLU A 137 13.70 3.71 -14.99
CA GLU A 137 13.04 3.23 -16.20
C GLU A 137 11.60 3.73 -16.25
N ALA A 138 10.99 3.88 -15.08
CA ALA A 138 9.61 4.35 -14.98
C ALA A 138 9.49 5.81 -15.44
N LEU A 139 10.36 6.66 -14.89
CA LEU A 139 10.35 8.08 -15.22
C LEU A 139 10.32 8.28 -16.74
N ARG A 140 11.32 7.72 -17.42
CA ARG A 140 11.41 7.84 -18.87
C ARG A 140 10.25 7.12 -19.55
N ASN A 141 9.81 6.01 -18.95
CA ASN A 141 8.70 5.24 -19.49
C ASN A 141 7.46 6.11 -19.68
N ILE A 142 7.25 7.03 -18.74
CA ILE A 142 6.10 7.92 -18.80
C ILE A 142 6.48 9.27 -19.42
N SER A 143 7.73 9.67 -19.22
CA SER A 143 8.23 10.93 -19.75
C SER A 143 8.28 10.89 -21.28
N GLY A 144 8.64 9.73 -21.82
CA GLY A 144 8.72 9.57 -23.25
C GLY A 144 7.37 9.33 -23.91
N PRO A 145 7.20 9.84 -25.13
CA PRO A 145 5.95 9.70 -25.88
C PRO A 145 5.71 8.25 -26.34
N SER A 146 4.87 7.53 -25.61
CA SER A 146 4.56 6.15 -25.93
C SER A 146 4.30 6.00 -27.42
N SER A 147 3.50 6.90 -27.97
CA SER A 147 3.15 6.86 -29.39
C SER A 147 4.38 7.09 -30.25
N GLY A 148 5.15 8.13 -29.92
CA GLY A 148 6.35 8.44 -30.68
C GLY A 148 7.59 8.47 -29.81
N GLY A 1 18.65 -31.10 -13.08
CA GLY A 1 17.74 -31.68 -14.04
C GLY A 1 17.51 -33.16 -13.81
N SER A 2 16.44 -33.49 -13.09
CA SER A 2 16.12 -34.88 -12.79
C SER A 2 14.63 -35.04 -12.51
N SER A 3 14.04 -36.11 -13.04
CA SER A 3 12.63 -36.38 -12.85
C SER A 3 12.40 -37.41 -11.75
N GLY A 4 11.18 -37.48 -11.23
CA GLY A 4 10.87 -38.42 -10.19
C GLY A 4 9.83 -39.44 -10.61
N SER A 5 8.71 -39.47 -9.90
CA SER A 5 7.62 -40.40 -10.19
C SER A 5 6.31 -39.94 -9.58
N SER A 6 5.21 -40.41 -10.14
CA SER A 6 3.88 -40.05 -9.64
C SER A 6 3.51 -40.87 -8.41
N GLY A 7 2.35 -40.57 -7.84
CA GLY A 7 1.89 -41.29 -6.67
C GLY A 7 0.44 -41.71 -6.78
N MET A 8 -0.06 -42.39 -5.74
CA MET A 8 -1.45 -42.85 -5.73
C MET A 8 -2.12 -42.51 -4.41
N THR A 9 -3.45 -42.47 -4.41
CA THR A 9 -4.21 -42.16 -3.20
C THR A 9 -3.95 -43.19 -2.11
N VAL A 10 -4.54 -42.96 -0.94
CA VAL A 10 -4.38 -43.87 0.18
C VAL A 10 -5.41 -43.58 1.28
N SER A 11 -5.97 -44.64 1.85
CA SER A 11 -6.97 -44.50 2.90
C SER A 11 -6.40 -43.71 4.08
N GLY A 12 -7.26 -43.41 5.05
CA GLY A 12 -6.83 -42.68 6.22
C GLY A 12 -7.33 -43.28 7.51
N PRO A 13 -6.54 -43.12 8.59
CA PRO A 13 -6.88 -43.65 9.91
C PRO A 13 -8.06 -42.92 10.54
N GLY A 14 -8.13 -41.61 10.31
CA GLY A 14 -9.21 -40.82 10.86
C GLY A 14 -9.18 -39.39 10.38
N THR A 15 -10.32 -38.70 10.45
CA THR A 15 -10.42 -37.31 10.02
C THR A 15 -10.60 -36.38 11.21
N PRO A 16 -9.49 -36.05 11.88
CA PRO A 16 -9.50 -35.16 13.04
C PRO A 16 -9.82 -33.72 12.67
N GLU A 17 -9.90 -32.85 13.67
CA GLU A 17 -10.20 -31.44 13.44
C GLU A 17 -8.94 -30.59 13.55
N PRO A 18 -8.87 -29.54 12.71
CA PRO A 18 -7.72 -28.63 12.69
C PRO A 18 -7.64 -27.76 13.95
N ARG A 19 -6.51 -27.86 14.64
CA ARG A 19 -6.31 -27.08 15.86
C ARG A 19 -6.24 -25.60 15.56
N PRO A 20 -6.77 -24.77 16.47
CA PRO A 20 -6.78 -23.31 16.32
C PRO A 20 -5.39 -22.71 16.47
N ALA A 21 -4.76 -22.42 15.33
CA ALA A 21 -3.42 -21.84 15.33
C ALA A 21 -3.48 -20.32 15.14
N THR A 22 -3.87 -19.61 16.20
CA THR A 22 -3.97 -18.16 16.15
C THR A 22 -4.29 -17.58 17.52
N PRO A 23 -3.65 -16.44 17.84
CA PRO A 23 -3.85 -15.76 19.13
C PRO A 23 -5.24 -15.15 19.25
N GLY A 24 -5.72 -14.56 18.15
CA GLY A 24 -7.03 -13.94 18.16
C GLY A 24 -7.38 -13.31 16.82
N ALA A 25 -6.37 -12.88 16.09
CA ALA A 25 -6.57 -12.25 14.78
C ALA A 25 -7.39 -10.98 14.91
N SER A 26 -7.21 -10.27 16.01
CA SER A 26 -7.94 -9.02 16.25
C SER A 26 -6.99 -7.84 16.33
N SER A 27 -5.76 -8.09 16.77
CA SER A 27 -4.75 -7.04 16.89
C SER A 27 -4.18 -6.68 15.54
N VAL A 28 -4.24 -5.40 15.19
CA VAL A 28 -3.72 -4.93 13.91
C VAL A 28 -2.39 -5.59 13.58
N GLU A 29 -1.56 -5.79 14.60
CA GLU A 29 -0.26 -6.42 14.41
C GLU A 29 -0.40 -7.84 13.88
N GLN A 30 -1.39 -8.57 14.41
CA GLN A 30 -1.63 -9.94 13.98
C GLN A 30 -2.54 -9.97 12.75
N LEU A 31 -3.77 -9.52 12.93
CA LEU A 31 -4.74 -9.50 11.84
C LEU A 31 -4.06 -9.16 10.52
N ARG A 32 -3.01 -8.34 10.59
CA ARG A 32 -2.28 -7.94 9.39
C ARG A 32 -2.09 -9.12 8.45
N LYS A 33 -1.45 -10.17 8.93
CA LYS A 33 -1.21 -11.36 8.12
C LYS A 33 -2.47 -11.78 7.39
N GLU A 34 -3.63 -11.52 8.00
CA GLU A 34 -4.91 -11.88 7.39
C GLU A 34 -4.98 -11.38 5.95
N GLY A 35 -4.78 -10.08 5.77
CA GLY A 35 -4.83 -9.51 4.43
C GLY A 35 -3.55 -9.74 3.66
N ASN A 36 -2.44 -9.86 4.37
CA ASN A 36 -1.14 -10.07 3.74
C ASN A 36 -1.17 -11.31 2.86
N GLU A 37 -1.78 -12.37 3.35
CA GLU A 37 -1.88 -13.62 2.60
C GLU A 37 -2.81 -13.47 1.40
N LEU A 38 -3.88 -12.70 1.58
CA LEU A 38 -4.84 -12.46 0.51
C LEU A 38 -4.25 -11.55 -0.57
N PHE A 39 -3.21 -10.81 -0.19
CA PHE A 39 -2.56 -9.89 -1.13
C PHE A 39 -1.48 -10.61 -1.92
N LYS A 40 -0.60 -11.32 -1.22
CA LYS A 40 0.48 -12.06 -1.85
C LYS A 40 -0.07 -13.15 -2.76
N CYS A 41 -1.37 -13.37 -2.70
CA CYS A 41 -2.02 -14.39 -3.53
C CYS A 41 -2.83 -13.75 -4.64
N GLY A 42 -3.20 -12.49 -4.45
CA GLY A 42 -3.98 -11.79 -5.45
C GLY A 42 -5.32 -11.30 -4.93
N ASP A 43 -5.90 -12.08 -4.02
CA ASP A 43 -7.19 -11.72 -3.43
C ASP A 43 -7.16 -10.30 -2.88
N TYR A 44 -7.60 -9.35 -3.69
CA TYR A 44 -7.63 -7.95 -3.29
C TYR A 44 -8.90 -7.64 -2.50
N GLY A 45 -10.03 -8.18 -2.96
CA GLY A 45 -11.29 -7.94 -2.29
C GLY A 45 -11.21 -8.20 -0.81
N GLY A 46 -10.38 -9.16 -0.41
CA GLY A 46 -10.23 -9.49 1.00
C GLY A 46 -9.14 -8.69 1.66
N ALA A 47 -7.92 -8.82 1.15
CA ALA A 47 -6.78 -8.11 1.71
C ALA A 47 -7.17 -6.72 2.17
N LEU A 48 -7.95 -6.03 1.34
CA LEU A 48 -8.40 -4.67 1.66
C LEU A 48 -9.17 -4.65 2.98
N ALA A 49 -10.11 -5.58 3.13
CA ALA A 49 -10.91 -5.66 4.35
C ALA A 49 -10.02 -5.74 5.59
N ALA A 50 -9.01 -6.61 5.53
CA ALA A 50 -8.09 -6.79 6.64
C ALA A 50 -7.39 -5.47 6.98
N TYR A 51 -6.85 -4.81 5.96
CA TYR A 51 -6.15 -3.55 6.15
C TYR A 51 -7.04 -2.53 6.83
N THR A 52 -8.29 -2.44 6.37
CA THR A 52 -9.25 -1.50 6.95
C THR A 52 -9.31 -1.63 8.46
N GLN A 53 -9.44 -2.86 8.94
CA GLN A 53 -9.51 -3.11 10.38
C GLN A 53 -8.26 -2.59 11.08
N ALA A 54 -7.09 -2.98 10.58
CA ALA A 54 -5.83 -2.54 11.16
C ALA A 54 -5.83 -1.05 11.41
N LEU A 55 -6.06 -0.27 10.36
CA LEU A 55 -6.08 1.19 10.48
C LEU A 55 -7.09 1.64 11.53
N GLY A 56 -8.28 1.05 11.50
CA GLY A 56 -9.31 1.39 12.46
C GLY A 56 -8.79 1.44 13.87
N LEU A 57 -7.89 0.52 14.21
CA LEU A 57 -7.32 0.46 15.55
C LEU A 57 -6.27 1.56 15.74
N ASP A 58 -5.98 1.87 17.00
CA ASP A 58 -5.00 2.90 17.31
C ASP A 58 -3.58 2.36 17.16
N ALA A 59 -3.31 1.72 16.02
CA ALA A 59 -2.00 1.15 15.74
C ALA A 59 -0.93 2.24 15.75
N THR A 60 0.28 1.87 16.16
CA THR A 60 1.40 2.81 16.21
C THR A 60 1.49 3.63 14.92
N PRO A 61 2.17 4.78 15.00
CA PRO A 61 2.35 5.68 13.86
C PRO A 61 3.29 5.08 12.80
N GLN A 62 4.06 4.08 13.21
CA GLN A 62 5.00 3.43 12.30
C GLN A 62 4.30 2.36 11.46
N ASP A 63 3.24 1.78 12.03
CA ASP A 63 2.48 0.75 11.34
C ASP A 63 1.46 1.36 10.39
N GLN A 64 0.87 2.48 10.79
CA GLN A 64 -0.11 3.17 9.96
C GLN A 64 0.43 3.42 8.57
N ALA A 65 1.63 4.00 8.51
CA ALA A 65 2.27 4.30 7.23
C ALA A 65 2.23 3.09 6.29
N VAL A 66 2.46 1.91 6.85
CA VAL A 66 2.45 0.68 6.06
C VAL A 66 1.06 0.42 5.48
N LEU A 67 0.06 0.45 6.34
CA LEU A 67 -1.32 0.21 5.91
C LEU A 67 -1.77 1.26 4.90
N HIS A 68 -1.13 2.43 4.96
CA HIS A 68 -1.47 3.52 4.04
C HIS A 68 -0.97 3.22 2.64
N ARG A 69 0.30 2.82 2.54
CA ARG A 69 0.90 2.50 1.25
C ARG A 69 0.29 1.24 0.65
N ASN A 70 -0.21 0.36 1.52
CA ASN A 70 -0.83 -0.89 1.09
C ASN A 70 -2.27 -0.66 0.64
N ARG A 71 -3.07 -0.07 1.52
CA ARG A 71 -4.46 0.20 1.21
C ARG A 71 -4.62 0.70 -0.22
N ALA A 72 -3.77 1.66 -0.60
CA ALA A 72 -3.81 2.22 -1.96
C ALA A 72 -3.73 1.12 -3.01
N ALA A 73 -2.89 0.13 -2.76
CA ALA A 73 -2.72 -0.99 -3.69
C ALA A 73 -4.06 -1.63 -4.02
N CYS A 74 -4.74 -2.15 -3.01
CA CYS A 74 -6.03 -2.79 -3.20
C CYS A 74 -6.86 -2.04 -4.24
N HIS A 75 -6.90 -0.72 -4.11
CA HIS A 75 -7.66 0.11 -5.05
C HIS A 75 -7.10 -0.02 -6.47
N LEU A 76 -5.84 0.36 -6.64
CA LEU A 76 -5.19 0.29 -7.95
C LEU A 76 -5.58 -1.00 -8.67
N LYS A 77 -5.58 -2.11 -7.94
CA LYS A 77 -5.91 -3.40 -8.50
C LYS A 77 -7.41 -3.49 -8.81
N LEU A 78 -8.22 -2.85 -7.96
CA LEU A 78 -9.66 -2.85 -8.14
C LEU A 78 -10.12 -1.64 -8.95
N GLU A 79 -9.32 -1.27 -9.94
CA GLU A 79 -9.63 -0.13 -10.79
C GLU A 79 -10.09 1.06 -9.96
N ASP A 80 -9.40 1.30 -8.86
CA ASP A 80 -9.73 2.42 -7.97
C ASP A 80 -8.57 3.39 -7.86
N TYR A 81 -7.88 3.63 -8.97
CA TYR A 81 -6.74 4.53 -8.99
C TYR A 81 -7.10 5.88 -8.37
N ASP A 82 -8.31 6.37 -8.69
CA ASP A 82 -8.77 7.64 -8.16
C ASP A 82 -8.44 7.77 -6.68
N LYS A 83 -9.01 6.89 -5.86
CA LYS A 83 -8.77 6.91 -4.43
C LYS A 83 -7.29 6.68 -4.12
N ALA A 84 -6.73 5.63 -4.70
CA ALA A 84 -5.33 5.30 -4.48
C ALA A 84 -4.48 6.56 -4.39
N GLU A 85 -4.57 7.40 -5.41
CA GLU A 85 -3.80 8.65 -5.44
C GLU A 85 -3.78 9.30 -4.06
N THR A 86 -4.95 9.43 -3.45
CA THR A 86 -5.06 10.04 -2.13
C THR A 86 -4.34 9.21 -1.07
N GLU A 87 -4.83 8.00 -0.83
CA GLU A 87 -4.23 7.11 0.16
C GLU A 87 -2.71 7.16 0.07
N ALA A 88 -2.18 6.88 -1.12
CA ALA A 88 -0.74 6.89 -1.34
C ALA A 88 -0.07 8.00 -0.54
N SER A 89 -0.48 9.24 -0.81
CA SER A 89 0.09 10.40 -0.12
C SER A 89 0.10 10.18 1.38
N LYS A 90 -1.09 9.90 1.95
CA LYS A 90 -1.21 9.67 3.38
C LYS A 90 -0.11 8.74 3.88
N ALA A 91 0.32 7.82 3.02
CA ALA A 91 1.36 6.88 3.38
C ALA A 91 2.73 7.55 3.40
N ILE A 92 2.92 8.51 2.50
CA ILE A 92 4.19 9.24 2.42
C ILE A 92 4.37 10.17 3.62
N GLU A 93 3.40 11.07 3.81
CA GLU A 93 3.46 12.01 4.91
C GLU A 93 3.80 11.31 6.22
N LYS A 94 3.11 10.21 6.49
CA LYS A 94 3.34 9.43 7.70
C LYS A 94 4.83 9.34 8.01
N ASP A 95 5.58 8.71 7.11
CA ASP A 95 7.02 8.55 7.28
C ASP A 95 7.77 9.72 6.66
N GLY A 96 7.76 9.80 5.33
CA GLY A 96 8.45 10.87 4.64
C GLY A 96 9.41 10.36 3.58
N GLY A 97 10.25 9.40 3.96
CA GLY A 97 11.21 8.85 3.02
C GLY A 97 10.83 7.46 2.57
N ASP A 98 9.61 7.32 2.05
CA ASP A 98 9.14 6.03 1.58
C ASP A 98 8.69 6.11 0.12
N VAL A 99 9.59 5.76 -0.79
CA VAL A 99 9.29 5.80 -2.21
C VAL A 99 8.23 4.76 -2.59
N LYS A 100 8.00 3.81 -1.69
CA LYS A 100 7.01 2.77 -1.92
C LYS A 100 5.67 3.37 -2.33
N ALA A 101 5.25 4.41 -1.62
CA ALA A 101 3.98 5.07 -1.91
C ALA A 101 4.11 6.00 -3.12
N LEU A 102 5.30 6.56 -3.30
CA LEU A 102 5.56 7.46 -4.41
C LEU A 102 5.39 6.75 -5.75
N TYR A 103 5.93 5.54 -5.85
CA TYR A 103 5.84 4.76 -7.06
C TYR A 103 4.38 4.39 -7.36
N ARG A 104 3.69 3.87 -6.35
CA ARG A 104 2.29 3.47 -6.50
C ARG A 104 1.41 4.69 -6.80
N ARG A 105 1.87 5.86 -6.39
CA ARG A 105 1.13 7.10 -6.61
C ARG A 105 1.04 7.42 -8.09
N SER A 106 2.20 7.60 -8.73
CA SER A 106 2.25 7.93 -10.14
C SER A 106 1.32 7.02 -10.94
N GLN A 107 1.37 5.73 -10.65
CA GLN A 107 0.53 4.75 -11.33
C GLN A 107 -0.91 5.26 -11.45
N ALA A 108 -1.39 5.93 -10.41
CA ALA A 108 -2.73 6.46 -10.40
C ALA A 108 -2.83 7.74 -11.24
N LEU A 109 -1.96 8.69 -10.94
CA LEU A 109 -1.95 9.96 -11.67
C LEU A 109 -2.02 9.73 -13.18
N GLU A 110 -1.23 8.78 -13.66
CA GLU A 110 -1.21 8.45 -15.08
C GLU A 110 -2.58 8.03 -15.56
N LYS A 111 -3.26 7.20 -14.77
CA LYS A 111 -4.60 6.72 -15.11
C LYS A 111 -5.63 7.82 -14.92
N LEU A 112 -5.30 8.80 -14.09
CA LEU A 112 -6.20 9.92 -13.82
C LEU A 112 -6.07 10.99 -14.89
N GLY A 113 -5.11 10.82 -15.79
CA GLY A 113 -4.89 11.78 -16.84
C GLY A 113 -3.78 12.76 -16.53
N ARG A 114 -3.20 12.63 -15.34
CA ARG A 114 -2.13 13.51 -14.91
C ARG A 114 -0.76 12.88 -15.17
N LEU A 115 -0.17 13.22 -16.31
CA LEU A 115 1.15 12.69 -16.67
C LEU A 115 2.26 13.56 -16.11
N ASP A 116 2.05 14.86 -16.13
CA ASP A 116 3.05 15.81 -15.62
C ASP A 116 3.39 15.50 -14.17
N GLN A 117 2.36 15.35 -13.34
CA GLN A 117 2.55 15.06 -11.92
C GLN A 117 3.31 13.75 -11.74
N ALA A 118 2.85 12.71 -12.42
CA ALA A 118 3.49 11.40 -12.33
C ALA A 118 5.01 11.52 -12.36
N VAL A 119 5.51 12.39 -13.23
CA VAL A 119 6.94 12.60 -13.37
C VAL A 119 7.53 13.17 -12.08
N LEU A 120 7.05 14.34 -11.68
CA LEU A 120 7.53 14.99 -10.46
C LEU A 120 7.49 14.03 -9.28
N ASP A 121 6.38 13.31 -9.15
CA ASP A 121 6.22 12.35 -8.06
C ASP A 121 7.25 11.23 -8.16
N LEU A 122 7.45 10.73 -9.37
CA LEU A 122 8.41 9.65 -9.60
C LEU A 122 9.84 10.12 -9.31
N GLN A 123 10.11 11.38 -9.61
CA GLN A 123 11.43 11.95 -9.37
C GLN A 123 11.95 11.58 -7.99
N ARG A 124 11.18 11.92 -6.95
CA ARG A 124 11.56 11.61 -5.59
C ARG A 124 11.80 10.12 -5.40
N CYS A 125 10.98 9.31 -6.08
CA CYS A 125 11.11 7.86 -5.99
C CYS A 125 12.56 7.43 -6.15
N VAL A 126 13.31 8.15 -6.97
CA VAL A 126 14.72 7.83 -7.21
C VAL A 126 15.62 8.58 -6.23
N SER A 127 15.31 9.85 -6.02
CA SER A 127 16.09 10.68 -5.11
C SER A 127 16.25 10.00 -3.76
N LEU A 128 15.26 9.20 -3.39
CA LEU A 128 15.28 8.49 -2.12
C LEU A 128 15.92 7.11 -2.27
N GLU A 129 15.79 6.54 -3.46
CA GLU A 129 16.35 5.22 -3.74
C GLU A 129 17.30 5.28 -4.93
N PRO A 130 18.58 5.59 -4.65
CA PRO A 130 19.61 5.70 -5.69
C PRO A 130 19.97 4.33 -6.27
N LYS A 131 19.35 3.28 -5.76
CA LYS A 131 19.60 1.94 -6.23
C LYS A 131 18.41 1.39 -7.02
N ASN A 132 17.20 1.70 -6.54
CA ASN A 132 15.98 1.25 -7.19
C ASN A 132 15.91 1.77 -8.63
N LYS A 133 16.28 0.91 -9.58
CA LYS A 133 16.26 1.28 -10.99
C LYS A 133 14.84 1.22 -11.54
N VAL A 134 14.01 0.37 -10.95
CA VAL A 134 12.62 0.23 -11.39
C VAL A 134 11.97 1.59 -11.56
N PHE A 135 12.42 2.57 -10.78
CA PHE A 135 11.87 3.93 -10.86
C PHE A 135 12.43 4.67 -12.07
N GLN A 136 13.75 4.57 -12.25
CA GLN A 136 14.40 5.24 -13.37
C GLN A 136 13.81 4.80 -14.70
N GLU A 137 13.57 3.49 -14.83
CA GLU A 137 13.01 2.95 -16.06
C GLU A 137 11.57 3.40 -16.25
N ALA A 138 10.85 3.55 -15.14
CA ALA A 138 9.46 3.98 -15.18
C ALA A 138 9.35 5.46 -15.49
N LEU A 139 10.29 6.25 -14.96
CA LEU A 139 10.30 7.68 -15.18
C LEU A 139 10.78 8.02 -16.58
N ARG A 140 11.83 7.32 -17.02
CA ARG A 140 12.39 7.53 -18.36
C ARG A 140 11.36 7.21 -19.43
N ASN A 141 10.28 6.55 -19.04
CA ASN A 141 9.23 6.18 -19.98
C ASN A 141 8.29 7.36 -20.23
N ILE A 142 7.74 7.92 -19.15
CA ILE A 142 6.82 9.05 -19.26
C ILE A 142 7.59 10.36 -19.40
N SER A 143 8.62 10.54 -18.58
CA SER A 143 9.43 11.75 -18.62
C SER A 143 10.00 11.97 -20.01
N GLY A 144 10.35 10.88 -20.69
CA GLY A 144 10.91 10.98 -22.02
C GLY A 144 9.84 11.09 -23.09
N PRO A 145 10.26 11.40 -24.33
CA PRO A 145 9.34 11.54 -25.46
C PRO A 145 8.74 10.21 -25.89
N SER A 146 7.44 10.06 -25.70
CA SER A 146 6.75 8.83 -26.07
C SER A 146 6.98 8.50 -27.54
N SER A 147 6.74 7.24 -27.90
CA SER A 147 6.92 6.78 -29.28
C SER A 147 5.70 7.12 -30.13
N GLY A 148 4.52 6.86 -29.58
CA GLY A 148 3.29 7.13 -30.30
C GLY A 148 2.72 8.50 -29.98
N GLY A 1 -53.84 7.82 26.59
CA GLY A 1 -52.96 7.35 25.55
C GLY A 1 -53.69 7.02 24.27
N SER A 2 -54.20 5.79 24.18
CA SER A 2 -54.93 5.34 23.00
C SER A 2 -54.14 5.65 21.73
N SER A 3 -52.84 5.41 21.78
CA SER A 3 -51.97 5.66 20.64
C SER A 3 -50.75 4.74 20.66
N GLY A 4 -49.93 4.82 19.61
CA GLY A 4 -48.75 3.98 19.53
C GLY A 4 -47.47 4.79 19.44
N SER A 5 -46.34 4.13 19.71
CA SER A 5 -45.05 4.80 19.67
C SER A 5 -44.09 4.08 18.73
N SER A 6 -42.89 4.63 18.56
CA SER A 6 -41.90 4.04 17.68
C SER A 6 -40.49 4.21 18.26
N GLY A 7 -39.81 3.09 18.47
CA GLY A 7 -38.46 3.14 19.02
C GLY A 7 -37.45 3.69 18.03
N MET A 8 -36.24 3.93 18.51
CA MET A 8 -35.17 4.46 17.66
C MET A 8 -33.82 4.38 18.37
N THR A 9 -32.76 4.25 17.58
CA THR A 9 -31.41 4.15 18.13
C THR A 9 -30.46 5.10 17.41
N VAL A 10 -29.35 5.45 18.06
CA VAL A 10 -28.36 6.34 17.48
C VAL A 10 -26.98 5.69 17.46
N SER A 11 -26.30 5.81 16.32
CA SER A 11 -24.97 5.23 16.17
C SER A 11 -23.94 6.31 15.87
N GLY A 12 -22.79 6.22 16.54
CA GLY A 12 -21.73 7.20 16.33
C GLY A 12 -20.96 6.97 15.06
N PRO A 13 -20.59 8.05 14.37
CA PRO A 13 -19.84 8.00 13.12
C PRO A 13 -18.41 7.52 13.32
N GLY A 14 -17.83 7.87 14.47
CA GLY A 14 -16.47 7.47 14.77
C GLY A 14 -15.83 8.33 15.84
N THR A 15 -15.15 7.69 16.78
CA THR A 15 -14.49 8.41 17.87
C THR A 15 -13.36 7.59 18.46
N PRO A 16 -12.27 8.27 18.86
CA PRO A 16 -11.10 7.62 19.45
C PRO A 16 -11.38 7.08 20.85
N GLU A 17 -10.91 5.86 21.10
CA GLU A 17 -11.11 5.22 22.40
C GLU A 17 -10.08 4.13 22.64
N PRO A 18 -9.82 3.83 23.92
CA PRO A 18 -8.85 2.80 24.31
C PRO A 18 -9.33 1.40 23.98
N ARG A 19 -8.38 0.50 23.70
CA ARG A 19 -8.71 -0.88 23.37
C ARG A 19 -8.65 -1.77 24.60
N PRO A 20 -9.73 -2.52 24.84
CA PRO A 20 -9.83 -3.43 25.99
C PRO A 20 -8.90 -4.64 25.85
N ALA A 21 -9.11 -5.64 26.71
CA ALA A 21 -8.30 -6.84 26.69
C ALA A 21 -8.41 -7.56 25.35
N THR A 22 -7.30 -8.11 24.87
CA THR A 22 -7.28 -8.83 23.61
C THR A 22 -8.45 -9.81 23.51
N PRO A 23 -9.46 -9.45 22.71
CA PRO A 23 -10.65 -10.29 22.51
C PRO A 23 -10.34 -11.55 21.72
N GLY A 24 -9.47 -11.42 20.72
CA GLY A 24 -9.11 -12.56 19.90
C GLY A 24 -7.80 -12.35 19.16
N ALA A 25 -7.78 -12.72 17.88
CA ALA A 25 -6.57 -12.58 17.06
C ALA A 25 -6.72 -11.42 16.08
N SER A 26 -7.21 -10.29 16.58
CA SER A 26 -7.40 -9.11 15.74
C SER A 26 -6.53 -7.95 16.23
N SER A 27 -5.46 -7.68 15.49
CA SER A 27 -4.54 -6.61 15.84
C SER A 27 -3.86 -6.05 14.60
N VAL A 28 -4.04 -4.74 14.38
CA VAL A 28 -3.44 -4.08 13.23
C VAL A 28 -2.02 -4.58 12.97
N GLU A 29 -1.38 -5.07 14.02
CA GLU A 29 -0.02 -5.58 13.92
C GLU A 29 -0.01 -7.01 13.39
N GLN A 30 -0.91 -7.84 13.94
CA GLN A 30 -1.00 -9.24 13.53
C GLN A 30 -1.90 -9.38 12.30
N LEU A 31 -3.17 -9.06 12.47
CA LEU A 31 -4.14 -9.16 11.38
C LEU A 31 -3.54 -8.63 10.08
N ARG A 32 -2.60 -7.70 10.20
CA ARG A 32 -1.94 -7.13 9.03
C ARG A 32 -1.65 -8.20 7.98
N LYS A 33 -0.94 -9.25 8.40
CA LYS A 33 -0.60 -10.34 7.50
C LYS A 33 -1.82 -10.79 6.70
N GLU A 34 -2.95 -10.93 7.39
CA GLU A 34 -4.18 -11.36 6.74
C GLU A 34 -4.36 -10.67 5.39
N GLY A 35 -4.05 -9.38 5.35
CA GLY A 35 -4.18 -8.63 4.11
C GLY A 35 -3.21 -9.09 3.05
N ASN A 36 -1.92 -8.91 3.29
CA ASN A 36 -0.89 -9.30 2.34
C ASN A 36 -1.11 -10.75 1.87
N GLU A 37 -1.35 -11.65 2.83
CA GLU A 37 -1.58 -13.05 2.51
C GLU A 37 -2.63 -13.19 1.42
N LEU A 38 -3.65 -12.35 1.47
CA LEU A 38 -4.74 -12.39 0.49
C LEU A 38 -4.30 -11.71 -0.81
N PHE A 39 -3.27 -10.88 -0.73
CA PHE A 39 -2.76 -10.17 -1.89
C PHE A 39 -1.88 -11.09 -2.75
N LYS A 40 -0.95 -11.78 -2.09
CA LYS A 40 -0.04 -12.69 -2.79
C LYS A 40 -0.82 -13.80 -3.50
N CYS A 41 -2.11 -13.88 -3.21
CA CYS A 41 -2.97 -14.89 -3.81
C CYS A 41 -3.88 -14.28 -4.87
N GLY A 42 -4.05 -12.96 -4.80
CA GLY A 42 -4.90 -12.27 -5.76
C GLY A 42 -6.14 -11.70 -5.13
N ASP A 43 -6.69 -12.40 -4.14
CA ASP A 43 -7.89 -11.96 -3.45
C ASP A 43 -7.78 -10.48 -3.06
N TYR A 44 -8.34 -9.61 -3.90
CA TYR A 44 -8.30 -8.18 -3.65
C TYR A 44 -9.37 -7.77 -2.65
N GLY A 45 -10.60 -8.24 -2.88
CA GLY A 45 -11.68 -7.91 -1.98
C GLY A 45 -11.34 -8.16 -0.52
N GLY A 46 -10.52 -9.18 -0.28
CA GLY A 46 -10.14 -9.51 1.08
C GLY A 46 -8.93 -8.72 1.54
N ALA A 47 -7.81 -8.87 0.83
CA ALA A 47 -6.58 -8.16 1.16
C ALA A 47 -6.88 -6.74 1.65
N LEU A 48 -7.88 -6.12 1.05
CA LEU A 48 -8.26 -4.76 1.41
C LEU A 48 -9.03 -4.75 2.73
N ALA A 49 -10.00 -5.64 2.85
CA ALA A 49 -10.81 -5.75 4.06
C ALA A 49 -9.93 -5.78 5.31
N ALA A 50 -8.82 -6.52 5.21
CA ALA A 50 -7.89 -6.63 6.34
C ALA A 50 -7.27 -5.28 6.68
N TYR A 51 -6.73 -4.62 5.66
CA TYR A 51 -6.09 -3.31 5.85
C TYR A 51 -7.05 -2.34 6.54
N THR A 52 -8.34 -2.52 6.29
CA THR A 52 -9.36 -1.66 6.88
C THR A 52 -9.34 -1.74 8.40
N GLN A 53 -9.51 -2.95 8.93
CA GLN A 53 -9.49 -3.16 10.37
C GLN A 53 -8.24 -2.58 11.01
N ALA A 54 -7.09 -3.00 10.51
CA ALA A 54 -5.82 -2.51 11.03
C ALA A 54 -5.87 -1.01 11.29
N LEU A 55 -6.19 -0.24 10.26
CA LEU A 55 -6.27 1.21 10.38
C LEU A 55 -7.33 1.61 11.41
N GLY A 56 -8.46 0.92 11.38
CA GLY A 56 -9.53 1.22 12.32
C GLY A 56 -9.05 1.33 13.74
N LEU A 57 -8.09 0.49 14.11
CA LEU A 57 -7.52 0.50 15.46
C LEU A 57 -6.53 1.65 15.62
N ASP A 58 -6.46 2.20 16.83
CA ASP A 58 -5.55 3.30 17.13
C ASP A 58 -4.11 2.82 17.09
N ALA A 59 -3.50 2.83 15.91
CA ALA A 59 -2.12 2.40 15.75
C ALA A 59 -1.19 3.61 15.57
N THR A 60 0.10 3.37 15.77
CA THR A 60 1.10 4.43 15.64
C THR A 60 1.20 4.92 14.20
N PRO A 61 1.76 6.13 14.02
CA PRO A 61 1.93 6.73 12.70
C PRO A 61 2.99 6.01 11.87
N GLN A 62 3.75 5.13 12.52
CA GLN A 62 4.79 4.38 11.84
C GLN A 62 4.22 3.15 11.14
N ASP A 63 3.11 2.64 11.68
CA ASP A 63 2.47 1.46 11.10
C ASP A 63 1.45 1.86 10.04
N GLN A 64 0.63 2.86 10.36
CA GLN A 64 -0.38 3.34 9.43
C GLN A 64 0.19 3.50 8.02
N ALA A 65 1.20 4.36 7.89
CA ALA A 65 1.84 4.60 6.60
C ALA A 65 1.98 3.30 5.82
N VAL A 66 2.44 2.25 6.49
CA VAL A 66 2.62 0.95 5.85
C VAL A 66 1.31 0.40 5.33
N LEU A 67 0.23 0.64 6.09
CA LEU A 67 -1.09 0.17 5.70
C LEU A 67 -1.67 1.02 4.58
N HIS A 68 -1.63 2.34 4.75
CA HIS A 68 -2.15 3.26 3.75
C HIS A 68 -1.59 2.92 2.37
N ARG A 69 -0.28 2.75 2.29
CA ARG A 69 0.38 2.43 1.03
C ARG A 69 -0.04 1.04 0.54
N ASN A 70 -0.40 0.17 1.48
CA ASN A 70 -0.83 -1.19 1.14
C ASN A 70 -2.23 -1.19 0.53
N ARG A 71 -3.06 -0.25 0.98
CA ARG A 71 -4.42 -0.14 0.48
C ARG A 71 -4.44 0.37 -0.96
N ALA A 72 -3.58 1.34 -1.25
CA ALA A 72 -3.49 1.91 -2.58
C ALA A 72 -3.37 0.82 -3.65
N ALA A 73 -2.76 -0.30 -3.26
CA ALA A 73 -2.58 -1.42 -4.18
C ALA A 73 -3.93 -2.03 -4.57
N CYS A 74 -4.62 -2.59 -3.58
CA CYS A 74 -5.92 -3.22 -3.82
C CYS A 74 -6.79 -2.33 -4.72
N HIS A 75 -6.98 -1.09 -4.31
CA HIS A 75 -7.80 -0.15 -5.07
C HIS A 75 -7.45 -0.23 -6.57
N LEU A 76 -6.20 0.09 -6.89
CA LEU A 76 -5.74 0.05 -8.27
C LEU A 76 -6.29 -1.16 -9.00
N LYS A 77 -6.41 -2.27 -8.28
CA LYS A 77 -6.92 -3.51 -8.86
C LYS A 77 -8.44 -3.50 -8.91
N LEU A 78 -9.05 -2.84 -7.93
CA LEU A 78 -10.51 -2.75 -7.85
C LEU A 78 -11.01 -1.46 -8.51
N GLU A 79 -10.42 -1.11 -9.66
CA GLU A 79 -10.81 0.09 -10.37
C GLU A 79 -11.01 1.26 -9.41
N ASP A 80 -10.06 1.44 -8.50
CA ASP A 80 -10.13 2.52 -7.51
C ASP A 80 -8.88 3.38 -7.57
N TYR A 81 -8.39 3.61 -8.78
CA TYR A 81 -7.19 4.42 -8.98
C TYR A 81 -7.34 5.79 -8.32
N ASP A 82 -8.54 6.36 -8.42
CA ASP A 82 -8.82 7.66 -7.83
C ASP A 82 -8.30 7.73 -6.40
N LYS A 83 -8.79 6.83 -5.56
CA LYS A 83 -8.38 6.80 -4.16
C LYS A 83 -6.89 6.44 -4.04
N ALA A 84 -6.47 5.46 -4.82
CA ALA A 84 -5.07 5.02 -4.80
C ALA A 84 -4.13 6.20 -4.63
N GLU A 85 -4.41 7.28 -5.38
CA GLU A 85 -3.58 8.48 -5.31
C GLU A 85 -3.59 9.07 -3.91
N THR A 86 -4.77 9.39 -3.41
CA THR A 86 -4.92 9.97 -2.09
C THR A 86 -4.24 9.09 -1.03
N GLU A 87 -4.66 7.84 -0.94
CA GLU A 87 -4.08 6.91 0.01
C GLU A 87 -2.56 7.05 0.07
N ALA A 88 -1.91 6.86 -1.07
CA ALA A 88 -0.46 6.96 -1.14
C ALA A 88 0.05 8.17 -0.35
N SER A 89 -0.56 9.32 -0.60
CA SER A 89 -0.17 10.55 0.09
C SER A 89 -0.25 10.38 1.60
N LYS A 90 -1.36 9.78 2.05
CA LYS A 90 -1.57 9.55 3.48
C LYS A 90 -0.48 8.65 4.05
N ALA A 91 0.17 7.89 3.18
CA ALA A 91 1.23 6.99 3.60
C ALA A 91 2.60 7.66 3.54
N ILE A 92 2.62 8.86 2.96
CA ILE A 92 3.86 9.62 2.83
C ILE A 92 4.07 10.55 4.03
N GLU A 93 2.99 11.22 4.43
CA GLU A 93 3.06 12.14 5.56
C GLU A 93 3.66 11.45 6.79
N LYS A 94 3.10 10.31 7.15
CA LYS A 94 3.58 9.55 8.30
C LYS A 94 5.10 9.64 8.41
N ASP A 95 5.79 8.97 7.50
CA ASP A 95 7.26 8.97 7.50
C ASP A 95 7.79 10.28 6.91
N GLY A 96 7.46 10.53 5.65
CA GLY A 96 7.93 11.75 4.99
C GLY A 96 8.76 11.45 3.76
N GLY A 97 9.73 10.56 3.90
CA GLY A 97 10.58 10.21 2.78
C GLY A 97 10.45 8.76 2.38
N ASP A 98 9.20 8.31 2.20
CA ASP A 98 8.94 6.93 1.81
C ASP A 98 8.66 6.83 0.32
N VAL A 99 9.50 6.07 -0.39
CA VAL A 99 9.34 5.89 -1.82
C VAL A 99 8.37 4.76 -2.14
N LYS A 100 8.24 3.81 -1.21
CA LYS A 100 7.34 2.69 -1.38
C LYS A 100 5.94 3.16 -1.75
N ALA A 101 5.48 4.20 -1.07
CA ALA A 101 4.15 4.76 -1.33
C ALA A 101 4.16 5.62 -2.60
N LEU A 102 5.24 6.37 -2.80
CA LEU A 102 5.35 7.23 -3.97
C LEU A 102 5.13 6.44 -5.25
N TYR A 103 5.93 5.41 -5.46
CA TYR A 103 5.81 4.57 -6.64
C TYR A 103 4.36 4.19 -6.90
N ARG A 104 3.61 3.98 -5.83
CA ARG A 104 2.20 3.62 -5.95
C ARG A 104 1.36 4.80 -6.42
N ARG A 105 1.62 5.97 -5.84
CA ARG A 105 0.88 7.18 -6.21
C ARG A 105 0.89 7.37 -7.73
N SER A 106 2.08 7.35 -8.32
CA SER A 106 2.22 7.53 -9.76
C SER A 106 1.19 6.70 -10.51
N GLN A 107 1.11 5.41 -10.17
CA GLN A 107 0.17 4.51 -10.82
C GLN A 107 -1.15 5.21 -11.10
N ALA A 108 -1.72 5.83 -10.07
CA ALA A 108 -2.98 6.53 -10.21
C ALA A 108 -2.84 7.75 -11.13
N LEU A 109 -1.90 8.63 -10.78
CA LEU A 109 -1.66 9.84 -11.56
C LEU A 109 -1.74 9.54 -13.06
N GLU A 110 -0.99 8.53 -13.50
CA GLU A 110 -0.98 8.14 -14.90
C GLU A 110 -2.36 7.70 -15.36
N LYS A 111 -3.12 7.12 -14.44
CA LYS A 111 -4.47 6.65 -14.75
C LYS A 111 -5.43 7.82 -14.89
N LEU A 112 -5.26 8.83 -14.05
CA LEU A 112 -6.12 10.01 -14.08
C LEU A 112 -5.64 11.00 -15.14
N GLY A 113 -4.60 10.61 -15.88
CA GLY A 113 -4.06 11.47 -16.91
C GLY A 113 -2.93 12.34 -16.40
N ARG A 114 -3.13 12.97 -15.25
CA ARG A 114 -2.11 13.83 -14.66
C ARG A 114 -0.73 13.18 -14.72
N LEU A 115 -0.01 13.44 -15.81
CA LEU A 115 1.32 12.87 -15.99
C LEU A 115 2.39 13.82 -15.45
N ASP A 116 2.20 15.11 -15.69
CA ASP A 116 3.15 16.12 -15.22
C ASP A 116 3.49 15.90 -13.75
N GLN A 117 2.55 15.34 -13.01
CA GLN A 117 2.74 15.08 -11.58
C GLN A 117 3.52 13.79 -11.37
N ALA A 118 3.10 12.73 -12.04
CA ALA A 118 3.75 11.43 -11.92
C ALA A 118 5.27 11.58 -11.93
N VAL A 119 5.77 12.42 -12.83
CA VAL A 119 7.21 12.65 -12.93
C VAL A 119 7.75 13.30 -11.66
N LEU A 120 7.04 14.28 -11.15
CA LEU A 120 7.45 14.99 -9.94
C LEU A 120 7.43 14.04 -8.74
N ASP A 121 6.59 13.02 -8.80
CA ASP A 121 6.49 12.05 -7.73
C ASP A 121 7.60 11.00 -7.83
N LEU A 122 7.78 10.47 -9.03
CA LEU A 122 8.80 9.45 -9.27
C LEU A 122 10.20 10.02 -9.02
N GLN A 123 10.49 11.15 -9.66
CA GLN A 123 11.79 11.79 -9.52
C GLN A 123 12.29 11.68 -8.08
N ARG A 124 11.36 11.60 -7.13
CA ARG A 124 11.71 11.49 -5.72
C ARG A 124 12.20 10.09 -5.39
N CYS A 125 11.48 9.08 -5.89
CA CYS A 125 11.83 7.69 -5.64
C CYS A 125 13.28 7.42 -6.03
N VAL A 126 13.70 7.96 -7.17
CA VAL A 126 15.06 7.78 -7.64
C VAL A 126 16.07 8.41 -6.69
N SER A 127 15.72 9.59 -6.17
CA SER A 127 16.60 10.30 -5.25
C SER A 127 16.75 9.53 -3.94
N LEU A 128 15.63 9.05 -3.40
CA LEU A 128 15.63 8.30 -2.16
C LEU A 128 16.22 6.90 -2.38
N GLU A 129 16.03 6.36 -3.57
CA GLU A 129 16.54 5.03 -3.90
C GLU A 129 17.40 5.08 -5.15
N PRO A 130 18.70 5.35 -4.97
CA PRO A 130 19.66 5.43 -6.08
C PRO A 130 19.94 4.07 -6.70
N LYS A 131 19.46 3.02 -6.05
CA LYS A 131 19.65 1.65 -6.53
C LYS A 131 18.41 1.15 -7.24
N ASN A 132 17.26 1.24 -6.55
CA ASN A 132 16.00 0.78 -7.12
C ASN A 132 15.85 1.26 -8.56
N LYS A 133 16.19 0.39 -9.51
CA LYS A 133 16.09 0.72 -10.92
C LYS A 133 14.63 0.77 -11.37
N VAL A 134 13.76 0.13 -10.60
CA VAL A 134 12.34 0.11 -10.91
C VAL A 134 11.76 1.52 -10.97
N PHE A 135 12.44 2.45 -10.32
CA PHE A 135 11.99 3.85 -10.29
C PHE A 135 12.57 4.62 -11.48
N GLN A 136 13.87 4.45 -11.72
CA GLN A 136 14.53 5.13 -12.83
C GLN A 136 13.90 4.74 -14.16
N GLU A 137 13.31 3.55 -14.21
CA GLU A 137 12.66 3.07 -15.43
C GLU A 137 11.23 3.57 -15.53
N ALA A 138 10.57 3.70 -14.38
CA ALA A 138 9.19 4.18 -14.33
C ALA A 138 9.10 5.64 -14.76
N LEU A 139 10.25 6.30 -14.81
CA LEU A 139 10.30 7.71 -15.20
C LEU A 139 10.27 7.85 -16.72
N ARG A 140 11.24 7.25 -17.38
CA ARG A 140 11.33 7.31 -18.84
C ARG A 140 10.14 6.61 -19.48
N ASN A 141 9.36 5.90 -18.67
CA ASN A 141 8.20 5.18 -19.16
C ASN A 141 7.00 6.11 -19.29
N ILE A 142 7.07 7.27 -18.64
CA ILE A 142 6.00 8.25 -18.69
C ILE A 142 6.50 9.58 -19.26
N SER A 143 7.78 9.86 -19.06
CA SER A 143 8.38 11.09 -19.54
C SER A 143 8.52 11.08 -21.06
N GLY A 144 8.75 9.89 -21.62
CA GLY A 144 8.89 9.75 -23.06
C GLY A 144 7.60 10.07 -23.79
N PRO A 145 7.74 10.60 -25.02
CA PRO A 145 6.59 10.96 -25.86
C PRO A 145 5.83 9.74 -26.36
N SER A 146 4.56 9.66 -26.02
CA SER A 146 3.72 8.53 -26.43
C SER A 146 3.90 8.24 -27.92
N SER A 147 3.86 9.30 -28.73
CA SER A 147 4.01 9.16 -30.18
C SER A 147 5.43 8.73 -30.53
N GLY A 148 5.57 7.51 -31.04
CA GLY A 148 6.87 7.00 -31.41
C GLY A 148 6.81 5.98 -32.53
N GLY A 1 -48.44 -11.00 -10.77
CA GLY A 1 -47.58 -9.88 -10.43
C GLY A 1 -47.54 -9.61 -8.94
N SER A 2 -46.34 -9.35 -8.43
CA SER A 2 -46.16 -9.09 -7.00
C SER A 2 -45.38 -7.79 -6.79
N SER A 3 -45.22 -7.41 -5.52
CA SER A 3 -44.50 -6.19 -5.18
C SER A 3 -43.91 -6.28 -3.77
N GLY A 4 -43.15 -5.26 -3.39
CA GLY A 4 -42.55 -5.25 -2.08
C GLY A 4 -41.93 -3.90 -1.73
N SER A 5 -41.23 -3.85 -0.60
CA SER A 5 -40.59 -2.60 -0.16
C SER A 5 -39.51 -2.89 0.89
N SER A 6 -38.83 -1.85 1.32
CA SER A 6 -37.77 -1.98 2.32
C SER A 6 -37.44 -0.62 2.94
N GLY A 7 -36.56 -0.64 3.94
CA GLY A 7 -36.17 0.59 4.59
C GLY A 7 -34.67 0.80 4.58
N MET A 8 -34.16 1.55 5.55
CA MET A 8 -32.73 1.81 5.65
C MET A 8 -32.27 1.85 7.11
N THR A 9 -30.97 1.96 7.32
CA THR A 9 -30.41 1.99 8.66
C THR A 9 -30.07 3.42 9.08
N VAL A 10 -29.42 4.16 8.17
CA VAL A 10 -29.05 5.54 8.43
C VAL A 10 -28.46 5.69 9.84
N SER A 11 -27.61 4.74 10.23
CA SER A 11 -26.99 4.77 11.54
C SER A 11 -25.47 4.79 11.43
N GLY A 12 -24.84 5.76 12.08
CA GLY A 12 -23.40 5.88 12.04
C GLY A 12 -22.82 6.32 13.37
N PRO A 13 -21.61 5.82 13.69
CA PRO A 13 -20.92 6.15 14.93
C PRO A 13 -20.43 7.60 14.96
N GLY A 14 -19.89 8.02 16.10
CA GLY A 14 -19.39 9.38 16.23
C GLY A 14 -19.62 9.94 17.61
N THR A 15 -19.01 9.31 18.63
CA THR A 15 -19.16 9.75 20.00
C THR A 15 -17.86 9.53 20.78
N PRO A 16 -17.65 10.34 21.83
CA PRO A 16 -16.46 10.26 22.68
C PRO A 16 -16.44 8.99 23.52
N GLU A 17 -15.62 8.03 23.13
CA GLU A 17 -15.50 6.77 23.85
C GLU A 17 -14.05 6.36 24.01
N PRO A 18 -13.77 5.51 25.02
CA PRO A 18 -12.42 5.02 25.30
C PRO A 18 -11.91 4.07 24.22
N ARG A 19 -10.75 3.48 24.47
CA ARG A 19 -10.14 2.55 23.53
C ARG A 19 -10.25 1.12 24.04
N PRO A 20 -11.41 0.49 23.84
CA PRO A 20 -11.66 -0.89 24.29
C PRO A 20 -10.87 -1.90 23.46
N ALA A 21 -11.21 -3.18 23.63
CA ALA A 21 -10.53 -4.25 22.91
C ALA A 21 -11.39 -5.51 22.87
N THR A 22 -10.89 -6.54 22.20
CA THR A 22 -11.60 -7.81 22.09
C THR A 22 -10.64 -8.98 22.06
N PRO A 23 -10.83 -9.93 23.00
CA PRO A 23 -9.98 -11.12 23.10
C PRO A 23 -10.20 -12.09 21.94
N GLY A 24 -9.47 -11.87 20.84
CA GLY A 24 -9.60 -12.73 19.68
C GLY A 24 -8.38 -12.67 18.78
N ALA A 25 -8.55 -13.09 17.53
CA ALA A 25 -7.44 -13.10 16.58
C ALA A 25 -7.50 -11.87 15.68
N SER A 26 -7.80 -10.72 16.26
CA SER A 26 -7.89 -9.48 15.50
C SER A 26 -6.99 -8.41 16.11
N SER A 27 -5.83 -8.20 15.48
CA SER A 27 -4.88 -7.20 15.96
C SER A 27 -4.08 -6.62 14.79
N VAL A 28 -4.08 -5.29 14.70
CA VAL A 28 -3.37 -4.59 13.63
C VAL A 28 -2.01 -5.23 13.38
N GLU A 29 -1.37 -5.70 14.45
CA GLU A 29 -0.06 -6.34 14.35
C GLU A 29 -0.17 -7.70 13.67
N GLN A 30 -1.10 -8.52 14.14
CA GLN A 30 -1.31 -9.85 13.59
C GLN A 30 -2.16 -9.78 12.32
N LEU A 31 -3.44 -9.44 12.49
CA LEU A 31 -4.35 -9.34 11.36
C LEU A 31 -3.63 -8.84 10.11
N ARG A 32 -2.64 -7.99 10.31
CA ARG A 32 -1.87 -7.44 9.20
C ARG A 32 -1.67 -8.49 8.11
N LYS A 33 -1.18 -9.67 8.51
CA LYS A 33 -0.95 -10.76 7.57
C LYS A 33 -2.20 -11.04 6.74
N GLU A 34 -3.35 -11.13 7.41
CA GLU A 34 -4.60 -11.40 6.73
C GLU A 34 -4.69 -10.61 5.42
N GLY A 35 -4.22 -9.37 5.44
CA GLY A 35 -4.25 -8.55 4.25
C GLY A 35 -3.30 -9.03 3.18
N ASN A 36 -2.02 -9.08 3.50
CA ASN A 36 -1.00 -9.53 2.56
C ASN A 36 -1.34 -10.92 2.02
N GLU A 37 -1.48 -11.87 2.93
CA GLU A 37 -1.80 -13.25 2.56
C GLU A 37 -2.81 -13.28 1.41
N LEU A 38 -3.77 -12.35 1.45
CA LEU A 38 -4.79 -12.27 0.42
C LEU A 38 -4.27 -11.54 -0.81
N PHE A 39 -3.39 -10.57 -0.58
CA PHE A 39 -2.82 -9.79 -1.68
C PHE A 39 -1.89 -10.66 -2.53
N LYS A 40 -0.94 -11.30 -1.88
CA LYS A 40 0.01 -12.17 -2.58
C LYS A 40 -0.69 -13.35 -3.23
N CYS A 41 -1.99 -13.48 -2.95
CA CYS A 41 -2.78 -14.57 -3.51
C CYS A 41 -3.68 -14.07 -4.63
N GLY A 42 -3.96 -12.77 -4.63
CA GLY A 42 -4.81 -12.19 -5.66
C GLY A 42 -6.08 -11.60 -5.08
N ASP A 43 -6.61 -12.23 -4.04
CA ASP A 43 -7.83 -11.77 -3.39
C ASP A 43 -7.68 -10.33 -2.92
N TYR A 44 -8.19 -9.39 -3.71
CA TYR A 44 -8.11 -7.97 -3.37
C TYR A 44 -9.28 -7.55 -2.48
N GLY A 45 -10.48 -7.97 -2.88
CA GLY A 45 -11.67 -7.63 -2.12
C GLY A 45 -11.49 -7.87 -0.63
N GLY A 46 -10.74 -8.91 -0.28
CA GLY A 46 -10.49 -9.23 1.11
C GLY A 46 -9.32 -8.47 1.69
N ALA A 47 -8.17 -8.60 1.04
CA ALA A 47 -6.95 -7.92 1.49
C ALA A 47 -7.28 -6.53 2.05
N LEU A 48 -7.95 -5.72 1.23
CA LEU A 48 -8.31 -4.37 1.65
C LEU A 48 -8.99 -4.38 3.01
N ALA A 49 -10.08 -5.12 3.12
CA ALA A 49 -10.82 -5.22 4.37
C ALA A 49 -9.87 -5.39 5.56
N ALA A 50 -8.97 -6.36 5.47
CA ALA A 50 -8.01 -6.61 6.52
C ALA A 50 -7.25 -5.34 6.90
N TYR A 51 -6.78 -4.62 5.88
CA TYR A 51 -6.03 -3.39 6.10
C TYR A 51 -6.87 -2.37 6.87
N THR A 52 -8.13 -2.21 6.46
CA THR A 52 -9.03 -1.27 7.11
C THR A 52 -8.96 -1.42 8.64
N GLN A 53 -9.21 -2.63 9.13
CA GLN A 53 -9.18 -2.88 10.56
C GLN A 53 -7.87 -2.39 11.17
N ALA A 54 -6.76 -2.98 10.73
CA ALA A 54 -5.44 -2.59 11.24
C ALA A 54 -5.37 -1.09 11.47
N LEU A 55 -5.90 -0.32 10.53
CA LEU A 55 -5.89 1.13 10.63
C LEU A 55 -6.89 1.62 11.66
N GLY A 56 -8.08 1.03 11.66
CA GLY A 56 -9.11 1.41 12.60
C GLY A 56 -8.58 1.49 14.03
N LEU A 57 -7.71 0.56 14.38
CA LEU A 57 -7.13 0.53 15.71
C LEU A 57 -6.12 1.65 15.90
N ASP A 58 -5.88 2.02 17.16
CA ASP A 58 -4.93 3.08 17.47
C ASP A 58 -3.50 2.56 17.41
N ALA A 59 -3.19 1.82 16.35
CA ALA A 59 -1.85 1.27 16.17
C ALA A 59 -0.80 2.37 16.16
N THR A 60 0.47 1.98 16.21
CA THR A 60 1.57 2.93 16.22
C THR A 60 1.55 3.78 14.95
N PRO A 61 2.18 4.98 15.03
CA PRO A 61 2.25 5.91 13.91
C PRO A 61 3.16 5.40 12.78
N GLN A 62 3.79 4.26 13.02
CA GLN A 62 4.68 3.65 12.03
C GLN A 62 3.94 2.63 11.18
N ASP A 63 2.91 2.02 11.77
CA ASP A 63 2.12 1.01 11.07
C ASP A 63 1.07 1.67 10.17
N GLN A 64 0.37 2.65 10.72
CA GLN A 64 -0.67 3.35 9.97
C GLN A 64 -0.14 3.81 8.61
N ALA A 65 1.18 3.97 8.52
CA ALA A 65 1.80 4.40 7.27
C ALA A 65 1.92 3.23 6.29
N VAL A 66 2.70 2.22 6.68
CA VAL A 66 2.90 1.05 5.83
C VAL A 66 1.56 0.50 5.32
N LEU A 67 0.53 0.64 6.14
CA LEU A 67 -0.80 0.16 5.78
C LEU A 67 -1.45 1.06 4.73
N HIS A 68 -1.38 2.36 4.97
CA HIS A 68 -1.95 3.34 4.05
C HIS A 68 -1.45 3.10 2.63
N ARG A 69 -0.14 3.02 2.47
CA ARG A 69 0.47 2.80 1.16
C ARG A 69 -0.04 1.50 0.55
N ASN A 70 -0.12 0.45 1.37
CA ASN A 70 -0.59 -0.85 0.90
C ASN A 70 -2.00 -0.74 0.33
N ARG A 71 -2.91 -0.17 1.12
CA ARG A 71 -4.30 -0.01 0.69
C ARG A 71 -4.37 0.43 -0.76
N ALA A 72 -3.63 1.48 -1.10
CA ALA A 72 -3.61 2.00 -2.47
C ALA A 72 -3.68 0.86 -3.48
N ALA A 73 -2.82 -0.14 -3.30
CA ALA A 73 -2.79 -1.28 -4.20
C ALA A 73 -4.20 -1.86 -4.42
N CYS A 74 -4.86 -2.19 -3.31
CA CYS A 74 -6.20 -2.75 -3.38
C CYS A 74 -7.06 -1.99 -4.39
N HIS A 75 -7.05 -0.67 -4.30
CA HIS A 75 -7.83 0.17 -5.20
C HIS A 75 -7.31 0.05 -6.62
N LEU A 76 -6.02 0.34 -6.81
CA LEU A 76 -5.40 0.28 -8.13
C LEU A 76 -5.88 -0.95 -8.90
N LYS A 77 -5.95 -2.08 -8.21
CA LYS A 77 -6.41 -3.32 -8.82
C LYS A 77 -7.89 -3.26 -9.16
N LEU A 78 -8.68 -2.79 -8.20
CA LEU A 78 -10.13 -2.67 -8.40
C LEU A 78 -10.47 -1.39 -9.14
N GLU A 79 -9.69 -1.07 -10.17
CA GLU A 79 -9.91 0.13 -10.96
C GLU A 79 -10.35 1.30 -10.08
N ASP A 80 -9.62 1.50 -8.98
CA ASP A 80 -9.93 2.58 -8.05
C ASP A 80 -8.75 3.54 -7.93
N TYR A 81 -8.06 3.78 -9.04
CA TYR A 81 -6.92 4.68 -9.06
C TYR A 81 -7.23 5.99 -8.33
N ASP A 82 -8.36 6.59 -8.69
CA ASP A 82 -8.78 7.85 -8.09
C ASP A 82 -8.49 7.85 -6.59
N LYS A 83 -9.15 6.94 -5.87
CA LYS A 83 -8.96 6.82 -4.42
C LYS A 83 -7.55 6.37 -4.08
N ALA A 84 -7.07 5.37 -4.82
CA ALA A 84 -5.73 4.84 -4.60
C ALA A 84 -4.72 5.97 -4.38
N GLU A 85 -4.67 6.91 -5.32
CA GLU A 85 -3.75 8.04 -5.22
C GLU A 85 -3.76 8.64 -3.82
N THR A 86 -4.96 8.94 -3.32
CA THR A 86 -5.11 9.51 -1.99
C THR A 86 -4.39 8.67 -0.94
N GLU A 87 -4.75 7.39 -0.87
CA GLU A 87 -4.13 6.48 0.09
C GLU A 87 -2.62 6.64 0.10
N ALA A 88 -2.02 6.65 -1.08
CA ALA A 88 -0.57 6.80 -1.21
C ALA A 88 -0.08 7.99 -0.42
N SER A 89 -0.58 9.18 -0.77
CA SER A 89 -0.19 10.41 -0.10
C SER A 89 -0.32 10.27 1.42
N LYS A 90 -1.45 9.74 1.86
CA LYS A 90 -1.72 9.55 3.27
C LYS A 90 -0.55 8.84 3.95
N ALA A 91 0.02 7.86 3.26
CA ALA A 91 1.16 7.11 3.79
C ALA A 91 2.44 7.93 3.74
N ILE A 92 2.63 8.65 2.63
CA ILE A 92 3.81 9.48 2.46
C ILE A 92 3.89 10.56 3.54
N GLU A 93 2.75 11.15 3.86
CA GLU A 93 2.69 12.20 4.87
C GLU A 93 2.96 11.63 6.26
N LYS A 94 2.51 10.40 6.49
CA LYS A 94 2.70 9.74 7.78
C LYS A 94 4.18 9.74 8.17
N ASP A 95 5.01 9.11 7.34
CA ASP A 95 6.44 9.03 7.60
C ASP A 95 7.19 10.12 6.82
N GLY A 96 7.17 10.01 5.49
CA GLY A 96 7.84 10.98 4.66
C GLY A 96 8.88 10.34 3.75
N GLY A 97 9.72 9.49 4.32
CA GLY A 97 10.76 8.83 3.54
C GLY A 97 10.35 7.44 3.10
N ASP A 98 9.21 7.35 2.41
CA ASP A 98 8.72 6.07 1.93
C ASP A 98 8.56 6.07 0.41
N VAL A 99 9.64 5.77 -0.29
CA VAL A 99 9.63 5.75 -1.75
C VAL A 99 8.69 4.67 -2.27
N LYS A 100 8.53 3.59 -1.49
CA LYS A 100 7.66 2.49 -1.87
C LYS A 100 6.31 3.01 -2.34
N ALA A 101 5.65 3.79 -1.49
CA ALA A 101 4.34 4.35 -1.82
C ALA A 101 4.43 5.29 -3.01
N LEU A 102 5.51 6.07 -3.06
CA LEU A 102 5.73 7.01 -4.15
C LEU A 102 5.61 6.33 -5.51
N TYR A 103 6.27 5.18 -5.64
CA TYR A 103 6.24 4.41 -6.87
C TYR A 103 4.81 4.04 -7.25
N ARG A 104 4.04 3.59 -6.26
CA ARG A 104 2.66 3.20 -6.48
C ARG A 104 1.80 4.40 -6.87
N ARG A 105 1.88 5.47 -6.08
CA ARG A 105 1.11 6.68 -6.35
C ARG A 105 1.05 6.96 -7.84
N SER A 106 2.21 7.12 -8.46
CA SER A 106 2.29 7.41 -9.89
C SER A 106 1.28 6.56 -10.66
N GLN A 107 1.21 5.27 -10.33
CA GLN A 107 0.29 4.36 -10.99
C GLN A 107 -1.08 5.00 -11.17
N ALA A 108 -1.53 5.71 -10.15
CA ALA A 108 -2.83 6.38 -10.19
C ALA A 108 -2.73 7.71 -10.91
N LEU A 109 -1.74 8.52 -10.55
CA LEU A 109 -1.54 9.82 -11.16
C LEU A 109 -1.71 9.74 -12.68
N GLU A 110 -0.87 8.94 -13.32
CA GLU A 110 -0.93 8.78 -14.76
C GLU A 110 -2.35 8.44 -15.22
N LYS A 111 -2.97 7.48 -14.53
CA LYS A 111 -4.32 7.05 -14.86
C LYS A 111 -5.27 8.24 -14.89
N LEU A 112 -5.07 9.17 -13.95
CA LEU A 112 -5.91 10.36 -13.86
C LEU A 112 -5.41 11.46 -14.79
N GLY A 113 -4.76 11.05 -15.88
CA GLY A 113 -4.24 12.02 -16.84
C GLY A 113 -3.30 13.02 -16.19
N ARG A 114 -2.61 12.60 -15.13
CA ARG A 114 -1.69 13.47 -14.43
C ARG A 114 -0.24 13.10 -14.73
N LEU A 115 0.06 12.94 -16.02
CA LEU A 115 1.41 12.58 -16.45
C LEU A 115 2.43 13.59 -15.93
N ASP A 116 2.01 14.85 -15.83
CA ASP A 116 2.89 15.91 -15.35
C ASP A 116 3.28 15.67 -13.89
N GLN A 117 2.33 15.17 -13.10
CA GLN A 117 2.56 14.91 -11.69
C GLN A 117 3.29 13.58 -11.51
N ALA A 118 2.83 12.56 -12.21
CA ALA A 118 3.43 11.23 -12.13
C ALA A 118 4.96 11.33 -12.07
N VAL A 119 5.53 12.14 -12.96
CA VAL A 119 6.97 12.32 -13.01
C VAL A 119 7.49 12.92 -11.71
N LEU A 120 6.99 14.10 -11.36
CA LEU A 120 7.39 14.78 -10.15
C LEU A 120 7.44 13.82 -8.96
N ASP A 121 6.39 13.00 -8.85
CA ASP A 121 6.31 12.03 -7.76
C ASP A 121 7.48 11.06 -7.81
N LEU A 122 7.66 10.41 -8.95
CA LEU A 122 8.73 9.45 -9.13
C LEU A 122 10.09 10.08 -8.81
N GLN A 123 10.29 11.30 -9.32
CA GLN A 123 11.54 12.02 -9.10
C GLN A 123 12.06 11.77 -7.68
N ARG A 124 11.15 11.56 -6.75
CA ARG A 124 11.52 11.32 -5.36
C ARG A 124 11.98 9.88 -5.17
N CYS A 125 11.10 8.93 -5.51
CA CYS A 125 11.42 7.51 -5.37
C CYS A 125 12.77 7.20 -5.98
N VAL A 126 13.16 7.98 -6.99
CA VAL A 126 14.44 7.78 -7.66
C VAL A 126 15.58 8.45 -6.89
N SER A 127 15.25 9.52 -6.18
CA SER A 127 16.24 10.25 -5.41
C SER A 127 16.57 9.52 -4.11
N LEU A 128 15.55 9.26 -3.31
CA LEU A 128 15.73 8.57 -2.04
C LEU A 128 16.39 7.20 -2.25
N GLU A 129 16.14 6.60 -3.42
CA GLU A 129 16.71 5.30 -3.75
C GLU A 129 17.60 5.40 -4.98
N PRO A 130 18.93 5.46 -4.75
CA PRO A 130 19.91 5.56 -5.83
C PRO A 130 20.01 4.27 -6.63
N LYS A 131 19.90 3.13 -5.94
CA LYS A 131 19.98 1.83 -6.60
C LYS A 131 18.68 1.50 -7.32
N ASN A 132 17.56 1.62 -6.61
CA ASN A 132 16.25 1.34 -7.19
C ASN A 132 16.18 1.85 -8.63
N LYS A 133 16.49 0.98 -9.58
CA LYS A 133 16.45 1.34 -10.99
C LYS A 133 15.02 1.37 -11.51
N VAL A 134 14.23 0.39 -11.12
CA VAL A 134 12.83 0.29 -11.54
C VAL A 134 12.20 1.67 -11.64
N PHE A 135 12.62 2.58 -10.77
CA PHE A 135 12.10 3.94 -10.76
C PHE A 135 12.63 4.73 -11.94
N GLN A 136 13.94 4.68 -12.15
CA GLN A 136 14.58 5.39 -13.24
C GLN A 136 13.97 4.99 -14.59
N GLU A 137 13.82 3.68 -14.79
CA GLU A 137 13.24 3.17 -16.03
C GLU A 137 11.80 3.61 -16.19
N ALA A 138 11.09 3.72 -15.06
CA ALA A 138 9.69 4.14 -15.07
C ALA A 138 9.57 5.63 -15.37
N LEU A 139 10.47 6.42 -14.80
CA LEU A 139 10.47 7.86 -15.00
C LEU A 139 10.51 8.20 -16.48
N ARG A 140 11.50 7.66 -17.19
CA ARG A 140 11.65 7.91 -18.61
C ARG A 140 10.49 7.31 -19.39
N ASN A 141 9.98 6.18 -18.93
CA ASN A 141 8.87 5.50 -19.59
C ASN A 141 7.65 6.42 -19.67
N ILE A 142 7.44 7.20 -18.62
CA ILE A 142 6.30 8.13 -18.59
C ILE A 142 6.71 9.51 -19.10
N SER A 143 7.99 9.85 -18.91
CA SER A 143 8.49 11.14 -19.35
C SER A 143 8.54 11.21 -20.88
N GLY A 144 8.93 10.12 -21.50
CA GLY A 144 9.01 10.08 -22.95
C GLY A 144 7.88 10.84 -23.62
N PRO A 145 8.18 11.45 -24.77
CA PRO A 145 7.19 12.22 -25.53
C PRO A 145 6.11 11.35 -26.16
N SER A 146 4.86 11.72 -25.96
CA SER A 146 3.74 10.95 -26.51
C SER A 146 3.08 11.71 -27.66
N SER A 147 2.54 10.96 -28.62
CA SER A 147 1.89 11.55 -29.78
C SER A 147 0.39 11.69 -29.53
N GLY A 148 -0.06 12.92 -29.34
CA GLY A 148 -1.47 13.17 -29.11
C GLY A 148 -1.84 14.63 -29.27
N GLY A 1 -63.79 -8.51 10.28
CA GLY A 1 -62.57 -8.24 9.53
C GLY A 1 -62.13 -6.80 9.63
N SER A 2 -60.83 -6.58 9.86
CA SER A 2 -60.28 -5.23 9.97
C SER A 2 -59.02 -5.09 9.14
N SER A 3 -58.47 -3.89 9.12
CA SER A 3 -57.25 -3.61 8.36
C SER A 3 -56.76 -2.18 8.61
N GLY A 4 -55.44 -2.04 8.78
CA GLY A 4 -54.87 -0.74 9.03
C GLY A 4 -53.65 -0.47 8.17
N SER A 5 -52.54 -0.12 8.83
CA SER A 5 -51.30 0.18 8.12
C SER A 5 -50.14 -0.60 8.74
N SER A 6 -49.05 -0.72 7.97
CA SER A 6 -47.87 -1.44 8.45
C SER A 6 -46.65 -1.05 7.63
N GLY A 7 -45.46 -1.26 8.21
CA GLY A 7 -44.23 -0.93 7.52
C GLY A 7 -43.25 -0.21 8.43
N MET A 8 -42.61 -0.96 9.32
CA MET A 8 -41.64 -0.38 10.25
C MET A 8 -40.45 -1.31 10.43
N THR A 9 -39.28 -0.73 10.69
CA THR A 9 -38.07 -1.51 10.90
C THR A 9 -37.04 -0.73 11.71
N VAL A 10 -36.55 -1.35 12.78
CA VAL A 10 -35.56 -0.71 13.64
C VAL A 10 -34.28 -1.53 13.71
N SER A 11 -33.15 -0.88 13.45
CA SER A 11 -31.86 -1.56 13.48
C SER A 11 -30.72 -0.54 13.37
N GLY A 12 -29.60 -0.86 14.02
CA GLY A 12 -28.45 0.03 13.99
C GLY A 12 -27.19 -0.62 14.52
N PRO A 13 -26.05 -0.30 13.91
CA PRO A 13 -24.75 -0.86 14.32
C PRO A 13 -24.30 -0.32 15.67
N GLY A 14 -23.95 -1.23 16.58
CA GLY A 14 -23.50 -0.84 17.89
C GLY A 14 -22.11 -1.35 18.22
N THR A 15 -21.53 -0.86 19.31
CA THR A 15 -20.20 -1.27 19.71
C THR A 15 -20.20 -1.81 21.13
N PRO A 16 -19.80 -3.08 21.29
CA PRO A 16 -19.75 -3.75 22.59
C PRO A 16 -18.65 -3.19 23.48
N GLU A 17 -18.41 -3.86 24.61
CA GLU A 17 -17.37 -3.43 25.55
C GLU A 17 -16.02 -4.03 25.18
N PRO A 18 -14.94 -3.28 25.48
CA PRO A 18 -13.58 -3.72 25.19
C PRO A 18 -13.14 -4.87 26.08
N ARG A 19 -13.42 -6.09 25.64
CA ARG A 19 -13.05 -7.28 26.41
C ARG A 19 -11.65 -7.75 26.04
N PRO A 20 -10.85 -8.07 27.07
CA PRO A 20 -9.47 -8.54 26.88
C PRO A 20 -9.40 -9.93 26.27
N ALA A 21 -8.36 -10.18 25.48
CA ALA A 21 -8.18 -11.48 24.84
C ALA A 21 -6.74 -11.66 24.38
N THR A 22 -6.35 -12.92 24.18
CA THR A 22 -4.99 -13.23 23.74
C THR A 22 -4.50 -12.21 22.72
N PRO A 23 -3.20 -11.86 22.82
CA PRO A 23 -2.58 -10.89 21.91
C PRO A 23 -2.44 -11.43 20.49
N GLY A 24 -2.83 -10.63 19.51
CA GLY A 24 -2.74 -11.05 18.13
C GLY A 24 -4.09 -11.17 17.46
N ALA A 25 -5.01 -11.88 18.10
CA ALA A 25 -6.35 -12.07 17.58
C ALA A 25 -6.98 -10.74 17.20
N SER A 26 -7.13 -10.51 15.89
CA SER A 26 -7.72 -9.27 15.40
C SER A 26 -6.89 -8.07 15.83
N SER A 27 -5.57 -8.24 15.81
CA SER A 27 -4.65 -7.16 16.19
C SER A 27 -3.97 -6.56 14.97
N VAL A 28 -4.16 -5.26 14.77
CA VAL A 28 -3.57 -4.57 13.63
C VAL A 28 -2.16 -5.08 13.35
N GLU A 29 -1.41 -5.34 14.42
CA GLU A 29 -0.04 -5.84 14.28
C GLU A 29 -0.03 -7.26 13.73
N GLN A 30 -0.96 -8.08 14.20
CA GLN A 30 -1.05 -9.46 13.74
C GLN A 30 -1.91 -9.57 12.49
N LEU A 31 -3.20 -9.27 12.64
CA LEU A 31 -4.13 -9.34 11.52
C LEU A 31 -3.48 -8.80 10.24
N ARG A 32 -2.52 -7.90 10.40
CA ARG A 32 -1.81 -7.32 9.27
C ARG A 32 -1.58 -8.37 8.18
N LYS A 33 -1.03 -9.51 8.57
CA LYS A 33 -0.76 -10.59 7.64
C LYS A 33 -2.01 -10.97 6.86
N GLU A 34 -3.11 -11.16 7.58
CA GLU A 34 -4.38 -11.52 6.95
C GLU A 34 -4.56 -10.78 5.63
N GLY A 35 -4.11 -9.53 5.59
CA GLY A 35 -4.24 -8.73 4.38
C GLY A 35 -3.27 -9.15 3.30
N ASN A 36 -1.97 -9.07 3.61
CA ASN A 36 -0.94 -9.44 2.64
C ASN A 36 -1.13 -10.88 2.17
N GLU A 37 -1.24 -11.80 3.13
CA GLU A 37 -1.43 -13.22 2.81
C GLU A 37 -2.44 -13.39 1.68
N LEU A 38 -3.44 -12.51 1.65
CA LEU A 38 -4.47 -12.57 0.62
C LEU A 38 -4.00 -11.89 -0.66
N PHE A 39 -3.10 -10.91 -0.52
CA PHE A 39 -2.58 -10.18 -1.66
C PHE A 39 -1.72 -11.11 -2.53
N LYS A 40 -0.84 -11.86 -1.89
CA LYS A 40 0.04 -12.79 -2.61
C LYS A 40 -0.76 -13.86 -3.33
N CYS A 41 -2.07 -13.88 -3.08
CA CYS A 41 -2.94 -14.86 -3.70
C CYS A 41 -3.73 -14.23 -4.86
N GLY A 42 -3.88 -12.91 -4.81
CA GLY A 42 -4.61 -12.21 -5.85
C GLY A 42 -5.98 -11.75 -5.40
N ASP A 43 -6.23 -11.86 -4.10
CA ASP A 43 -7.51 -11.46 -3.54
C ASP A 43 -7.46 -10.01 -3.03
N TYR A 44 -7.83 -9.07 -3.89
CA TYR A 44 -7.82 -7.66 -3.54
C TYR A 44 -9.02 -7.31 -2.66
N GLY A 45 -10.16 -7.94 -2.94
CA GLY A 45 -11.36 -7.69 -2.18
C GLY A 45 -11.19 -7.99 -0.71
N GLY A 46 -10.43 -9.03 -0.41
CA GLY A 46 -10.19 -9.41 0.98
C GLY A 46 -9.01 -8.69 1.59
N ALA A 47 -7.84 -8.87 0.97
CA ALA A 47 -6.62 -8.23 1.46
C ALA A 47 -6.89 -6.81 1.95
N LEU A 48 -7.71 -6.08 1.20
CA LEU A 48 -8.06 -4.71 1.57
C LEU A 48 -8.86 -4.68 2.87
N ALA A 49 -9.82 -5.59 2.98
CA ALA A 49 -10.65 -5.67 4.18
C ALA A 49 -9.80 -5.74 5.44
N ALA A 50 -8.77 -6.58 5.42
CA ALA A 50 -7.89 -6.74 6.55
C ALA A 50 -7.23 -5.41 6.94
N TYR A 51 -6.65 -4.75 5.95
CA TYR A 51 -5.99 -3.46 6.18
C TYR A 51 -6.93 -2.49 6.88
N THR A 52 -8.19 -2.49 6.47
CA THR A 52 -9.19 -1.61 7.06
C THR A 52 -9.22 -1.74 8.58
N GLN A 53 -9.49 -2.96 9.05
CA GLN A 53 -9.56 -3.22 10.48
C GLN A 53 -8.32 -2.66 11.19
N ALA A 54 -7.14 -3.10 10.77
CA ALA A 54 -5.90 -2.64 11.36
C ALA A 54 -5.91 -1.12 11.56
N LEU A 55 -6.16 -0.40 10.48
CA LEU A 55 -6.19 1.06 10.53
C LEU A 55 -7.23 1.54 11.55
N GLY A 56 -8.29 0.76 11.72
CA GLY A 56 -9.33 1.12 12.66
C GLY A 56 -8.99 0.73 14.09
N LEU A 57 -7.70 0.79 14.42
CA LEU A 57 -7.24 0.44 15.76
C LEU A 57 -6.15 1.39 16.24
N ASP A 58 -6.13 1.65 17.54
CA ASP A 58 -5.14 2.55 18.12
C ASP A 58 -3.73 2.03 17.89
N ALA A 59 -3.23 2.20 16.66
CA ALA A 59 -1.89 1.74 16.31
C ALA A 59 -0.95 2.92 16.11
N THR A 60 0.35 2.66 16.24
CA THR A 60 1.36 3.70 16.07
C THR A 60 1.19 4.43 14.74
N PRO A 61 1.76 5.63 14.66
CA PRO A 61 1.68 6.46 13.44
C PRO A 61 2.50 5.88 12.30
N GLN A 62 3.58 5.19 12.64
CA GLN A 62 4.46 4.58 11.64
C GLN A 62 3.80 3.35 11.03
N ASP A 63 2.88 2.73 11.76
CA ASP A 63 2.18 1.55 11.29
C ASP A 63 1.00 1.94 10.40
N GLN A 64 0.27 2.97 10.80
CA GLN A 64 -0.88 3.44 10.05
C GLN A 64 -0.49 3.75 8.60
N ALA A 65 0.65 4.41 8.43
CA ALA A 65 1.13 4.77 7.11
C ALA A 65 1.40 3.53 6.27
N VAL A 66 2.06 2.55 6.87
CA VAL A 66 2.38 1.30 6.17
C VAL A 66 1.13 0.63 5.63
N LEU A 67 0.00 0.90 6.28
CA LEU A 67 -1.28 0.32 5.87
C LEU A 67 -1.88 1.11 4.71
N HIS A 68 -1.84 2.43 4.82
CA HIS A 68 -2.38 3.30 3.79
C HIS A 68 -1.78 2.96 2.42
N ARG A 69 -0.45 2.87 2.38
CA ARG A 69 0.25 2.55 1.14
C ARG A 69 -0.18 1.19 0.60
N ASN A 70 -0.62 0.31 1.50
CA ASN A 70 -1.07 -1.02 1.12
C ASN A 70 -2.46 -0.97 0.48
N ARG A 71 -3.40 -0.34 1.17
CA ARG A 71 -4.76 -0.22 0.67
C ARG A 71 -4.77 0.22 -0.79
N ALA A 72 -3.95 1.21 -1.11
CA ALA A 72 -3.87 1.72 -2.47
C ALA A 72 -3.83 0.58 -3.48
N ALA A 73 -2.83 -0.29 -3.36
CA ALA A 73 -2.68 -1.43 -4.26
C ALA A 73 -4.04 -2.04 -4.58
N CYS A 74 -4.73 -2.50 -3.55
CA CYS A 74 -6.05 -3.12 -3.73
C CYS A 74 -6.90 -2.31 -4.69
N HIS A 75 -7.05 -1.02 -4.42
CA HIS A 75 -7.84 -0.13 -5.27
C HIS A 75 -7.35 -0.18 -6.71
N LEU A 76 -6.08 0.14 -6.90
CA LEU A 76 -5.48 0.13 -8.24
C LEU A 76 -6.01 -1.05 -9.06
N LYS A 77 -5.95 -2.24 -8.49
CA LYS A 77 -6.41 -3.44 -9.17
C LYS A 77 -7.91 -3.35 -9.47
N LEU A 78 -8.65 -2.71 -8.58
CA LEU A 78 -10.09 -2.55 -8.74
C LEU A 78 -10.42 -1.20 -9.40
N GLU A 79 -9.60 -0.82 -10.38
CA GLU A 79 -9.80 0.44 -11.09
C GLU A 79 -10.23 1.54 -10.12
N ASP A 80 -9.74 1.47 -8.89
CA ASP A 80 -10.08 2.46 -7.87
C ASP A 80 -8.94 3.46 -7.70
N TYR A 81 -8.34 3.87 -8.82
CA TYR A 81 -7.24 4.83 -8.80
C TYR A 81 -7.61 6.05 -7.96
N ASP A 82 -8.78 6.62 -8.24
CA ASP A 82 -9.24 7.80 -7.51
C ASP A 82 -8.79 7.75 -6.06
N LYS A 83 -9.15 6.69 -5.35
CA LYS A 83 -8.78 6.53 -3.95
C LYS A 83 -7.29 6.21 -3.82
N ALA A 84 -6.86 5.17 -4.52
CA ALA A 84 -5.47 4.75 -4.48
C ALA A 84 -4.53 5.95 -4.41
N GLU A 85 -4.53 6.76 -5.47
CA GLU A 85 -3.68 7.94 -5.51
C GLU A 85 -3.71 8.70 -4.19
N THR A 86 -4.89 8.74 -3.56
CA THR A 86 -5.05 9.43 -2.29
C THR A 86 -4.52 8.59 -1.15
N GLU A 87 -4.64 7.27 -1.27
CA GLU A 87 -4.17 6.34 -0.24
C GLU A 87 -2.65 6.35 -0.17
N ALA A 88 -2.01 6.58 -1.31
CA ALA A 88 -0.55 6.60 -1.37
C ALA A 88 -0.02 7.98 -1.00
N SER A 89 -0.61 9.02 -1.56
CA SER A 89 -0.18 10.38 -1.28
C SER A 89 -0.40 10.74 0.19
N LYS A 90 -1.22 9.94 0.86
CA LYS A 90 -1.51 10.16 2.27
C LYS A 90 -0.55 9.36 3.16
N ALA A 91 -0.04 8.26 2.62
CA ALA A 91 0.89 7.41 3.37
C ALA A 91 2.31 7.95 3.27
N ILE A 92 2.52 8.93 2.39
CA ILE A 92 3.83 9.52 2.19
C ILE A 92 4.08 10.64 3.21
N GLU A 93 3.25 11.68 3.15
CA GLU A 93 3.38 12.81 4.06
C GLU A 93 3.60 12.33 5.49
N LYS A 94 2.98 11.21 5.83
CA LYS A 94 3.10 10.64 7.17
C LYS A 94 4.56 10.41 7.54
N ASP A 95 5.26 9.63 6.73
CA ASP A 95 6.66 9.33 6.96
C ASP A 95 7.55 10.27 6.17
N GLY A 96 7.54 10.11 4.84
CA GLY A 96 8.35 10.96 3.99
C GLY A 96 9.40 10.16 3.22
N GLY A 97 10.06 9.24 3.91
CA GLY A 97 11.08 8.43 3.28
C GLY A 97 10.57 7.06 2.88
N ASP A 98 9.35 7.01 2.37
CA ASP A 98 8.74 5.75 1.96
C ASP A 98 8.49 5.74 0.46
N VAL A 99 9.57 5.68 -0.32
CA VAL A 99 9.47 5.66 -1.77
C VAL A 99 8.53 4.55 -2.24
N LYS A 100 8.34 3.55 -1.39
CA LYS A 100 7.47 2.42 -1.72
C LYS A 100 6.09 2.92 -2.11
N ALA A 101 5.58 3.89 -1.37
CA ALA A 101 4.26 4.45 -1.63
C ALA A 101 4.29 5.41 -2.82
N LEU A 102 5.46 6.03 -3.04
CA LEU A 102 5.63 6.98 -4.13
C LEU A 102 5.42 6.29 -5.48
N TYR A 103 6.08 5.15 -5.66
CA TYR A 103 5.96 4.39 -6.91
C TYR A 103 4.53 3.92 -7.13
N ARG A 104 3.75 3.86 -6.05
CA ARG A 104 2.37 3.43 -6.13
C ARG A 104 1.46 4.58 -6.56
N ARG A 105 1.63 5.74 -5.92
CA ARG A 105 0.83 6.91 -6.23
C ARG A 105 0.89 7.23 -7.72
N SER A 106 2.10 7.18 -8.28
CA SER A 106 2.31 7.47 -9.69
C SER A 106 1.40 6.61 -10.56
N GLN A 107 1.34 5.32 -10.26
CA GLN A 107 0.49 4.39 -11.00
C GLN A 107 -0.89 4.98 -11.24
N ALA A 108 -1.41 5.68 -10.25
CA ALA A 108 -2.73 6.30 -10.36
C ALA A 108 -2.63 7.68 -10.99
N LEU A 109 -1.68 8.48 -10.53
CA LEU A 109 -1.47 9.82 -11.05
C LEU A 109 -1.64 9.85 -12.56
N GLU A 110 -0.84 9.04 -13.25
CA GLU A 110 -0.89 8.98 -14.71
C GLU A 110 -2.31 8.63 -15.18
N LYS A 111 -2.93 7.67 -14.51
CA LYS A 111 -4.28 7.25 -14.86
C LYS A 111 -5.22 8.43 -14.91
N LEU A 112 -5.14 9.31 -13.91
CA LEU A 112 -5.99 10.49 -13.86
C LEU A 112 -5.42 11.61 -14.71
N GLY A 113 -4.54 11.26 -15.64
CA GLY A 113 -3.94 12.24 -16.51
C GLY A 113 -2.90 13.09 -15.79
N ARG A 114 -2.58 12.70 -14.57
CA ARG A 114 -1.59 13.44 -13.78
C ARG A 114 -0.17 13.05 -14.19
N LEU A 115 0.24 13.48 -15.37
CA LEU A 115 1.57 13.17 -15.88
C LEU A 115 2.60 14.14 -15.32
N ASP A 116 2.15 15.34 -14.98
CA ASP A 116 3.03 16.37 -14.43
C ASP A 116 3.52 15.97 -13.04
N GLN A 117 2.62 15.41 -12.24
CA GLN A 117 2.96 14.99 -10.88
C GLN A 117 3.70 13.65 -10.90
N ALA A 118 3.19 12.71 -11.67
CA ALA A 118 3.81 11.39 -11.77
C ALA A 118 5.33 11.50 -11.89
N VAL A 119 5.78 12.50 -12.65
CA VAL A 119 7.20 12.72 -12.85
C VAL A 119 7.89 13.12 -11.54
N LEU A 120 7.37 14.16 -10.91
CA LEU A 120 7.93 14.65 -9.65
C LEU A 120 7.95 13.54 -8.60
N ASP A 121 6.77 13.01 -8.29
CA ASP A 121 6.65 11.95 -7.30
C ASP A 121 7.67 10.83 -7.57
N LEU A 122 7.95 10.60 -8.85
CA LEU A 122 8.91 9.57 -9.25
C LEU A 122 10.34 10.06 -9.08
N GLN A 123 10.56 11.34 -9.39
CA GLN A 123 11.89 11.94 -9.28
C GLN A 123 12.42 11.80 -7.86
N ARG A 124 11.53 11.49 -6.92
CA ARG A 124 11.92 11.33 -5.52
C ARG A 124 12.32 9.90 -5.23
N CYS A 125 11.79 8.96 -6.02
CA CYS A 125 12.08 7.55 -5.84
C CYS A 125 13.54 7.25 -6.19
N VAL A 126 14.06 7.96 -7.19
CA VAL A 126 15.44 7.78 -7.62
C VAL A 126 16.42 8.26 -6.55
N SER A 127 16.04 9.31 -5.84
CA SER A 127 16.88 9.87 -4.79
C SER A 127 17.13 8.85 -3.68
N LEU A 128 16.06 8.49 -2.98
CA LEU A 128 16.16 7.52 -1.89
C LEU A 128 16.84 6.24 -2.36
N GLU A 129 16.43 5.75 -3.53
CA GLU A 129 17.01 4.54 -4.09
C GLU A 129 17.69 4.82 -5.43
N PRO A 130 18.96 5.26 -5.37
CA PRO A 130 19.74 5.58 -6.56
C PRO A 130 20.11 4.34 -7.36
N LYS A 131 19.77 3.17 -6.82
CA LYS A 131 20.06 1.91 -7.48
C LYS A 131 18.82 1.35 -8.17
N ASN A 132 17.73 1.25 -7.41
CA ASN A 132 16.47 0.72 -7.93
C ASN A 132 16.21 1.26 -9.34
N LYS A 133 16.03 0.35 -10.29
CA LYS A 133 15.76 0.73 -11.67
C LYS A 133 14.28 0.98 -11.89
N VAL A 134 13.44 0.11 -11.33
CA VAL A 134 12.00 0.23 -11.47
C VAL A 134 11.58 1.70 -11.49
N PHE A 135 12.29 2.53 -10.74
CA PHE A 135 11.99 3.95 -10.68
C PHE A 135 12.54 4.68 -11.90
N GLN A 136 13.78 4.37 -12.26
CA GLN A 136 14.43 4.99 -13.41
C GLN A 136 13.61 4.76 -14.68
N GLU A 137 12.81 3.70 -14.68
CA GLU A 137 11.98 3.36 -15.83
C GLU A 137 10.64 4.09 -15.76
N ALA A 138 9.93 3.91 -14.65
CA ALA A 138 8.63 4.54 -14.46
C ALA A 138 8.66 6.00 -14.89
N LEU A 139 9.81 6.64 -14.71
CA LEU A 139 9.97 8.04 -15.08
C LEU A 139 10.36 8.18 -16.55
N ARG A 140 11.29 7.34 -17.00
CA ARG A 140 11.74 7.36 -18.38
C ARG A 140 10.62 6.95 -19.33
N ASN A 141 9.61 6.27 -18.79
CA ASN A 141 8.48 5.82 -19.59
C ASN A 141 7.48 6.96 -19.80
N ILE A 142 7.04 7.55 -18.69
CA ILE A 142 6.08 8.65 -18.74
C ILE A 142 6.74 9.92 -19.29
N SER A 143 8.02 10.07 -19.03
CA SER A 143 8.77 11.23 -19.50
C SER A 143 9.18 11.08 -20.95
N GLY A 144 9.39 9.84 -21.37
CA GLY A 144 9.78 9.57 -22.74
C GLY A 144 8.58 9.38 -23.66
N PRO A 145 8.83 9.44 -24.97
CA PRO A 145 7.78 9.26 -25.98
C PRO A 145 7.26 7.83 -26.05
N SER A 146 6.19 7.57 -25.32
CA SER A 146 5.59 6.23 -25.30
C SER A 146 4.70 6.00 -26.52
N SER A 147 5.26 5.34 -27.52
CA SER A 147 4.53 5.06 -28.75
C SER A 147 3.70 6.26 -29.18
N GLY A 148 4.29 7.44 -29.07
CA GLY A 148 3.60 8.66 -29.44
C GLY A 148 2.70 9.18 -28.34
N GLY A 1 40.10 -15.99 46.34
CA GLY A 1 40.08 -15.02 45.25
C GLY A 1 40.58 -15.62 43.94
N SER A 2 40.11 -15.07 42.83
CA SER A 2 40.50 -15.56 41.52
C SER A 2 40.26 -14.50 40.45
N SER A 3 40.65 -14.80 39.22
CA SER A 3 40.47 -13.87 38.11
C SER A 3 40.04 -14.60 36.84
N GLY A 4 39.77 -13.84 35.79
CA GLY A 4 39.34 -14.44 34.53
C GLY A 4 38.20 -13.68 33.89
N SER A 5 38.07 -13.81 32.57
CA SER A 5 37.01 -13.13 31.83
C SER A 5 36.97 -13.59 30.38
N SER A 6 35.77 -13.67 29.83
CA SER A 6 35.59 -14.12 28.45
C SER A 6 34.33 -13.49 27.84
N GLY A 7 34.11 -13.77 26.56
CA GLY A 7 32.95 -13.22 25.88
C GLY A 7 32.70 -13.89 24.54
N MET A 8 31.59 -14.61 24.45
CA MET A 8 31.23 -15.31 23.21
C MET A 8 29.79 -15.81 23.27
N THR A 9 29.13 -15.83 22.11
CA THR A 9 27.75 -16.29 22.03
C THR A 9 27.45 -16.86 20.65
N VAL A 10 26.94 -18.10 20.63
CA VAL A 10 26.60 -18.76 19.38
C VAL A 10 25.27 -19.50 19.48
N SER A 11 24.37 -19.24 18.55
CA SER A 11 23.06 -19.88 18.55
C SER A 11 22.61 -20.20 17.12
N GLY A 12 21.62 -21.07 17.00
CA GLY A 12 21.12 -21.45 15.70
C GLY A 12 19.60 -21.54 15.65
N PRO A 13 19.01 -21.18 14.50
CA PRO A 13 17.56 -21.22 14.32
C PRO A 13 17.01 -22.63 14.27
N GLY A 14 15.71 -22.76 14.04
CA GLY A 14 15.08 -24.06 13.98
C GLY A 14 13.71 -24.08 14.61
N THR A 15 12.68 -24.21 13.77
CA THR A 15 11.30 -24.24 14.26
C THR A 15 10.55 -25.45 13.73
N PRO A 16 9.67 -26.01 14.56
CA PRO A 16 8.87 -27.18 14.20
C PRO A 16 7.82 -26.86 13.13
N GLU A 17 6.95 -27.83 12.85
CA GLU A 17 5.90 -27.64 11.85
C GLU A 17 5.11 -26.37 12.13
N PRO A 18 4.56 -25.78 11.06
CA PRO A 18 3.78 -24.54 11.16
C PRO A 18 2.43 -24.77 11.84
N ARG A 19 2.37 -24.50 13.14
CA ARG A 19 1.14 -24.67 13.91
C ARG A 19 0.39 -23.36 14.04
N PRO A 20 -0.94 -23.40 13.86
CA PRO A 20 -1.80 -22.23 13.95
C PRO A 20 -1.92 -21.70 15.37
N ALA A 21 -2.76 -20.70 15.57
CA ALA A 21 -2.97 -20.11 16.89
C ALA A 21 -4.39 -19.57 17.04
N THR A 22 -4.77 -19.28 18.27
CA THR A 22 -6.11 -18.77 18.56
C THR A 22 -6.53 -17.74 17.52
N PRO A 23 -7.82 -17.77 17.14
CA PRO A 23 -8.38 -16.85 16.15
C PRO A 23 -8.47 -15.42 16.67
N GLY A 24 -7.72 -14.52 16.04
CA GLY A 24 -7.72 -13.13 16.45
C GLY A 24 -7.54 -12.18 15.29
N ALA A 25 -8.50 -12.18 14.37
CA ALA A 25 -8.45 -11.31 13.20
C ALA A 25 -8.93 -9.91 13.53
N SER A 26 -8.53 -9.41 14.70
CA SER A 26 -8.94 -8.08 15.15
C SER A 26 -7.72 -7.19 15.38
N SER A 27 -6.69 -7.78 15.99
CA SER A 27 -5.46 -7.04 16.27
C SER A 27 -4.77 -6.59 14.99
N VAL A 28 -4.41 -5.32 14.93
CA VAL A 28 -3.74 -4.76 13.75
C VAL A 28 -2.44 -5.50 13.47
N GLU A 29 -1.73 -5.86 14.53
CA GLU A 29 -0.45 -6.57 14.39
C GLU A 29 -0.68 -7.98 13.84
N GLN A 30 -1.76 -8.62 14.26
CA GLN A 30 -2.09 -9.96 13.82
C GLN A 30 -2.89 -9.93 12.51
N LEU A 31 -4.14 -9.49 12.61
CA LEU A 31 -5.01 -9.40 11.44
C LEU A 31 -4.22 -9.04 10.19
N ARG A 32 -3.19 -8.22 10.38
CA ARG A 32 -2.34 -7.79 9.27
C ARG A 32 -2.21 -8.91 8.22
N LYS A 33 -1.71 -10.06 8.66
CA LYS A 33 -1.52 -11.19 7.77
C LYS A 33 -2.72 -11.35 6.83
N GLU A 34 -3.92 -11.35 7.42
CA GLU A 34 -5.14 -11.48 6.63
C GLU A 34 -5.07 -10.66 5.35
N GLY A 35 -4.57 -9.43 5.47
CA GLY A 35 -4.46 -8.56 4.32
C GLY A 35 -3.46 -9.07 3.31
N ASN A 36 -2.29 -9.50 3.79
CA ASN A 36 -1.24 -10.01 2.92
C ASN A 36 -1.67 -11.34 2.28
N GLU A 37 -1.94 -12.32 3.13
CA GLU A 37 -2.36 -13.65 2.65
C GLU A 37 -3.34 -13.51 1.49
N LEU A 38 -4.36 -12.68 1.67
CA LEU A 38 -5.36 -12.47 0.64
C LEU A 38 -4.75 -11.84 -0.61
N PHE A 39 -3.77 -10.96 -0.39
CA PHE A 39 -3.09 -10.29 -1.50
C PHE A 39 -2.26 -11.27 -2.32
N LYS A 40 -1.39 -12.01 -1.62
CA LYS A 40 -0.54 -13.00 -2.28
C LYS A 40 -1.38 -14.04 -3.01
N CYS A 41 -2.69 -14.03 -2.77
CA CYS A 41 -3.59 -14.97 -3.42
C CYS A 41 -4.37 -14.30 -4.54
N GLY A 42 -4.51 -12.98 -4.45
CA GLY A 42 -5.25 -12.24 -5.45
C GLY A 42 -6.47 -11.54 -4.89
N ASP A 43 -7.12 -12.19 -3.92
CA ASP A 43 -8.31 -11.63 -3.30
C ASP A 43 -8.07 -10.20 -2.84
N TYR A 44 -8.47 -9.24 -3.67
CA TYR A 44 -8.29 -7.83 -3.35
C TYR A 44 -9.41 -7.33 -2.44
N GLY A 45 -10.65 -7.67 -2.79
CA GLY A 45 -11.78 -7.25 -1.98
C GLY A 45 -11.60 -7.56 -0.52
N GLY A 46 -10.98 -8.70 -0.22
CA GLY A 46 -10.75 -9.09 1.16
C GLY A 46 -9.51 -8.45 1.75
N ALA A 47 -8.38 -8.66 1.10
CA ALA A 47 -7.11 -8.11 1.56
C ALA A 47 -7.30 -6.69 2.10
N LEU A 48 -7.93 -5.84 1.30
CA LEU A 48 -8.17 -4.45 1.69
C LEU A 48 -8.89 -4.38 3.03
N ALA A 49 -10.05 -5.04 3.10
CA ALA A 49 -10.83 -5.06 4.32
C ALA A 49 -9.95 -5.21 5.55
N ALA A 50 -9.07 -6.21 5.53
CA ALA A 50 -8.17 -6.45 6.65
C ALA A 50 -7.32 -5.22 6.94
N TYR A 51 -6.56 -4.77 5.95
CA TYR A 51 -5.71 -3.60 6.11
C TYR A 51 -6.47 -2.45 6.74
N THR A 52 -7.74 -2.30 6.36
CA THR A 52 -8.58 -1.24 6.89
C THR A 52 -8.69 -1.32 8.40
N GLN A 53 -9.19 -2.46 8.90
CA GLN A 53 -9.35 -2.67 10.33
C GLN A 53 -8.07 -2.30 11.07
N ALA A 54 -6.97 -2.94 10.69
CA ALA A 54 -5.68 -2.67 11.33
C ALA A 54 -5.44 -1.18 11.50
N LEU A 55 -5.65 -0.43 10.42
CA LEU A 55 -5.46 1.02 10.45
C LEU A 55 -6.37 1.67 11.48
N GLY A 56 -7.56 1.08 11.67
CA GLY A 56 -8.50 1.62 12.64
C GLY A 56 -8.25 1.11 14.04
N LEU A 57 -6.98 0.86 14.35
CA LEU A 57 -6.60 0.37 15.68
C LEU A 57 -5.35 1.08 16.18
N ASP A 58 -5.23 1.20 17.50
CA ASP A 58 -4.09 1.85 18.11
C ASP A 58 -2.80 1.12 17.77
N ALA A 59 -2.20 1.47 16.63
CA ALA A 59 -0.96 0.83 16.19
C ALA A 59 0.16 1.86 16.09
N THR A 60 1.40 1.38 16.18
CA THR A 60 2.57 2.25 16.11
C THR A 60 2.47 3.18 14.91
N PRO A 61 3.19 4.32 14.99
CA PRO A 61 3.20 5.32 13.91
C PRO A 61 3.93 4.82 12.66
N GLN A 62 4.58 3.66 12.78
CA GLN A 62 5.31 3.08 11.67
C GLN A 62 4.44 2.10 10.90
N ASP A 63 3.59 1.37 11.62
CA ASP A 63 2.70 0.40 11.01
C ASP A 63 1.50 1.09 10.37
N GLN A 64 1.14 2.26 10.89
CA GLN A 64 0.02 3.01 10.37
C GLN A 64 0.29 3.50 8.95
N ALA A 65 1.48 4.03 8.73
CA ALA A 65 1.87 4.53 7.42
C ALA A 65 1.97 3.40 6.41
N VAL A 66 2.81 2.40 6.72
CA VAL A 66 2.99 1.26 5.84
C VAL A 66 1.66 0.71 5.35
N LEU A 67 0.66 0.71 6.24
CA LEU A 67 -0.66 0.22 5.90
C LEU A 67 -1.37 1.15 4.92
N HIS A 68 -1.17 2.45 5.11
CA HIS A 68 -1.77 3.45 4.24
C HIS A 68 -1.36 3.23 2.79
N ARG A 69 -0.06 3.01 2.57
CA ARG A 69 0.45 2.79 1.23
C ARG A 69 0.00 1.43 0.69
N ASN A 70 -0.11 0.46 1.58
CA ASN A 70 -0.53 -0.89 1.20
C ASN A 70 -1.92 -0.86 0.56
N ARG A 71 -2.87 -0.24 1.24
CA ARG A 71 -4.23 -0.14 0.74
C ARG A 71 -4.25 0.20 -0.75
N ALA A 72 -3.40 1.16 -1.13
CA ALA A 72 -3.31 1.59 -2.51
C ALA A 72 -3.20 0.38 -3.45
N ALA A 73 -2.37 -0.58 -3.08
CA ALA A 73 -2.19 -1.78 -3.89
C ALA A 73 -3.53 -2.39 -4.29
N CYS A 74 -4.32 -2.75 -3.29
CA CYS A 74 -5.63 -3.35 -3.53
C CYS A 74 -6.46 -2.48 -4.46
N HIS A 75 -6.51 -1.18 -4.16
CA HIS A 75 -7.28 -0.24 -4.97
C HIS A 75 -6.92 -0.39 -6.46
N LEU A 76 -5.69 -0.07 -6.80
CA LEU A 76 -5.22 -0.17 -8.18
C LEU A 76 -5.83 -1.38 -8.87
N LYS A 77 -5.88 -2.51 -8.15
CA LYS A 77 -6.43 -3.74 -8.70
C LYS A 77 -7.94 -3.61 -8.91
N LEU A 78 -8.62 -2.99 -7.95
CA LEU A 78 -10.06 -2.80 -8.04
C LEU A 78 -10.39 -1.56 -8.88
N GLU A 79 -9.69 -1.40 -9.99
CA GLU A 79 -9.91 -0.26 -10.87
C GLU A 79 -10.26 0.99 -10.07
N ASP A 80 -9.70 1.09 -8.88
CA ASP A 80 -9.95 2.24 -8.00
C ASP A 80 -8.71 3.12 -7.89
N TYR A 81 -8.01 3.29 -9.00
CA TYR A 81 -6.79 4.10 -9.03
C TYR A 81 -6.97 5.36 -8.19
N ASP A 82 -8.08 6.06 -8.41
CA ASP A 82 -8.37 7.28 -7.68
C ASP A 82 -8.05 7.12 -6.20
N LYS A 83 -8.60 6.08 -5.58
CA LYS A 83 -8.37 5.82 -4.16
C LYS A 83 -6.88 5.73 -3.87
N ALA A 84 -6.15 5.01 -4.72
CA ALA A 84 -4.72 4.85 -4.54
C ALA A 84 -4.02 6.20 -4.37
N GLU A 85 -4.48 7.19 -5.14
CA GLU A 85 -3.90 8.53 -5.08
C GLU A 85 -3.89 9.04 -3.65
N THR A 86 -5.02 8.88 -2.96
CA THR A 86 -5.14 9.34 -1.57
C THR A 86 -4.39 8.41 -0.63
N GLU A 87 -4.46 7.11 -0.90
CA GLU A 87 -3.80 6.12 -0.07
C GLU A 87 -2.27 6.30 -0.12
N ALA A 88 -1.78 6.73 -1.27
CA ALA A 88 -0.34 6.94 -1.46
C ALA A 88 0.08 8.30 -0.90
N SER A 89 -0.77 9.30 -1.06
CA SER A 89 -0.48 10.65 -0.58
C SER A 89 -0.67 10.73 0.93
N LYS A 90 -1.48 9.83 1.47
CA LYS A 90 -1.74 9.80 2.91
C LYS A 90 -0.69 8.96 3.64
N ALA A 91 -0.09 8.03 2.91
CA ALA A 91 0.94 7.16 3.49
C ALA A 91 2.29 7.85 3.50
N ILE A 92 2.56 8.64 2.46
CA ILE A 92 3.83 9.36 2.35
C ILE A 92 3.97 10.38 3.47
N GLU A 93 3.00 11.29 3.56
CA GLU A 93 3.02 12.33 4.58
C GLU A 93 3.34 11.74 5.96
N LYS A 94 2.68 10.64 6.29
CA LYS A 94 2.89 9.97 7.56
C LYS A 94 4.37 9.76 7.83
N ASP A 95 5.07 9.20 6.84
CA ASP A 95 6.50 8.95 6.97
C ASP A 95 7.31 10.16 6.53
N GLY A 96 7.23 10.48 5.24
CA GLY A 96 7.96 11.62 4.71
C GLY A 96 8.89 11.24 3.57
N GLY A 97 9.69 10.20 3.79
CA GLY A 97 10.62 9.75 2.77
C GLY A 97 10.42 8.29 2.41
N ASP A 98 9.27 7.98 1.83
CA ASP A 98 8.95 6.61 1.42
C ASP A 98 8.65 6.53 -0.07
N VAL A 99 9.62 6.05 -0.84
CA VAL A 99 9.45 5.93 -2.28
C VAL A 99 8.39 4.89 -2.62
N LYS A 100 8.22 3.91 -1.75
CA LYS A 100 7.24 2.86 -1.97
C LYS A 100 5.90 3.44 -2.42
N ALA A 101 5.33 4.30 -1.58
CA ALA A 101 4.05 4.94 -1.90
C ALA A 101 4.17 5.84 -3.12
N LEU A 102 5.24 6.64 -3.15
CA LEU A 102 5.47 7.56 -4.26
C LEU A 102 5.34 6.84 -5.60
N TYR A 103 6.19 5.83 -5.80
CA TYR A 103 6.16 5.05 -7.04
C TYR A 103 4.74 4.65 -7.41
N ARG A 104 3.95 4.30 -6.40
CA ARG A 104 2.56 3.91 -6.63
C ARG A 104 1.70 5.11 -6.98
N ARG A 105 1.95 6.23 -6.31
CA ARG A 105 1.19 7.45 -6.56
C ARG A 105 1.19 7.81 -8.04
N SER A 106 2.33 7.58 -8.69
CA SER A 106 2.46 7.88 -10.11
C SER A 106 1.59 6.95 -10.95
N GLN A 107 1.26 5.80 -10.38
CA GLN A 107 0.44 4.81 -11.07
C GLN A 107 -1.01 5.28 -11.15
N ALA A 108 -1.52 5.83 -10.05
CA ALA A 108 -2.89 6.31 -10.00
C ALA A 108 -3.06 7.55 -10.87
N LEU A 109 -2.08 8.44 -10.83
CA LEU A 109 -2.13 9.68 -11.62
C LEU A 109 -2.21 9.35 -13.11
N GLU A 110 -1.25 8.58 -13.60
CA GLU A 110 -1.21 8.20 -15.01
C GLU A 110 -2.60 7.81 -15.50
N LYS A 111 -3.33 7.06 -14.69
CA LYS A 111 -4.67 6.63 -15.04
C LYS A 111 -5.65 7.79 -15.00
N LEU A 112 -5.64 8.52 -13.89
CA LEU A 112 -6.53 9.67 -13.71
C LEU A 112 -6.31 10.70 -14.81
N GLY A 113 -5.12 10.69 -15.39
CA GLY A 113 -4.80 11.62 -16.46
C GLY A 113 -3.92 12.76 -16.00
N ARG A 114 -3.07 12.48 -15.02
CA ARG A 114 -2.16 13.49 -14.49
C ARG A 114 -0.70 13.05 -14.63
N LEU A 115 -0.14 13.27 -15.81
CA LEU A 115 1.24 12.89 -16.09
C LEU A 115 2.20 13.93 -15.52
N ASP A 116 1.80 15.20 -15.56
CA ASP A 116 2.62 16.28 -15.04
C ASP A 116 3.13 15.96 -13.64
N GLN A 117 2.26 15.39 -12.82
CA GLN A 117 2.62 15.03 -11.46
C GLN A 117 3.37 13.70 -11.42
N ALA A 118 2.87 12.73 -12.18
CA ALA A 118 3.50 11.41 -12.23
C ALA A 118 5.02 11.52 -12.30
N VAL A 119 5.50 12.45 -13.12
CA VAL A 119 6.93 12.66 -13.29
C VAL A 119 7.57 13.14 -11.98
N LEU A 120 7.16 14.33 -11.53
CA LEU A 120 7.69 14.90 -10.30
C LEU A 120 7.71 13.86 -9.18
N ASP A 121 6.57 13.23 -8.96
CA ASP A 121 6.46 12.20 -7.92
C ASP A 121 7.57 11.17 -8.05
N LEU A 122 7.80 10.71 -9.28
CA LEU A 122 8.84 9.71 -9.53
C LEU A 122 10.22 10.27 -9.23
N GLN A 123 10.46 11.50 -9.69
CA GLN A 123 11.75 12.14 -9.47
C GLN A 123 12.28 11.85 -8.07
N ARG A 124 11.39 11.90 -7.08
CA ARG A 124 11.77 11.64 -5.70
C ARG A 124 12.16 10.17 -5.51
N CYS A 125 11.31 9.27 -6.00
CA CYS A 125 11.57 7.84 -5.89
C CYS A 125 13.05 7.53 -6.11
N VAL A 126 13.61 8.11 -7.17
CA VAL A 126 15.02 7.90 -7.49
C VAL A 126 15.92 8.64 -6.52
N SER A 127 15.50 9.85 -6.13
CA SER A 127 16.28 10.66 -5.21
C SER A 127 16.47 9.94 -3.87
N LEU A 128 15.41 9.29 -3.41
CA LEU A 128 15.46 8.56 -2.15
C LEU A 128 16.16 7.21 -2.32
N GLU A 129 15.84 6.52 -3.41
CA GLU A 129 16.43 5.22 -3.69
C GLU A 129 17.30 5.28 -4.95
N PRO A 130 18.58 5.59 -4.78
CA PRO A 130 19.53 5.68 -5.90
C PRO A 130 19.84 4.33 -6.50
N LYS A 131 19.69 3.27 -5.70
CA LYS A 131 19.95 1.91 -6.16
C LYS A 131 18.76 1.37 -6.95
N ASN A 132 17.56 1.62 -6.45
CA ASN A 132 16.34 1.15 -7.10
C ASN A 132 16.29 1.61 -8.56
N LYS A 133 16.52 0.68 -9.48
CA LYS A 133 16.51 0.99 -10.90
C LYS A 133 15.07 1.09 -11.42
N VAL A 134 14.23 0.15 -10.99
CA VAL A 134 12.83 0.13 -11.40
C VAL A 134 12.27 1.55 -11.54
N PHE A 135 12.61 2.40 -10.57
CA PHE A 135 12.15 3.78 -10.58
C PHE A 135 12.77 4.56 -11.73
N GLN A 136 14.09 4.44 -11.87
CA GLN A 136 14.81 5.14 -12.93
C GLN A 136 14.16 4.89 -14.28
N GLU A 137 13.38 3.82 -14.37
CA GLU A 137 12.69 3.47 -15.61
C GLU A 137 11.28 4.05 -15.63
N ALA A 138 10.56 3.87 -14.53
CA ALA A 138 9.19 4.37 -14.41
C ALA A 138 9.09 5.81 -14.92
N LEU A 139 10.07 6.64 -14.54
CA LEU A 139 10.08 8.04 -14.96
C LEU A 139 10.28 8.15 -16.47
N ARG A 140 11.48 7.83 -16.93
CA ARG A 140 11.80 7.90 -18.36
C ARG A 140 10.65 7.33 -19.19
N ASN A 141 9.99 6.31 -18.66
CA ASN A 141 8.88 5.67 -19.35
C ASN A 141 7.83 6.70 -19.76
N ILE A 142 7.35 7.46 -18.78
CA ILE A 142 6.34 8.48 -19.03
C ILE A 142 6.97 9.76 -19.59
N SER A 143 8.10 10.15 -19.02
CA SER A 143 8.80 11.35 -19.47
C SER A 143 9.09 11.28 -20.96
N GLY A 144 9.55 10.13 -21.42
CA GLY A 144 9.86 9.96 -22.83
C GLY A 144 8.62 9.99 -23.70
N PRO A 145 8.77 9.55 -24.96
CA PRO A 145 7.65 9.52 -25.92
C PRO A 145 6.62 8.46 -25.57
N SER A 146 5.41 8.62 -26.10
CA SER A 146 4.33 7.68 -25.84
C SER A 146 3.90 6.98 -27.13
N SER A 147 3.74 7.75 -28.20
CA SER A 147 3.34 7.20 -29.48
C SER A 147 2.25 6.15 -29.31
N GLY A 148 1.30 6.44 -28.43
CA GLY A 148 0.21 5.51 -28.18
C GLY A 148 -1.03 5.85 -28.97
N GLY A 1 -34.25 -73.36 31.68
CA GLY A 1 -34.84 -72.11 31.21
C GLY A 1 -34.19 -70.89 31.83
N SER A 2 -34.14 -69.80 31.08
CA SER A 2 -33.53 -68.56 31.55
C SER A 2 -33.97 -67.39 30.69
N SER A 3 -33.58 -66.18 31.11
CA SER A 3 -33.94 -64.97 30.38
C SER A 3 -32.94 -63.85 30.68
N GLY A 4 -32.98 -62.80 29.87
CA GLY A 4 -32.07 -61.68 30.06
C GLY A 4 -31.99 -60.79 28.83
N SER A 5 -31.13 -59.78 28.89
CA SER A 5 -30.96 -58.85 27.78
C SER A 5 -29.51 -58.38 27.69
N SER A 6 -29.22 -57.56 26.68
CA SER A 6 -27.87 -57.05 26.47
C SER A 6 -27.90 -55.76 25.65
N GLY A 7 -26.75 -55.13 25.51
CA GLY A 7 -26.66 -53.90 24.76
C GLY A 7 -25.81 -52.85 25.44
N MET A 8 -24.72 -52.44 24.78
CA MET A 8 -23.82 -51.44 25.34
C MET A 8 -22.92 -50.86 24.25
N THR A 9 -22.10 -49.88 24.63
CA THR A 9 -21.19 -49.24 23.68
C THR A 9 -19.94 -48.73 24.39
N VAL A 10 -18.85 -48.66 23.65
CA VAL A 10 -17.58 -48.19 24.21
C VAL A 10 -16.84 -47.29 23.21
N SER A 11 -16.51 -46.07 23.65
CA SER A 11 -15.81 -45.13 22.80
C SER A 11 -14.50 -45.72 22.30
N GLY A 12 -13.89 -45.05 21.32
CA GLY A 12 -12.63 -45.52 20.77
C GLY A 12 -11.62 -44.40 20.57
N PRO A 13 -11.31 -44.10 19.31
CA PRO A 13 -10.35 -43.05 18.96
C PRO A 13 -10.89 -41.66 19.25
N GLY A 14 -9.99 -40.69 19.40
CA GLY A 14 -10.40 -39.32 19.68
C GLY A 14 -9.92 -38.35 18.61
N THR A 15 -9.46 -37.19 19.06
CA THR A 15 -8.97 -36.16 18.14
C THR A 15 -8.17 -35.09 18.89
N PRO A 16 -6.84 -35.14 18.74
CA PRO A 16 -5.94 -34.18 19.39
C PRO A 16 -6.05 -32.78 18.79
N GLU A 17 -5.54 -31.79 19.51
CA GLU A 17 -5.58 -30.41 19.05
C GLU A 17 -4.49 -29.57 19.71
N PRO A 18 -3.94 -28.61 18.96
CA PRO A 18 -2.88 -27.72 19.45
C PRO A 18 -3.38 -26.74 20.51
N ARG A 19 -2.50 -26.35 21.42
CA ARG A 19 -2.86 -25.42 22.48
C ARG A 19 -2.87 -23.98 21.96
N PRO A 20 -3.80 -23.17 22.48
CA PRO A 20 -3.95 -21.77 22.08
C PRO A 20 -2.79 -20.91 22.58
N ALA A 21 -1.95 -20.46 21.66
CA ALA A 21 -0.81 -19.62 22.01
C ALA A 21 -1.03 -18.18 21.57
N THR A 22 -2.29 -17.75 21.57
CA THR A 22 -2.63 -16.39 21.17
C THR A 22 -4.02 -16.01 21.68
N PRO A 23 -4.17 -14.76 22.11
CA PRO A 23 -5.44 -14.24 22.63
C PRO A 23 -6.48 -14.08 21.53
N GLY A 24 -6.03 -13.97 20.29
CA GLY A 24 -6.94 -13.82 19.17
C GLY A 24 -6.24 -13.28 17.93
N ALA A 25 -6.97 -13.26 16.82
CA ALA A 25 -6.42 -12.77 15.55
C ALA A 25 -7.19 -11.55 15.07
N SER A 26 -7.24 -10.52 15.91
CA SER A 26 -7.95 -9.29 15.55
C SER A 26 -7.02 -8.09 15.62
N SER A 27 -5.94 -8.22 16.39
CA SER A 27 -4.97 -7.15 16.55
C SER A 27 -4.37 -6.76 15.20
N VAL A 28 -4.24 -5.46 14.96
CA VAL A 28 -3.67 -4.97 13.71
C VAL A 28 -2.33 -5.62 13.42
N GLU A 29 -1.45 -5.64 14.43
CA GLU A 29 -0.13 -6.24 14.28
C GLU A 29 -0.23 -7.64 13.69
N GLN A 30 -1.24 -8.39 14.11
CA GLN A 30 -1.44 -9.74 13.62
C GLN A 30 -2.27 -9.74 12.34
N LEU A 31 -3.53 -9.37 12.47
CA LEU A 31 -4.43 -9.32 11.31
C LEU A 31 -3.70 -8.83 10.07
N ARG A 32 -2.67 -8.02 10.27
CA ARG A 32 -1.89 -7.49 9.17
C ARG A 32 -1.66 -8.55 8.10
N LYS A 33 -1.28 -9.75 8.54
CA LYS A 33 -1.04 -10.86 7.61
C LYS A 33 -2.23 -11.07 6.69
N GLU A 34 -3.42 -11.18 7.27
CA GLU A 34 -4.64 -11.38 6.50
C GLU A 34 -4.64 -10.53 5.24
N GLY A 35 -4.16 -9.29 5.38
CA GLY A 35 -4.12 -8.39 4.24
C GLY A 35 -3.05 -8.77 3.24
N ASN A 36 -1.87 -9.12 3.73
CA ASN A 36 -0.75 -9.50 2.88
C ASN A 36 -1.03 -10.85 2.21
N GLU A 37 -1.20 -11.89 3.02
CA GLU A 37 -1.46 -13.23 2.51
C GLU A 37 -2.41 -13.17 1.32
N LEU A 38 -3.46 -12.37 1.45
CA LEU A 38 -4.45 -12.23 0.38
C LEU A 38 -3.85 -11.51 -0.82
N PHE A 39 -2.96 -10.56 -0.55
CA PHE A 39 -2.31 -9.80 -1.61
C PHE A 39 -1.35 -10.68 -2.40
N LYS A 40 -0.49 -11.40 -1.69
CA LYS A 40 0.49 -12.28 -2.32
C LYS A 40 -0.21 -13.39 -3.09
N CYS A 41 -1.52 -13.47 -2.94
CA CYS A 41 -2.30 -14.50 -3.63
C CYS A 41 -3.09 -13.90 -4.80
N GLY A 42 -3.27 -12.58 -4.76
CA GLY A 42 -3.99 -11.90 -5.82
C GLY A 42 -5.31 -11.33 -5.34
N ASP A 43 -5.94 -12.00 -4.38
CA ASP A 43 -7.21 -11.54 -3.84
C ASP A 43 -7.09 -10.12 -3.31
N TYR A 44 -7.52 -9.15 -4.12
CA TYR A 44 -7.47 -7.75 -3.74
C TYR A 44 -8.69 -7.36 -2.91
N GLY A 45 -9.86 -7.79 -3.36
CA GLY A 45 -11.09 -7.49 -2.65
C GLY A 45 -11.01 -7.80 -1.17
N GLY A 46 -10.22 -8.82 -0.83
CA GLY A 46 -10.07 -9.20 0.56
C GLY A 46 -8.89 -8.52 1.24
N ALA A 47 -7.70 -8.70 0.67
CA ALA A 47 -6.50 -8.10 1.22
C ALA A 47 -6.78 -6.68 1.72
N LEU A 48 -7.64 -5.97 1.01
CA LEU A 48 -7.99 -4.60 1.39
C LEU A 48 -8.79 -4.58 2.69
N ALA A 49 -9.78 -5.46 2.79
CA ALA A 49 -10.61 -5.54 3.98
C ALA A 49 -9.76 -5.61 5.24
N ALA A 50 -8.70 -6.42 5.19
CA ALA A 50 -7.80 -6.58 6.33
C ALA A 50 -7.11 -5.26 6.67
N TYR A 51 -6.51 -4.63 5.65
CA TYR A 51 -5.81 -3.38 5.83
C TYR A 51 -6.72 -2.33 6.46
N THR A 52 -7.99 -2.35 6.07
CA THR A 52 -8.96 -1.40 6.59
C THR A 52 -9.03 -1.47 8.11
N GLN A 53 -9.20 -2.66 8.64
CA GLN A 53 -9.28 -2.86 10.09
C GLN A 53 -7.99 -2.40 10.77
N ALA A 54 -6.86 -2.87 10.25
CA ALA A 54 -5.56 -2.51 10.81
C ALA A 54 -5.50 -1.02 11.13
N LEU A 55 -5.81 -0.19 10.13
CA LEU A 55 -5.78 1.26 10.31
C LEU A 55 -6.79 1.69 11.37
N GLY A 56 -7.96 1.06 11.37
CA GLY A 56 -8.99 1.40 12.33
C GLY A 56 -8.50 1.33 13.76
N LEU A 57 -7.76 0.27 14.07
CA LEU A 57 -7.22 0.08 15.42
C LEU A 57 -6.03 1.01 15.66
N ASP A 58 -6.03 1.67 16.82
CA ASP A 58 -4.94 2.58 17.17
C ASP A 58 -3.59 1.86 17.11
N ALA A 59 -3.02 1.79 15.92
CA ALA A 59 -1.73 1.13 15.74
C ALA A 59 -0.60 2.15 15.68
N THR A 60 0.61 1.72 16.06
CA THR A 60 1.77 2.59 16.06
C THR A 60 1.75 3.54 14.86
N PRO A 61 2.44 4.68 14.99
CA PRO A 61 2.52 5.68 13.92
C PRO A 61 3.33 5.21 12.72
N GLN A 62 4.07 4.11 12.91
CA GLN A 62 4.88 3.55 11.85
C GLN A 62 4.13 2.46 11.09
N ASP A 63 3.09 1.93 11.71
CA ASP A 63 2.29 0.88 11.11
C ASP A 63 1.09 1.48 10.36
N GLN A 64 0.59 2.60 10.86
CA GLN A 64 -0.54 3.28 10.23
C GLN A 64 -0.21 3.70 8.81
N ALA A 65 1.06 4.00 8.57
CA ALA A 65 1.51 4.42 7.24
C ALA A 65 1.65 3.23 6.31
N VAL A 66 2.60 2.36 6.61
CA VAL A 66 2.83 1.17 5.79
C VAL A 66 1.51 0.58 5.28
N LEU A 67 0.49 0.66 6.11
CA LEU A 67 -0.83 0.14 5.73
C LEU A 67 -1.49 1.02 4.68
N HIS A 68 -1.45 2.34 4.91
CA HIS A 68 -2.03 3.29 3.99
C HIS A 68 -1.53 3.06 2.56
N ARG A 69 -0.22 2.96 2.42
CA ARG A 69 0.39 2.73 1.11
C ARG A 69 0.00 1.37 0.56
N ASN A 70 -0.37 0.45 1.45
CA ASN A 70 -0.77 -0.89 1.05
C ASN A 70 -2.18 -0.89 0.48
N ARG A 71 -3.10 -0.23 1.17
CA ARG A 71 -4.48 -0.16 0.72
C ARG A 71 -4.58 0.44 -0.67
N ALA A 72 -3.62 1.31 -1.00
CA ALA A 72 -3.60 1.95 -2.32
C ALA A 72 -3.51 0.92 -3.43
N ALA A 73 -2.66 -0.08 -3.23
CA ALA A 73 -2.48 -1.14 -4.22
C ALA A 73 -3.81 -1.79 -4.58
N CYS A 74 -4.51 -2.30 -3.57
CA CYS A 74 -5.80 -2.95 -3.78
C CYS A 74 -6.64 -2.16 -4.78
N HIS A 75 -6.79 -0.86 -4.53
CA HIS A 75 -7.58 -0.01 -5.41
C HIS A 75 -7.04 -0.05 -6.84
N LEU A 76 -5.75 0.21 -6.99
CA LEU A 76 -5.10 0.21 -8.29
C LEU A 76 -5.49 -1.04 -9.09
N LYS A 77 -5.34 -2.20 -8.45
CA LYS A 77 -5.67 -3.47 -9.09
C LYS A 77 -7.16 -3.51 -9.46
N LEU A 78 -7.98 -2.81 -8.69
CA LEU A 78 -9.41 -2.77 -8.94
C LEU A 78 -9.80 -1.51 -9.72
N GLU A 79 -8.99 -1.19 -10.73
CA GLU A 79 -9.25 -0.01 -11.56
C GLU A 79 -9.84 1.12 -10.72
N ASP A 80 -9.25 1.36 -9.56
CA ASP A 80 -9.71 2.42 -8.67
C ASP A 80 -8.57 3.36 -8.30
N TYR A 81 -7.68 3.60 -9.27
CA TYR A 81 -6.54 4.49 -9.04
C TYR A 81 -6.95 5.72 -8.25
N ASP A 82 -8.22 6.08 -8.34
CA ASP A 82 -8.74 7.24 -7.62
C ASP A 82 -8.30 7.21 -6.16
N LYS A 83 -8.82 6.25 -5.40
CA LYS A 83 -8.48 6.12 -3.99
C LYS A 83 -6.98 5.86 -3.81
N ALA A 84 -6.43 5.00 -4.67
CA ALA A 84 -5.01 4.67 -4.61
C ALA A 84 -4.17 5.90 -4.31
N GLU A 85 -4.24 6.89 -5.20
CA GLU A 85 -3.49 8.13 -5.03
C GLU A 85 -3.59 8.63 -3.60
N THR A 86 -4.79 9.04 -3.20
CA THR A 86 -5.02 9.55 -1.86
C THR A 86 -4.22 8.76 -0.83
N GLU A 87 -4.44 7.46 -0.79
CA GLU A 87 -3.73 6.59 0.15
C GLU A 87 -2.22 6.80 0.06
N ALA A 88 -1.73 7.02 -1.16
CA ALA A 88 -0.31 7.23 -1.38
C ALA A 88 0.16 8.51 -0.70
N SER A 89 -0.70 9.52 -0.70
CA SER A 89 -0.36 10.81 -0.09
C SER A 89 -0.45 10.73 1.42
N LYS A 90 -1.30 9.82 1.91
CA LYS A 90 -1.48 9.64 3.35
C LYS A 90 -0.28 8.91 3.96
N ALA A 91 0.32 8.01 3.18
CA ALA A 91 1.46 7.25 3.65
C ALA A 91 2.74 8.07 3.58
N ILE A 92 2.71 9.13 2.76
CA ILE A 92 3.87 10.00 2.60
C ILE A 92 3.93 11.04 3.72
N GLU A 93 2.83 11.75 3.93
CA GLU A 93 2.76 12.77 4.98
C GLU A 93 2.99 12.15 6.35
N LYS A 94 2.43 10.96 6.57
CA LYS A 94 2.58 10.26 7.84
C LYS A 94 4.05 10.11 8.21
N ASP A 95 4.80 9.40 7.37
CA ASP A 95 6.22 9.18 7.60
C ASP A 95 7.06 10.23 6.89
N GLY A 96 7.10 10.15 5.56
CA GLY A 96 7.87 11.08 4.78
C GLY A 96 8.89 10.41 3.89
N GLY A 97 9.75 9.60 4.49
CA GLY A 97 10.78 8.90 3.73
C GLY A 97 10.32 7.52 3.29
N ASP A 98 9.22 7.48 2.55
CA ASP A 98 8.69 6.21 2.05
C ASP A 98 8.43 6.27 0.55
N VAL A 99 9.39 5.79 -0.23
CA VAL A 99 9.26 5.78 -1.68
C VAL A 99 8.28 4.72 -2.15
N LYS A 100 8.06 3.70 -1.32
CA LYS A 100 7.15 2.63 -1.65
C LYS A 100 5.77 3.18 -2.01
N ALA A 101 5.38 4.25 -1.34
CA ALA A 101 4.08 4.88 -1.60
C ALA A 101 4.16 5.84 -2.78
N LEU A 102 5.22 6.64 -2.82
CA LEU A 102 5.41 7.60 -3.91
C LEU A 102 5.18 6.94 -5.26
N TYR A 103 5.85 5.81 -5.48
CA TYR A 103 5.73 5.08 -6.73
C TYR A 103 4.27 4.75 -7.04
N ARG A 104 3.56 4.23 -6.05
CA ARG A 104 2.15 3.88 -6.22
C ARG A 104 1.35 5.08 -6.70
N ARG A 105 1.59 6.24 -6.10
CA ARG A 105 0.89 7.46 -6.48
C ARG A 105 1.01 7.72 -7.98
N SER A 106 2.25 7.75 -8.47
CA SER A 106 2.49 7.99 -9.89
C SER A 106 1.62 7.10 -10.75
N GLN A 107 1.58 5.81 -10.41
CA GLN A 107 0.79 4.85 -11.16
C GLN A 107 -0.64 5.34 -11.34
N ALA A 108 -1.17 6.01 -10.31
CA ALA A 108 -2.53 6.54 -10.36
C ALA A 108 -2.56 7.89 -11.09
N LEU A 109 -1.73 8.81 -10.64
CA LEU A 109 -1.66 10.13 -11.24
C LEU A 109 -1.89 10.06 -12.76
N GLU A 110 -1.07 9.26 -13.43
CA GLU A 110 -1.19 9.10 -14.88
C GLU A 110 -2.63 8.76 -15.27
N LYS A 111 -3.16 7.70 -14.68
CA LYS A 111 -4.53 7.27 -14.97
C LYS A 111 -5.51 8.42 -14.78
N LEU A 112 -5.43 9.07 -13.62
CA LEU A 112 -6.32 10.19 -13.31
C LEU A 112 -6.17 11.30 -14.34
N GLY A 113 -5.01 11.34 -14.99
CA GLY A 113 -4.77 12.36 -16.00
C GLY A 113 -3.54 13.21 -15.69
N ARG A 114 -3.11 13.16 -14.43
CA ARG A 114 -1.94 13.93 -14.00
C ARG A 114 -0.65 13.25 -14.46
N LEU A 115 -0.05 13.78 -15.51
CA LEU A 115 1.19 13.23 -16.04
C LEU A 115 2.40 13.90 -15.40
N ASP A 116 2.56 15.19 -15.66
CA ASP A 116 3.68 15.96 -15.11
C ASP A 116 3.98 15.51 -13.69
N GLN A 117 2.94 15.38 -12.86
CA GLN A 117 3.11 14.95 -11.48
C GLN A 117 3.72 13.56 -11.41
N ALA A 118 3.11 12.62 -12.13
CA ALA A 118 3.59 11.24 -12.15
C ALA A 118 5.12 11.19 -12.17
N VAL A 119 5.72 12.02 -13.02
CA VAL A 119 7.18 12.07 -13.14
C VAL A 119 7.81 12.70 -11.91
N LEU A 120 7.23 13.81 -11.46
CA LEU A 120 7.73 14.52 -10.28
C LEU A 120 7.77 13.60 -9.07
N ASP A 121 6.62 12.99 -8.75
CA ASP A 121 6.54 12.09 -7.61
C ASP A 121 7.63 11.03 -7.68
N LEU A 122 7.96 10.60 -8.89
CA LEU A 122 8.98 9.57 -9.09
C LEU A 122 10.37 10.14 -8.80
N GLN A 123 10.69 11.26 -9.44
CA GLN A 123 11.99 11.90 -9.25
C GLN A 123 12.43 11.83 -7.78
N ARG A 124 11.44 11.73 -6.89
CA ARG A 124 11.73 11.65 -5.46
C ARG A 124 12.04 10.22 -5.04
N CYS A 125 11.21 9.28 -5.51
CA CYS A 125 11.38 7.87 -5.18
C CYS A 125 12.75 7.38 -5.64
N VAL A 126 13.31 8.04 -6.66
CA VAL A 126 14.61 7.66 -7.20
C VAL A 126 15.74 8.17 -6.30
N SER A 127 15.51 9.31 -5.67
CA SER A 127 16.51 9.90 -4.77
C SER A 127 16.68 9.06 -3.51
N LEU A 128 15.56 8.80 -2.83
CA LEU A 128 15.59 8.00 -1.62
C LEU A 128 16.08 6.59 -1.88
N GLU A 129 15.90 6.13 -3.12
CA GLU A 129 16.33 4.79 -3.51
C GLU A 129 17.25 4.85 -4.73
N PRO A 130 18.56 4.98 -4.47
CA PRO A 130 19.56 5.05 -5.53
C PRO A 130 19.74 3.72 -6.25
N LYS A 131 19.04 2.70 -5.77
CA LYS A 131 19.11 1.37 -6.37
C LYS A 131 17.81 1.02 -7.09
N ASN A 132 16.70 1.13 -6.37
CA ASN A 132 15.40 0.83 -6.94
C ASN A 132 15.32 1.26 -8.40
N LYS A 133 15.57 0.32 -9.30
CA LYS A 133 15.54 0.61 -10.73
C LYS A 133 14.10 0.75 -11.22
N VAL A 134 13.21 -0.09 -10.70
CA VAL A 134 11.81 -0.06 -11.08
C VAL A 134 11.33 1.38 -11.28
N PHE A 135 11.90 2.30 -10.51
CA PHE A 135 11.53 3.71 -10.61
C PHE A 135 12.16 4.35 -11.84
N GLN A 136 13.46 4.17 -11.99
CA GLN A 136 14.18 4.74 -13.13
C GLN A 136 13.51 4.36 -14.44
N GLU A 137 12.84 3.22 -14.45
CA GLU A 137 12.15 2.75 -15.65
C GLU A 137 10.77 3.38 -15.77
N ALA A 138 10.03 3.38 -14.66
CA ALA A 138 8.69 3.96 -14.65
C ALA A 138 8.72 5.41 -15.12
N LEU A 139 9.78 6.12 -14.77
CA LEU A 139 9.92 7.53 -15.16
C LEU A 139 9.78 7.68 -16.67
N ARG A 140 10.64 7.01 -17.42
CA ARG A 140 10.61 7.07 -18.87
C ARG A 140 9.34 6.43 -19.41
N ASN A 141 8.89 5.38 -18.76
CA ASN A 141 7.68 4.67 -19.17
C ASN A 141 6.50 5.64 -19.33
N ILE A 142 6.55 6.73 -18.57
CA ILE A 142 5.50 7.74 -18.62
C ILE A 142 5.98 9.01 -19.29
N SER A 143 7.27 9.29 -19.15
CA SER A 143 7.87 10.49 -19.75
C SER A 143 8.02 10.32 -21.26
N GLY A 144 8.01 9.07 -21.71
CA GLY A 144 8.14 8.79 -23.13
C GLY A 144 9.07 7.64 -23.42
N PRO A 145 8.74 6.83 -24.43
CA PRO A 145 9.54 5.67 -24.82
C PRO A 145 10.88 6.07 -25.45
N SER A 146 11.79 5.11 -25.55
CA SER A 146 13.11 5.37 -26.13
C SER A 146 13.01 5.53 -27.64
N SER A 147 12.47 4.51 -28.31
CA SER A 147 12.32 4.53 -29.76
C SER A 147 11.08 5.33 -30.17
N GLY A 148 11.31 6.51 -30.73
CA GLY A 148 10.20 7.35 -31.15
C GLY A 148 10.43 7.98 -32.51
N GLY A 1 40.92 33.55 26.76
CA GLY A 1 40.44 32.18 26.73
C GLY A 1 40.30 31.65 25.32
N SER A 2 40.56 30.36 25.15
CA SER A 2 40.45 29.73 23.83
C SER A 2 40.47 28.20 23.96
N SER A 3 39.41 27.57 23.50
CA SER A 3 39.29 26.11 23.56
C SER A 3 38.38 25.59 22.47
N GLY A 4 38.45 24.28 22.21
CA GLY A 4 37.62 23.68 21.18
C GLY A 4 37.50 22.18 21.34
N SER A 5 36.33 21.64 21.00
CA SER A 5 36.09 20.21 21.12
C SER A 5 34.73 19.84 20.53
N SER A 6 34.62 18.60 20.06
CA SER A 6 33.38 18.12 19.47
C SER A 6 33.27 16.60 19.59
N GLY A 7 32.13 16.06 19.16
CA GLY A 7 31.93 14.63 19.23
C GLY A 7 30.58 14.26 19.80
N MET A 8 29.80 13.47 19.06
CA MET A 8 28.48 13.06 19.53
C MET A 8 27.87 12.05 18.56
N THR A 9 27.41 10.92 19.11
CA THR A 9 26.81 9.87 18.30
C THR A 9 25.96 8.93 19.15
N VAL A 10 24.74 8.67 18.71
CA VAL A 10 23.84 7.79 19.44
C VAL A 10 22.93 7.03 18.48
N SER A 11 22.79 5.73 18.72
CA SER A 11 21.94 4.88 17.88
C SER A 11 21.78 3.49 18.49
N GLY A 12 20.78 2.76 18.01
CA GLY A 12 20.53 1.43 18.52
C GLY A 12 19.11 0.96 18.25
N PRO A 13 18.87 0.44 17.04
CA PRO A 13 17.56 -0.05 16.63
C PRO A 13 17.16 -1.33 17.35
N GLY A 14 16.00 -1.88 17.00
CA GLY A 14 15.53 -3.09 17.63
C GLY A 14 14.03 -3.27 17.51
N THR A 15 13.60 -4.51 17.36
CA THR A 15 12.17 -4.82 17.23
C THR A 15 11.89 -6.28 17.57
N PRO A 16 10.93 -6.50 18.48
CA PRO A 16 10.55 -7.85 18.90
C PRO A 16 9.81 -8.62 17.81
N GLU A 17 9.37 -9.83 18.13
CA GLU A 17 8.67 -10.67 17.17
C GLU A 17 7.33 -11.12 17.74
N PRO A 18 6.32 -11.22 16.86
CA PRO A 18 4.96 -11.65 17.25
C PRO A 18 4.91 -13.12 17.63
N ARG A 19 3.74 -13.57 18.08
CA ARG A 19 3.56 -14.97 18.47
C ARG A 19 2.53 -15.65 17.57
N PRO A 20 2.97 -16.10 16.39
CA PRO A 20 2.10 -16.77 15.42
C PRO A 20 1.69 -18.16 15.89
N ALA A 21 0.95 -18.87 15.03
CA ALA A 21 0.49 -20.22 15.36
C ALA A 21 -0.62 -20.17 16.41
N THR A 22 -1.45 -19.13 16.34
CA THR A 22 -2.54 -18.97 17.28
C THR A 22 -3.88 -18.91 16.56
N PRO A 23 -4.91 -19.53 17.16
CA PRO A 23 -6.27 -19.56 16.60
C PRO A 23 -6.94 -18.20 16.63
N GLY A 24 -7.21 -17.64 15.45
CA GLY A 24 -7.85 -16.34 15.38
C GLY A 24 -6.94 -15.22 15.82
N ALA A 25 -6.54 -14.37 14.87
CA ALA A 25 -5.65 -13.25 15.17
C ALA A 25 -6.08 -12.01 14.40
N SER A 26 -6.63 -11.03 15.10
CA SER A 26 -7.08 -9.79 14.48
C SER A 26 -6.25 -8.60 14.98
N SER A 27 -4.94 -8.82 15.12
CA SER A 27 -4.05 -7.77 15.59
C SER A 27 -3.44 -7.01 14.41
N VAL A 28 -3.72 -5.71 14.34
CA VAL A 28 -3.21 -4.87 13.27
C VAL A 28 -1.76 -5.23 12.95
N GLU A 29 -1.02 -5.68 13.96
CA GLU A 29 0.37 -6.04 13.78
C GLU A 29 0.49 -7.38 13.04
N GLN A 30 -0.29 -8.36 13.48
CA GLN A 30 -0.27 -9.68 12.87
C GLN A 30 -1.23 -9.75 11.68
N LEU A 31 -2.51 -9.54 11.96
CA LEU A 31 -3.53 -9.58 10.91
C LEU A 31 -3.01 -8.96 9.62
N ARG A 32 -2.14 -7.96 9.76
CA ARG A 32 -1.57 -7.28 8.61
C ARG A 32 -1.25 -8.27 7.50
N LYS A 33 -0.39 -9.23 7.80
CA LYS A 33 0.01 -10.25 6.83
C LYS A 33 -1.20 -10.76 6.06
N GLU A 34 -2.29 -11.03 6.78
CA GLU A 34 -3.51 -11.53 6.16
C GLU A 34 -3.80 -10.79 4.86
N GLY A 35 -3.60 -9.47 4.88
CA GLY A 35 -3.85 -8.66 3.70
C GLY A 35 -2.87 -8.96 2.58
N ASN A 36 -1.58 -8.89 2.90
CA ASN A 36 -0.54 -9.15 1.91
C ASN A 36 -0.74 -10.51 1.25
N GLU A 37 -0.78 -11.56 2.07
CA GLU A 37 -0.96 -12.92 1.56
C GLU A 37 -2.01 -12.94 0.46
N LEU A 38 -3.09 -12.20 0.65
CA LEU A 38 -4.17 -12.14 -0.33
C LEU A 38 -3.73 -11.35 -1.57
N PHE A 39 -2.93 -10.32 -1.35
CA PHE A 39 -2.43 -9.49 -2.44
C PHE A 39 -1.51 -10.28 -3.35
N LYS A 40 -0.52 -10.94 -2.76
CA LYS A 40 0.44 -11.74 -3.51
C LYS A 40 -0.25 -12.90 -4.21
N CYS A 41 -1.53 -13.09 -3.92
CA CYS A 41 -2.31 -14.16 -4.53
C CYS A 41 -3.26 -13.62 -5.59
N GLY A 42 -3.60 -12.33 -5.47
CA GLY A 42 -4.50 -11.71 -6.43
C GLY A 42 -5.78 -11.24 -5.79
N ASP A 43 -6.24 -11.95 -4.76
CA ASP A 43 -7.46 -11.60 -4.05
C ASP A 43 -7.40 -10.16 -3.55
N TYR A 44 -7.98 -9.24 -4.31
CA TYR A 44 -7.99 -7.83 -3.93
C TYR A 44 -9.12 -7.53 -2.95
N GLY A 45 -10.33 -7.99 -3.29
CA GLY A 45 -11.48 -7.77 -2.44
C GLY A 45 -11.20 -8.11 -0.98
N GLY A 46 -10.34 -9.11 -0.78
CA GLY A 46 -10.00 -9.52 0.57
C GLY A 46 -8.83 -8.74 1.15
N ALA A 47 -7.70 -8.79 0.44
CA ALA A 47 -6.50 -8.08 0.88
C ALA A 47 -6.86 -6.74 1.52
N LEU A 48 -7.81 -6.04 0.91
CA LEU A 48 -8.25 -4.73 1.42
C LEU A 48 -8.95 -4.89 2.76
N ALA A 49 -9.89 -5.81 2.84
CA ALA A 49 -10.64 -6.05 4.06
C ALA A 49 -9.71 -6.12 5.26
N ALA A 50 -8.67 -6.94 5.16
CA ALA A 50 -7.71 -7.11 6.24
C ALA A 50 -7.09 -5.76 6.62
N TYR A 51 -6.50 -5.09 5.64
CA TYR A 51 -5.87 -3.79 5.88
C TYR A 51 -6.81 -2.86 6.62
N THR A 52 -8.11 -2.98 6.36
CA THR A 52 -9.11 -2.14 7.00
C THR A 52 -9.09 -2.34 8.51
N GLN A 53 -9.32 -3.57 8.95
CA GLN A 53 -9.32 -3.89 10.37
C GLN A 53 -8.10 -3.30 11.07
N ALA A 54 -6.92 -3.58 10.51
CA ALA A 54 -5.67 -3.07 11.08
C ALA A 54 -5.76 -1.58 11.36
N LEU A 55 -6.18 -0.82 10.35
CA LEU A 55 -6.31 0.63 10.48
C LEU A 55 -7.36 0.99 11.53
N GLY A 56 -8.50 0.32 11.46
CA GLY A 56 -9.58 0.59 12.41
C GLY A 56 -9.08 0.61 13.84
N LEU A 57 -8.25 -0.38 14.18
CA LEU A 57 -7.71 -0.48 15.54
C LEU A 57 -6.69 0.63 15.80
N ASP A 58 -6.62 1.07 17.06
CA ASP A 58 -5.69 2.13 17.44
C ASP A 58 -4.25 1.60 17.47
N ALA A 59 -3.60 1.60 16.31
CA ALA A 59 -2.22 1.12 16.21
C ALA A 59 -1.24 2.28 16.29
N THR A 60 0.05 1.94 16.32
CA THR A 60 1.11 2.96 16.39
C THR A 60 1.06 3.88 15.17
N PRO A 61 1.66 5.07 15.32
CA PRO A 61 1.71 6.07 14.24
C PRO A 61 2.62 5.64 13.09
N GLN A 62 3.46 4.64 13.36
CA GLN A 62 4.38 4.14 12.34
C GLN A 62 3.73 3.02 11.53
N ASP A 63 2.66 2.45 12.06
CA ASP A 63 1.96 1.37 11.38
C ASP A 63 0.80 1.92 10.55
N GLN A 64 0.21 3.01 11.01
CA GLN A 64 -0.91 3.63 10.30
C GLN A 64 -0.49 4.05 8.90
N ALA A 65 0.80 4.23 8.71
CA ALA A 65 1.34 4.64 7.41
C ALA A 65 1.50 3.45 6.48
N VAL A 66 2.37 2.51 6.87
CA VAL A 66 2.61 1.32 6.06
C VAL A 66 1.31 0.74 5.52
N LEU A 67 0.25 0.82 6.32
CA LEU A 67 -1.05 0.31 5.92
C LEU A 67 -1.72 1.25 4.92
N HIS A 68 -1.44 2.54 5.05
CA HIS A 68 -2.02 3.55 4.16
C HIS A 68 -1.47 3.39 2.75
N ARG A 69 -0.14 3.39 2.62
CA ARG A 69 0.51 3.25 1.34
C ARG A 69 0.15 1.91 0.68
N ASN A 70 -0.16 0.92 1.52
CA ASN A 70 -0.52 -0.41 1.02
C ASN A 70 -1.96 -0.43 0.52
N ARG A 71 -2.89 -0.04 1.39
CA ARG A 71 -4.30 -0.03 1.04
C ARG A 71 -4.49 0.49 -0.39
N ALA A 72 -3.81 1.57 -0.72
CA ALA A 72 -3.90 2.16 -2.06
C ALA A 72 -3.91 1.08 -3.13
N ALA A 73 -2.94 0.17 -3.05
CA ALA A 73 -2.84 -0.91 -4.03
C ALA A 73 -4.21 -1.53 -4.31
N CYS A 74 -4.81 -2.11 -3.28
CA CYS A 74 -6.13 -2.73 -3.44
C CYS A 74 -7.02 -1.91 -4.37
N HIS A 75 -7.21 -0.65 -4.03
CA HIS A 75 -8.04 0.25 -4.82
C HIS A 75 -7.56 0.28 -6.28
N LEU A 76 -6.32 0.67 -6.48
CA LEU A 76 -5.73 0.74 -7.81
C LEU A 76 -6.10 -0.49 -8.63
N LYS A 77 -5.97 -1.66 -8.02
CA LYS A 77 -6.29 -2.91 -8.68
C LYS A 77 -7.78 -2.99 -9.02
N LEU A 78 -8.61 -2.45 -8.14
CA LEU A 78 -10.05 -2.45 -8.34
C LEU A 78 -10.50 -1.20 -9.09
N GLU A 79 -9.66 -0.74 -10.02
CA GLU A 79 -9.97 0.45 -10.81
C GLU A 79 -10.37 1.61 -9.90
N ASP A 80 -9.58 1.84 -8.86
CA ASP A 80 -9.84 2.91 -7.92
C ASP A 80 -8.61 3.80 -7.76
N TYR A 81 -8.36 4.63 -8.76
CA TYR A 81 -7.21 5.54 -8.73
C TYR A 81 -7.57 6.86 -8.06
N ASP A 82 -8.81 7.29 -8.26
CA ASP A 82 -9.28 8.54 -7.68
C ASP A 82 -9.06 8.55 -6.17
N LYS A 83 -9.26 7.40 -5.55
CA LYS A 83 -9.10 7.27 -4.10
C LYS A 83 -7.64 6.98 -3.74
N ALA A 84 -7.04 6.04 -4.47
CA ALA A 84 -5.65 5.67 -4.23
C ALA A 84 -4.77 6.90 -4.01
N GLU A 85 -4.78 7.79 -5.00
CA GLU A 85 -3.99 9.02 -4.91
C GLU A 85 -4.07 9.62 -3.51
N THR A 86 -5.29 9.75 -3.00
CA THR A 86 -5.52 10.31 -1.69
C THR A 86 -4.73 9.55 -0.62
N GLU A 87 -5.01 8.26 -0.49
CA GLU A 87 -4.33 7.42 0.49
C GLU A 87 -2.83 7.66 0.45
N ALA A 88 -2.19 7.28 -0.66
CA ALA A 88 -0.76 7.46 -0.82
C ALA A 88 -0.28 8.74 -0.15
N SER A 89 -0.80 9.87 -0.59
CA SER A 89 -0.43 11.16 -0.03
C SER A 89 -0.30 11.08 1.49
N LYS A 90 -1.38 10.65 2.13
CA LYS A 90 -1.39 10.52 3.59
C LYS A 90 -0.17 9.77 4.09
N ALA A 91 0.11 8.63 3.46
CA ALA A 91 1.26 7.82 3.84
C ALA A 91 2.54 8.64 3.83
N ILE A 92 2.91 9.14 2.66
CA ILE A 92 4.11 9.95 2.52
C ILE A 92 4.14 11.09 3.54
N GLU A 93 2.95 11.51 3.97
CA GLU A 93 2.83 12.59 4.94
C GLU A 93 3.08 12.07 6.36
N LYS A 94 2.61 10.86 6.63
CA LYS A 94 2.78 10.25 7.94
C LYS A 94 4.26 10.12 8.29
N ASP A 95 5.03 9.56 7.38
CA ASP A 95 6.47 9.37 7.59
C ASP A 95 7.26 10.52 6.96
N GLY A 96 7.29 10.54 5.63
CA GLY A 96 8.01 11.58 4.93
C GLY A 96 8.99 11.02 3.90
N GLY A 97 9.68 9.95 4.27
CA GLY A 97 10.64 9.33 3.36
C GLY A 97 10.26 7.91 3.00
N ASP A 98 9.04 7.73 2.51
CA ASP A 98 8.55 6.42 2.12
C ASP A 98 8.20 6.38 0.64
N VAL A 99 9.17 5.99 -0.18
CA VAL A 99 8.95 5.91 -1.62
C VAL A 99 7.90 4.86 -1.97
N LYS A 100 7.89 3.78 -1.22
CA LYS A 100 6.93 2.70 -1.44
C LYS A 100 5.57 3.26 -1.85
N ALA A 101 5.18 4.38 -1.23
CA ALA A 101 3.91 5.01 -1.55
C ALA A 101 4.02 5.89 -2.78
N LEU A 102 5.16 6.57 -2.92
CA LEU A 102 5.38 7.44 -4.06
C LEU A 102 5.26 6.67 -5.38
N TYR A 103 5.80 5.45 -5.39
CA TYR A 103 5.75 4.61 -6.59
C TYR A 103 4.33 4.15 -6.88
N ARG A 104 3.52 4.05 -5.82
CA ARG A 104 2.14 3.63 -5.96
C ARG A 104 1.24 4.80 -6.35
N ARG A 105 1.59 5.99 -5.88
CA ARG A 105 0.82 7.18 -6.18
C ARG A 105 0.85 7.49 -7.67
N SER A 106 2.03 7.40 -8.26
CA SER A 106 2.20 7.68 -9.68
C SER A 106 1.18 6.89 -10.51
N GLN A 107 1.03 5.61 -10.18
CA GLN A 107 0.09 4.75 -10.89
C GLN A 107 -1.29 5.42 -11.00
N ALA A 108 -1.66 6.16 -9.96
CA ALA A 108 -2.94 6.84 -9.94
C ALA A 108 -2.92 8.09 -10.82
N LEU A 109 -1.97 8.97 -10.56
CA LEU A 109 -1.84 10.20 -11.33
C LEU A 109 -2.00 9.93 -12.83
N GLU A 110 -1.37 8.85 -13.29
CA GLU A 110 -1.44 8.47 -14.70
C GLU A 110 -2.88 8.30 -15.15
N LYS A 111 -3.62 7.46 -14.43
CA LYS A 111 -5.01 7.20 -14.75
C LYS A 111 -5.85 8.47 -14.62
N LEU A 112 -5.40 9.39 -13.76
CA LEU A 112 -6.09 10.65 -13.55
C LEU A 112 -5.74 11.65 -14.63
N GLY A 113 -4.89 11.25 -15.57
CA GLY A 113 -4.49 12.13 -16.65
C GLY A 113 -3.41 13.11 -16.23
N ARG A 114 -2.87 12.92 -15.02
CA ARG A 114 -1.83 13.79 -14.51
C ARG A 114 -0.45 13.18 -14.73
N LEU A 115 -0.13 12.89 -15.99
CA LEU A 115 1.16 12.31 -16.33
C LEU A 115 2.31 13.17 -15.83
N ASP A 116 2.36 14.42 -16.30
CA ASP A 116 3.41 15.34 -15.88
C ASP A 116 3.78 15.13 -14.42
N GLN A 117 2.77 14.93 -13.58
CA GLN A 117 2.99 14.72 -12.16
C GLN A 117 3.66 13.37 -11.91
N ALA A 118 3.09 12.32 -12.49
CA ALA A 118 3.63 10.97 -12.33
C ALA A 118 5.15 10.99 -12.35
N VAL A 119 5.72 11.70 -13.32
CA VAL A 119 7.17 11.79 -13.45
C VAL A 119 7.79 12.50 -12.24
N LEU A 120 7.14 13.57 -11.80
CA LEU A 120 7.62 14.34 -10.66
C LEU A 120 7.58 13.49 -9.38
N ASP A 121 6.43 12.89 -9.12
CA ASP A 121 6.26 12.04 -7.93
C ASP A 121 7.22 10.85 -7.98
N LEU A 122 7.74 10.56 -9.16
CA LEU A 122 8.66 9.45 -9.34
C LEU A 122 10.11 9.91 -9.19
N GLN A 123 10.41 11.08 -9.72
CA GLN A 123 11.76 11.64 -9.65
C GLN A 123 12.31 11.54 -8.23
N ARG A 124 11.41 11.39 -7.26
CA ARG A 124 11.81 11.29 -5.87
C ARG A 124 12.09 9.85 -5.48
N CYS A 125 11.36 8.92 -6.10
CA CYS A 125 11.54 7.50 -5.83
C CYS A 125 12.99 7.09 -6.02
N VAL A 126 13.71 7.81 -6.88
CA VAL A 126 15.11 7.51 -7.14
C VAL A 126 16.02 8.20 -6.14
N SER A 127 15.67 9.43 -5.78
CA SER A 127 16.46 10.20 -4.83
C SER A 127 16.50 9.51 -3.47
N LEU A 128 15.38 8.89 -3.10
CA LEU A 128 15.28 8.18 -1.82
C LEU A 128 15.85 6.77 -1.94
N GLU A 129 15.60 6.12 -3.06
CA GLU A 129 16.09 4.77 -3.29
C GLU A 129 16.87 4.68 -4.61
N PRO A 130 18.15 5.04 -4.55
CA PRO A 130 19.04 5.02 -5.72
C PRO A 130 19.36 3.60 -6.18
N LYS A 131 18.93 2.62 -5.40
CA LYS A 131 19.16 1.22 -5.72
C LYS A 131 17.91 0.59 -6.36
N ASN A 132 16.75 1.12 -6.00
CA ASN A 132 15.50 0.62 -6.54
C ASN A 132 15.40 0.88 -8.04
N LYS A 133 16.12 0.07 -8.82
CA LYS A 133 16.11 0.21 -10.27
C LYS A 133 14.69 0.36 -10.80
N VAL A 134 13.76 -0.41 -10.23
CA VAL A 134 12.36 -0.36 -10.65
C VAL A 134 11.94 1.08 -10.94
N PHE A 135 12.38 2.00 -10.11
CA PHE A 135 12.04 3.42 -10.27
C PHE A 135 12.78 4.01 -11.47
N GLN A 136 14.09 3.84 -11.49
CA GLN A 136 14.91 4.37 -12.59
C GLN A 136 14.25 4.10 -13.93
N GLU A 137 13.48 3.02 -14.01
CA GLU A 137 12.80 2.66 -15.24
C GLU A 137 11.39 3.25 -15.28
N ALA A 138 10.63 3.00 -14.22
CA ALA A 138 9.26 3.50 -14.13
C ALA A 138 9.17 4.94 -14.63
N LEU A 139 10.25 5.70 -14.45
CA LEU A 139 10.30 7.09 -14.88
C LEU A 139 10.31 7.19 -16.40
N ARG A 140 11.30 6.55 -17.01
CA ARG A 140 11.43 6.57 -18.46
C ARG A 140 10.22 5.92 -19.13
N ASN A 141 9.68 4.89 -18.48
CA ASN A 141 8.52 4.18 -19.00
C ASN A 141 7.41 5.15 -19.35
N ILE A 142 7.25 6.19 -18.55
CA ILE A 142 6.21 7.19 -18.77
C ILE A 142 6.80 8.46 -19.37
N SER A 143 8.09 8.68 -19.14
CA SER A 143 8.78 9.85 -19.65
C SER A 143 9.05 9.72 -21.15
N GLY A 144 9.06 8.47 -21.62
CA GLY A 144 9.32 8.22 -23.02
C GLY A 144 8.29 8.86 -23.93
N PRO A 145 8.74 9.31 -25.12
CA PRO A 145 7.85 9.95 -26.10
C PRO A 145 6.86 8.98 -26.72
N SER A 146 5.75 9.52 -27.20
CA SER A 146 4.71 8.69 -27.83
C SER A 146 5.25 7.99 -29.07
N SER A 147 4.71 6.81 -29.36
CA SER A 147 5.13 6.04 -30.52
C SER A 147 4.12 6.16 -31.65
N GLY A 148 4.63 6.21 -32.88
CA GLY A 148 3.76 6.33 -34.03
C GLY A 148 4.07 5.31 -35.11
N GLY A 1 65.35 -28.59 -19.88
CA GLY A 1 64.98 -27.90 -18.65
C GLY A 1 63.49 -27.97 -18.38
N SER A 2 63.05 -27.22 -17.38
CA SER A 2 61.64 -27.20 -17.00
C SER A 2 61.34 -26.05 -16.05
N SER A 3 60.14 -25.50 -16.15
CA SER A 3 59.73 -24.39 -15.30
C SER A 3 58.21 -24.33 -15.16
N GLY A 4 57.73 -23.46 -14.28
CA GLY A 4 56.30 -23.32 -14.07
C GLY A 4 55.94 -22.03 -13.36
N SER A 5 54.65 -21.76 -13.25
CA SER A 5 54.17 -20.54 -12.60
C SER A 5 53.25 -20.89 -11.44
N SER A 6 53.12 -19.96 -10.50
CA SER A 6 52.27 -20.16 -9.33
C SER A 6 51.29 -19.00 -9.17
N GLY A 7 50.15 -19.28 -8.54
CA GLY A 7 49.15 -18.25 -8.34
C GLY A 7 47.74 -18.83 -8.28
N MET A 8 46.97 -18.39 -7.29
CA MET A 8 45.59 -18.87 -7.14
C MET A 8 44.86 -18.06 -6.08
N THR A 9 43.53 -17.99 -6.20
CA THR A 9 42.71 -17.25 -5.25
C THR A 9 41.23 -17.49 -5.51
N VAL A 10 40.45 -17.58 -4.44
CA VAL A 10 39.02 -17.80 -4.54
C VAL A 10 38.27 -17.23 -3.34
N SER A 11 36.96 -17.13 -3.45
CA SER A 11 36.14 -16.59 -2.37
C SER A 11 34.93 -17.50 -2.11
N GLY A 12 34.21 -17.21 -1.03
CA GLY A 12 33.05 -18.01 -0.69
C GLY A 12 31.89 -17.16 -0.20
N PRO A 13 30.99 -16.81 -1.12
CA PRO A 13 29.81 -15.99 -0.81
C PRO A 13 28.79 -16.74 0.04
N GLY A 14 27.65 -16.10 0.29
CA GLY A 14 26.62 -16.73 1.08
C GLY A 14 25.24 -16.57 0.46
N THR A 15 24.23 -17.14 1.12
CA THR A 15 22.86 -17.06 0.63
C THR A 15 21.89 -16.72 1.75
N PRO A 16 20.88 -15.90 1.44
CA PRO A 16 19.86 -15.48 2.42
C PRO A 16 18.93 -16.62 2.80
N GLU A 17 17.89 -16.30 3.55
CA GLU A 17 16.93 -17.30 4.01
C GLU A 17 15.55 -16.67 4.23
N PRO A 18 14.50 -17.43 3.88
CA PRO A 18 13.11 -16.97 4.03
C PRO A 18 12.69 -16.87 5.49
N ARG A 19 11.41 -16.59 5.72
CA ARG A 19 10.88 -16.47 7.07
C ARG A 19 9.57 -17.23 7.21
N PRO A 20 9.41 -17.93 8.34
CA PRO A 20 8.20 -18.72 8.63
C PRO A 20 6.98 -17.84 8.89
N ALA A 21 5.85 -18.22 8.31
CA ALA A 21 4.61 -17.47 8.49
C ALA A 21 3.48 -18.36 8.96
N THR A 22 2.42 -17.76 9.47
CA THR A 22 1.27 -18.50 9.97
C THR A 22 0.12 -17.56 10.34
N PRO A 23 -1.11 -17.99 10.04
CA PRO A 23 -2.31 -17.20 10.34
C PRO A 23 -2.60 -17.13 11.84
N GLY A 24 -3.75 -16.55 12.19
CA GLY A 24 -4.12 -16.44 13.59
C GLY A 24 -4.58 -15.05 13.96
N ALA A 25 -5.65 -14.96 14.73
CA ALA A 25 -6.19 -13.67 15.15
C ALA A 25 -5.43 -13.11 16.35
N SER A 26 -4.77 -11.98 16.14
CA SER A 26 -4.00 -11.35 17.21
C SER A 26 -4.27 -9.85 17.27
N SER A 27 -3.75 -9.12 16.29
CA SER A 27 -3.94 -7.67 16.23
C SER A 27 -3.42 -7.11 14.90
N VAL A 28 -3.44 -5.80 14.78
CA VAL A 28 -2.97 -5.13 13.57
C VAL A 28 -1.58 -5.63 13.18
N GLU A 29 -0.74 -5.86 14.18
CA GLU A 29 0.61 -6.34 13.94
C GLU A 29 0.59 -7.69 13.23
N GLN A 30 -0.39 -8.51 13.57
CA GLN A 30 -0.52 -9.84 12.97
C GLN A 30 -1.40 -9.79 11.72
N LEU A 31 -2.69 -9.56 11.93
CA LEU A 31 -3.64 -9.49 10.83
C LEU A 31 -2.98 -8.89 9.58
N ARG A 32 -2.07 -7.94 9.81
CA ARG A 32 -1.37 -7.28 8.71
C ARG A 32 -1.13 -8.26 7.56
N LYS A 33 -0.55 -9.42 7.89
CA LYS A 33 -0.26 -10.43 6.88
C LYS A 33 -1.50 -10.76 6.07
N GLU A 34 -2.61 -11.02 6.75
CA GLU A 34 -3.87 -11.35 6.10
C GLU A 34 -4.07 -10.49 4.84
N GLY A 35 -3.72 -9.22 4.95
CA GLY A 35 -3.87 -8.30 3.83
C GLY A 35 -2.96 -8.66 2.67
N ASN A 36 -1.65 -8.60 2.90
CA ASN A 36 -0.67 -8.91 1.86
C ASN A 36 -0.89 -10.31 1.32
N GLU A 37 -0.93 -11.30 2.23
CA GLU A 37 -1.13 -12.69 1.83
C GLU A 37 -2.22 -12.80 0.77
N LEU A 38 -3.30 -12.06 0.97
CA LEU A 38 -4.42 -12.08 0.03
C LEU A 38 -4.07 -11.30 -1.24
N PHE A 39 -3.26 -10.26 -1.08
CA PHE A 39 -2.85 -9.44 -2.22
C PHE A 39 -1.95 -10.22 -3.16
N LYS A 40 -0.90 -10.82 -2.62
CA LYS A 40 0.05 -11.59 -3.41
C LYS A 40 -0.63 -12.85 -3.97
N CYS A 41 -1.88 -13.06 -3.59
CA CYS A 41 -2.64 -14.22 -4.06
C CYS A 41 -3.64 -13.82 -5.13
N GLY A 42 -4.05 -12.55 -5.11
CA GLY A 42 -5.00 -12.06 -6.09
C GLY A 42 -6.26 -11.52 -5.44
N ASP A 43 -6.66 -12.12 -4.32
CA ASP A 43 -7.85 -11.70 -3.61
C ASP A 43 -7.74 -10.24 -3.18
N TYR A 44 -8.25 -9.34 -4.02
CA TYR A 44 -8.21 -7.91 -3.73
C TYR A 44 -9.31 -7.52 -2.75
N GLY A 45 -10.54 -7.97 -3.03
CA GLY A 45 -11.65 -7.65 -2.18
C GLY A 45 -11.37 -7.96 -0.72
N GLY A 46 -10.65 -9.05 -0.46
CA GLY A 46 -10.32 -9.43 0.90
C GLY A 46 -9.13 -8.66 1.44
N ALA A 47 -8.01 -8.72 0.73
CA ALA A 47 -6.80 -8.03 1.14
C ALA A 47 -7.14 -6.69 1.80
N LEU A 48 -7.97 -5.90 1.12
CA LEU A 48 -8.35 -4.59 1.64
C LEU A 48 -8.95 -4.72 3.05
N ALA A 49 -9.97 -5.55 3.18
CA ALA A 49 -10.62 -5.77 4.47
C ALA A 49 -9.60 -5.76 5.61
N ALA A 50 -8.62 -6.65 5.53
CA ALA A 50 -7.58 -6.75 6.54
C ALA A 50 -6.99 -5.37 6.86
N TYR A 51 -6.52 -4.69 5.83
CA TYR A 51 -5.93 -3.36 6.00
C TYR A 51 -6.86 -2.46 6.82
N THR A 52 -8.14 -2.46 6.47
CA THR A 52 -9.12 -1.64 7.16
C THR A 52 -9.02 -1.83 8.67
N GLN A 53 -9.07 -3.08 9.12
CA GLN A 53 -8.99 -3.39 10.54
C GLN A 53 -7.71 -2.82 11.15
N ALA A 54 -6.57 -3.23 10.60
CA ALA A 54 -5.28 -2.76 11.09
C ALA A 54 -5.35 -1.29 11.50
N LEU A 55 -5.80 -0.45 10.58
CA LEU A 55 -5.92 0.98 10.84
C LEU A 55 -6.88 1.25 11.99
N GLY A 56 -8.02 0.57 11.97
CA GLY A 56 -9.01 0.73 13.01
C GLY A 56 -8.41 0.67 14.41
N LEU A 57 -7.51 -0.28 14.60
CA LEU A 57 -6.86 -0.45 15.90
C LEU A 57 -5.82 0.63 16.14
N ASP A 58 -5.64 1.01 17.40
CA ASP A 58 -4.68 2.04 17.76
C ASP A 58 -3.25 1.52 17.61
N ALA A 59 -2.74 1.56 16.38
CA ALA A 59 -1.38 1.10 16.10
C ALA A 59 -0.42 2.28 16.04
N THR A 60 0.88 1.96 16.04
CA THR A 60 1.92 2.99 15.98
C THR A 60 1.68 3.94 14.81
N PRO A 61 2.23 5.15 14.91
CA PRO A 61 2.09 6.18 13.87
C PRO A 61 2.88 5.83 12.62
N GLN A 62 3.69 4.77 12.71
CA GLN A 62 4.50 4.33 11.58
C GLN A 62 3.79 3.24 10.78
N ASP A 63 3.18 2.31 11.49
CA ASP A 63 2.46 1.21 10.85
C ASP A 63 1.34 1.74 9.96
N GLN A 64 0.60 2.72 10.47
CA GLN A 64 -0.50 3.31 9.72
C GLN A 64 -0.07 3.66 8.30
N ALA A 65 1.01 4.44 8.18
CA ALA A 65 1.51 4.84 6.87
C ALA A 65 1.66 3.65 5.95
N VAL A 66 2.29 2.58 6.45
CA VAL A 66 2.50 1.37 5.67
C VAL A 66 1.18 0.80 5.20
N LEU A 67 0.18 0.84 6.06
CA LEU A 67 -1.15 0.32 5.74
C LEU A 67 -1.84 1.20 4.69
N HIS A 68 -1.71 2.51 4.87
CA HIS A 68 -2.33 3.46 3.95
C HIS A 68 -1.80 3.26 2.54
N ARG A 69 -0.48 3.18 2.41
CA ARG A 69 0.16 2.98 1.11
C ARG A 69 -0.25 1.64 0.50
N ASN A 70 -0.39 0.63 1.34
CA ASN A 70 -0.78 -0.70 0.89
C ASN A 70 -2.22 -0.71 0.40
N ARG A 71 -3.11 -0.10 1.17
CA ARG A 71 -4.51 -0.04 0.82
C ARG A 71 -4.70 0.42 -0.63
N ALA A 72 -4.07 1.54 -0.96
CA ALA A 72 -4.15 2.08 -2.32
C ALA A 72 -4.08 0.98 -3.36
N ALA A 73 -3.19 0.01 -3.13
CA ALA A 73 -3.01 -1.10 -4.04
C ALA A 73 -4.35 -1.77 -4.36
N CYS A 74 -5.02 -2.25 -3.33
CA CYS A 74 -6.32 -2.91 -3.50
C CYS A 74 -7.21 -2.12 -4.45
N HIS A 75 -7.38 -0.84 -4.17
CA HIS A 75 -8.21 0.04 -5.00
C HIS A 75 -7.71 0.04 -6.44
N LEU A 76 -6.43 0.37 -6.62
CA LEU A 76 -5.84 0.42 -7.95
C LEU A 76 -6.32 -0.75 -8.80
N LYS A 77 -6.29 -1.95 -8.24
CA LYS A 77 -6.72 -3.14 -8.95
C LYS A 77 -8.23 -3.13 -9.17
N LEU A 78 -8.96 -2.66 -8.16
CA LEU A 78 -10.42 -2.58 -8.25
C LEU A 78 -10.85 -1.31 -8.97
N GLU A 79 -10.14 -0.96 -10.03
CA GLU A 79 -10.45 0.23 -10.81
C GLU A 79 -10.78 1.40 -9.88
N ASP A 80 -9.95 1.61 -8.87
CA ASP A 80 -10.16 2.70 -7.92
C ASP A 80 -8.90 3.55 -7.80
N TYR A 81 -8.39 3.99 -8.94
CA TYR A 81 -7.18 4.83 -8.97
C TYR A 81 -7.43 6.15 -8.26
N ASP A 82 -8.58 6.75 -8.53
CA ASP A 82 -8.93 8.04 -7.91
C ASP A 82 -8.55 8.05 -6.43
N LYS A 83 -9.14 7.14 -5.67
CA LYS A 83 -8.86 7.05 -4.25
C LYS A 83 -7.40 6.74 -3.99
N ALA A 84 -6.91 5.67 -4.61
CA ALA A 84 -5.51 5.27 -4.47
C ALA A 84 -4.60 6.48 -4.31
N GLU A 85 -4.73 7.43 -5.23
CA GLU A 85 -3.92 8.64 -5.21
C GLU A 85 -3.86 9.22 -3.79
N THR A 86 -5.02 9.32 -3.15
CA THR A 86 -5.10 9.86 -1.80
C THR A 86 -4.34 8.98 -0.81
N GLU A 87 -4.76 7.72 -0.71
CA GLU A 87 -4.13 6.77 0.20
C GLU A 87 -2.61 6.91 0.14
N ALA A 88 -2.09 7.30 -1.02
CA ALA A 88 -0.66 7.46 -1.21
C ALA A 88 -0.18 8.79 -0.63
N SER A 89 -0.89 9.86 -0.98
CA SER A 89 -0.54 11.19 -0.50
C SER A 89 -0.63 11.28 1.02
N LYS A 90 -1.46 10.42 1.60
CA LYS A 90 -1.64 10.39 3.05
C LYS A 90 -0.60 9.48 3.70
N ALA A 91 -0.25 8.40 3.03
CA ALA A 91 0.73 7.45 3.54
C ALA A 91 2.13 8.07 3.56
N ILE A 92 2.39 8.97 2.63
CA ILE A 92 3.68 9.65 2.54
C ILE A 92 3.83 10.70 3.64
N GLU A 93 2.98 11.72 3.60
CA GLU A 93 3.02 12.78 4.58
C GLU A 93 3.11 12.21 6.00
N LYS A 94 2.52 11.04 6.20
CA LYS A 94 2.53 10.39 7.50
C LYS A 94 3.95 10.26 8.03
N ASP A 95 4.80 9.57 7.27
CA ASP A 95 6.19 9.38 7.67
C ASP A 95 7.10 10.35 6.93
N GLY A 96 7.04 10.32 5.61
CA GLY A 96 7.87 11.20 4.80
C GLY A 96 9.18 10.55 4.38
N GLY A 97 9.19 9.22 4.34
CA GLY A 97 10.38 8.50 3.94
C GLY A 97 10.08 7.08 3.49
N ASP A 98 8.94 6.91 2.82
CA ASP A 98 8.54 5.60 2.32
C ASP A 98 8.22 5.67 0.82
N VAL A 99 9.27 5.63 0.00
CA VAL A 99 9.10 5.68 -1.45
C VAL A 99 8.11 4.64 -1.92
N LYS A 100 8.13 3.47 -1.30
CA LYS A 100 7.23 2.38 -1.64
C LYS A 100 5.86 2.92 -2.04
N ALA A 101 5.40 3.94 -1.33
CA ALA A 101 4.11 4.55 -1.62
C ALA A 101 4.15 5.36 -2.91
N LEU A 102 5.10 6.29 -2.98
CA LEU A 102 5.26 7.14 -4.16
C LEU A 102 5.10 6.32 -5.43
N TYR A 103 5.89 5.26 -5.55
CA TYR A 103 5.85 4.40 -6.73
C TYR A 103 4.41 4.02 -7.06
N ARG A 104 3.65 3.68 -6.04
CA ARG A 104 2.25 3.29 -6.23
C ARG A 104 1.40 4.50 -6.63
N ARG A 105 1.64 5.63 -5.99
CA ARG A 105 0.91 6.85 -6.27
C ARG A 105 0.90 7.15 -7.78
N SER A 106 2.08 7.11 -8.38
CA SER A 106 2.20 7.38 -9.81
C SER A 106 1.14 6.63 -10.60
N GLN A 107 0.93 5.37 -10.25
CA GLN A 107 -0.05 4.53 -10.93
C GLN A 107 -1.40 5.27 -11.02
N ALA A 108 -1.81 5.87 -9.92
CA ALA A 108 -3.07 6.61 -9.88
C ALA A 108 -2.96 7.93 -10.62
N LEU A 109 -1.86 8.63 -10.40
CA LEU A 109 -1.63 9.93 -11.05
C LEU A 109 -1.80 9.81 -12.56
N GLU A 110 -1.01 8.94 -13.18
CA GLU A 110 -1.08 8.73 -14.62
C GLU A 110 -2.52 8.48 -15.07
N LYS A 111 -3.22 7.63 -14.33
CA LYS A 111 -4.61 7.30 -14.65
C LYS A 111 -5.48 8.56 -14.64
N LEU A 112 -5.20 9.47 -13.70
CA LEU A 112 -5.95 10.71 -13.58
C LEU A 112 -5.41 11.77 -14.53
N GLY A 113 -4.83 11.33 -15.64
CA GLY A 113 -4.27 12.25 -16.62
C GLY A 113 -3.27 13.21 -15.99
N ARG A 114 -2.58 12.75 -14.96
CA ARG A 114 -1.59 13.57 -14.27
C ARG A 114 -0.18 13.12 -14.62
N LEU A 115 0.05 12.80 -15.88
CA LEU A 115 1.35 12.35 -16.34
C LEU A 115 2.44 13.33 -15.91
N ASP A 116 2.13 14.62 -15.96
CA ASP A 116 3.08 15.66 -15.58
C ASP A 116 3.53 15.48 -14.13
N GLN A 117 2.60 15.08 -13.28
CA GLN A 117 2.89 14.88 -11.87
C GLN A 117 3.60 13.55 -11.65
N ALA A 118 3.06 12.49 -12.25
CA ALA A 118 3.64 11.16 -12.12
C ALA A 118 5.17 11.22 -12.16
N VAL A 119 5.70 12.08 -13.02
CA VAL A 119 7.15 12.24 -13.15
C VAL A 119 7.75 12.78 -11.86
N LEU A 120 7.25 13.94 -11.41
CA LEU A 120 7.74 14.56 -10.20
C LEU A 120 7.68 13.60 -9.01
N ASP A 121 6.57 12.88 -8.90
CA ASP A 121 6.39 11.91 -7.82
C ASP A 121 7.47 10.84 -7.86
N LEU A 122 7.69 10.27 -9.04
CA LEU A 122 8.69 9.22 -9.22
C LEU A 122 10.09 9.77 -8.95
N GLN A 123 10.37 10.97 -9.48
CA GLN A 123 11.67 11.59 -9.30
C GLN A 123 12.15 11.43 -7.85
N ARG A 124 11.23 11.58 -6.91
CA ARG A 124 11.56 11.47 -5.50
C ARG A 124 12.12 10.08 -5.18
N CYS A 125 11.37 9.05 -5.56
CA CYS A 125 11.79 7.67 -5.32
C CYS A 125 13.30 7.52 -5.53
N VAL A 126 13.76 7.84 -6.74
CA VAL A 126 15.18 7.73 -7.07
C VAL A 126 16.04 8.38 -5.99
N SER A 127 15.54 9.48 -5.42
CA SER A 127 16.26 10.20 -4.38
C SER A 127 16.59 9.27 -3.21
N LEU A 128 15.54 8.72 -2.59
CA LEU A 128 15.72 7.84 -1.45
C LEU A 128 16.63 6.67 -1.82
N GLU A 129 16.38 6.06 -2.97
CA GLU A 129 17.18 4.93 -3.43
C GLU A 129 17.86 5.26 -4.76
N PRO A 130 19.15 5.62 -4.68
CA PRO A 130 19.95 5.96 -5.87
C PRO A 130 20.24 4.74 -6.74
N LYS A 131 20.22 3.56 -6.14
CA LYS A 131 20.48 2.32 -6.86
C LYS A 131 19.19 1.77 -7.45
N ASN A 132 18.14 1.72 -6.64
CA ASN A 132 16.86 1.21 -7.09
C ASN A 132 16.60 1.58 -8.54
N LYS A 133 16.48 0.57 -9.39
CA LYS A 133 16.22 0.79 -10.82
C LYS A 133 14.73 0.89 -11.09
N VAL A 134 13.97 -0.02 -10.50
CA VAL A 134 12.52 -0.03 -10.69
C VAL A 134 11.96 1.38 -10.79
N PHE A 135 12.58 2.30 -10.07
CA PHE A 135 12.15 3.71 -10.08
C PHE A 135 12.54 4.37 -11.39
N GLN A 136 13.78 4.19 -11.80
CA GLN A 136 14.28 4.79 -13.04
C GLN A 136 13.43 4.35 -14.24
N GLU A 137 13.22 3.04 -14.36
CA GLU A 137 12.42 2.50 -15.45
C GLU A 137 11.02 3.09 -15.45
N ALA A 138 10.51 3.37 -14.26
CA ALA A 138 9.17 3.95 -14.13
C ALA A 138 9.10 5.34 -14.75
N LEU A 139 9.94 6.24 -14.25
CA LEU A 139 9.98 7.61 -14.77
C LEU A 139 10.41 7.63 -16.22
N ARG A 140 11.38 6.79 -16.57
CA ARG A 140 11.89 6.71 -17.93
C ARG A 140 10.81 6.18 -18.88
N ASN A 141 9.93 5.35 -18.35
CA ASN A 141 8.85 4.77 -19.15
C ASN A 141 7.83 5.83 -19.56
N ILE A 142 7.36 6.60 -18.57
CA ILE A 142 6.39 7.66 -18.83
C ILE A 142 7.05 8.86 -19.48
N SER A 143 8.27 9.17 -19.05
CA SER A 143 9.01 10.30 -19.59
C SER A 143 9.44 10.04 -21.03
N GLY A 144 9.88 8.80 -21.30
CA GLY A 144 10.31 8.45 -22.63
C GLY A 144 9.22 7.75 -23.42
N PRO A 145 9.51 7.43 -24.70
CA PRO A 145 8.56 6.76 -25.59
C PRO A 145 8.32 5.31 -25.18
N SER A 146 7.08 4.86 -25.33
CA SER A 146 6.72 3.48 -24.97
C SER A 146 6.37 2.67 -26.21
N SER A 147 5.31 3.10 -26.91
CA SER A 147 4.87 2.41 -28.12
C SER A 147 6.06 1.91 -28.93
N GLY A 148 7.03 2.80 -29.16
CA GLY A 148 8.20 2.43 -29.92
C GLY A 148 9.01 3.64 -30.37
#